data_7R40
#
_entry.id   7R40
#
_cell.length_a   1.00
_cell.length_b   1.00
_cell.length_c   1.00
_cell.angle_alpha   90.00
_cell.angle_beta   90.00
_cell.angle_gamma   90.00
#
_symmetry.space_group_name_H-M   'P 1'
#
loop_
_entity.id
_entity.type
_entity.pdbx_description
1 polymer 'Spike glycoprotein'
2 polymer '87G7 light chain variable region'
3 polymer '87G7 heavy chain variable region'
4 branched 2-acetamido-2-deoxy-beta-D-glucopyranose-(1-4)-2-acetamido-2-deoxy-beta-D-glucopyranose
5 non-polymer 2-acetamido-2-deoxy-beta-D-glucopyranose
#
loop_
_entity_poly.entity_id
_entity_poly.type
_entity_poly.pdbx_seq_one_letter_code
_entity_poly.pdbx_strand_id
1 'polypeptide(L)'
;QCVNLTTRTQLPPAYTNSFTRGVYYPDKVFRSSVLHSTQDLFLPFFSNVTWFHAIHVSGTNGTKRFDNPVLPFNDGVYFA
STEKSNIIRGWIFGTTLDSKTQSLLIVNNATNVVIKVCEFQFCNDPFLGVYYHKNNKSWMESEFRVYSSANNCTFEYVSQ
PFLMDLEGKQGNFKNLREFVFKNIDGYFKIYSKHTPINLVRDLPQGFSALEPLVDLPIGINITRFQTLLALHRSYLTPGD
SSSGWTAGAAAYYVGYLQPRTFLLKYNENGTITDAVDCALDPLSETKCTLKSFTVEKGIYQTSNFRVQPTESIVRFPNIT
NLCPFGEVFNATRFASVYAWNRKRISNCVADYSVLYNSASFSTFKCYGVSPTKLNDLCFTNVYADSFVIRGDEVRQIAPG
QTGKIADYNYKLPDDFTGCVIAWNSNNLDSKVGGNYNYLYRLFRKSNLKPFERDISTEIYQAGSTPCNGVEGFNCYFPLQ
SYGFQPTNGVGYQPYRVVVLSFELLHAPATVCGPKKSTNLVKNKCVNFNFNGLTGTGVLTESNKKFLPFQQFGRDIADTT
DAVRDPQTLEILDITPCSFGGVSVITPGTNTSNQVAVLYQDVNCTEVPVAIHADQLTPTWRVYSTGSNVFQTRAGCLIGA
EHVNNSYECDIPIGAGICASYQTQTNSPAAARSVASQSIIAYTMSLGAENSVAYSNNSIAIPTNFTISVTTEILPVSMTK
TSVDCTMYICGDSTECSNLLLQYGSFCTQLNRALTGIAVEQDKNTQEVFAQVKQIYKTPPIKDFGGFNFSQILPDPSKPS
KRSPIEDLLFNKVTLADAGFIKQYGDCLGDIAARDLICAQKFNGLTVLPPLLTDEMIAQYTSALLAGTITSGWTFGAGPA
LQIPFPMQMAYRFNGIGVTQNVLYENQKLIANQFNSAIGKIQDSLSSTPSALGKLQDVVNQNAQALNTLVKQLSSNFGAI
SSVLNDILSRLDPPEAEVQIDRLITGRLQSLQTYVTQQLIRAAEIRASANLAATKMSECVLGQSKRVDFCGKGYHLMSFP
QSAPHGVVFLHVTYVPAQEKNFTTAPAICHDGKAHFPREGVFVSNGTHWFVTQRNFYEPQIITTDNTFVSGNCDVVIGIV
NNTVYDPLQPELDSFKEELDKYFKNHTSPDVDLGDISGINASVVNIQKEIDRLNEVAKNLNESLIDLQELGKYEQGSGYI
PEAPRDGQAYVRKDGEWVLLSTFLGRSLEVLFQGPGHHHHHHHHSAWSHPQFEKGGGSGGGGSGGSAWSHPQFEK
;
A,B,C
2 'polypeptide(L)'
;EIVLTQSPATLSLSPGERATLSCRASQSFHNYLAWYQQKPGRAPRLLIFDASNRATGIPARFSGSGSGTDFTLTISSLEP
EDFAVYYCQQRFNWPLTFGGGTKVEIKRTVAAPSVFIFPPSDEQLKSGTASVVCLLNNFYPREAKVQWKVDNALQSGNSQ
ESVTEQDSKDSTYSLSSTLTLSKADYEKHKVYACEVTHQGLSSPVTKSFNRGEC
;
L,F,G
3 'polypeptide(L)'
;EVQLLESGGGLVQPGGSLRLSCVASGFTFSSYVMSWVRQAPGKGLEWVAAISGSGGNTYYADSVKGRFTISRDNSKNTLY
LQMNSLRAEDTAVYYCAKEGTYYYGSGSFWGQGTLVTVSSASTKGPSVFPLAPSSKSTSGGTAALGCLVKDYFPEPVTVS
WNSGALTSGVHTFPAVLQSSGLYSLSSVVTVPSSSLGTQTYICNVNHKPSNTKVDKKVEPKSCDKTH
;
H,D,E
#
loop_
_chem_comp.id
_chem_comp.type
_chem_comp.name
_chem_comp.formula
NAG D-saccharide, beta linking 2-acetamido-2-deoxy-beta-D-glucopyranose 'C8 H15 N O6'
#
# COMPACT_ATOMS: atom_id res chain seq x y z
N GLN A 1 -15.08 63.47 -14.33
CA GLN A 1 -14.08 63.26 -13.29
C GLN A 1 -14.73 62.90 -11.96
N CYS A 2 -13.91 62.42 -11.02
CA CYS A 2 -14.43 62.04 -9.72
C CYS A 2 -14.75 63.27 -8.88
N VAL A 3 -15.84 63.19 -8.13
CA VAL A 3 -16.29 64.27 -7.26
C VAL A 3 -16.74 63.66 -5.93
N ASN A 4 -16.47 64.37 -4.84
CA ASN A 4 -16.90 63.93 -3.51
C ASN A 4 -18.25 64.55 -3.17
N LEU A 5 -19.02 63.82 -2.37
CA LEU A 5 -20.36 64.24 -1.97
C LEU A 5 -20.33 64.69 -0.53
N THR A 6 -20.76 65.94 -0.29
CA THR A 6 -20.80 66.52 1.04
C THR A 6 -22.22 66.40 1.61
N THR A 7 -22.44 67.06 2.76
CA THR A 7 -23.72 67.09 3.49
C THR A 7 -24.23 65.70 3.82
N ARG A 8 -23.33 64.83 4.26
CA ARG A 8 -23.67 63.47 4.66
C ARG A 8 -23.83 63.41 6.17
N THR A 9 -24.95 62.85 6.63
CA THR A 9 -25.24 62.72 8.05
C THR A 9 -24.96 61.29 8.48
N GLN A 10 -24.12 61.14 9.51
CA GLN A 10 -23.75 59.81 9.99
C GLN A 10 -24.86 59.23 10.85
N LEU A 11 -25.07 57.92 10.70
CA LEU A 11 -26.07 57.17 11.45
C LEU A 11 -25.61 55.73 11.54
N PRO A 12 -25.77 55.08 12.69
CA PRO A 12 -25.42 53.66 12.80
C PRO A 12 -26.40 52.79 12.04
N PRO A 13 -25.92 51.82 11.28
CA PRO A 13 -26.83 50.96 10.50
C PRO A 13 -27.54 49.97 11.40
N ALA A 14 -28.81 49.72 11.07
CA ALA A 14 -29.63 48.78 11.82
C ALA A 14 -29.31 47.35 11.39
N TYR A 15 -29.76 46.40 12.20
CA TYR A 15 -29.58 44.97 11.92
C TYR A 15 -30.96 44.30 11.94
N THR A 16 -31.24 43.54 10.88
CA THR A 16 -32.54 42.92 10.68
C THR A 16 -32.39 41.41 10.67
N ASN A 17 -33.29 40.73 11.38
CA ASN A 17 -33.27 39.27 11.41
C ASN A 17 -33.67 38.69 10.06
N SER A 18 -33.01 37.60 9.68
CA SER A 18 -33.27 36.90 8.43
C SER A 18 -34.10 35.65 8.75
N PHE A 19 -35.40 35.71 8.47
CA PHE A 19 -36.33 34.65 8.84
C PHE A 19 -36.30 33.56 7.77
N THR A 20 -35.27 32.69 7.88
CA THR A 20 -35.06 31.51 7.02
C THR A 20 -35.03 31.86 5.53
N ARG A 21 -34.27 32.91 5.20
CA ARG A 21 -34.14 33.38 3.83
C ARG A 21 -32.69 33.25 3.37
N GLY A 22 -32.51 33.28 2.06
CA GLY A 22 -31.19 33.25 1.47
C GLY A 22 -30.68 31.91 1.01
N VAL A 23 -31.56 30.94 0.79
CA VAL A 23 -31.15 29.62 0.31
C VAL A 23 -31.22 29.62 -1.22
N TYR A 24 -30.40 28.78 -1.84
CA TYR A 24 -30.33 28.69 -3.29
C TYR A 24 -30.21 27.22 -3.70
N TYR A 25 -30.16 26.99 -5.01
CA TYR A 25 -29.95 25.65 -5.55
C TYR A 25 -28.45 25.38 -5.62
N PRO A 26 -27.94 24.35 -4.94
CA PRO A 26 -26.48 24.15 -4.88
C PRO A 26 -25.87 23.56 -6.15
N ASP A 27 -26.64 22.86 -6.97
CA ASP A 27 -26.08 22.20 -8.15
C ASP A 27 -27.14 22.17 -9.24
N LYS A 28 -26.84 21.48 -10.33
CA LYS A 28 -27.70 21.38 -11.50
C LYS A 28 -28.58 20.13 -11.47
N VAL A 29 -28.55 19.36 -10.39
CA VAL A 29 -29.20 18.06 -10.35
C VAL A 29 -30.68 18.24 -10.02
N PHE A 30 -31.55 17.72 -10.89
CA PHE A 30 -32.96 17.64 -10.59
C PHE A 30 -33.22 16.52 -9.59
N ARG A 31 -33.98 16.82 -8.54
CA ARG A 31 -34.30 15.85 -7.50
C ARG A 31 -35.80 15.87 -7.25
N SER A 32 -36.40 14.68 -7.18
CA SER A 32 -37.85 14.54 -7.07
C SER A 32 -38.19 13.85 -5.75
N SER A 33 -38.78 14.63 -4.83
CA SER A 33 -39.35 14.14 -3.56
C SER A 33 -38.32 13.43 -2.69
N VAL A 34 -37.10 13.98 -2.64
CA VAL A 34 -36.04 13.44 -1.79
C VAL A 34 -35.60 14.53 -0.82
N LEU A 35 -34.82 14.12 0.17
CA LEU A 35 -34.23 15.04 1.15
C LEU A 35 -32.71 14.89 1.06
N HIS A 36 -32.05 15.94 0.57
CA HIS A 36 -30.63 15.91 0.30
C HIS A 36 -29.89 16.85 1.24
N SER A 37 -28.78 16.36 1.80
CA SER A 37 -27.93 17.15 2.69
C SER A 37 -26.73 17.64 1.90
N THR A 38 -26.57 18.96 1.84
CA THR A 38 -25.49 19.59 1.09
C THR A 38 -24.50 20.25 2.04
N GLN A 39 -23.31 20.53 1.51
CA GLN A 39 -22.26 21.24 2.25
C GLN A 39 -21.72 22.33 1.33
N ASP A 40 -22.24 23.55 1.51
CA ASP A 40 -21.89 24.65 0.62
C ASP A 40 -21.90 25.94 1.43
N LEU A 41 -21.39 27.01 0.83
CA LEU A 41 -21.34 28.32 1.46
C LEU A 41 -22.75 28.90 1.50
N PHE A 42 -23.42 28.74 2.63
CA PHE A 42 -24.81 29.12 2.78
C PHE A 42 -24.97 30.21 3.83
N LEU A 43 -26.06 30.96 3.71
CA LEU A 43 -26.39 31.96 4.72
C LEU A 43 -27.01 31.27 5.94
N PRO A 44 -26.48 31.51 7.14
CA PRO A 44 -27.07 30.89 8.33
C PRO A 44 -28.45 31.45 8.64
N PHE A 45 -29.29 30.57 9.19
CA PHE A 45 -30.64 30.98 9.55
C PHE A 45 -30.64 31.84 10.80
N PHE A 46 -31.54 32.82 10.82
CA PHE A 46 -31.69 33.81 11.90
C PHE A 46 -30.39 34.58 12.16
N SER A 47 -29.68 34.92 11.09
CA SER A 47 -28.44 35.67 11.18
C SER A 47 -28.73 37.16 11.09
N ASN A 48 -27.86 37.95 11.74
CA ASN A 48 -28.02 39.39 11.79
C ASN A 48 -27.40 40.04 10.56
N VAL A 49 -28.20 40.16 9.50
CA VAL A 49 -27.74 40.87 8.31
C VAL A 49 -27.74 42.38 8.58
N THR A 50 -26.97 43.10 7.79
CA THR A 50 -26.79 44.54 7.98
C THR A 50 -27.77 45.29 7.10
N TRP A 51 -28.55 46.18 7.72
CA TRP A 51 -29.56 46.96 7.02
C TRP A 51 -29.01 48.37 6.76
N PHE A 52 -29.03 48.78 5.50
CA PHE A 52 -28.62 50.12 5.10
C PHE A 52 -29.84 50.88 4.61
N HIS A 53 -30.09 52.04 5.20
CA HIS A 53 -31.25 52.87 4.88
C HIS A 53 -30.80 54.08 4.09
N ALA A 54 -31.45 54.33 2.96
CA ALA A 54 -31.16 55.48 2.11
C ALA A 54 -32.45 56.30 1.99
N ILE A 55 -32.63 57.24 2.91
CA ILE A 55 -33.82 58.07 2.96
C ILE A 55 -33.37 59.53 2.98
N HIS A 56 -34.25 60.41 2.48
CA HIS A 56 -33.96 61.83 2.43
C HIS A 56 -34.22 62.50 3.78
N THR A 63 -33.20 64.14 6.43
CA THR A 63 -32.11 63.46 7.12
C THR A 63 -30.85 63.42 6.24
N LYS A 64 -31.09 63.36 4.92
CA LYS A 64 -30.03 63.31 3.90
C LYS A 64 -29.07 62.14 4.12
N ARG A 65 -29.63 60.97 4.36
CA ARG A 65 -28.85 59.77 4.60
C ARG A 65 -28.63 59.05 3.28
N PHE A 66 -27.35 58.85 2.93
CA PHE A 66 -27.00 58.16 1.69
C PHE A 66 -25.69 57.41 1.97
N ASP A 67 -25.80 56.08 2.12
CA ASP A 67 -24.66 55.26 2.49
C ASP A 67 -24.36 54.18 1.45
N ASN A 68 -23.06 54.01 1.16
CA ASN A 68 -22.59 52.93 0.29
C ASN A 68 -21.12 52.64 0.59
N PRO A 69 -20.83 52.01 1.74
CA PRO A 69 -19.44 51.81 2.14
C PRO A 69 -18.84 50.58 1.46
N VAL A 70 -17.54 50.40 1.65
CA VAL A 70 -16.79 49.31 1.03
C VAL A 70 -16.81 48.16 2.03
N LEU A 71 -17.85 47.33 1.95
CA LEU A 71 -17.96 46.15 2.77
C LEU A 71 -17.02 45.05 2.24
N PRO A 72 -16.47 44.21 3.10
CA PRO A 72 -15.58 43.16 2.63
C PRO A 72 -16.35 41.96 2.07
N PHE A 73 -15.68 41.24 1.18
CA PHE A 73 -16.21 40.03 0.53
C PHE A 73 -15.37 38.87 1.06
N ASN A 74 -15.85 38.22 2.12
CA ASN A 74 -15.07 37.17 2.76
C ASN A 74 -15.17 35.85 2.00
N ASP A 75 -16.38 35.27 1.96
CA ASP A 75 -16.57 33.98 1.28
C ASP A 75 -17.85 33.92 0.48
N GLY A 76 -18.54 35.05 0.30
CA GLY A 76 -19.84 35.06 -0.36
C GLY A 76 -20.79 35.98 0.36
N VAL A 77 -21.54 36.79 -0.39
CA VAL A 77 -22.35 37.86 0.18
C VAL A 77 -23.80 37.67 -0.26
N TYR A 78 -24.70 37.61 0.71
CA TYR A 78 -26.13 37.61 0.45
C TYR A 78 -26.61 39.05 0.30
N PHE A 79 -27.42 39.30 -0.74
CA PHE A 79 -27.89 40.65 -1.04
C PHE A 79 -29.40 40.62 -1.25
N ALA A 80 -30.08 41.60 -0.67
CA ALA A 80 -31.52 41.74 -0.82
C ALA A 80 -31.86 43.22 -0.98
N SER A 81 -33.01 43.48 -1.58
CA SER A 81 -33.43 44.85 -1.85
C SER A 81 -34.94 44.91 -1.96
N THR A 82 -35.57 45.64 -1.04
CA THR A 82 -37.01 45.93 -1.14
C THR A 82 -37.20 47.26 -1.86
N GLU A 83 -36.88 47.25 -3.15
CA GLU A 83 -36.82 48.44 -3.96
C GLU A 83 -38.00 48.51 -4.92
N LYS A 84 -38.64 49.68 -4.98
CA LYS A 84 -39.76 49.92 -5.87
C LYS A 84 -39.48 51.02 -6.89
N SER A 85 -38.23 51.50 -6.97
CA SER A 85 -37.91 52.59 -7.88
C SER A 85 -36.58 52.38 -8.61
N ASN A 86 -36.04 51.16 -8.57
CA ASN A 86 -34.80 50.75 -9.27
C ASN A 86 -33.61 51.62 -8.86
N ILE A 87 -33.48 51.88 -7.56
CA ILE A 87 -32.35 52.66 -7.06
C ILE A 87 -31.06 51.85 -7.13
N ILE A 88 -31.11 50.59 -6.72
CA ILE A 88 -29.91 49.75 -6.70
C ILE A 88 -29.64 49.25 -8.11
N ARG A 89 -28.43 49.50 -8.62
CA ARG A 89 -28.06 49.16 -9.98
C ARG A 89 -26.98 48.09 -10.05
N GLY A 90 -25.83 48.31 -9.42
CA GLY A 90 -24.72 47.40 -9.59
C GLY A 90 -23.76 47.47 -8.42
N TRP A 91 -22.66 46.73 -8.54
CA TRP A 91 -21.69 46.60 -7.47
C TRP A 91 -20.27 46.66 -8.02
N ILE A 92 -19.35 47.12 -7.18
CA ILE A 92 -17.91 47.08 -7.43
C ILE A 92 -17.40 45.73 -6.92
N PHE A 93 -16.43 45.15 -7.61
CA PHE A 93 -15.74 43.97 -7.09
C PHE A 93 -14.26 44.09 -7.40
N GLY A 94 -13.41 43.99 -6.37
CA GLY A 94 -11.98 44.09 -6.57
C GLY A 94 -11.25 43.91 -5.26
N THR A 95 -9.92 43.84 -5.38
CA THR A 95 -9.06 43.60 -4.22
C THR A 95 -8.76 44.89 -3.47
N THR A 96 -8.09 45.84 -4.13
CA THR A 96 -7.65 47.07 -3.49
C THR A 96 -8.25 48.33 -4.05
N LEU A 97 -8.73 48.32 -5.31
CA LEU A 97 -9.42 49.43 -5.97
C LEU A 97 -8.56 50.70 -6.03
N ASP A 98 -7.33 50.55 -6.53
CA ASP A 98 -6.42 51.69 -6.67
C ASP A 98 -5.65 51.63 -7.98
N SER A 99 -6.24 51.01 -9.01
CA SER A 99 -5.64 50.77 -10.33
C SER A 99 -4.33 49.99 -10.24
N LYS A 100 -4.20 49.12 -9.24
CA LYS A 100 -3.05 48.24 -9.11
C LYS A 100 -3.42 46.77 -9.11
N THR A 101 -4.68 46.43 -8.87
CA THR A 101 -5.15 45.05 -8.90
C THR A 101 -6.26 44.92 -9.93
N GLN A 102 -6.34 43.74 -10.52
CA GLN A 102 -7.35 43.44 -11.55
C GLN A 102 -8.73 43.38 -10.90
N SER A 103 -9.67 44.19 -11.40
CA SER A 103 -10.93 44.44 -10.72
C SER A 103 -12.12 44.28 -11.67
N LEU A 104 -13.27 44.01 -11.07
CA LEU A 104 -14.52 43.73 -11.78
C LEU A 104 -15.46 44.93 -11.66
N LEU A 105 -16.38 45.05 -12.62
CA LEU A 105 -17.37 46.10 -12.61
C LEU A 105 -18.70 45.59 -13.15
N ILE A 106 -19.78 45.83 -12.42
CA ILE A 106 -21.14 45.54 -12.86
C ILE A 106 -21.93 46.83 -12.79
N VAL A 107 -22.44 47.28 -13.94
CA VAL A 107 -23.27 48.48 -14.02
C VAL A 107 -24.53 48.12 -14.79
N ASN A 108 -25.68 48.21 -14.10
CA ASN A 108 -26.98 48.06 -14.75
C ASN A 108 -27.58 49.45 -14.94
N ASN A 109 -27.07 50.16 -15.95
CA ASN A 109 -27.54 51.50 -16.26
C ASN A 109 -28.76 51.40 -17.18
N ALA A 110 -29.15 52.54 -17.78
CA ALA A 110 -30.44 52.68 -18.44
C ALA A 110 -30.58 51.90 -19.73
N THR A 111 -29.50 51.35 -20.29
CA THR A 111 -29.58 50.66 -21.57
C THR A 111 -29.28 49.17 -21.46
N ASN A 112 -28.13 48.80 -20.93
CA ASN A 112 -27.68 47.41 -20.93
C ASN A 112 -27.08 47.05 -19.58
N VAL A 113 -26.95 45.74 -19.34
CA VAL A 113 -26.23 45.23 -18.17
C VAL A 113 -24.80 44.99 -18.65
N VAL A 114 -23.97 46.03 -18.55
CA VAL A 114 -22.65 46.03 -19.14
C VAL A 114 -21.65 45.59 -18.07
N ILE A 115 -20.79 44.63 -18.41
CA ILE A 115 -19.81 44.06 -17.50
C ILE A 115 -18.42 44.32 -18.07
N LYS A 116 -17.60 45.05 -17.32
CA LYS A 116 -16.18 45.18 -17.60
C LYS A 116 -15.37 44.58 -16.46
N VAL A 117 -14.33 43.83 -16.81
CA VAL A 117 -13.37 43.31 -15.83
C VAL A 117 -11.98 43.73 -16.30
N CYS A 118 -11.54 44.92 -15.86
CA CYS A 118 -10.19 45.39 -16.15
C CYS A 118 -9.80 46.46 -15.14
N GLU A 119 -8.60 47.02 -15.36
CA GLU A 119 -7.98 47.93 -14.39
C GLU A 119 -8.69 49.27 -14.40
N PHE A 120 -9.23 49.65 -13.25
CA PHE A 120 -9.96 50.90 -13.09
C PHE A 120 -9.37 51.70 -11.94
N GLN A 121 -9.13 52.99 -12.17
CA GLN A 121 -8.75 53.92 -11.11
C GLN A 121 -10.05 54.39 -10.46
N PHE A 122 -10.47 53.66 -9.42
CA PHE A 122 -11.73 53.96 -8.76
C PHE A 122 -11.61 55.20 -7.90
N CYS A 123 -12.69 55.99 -7.88
CA CYS A 123 -12.71 57.23 -7.11
C CYS A 123 -12.97 56.93 -5.63
N ASN A 124 -12.92 58.00 -4.83
CA ASN A 124 -13.20 57.85 -3.40
C ASN A 124 -14.66 57.55 -3.13
N ASP A 125 -15.56 58.11 -3.94
CA ASP A 125 -17.00 57.88 -3.79
C ASP A 125 -17.55 57.42 -5.14
N PRO A 126 -17.56 56.11 -5.40
CA PRO A 126 -18.16 55.60 -6.64
C PRO A 126 -19.69 55.64 -6.55
N PHE A 127 -20.31 56.33 -7.50
CA PHE A 127 -21.74 56.52 -7.48
C PHE A 127 -22.27 56.66 -8.90
N LEU A 128 -23.56 56.41 -9.06
CA LEU A 128 -24.25 56.57 -10.33
C LEU A 128 -25.26 57.71 -10.18
N GLY A 129 -24.99 58.82 -10.86
CA GLY A 129 -25.84 60.00 -10.80
C GLY A 129 -26.69 60.11 -12.06
N VAL A 130 -27.97 60.41 -11.87
CA VAL A 130 -28.92 60.58 -12.96
C VAL A 130 -29.51 61.99 -12.86
N TYR A 131 -29.59 62.66 -14.01
CA TYR A 131 -30.08 64.04 -14.07
C TYR A 131 -31.55 64.05 -14.47
N TYR A 132 -32.29 65.01 -13.90
CA TYR A 132 -33.71 65.16 -14.17
C TYR A 132 -33.94 66.41 -14.99
N HIS A 133 -34.63 66.26 -16.13
CA HIS A 133 -34.99 67.39 -16.97
C HIS A 133 -36.42 67.81 -16.65
N LYS A 134 -36.58 69.05 -16.18
CA LYS A 134 -37.89 69.56 -15.80
C LYS A 134 -38.69 70.09 -16.99
N ASN A 135 -38.07 70.21 -18.17
CA ASN A 135 -38.77 70.71 -19.34
C ASN A 135 -39.73 69.68 -19.93
N ASN A 136 -39.39 68.41 -19.88
CA ASN A 136 -40.24 67.35 -20.43
C ASN A 136 -40.58 66.27 -19.41
N LYS A 137 -40.20 66.46 -18.14
CA LYS A 137 -40.50 65.55 -17.01
C LYS A 137 -39.97 64.14 -17.27
N SER A 138 -38.69 64.05 -17.62
CA SER A 138 -38.05 62.78 -17.92
C SER A 138 -36.70 62.69 -17.21
N TRP A 139 -36.28 61.46 -16.93
CA TRP A 139 -35.02 61.18 -16.27
C TRP A 139 -34.04 60.58 -17.27
N MET A 140 -32.86 61.18 -17.40
CA MET A 140 -31.83 60.70 -18.29
C MET A 140 -30.50 60.64 -17.54
N GLU A 141 -29.78 59.54 -17.70
CA GLU A 141 -28.49 59.38 -17.05
C GLU A 141 -27.44 60.21 -17.77
N SER A 142 -26.73 61.04 -17.01
CA SER A 142 -25.71 61.92 -17.57
C SER A 142 -24.38 61.90 -16.83
N GLU A 143 -24.33 61.35 -15.61
CA GLU A 143 -23.10 61.32 -14.82
C GLU A 143 -22.62 59.88 -14.73
N PHE A 144 -21.39 59.65 -15.17
CA PHE A 144 -20.74 58.34 -15.10
C PHE A 144 -19.32 58.58 -14.58
N ARG A 145 -19.16 58.54 -13.26
CA ARG A 145 -17.89 58.85 -12.61
C ARG A 145 -17.39 57.64 -11.81
N VAL A 146 -17.49 56.45 -12.42
CA VAL A 146 -17.05 55.24 -11.73
C VAL A 146 -15.53 55.10 -11.79
N TYR A 147 -14.95 55.27 -12.98
CA TYR A 147 -13.51 55.09 -13.14
C TYR A 147 -12.90 56.23 -13.95
N SER A 148 -11.60 56.12 -14.24
CA SER A 148 -10.88 57.12 -15.00
C SER A 148 -10.40 56.60 -16.35
N SER A 149 -9.66 55.51 -16.39
CA SER A 149 -9.11 54.98 -17.63
C SER A 149 -8.86 53.50 -17.48
N ALA A 150 -8.67 52.83 -18.63
CA ALA A 150 -8.37 51.41 -18.66
C ALA A 150 -7.43 51.16 -19.82
N ASN A 151 -6.28 50.51 -19.55
CA ASN A 151 -5.29 50.28 -20.59
C ASN A 151 -5.73 49.15 -21.52
N ASN A 152 -5.89 47.94 -20.97
CA ASN A 152 -6.37 46.80 -21.72
C ASN A 152 -7.45 46.09 -20.90
N CYS A 153 -8.37 45.44 -21.59
CA CYS A 153 -9.47 44.76 -20.92
C CYS A 153 -9.65 43.36 -21.47
N THR A 154 -9.79 42.39 -20.56
CA THR A 154 -9.86 40.98 -20.90
C THR A 154 -11.29 40.53 -21.21
N PHE A 155 -12.20 40.71 -20.26
CA PHE A 155 -13.58 40.27 -20.40
C PHE A 155 -14.50 41.48 -20.52
N GLU A 156 -15.40 41.42 -21.50
CA GLU A 156 -16.38 42.48 -21.74
C GLU A 156 -17.68 41.84 -22.16
N TYR A 157 -18.77 42.21 -21.48
CA TYR A 157 -20.07 41.63 -21.75
C TYR A 157 -21.12 42.73 -21.84
N VAL A 158 -21.91 42.71 -22.91
CA VAL A 158 -23.02 43.63 -23.12
C VAL A 158 -24.26 42.82 -23.46
N SER A 159 -25.33 43.00 -22.68
CA SER A 159 -26.56 42.27 -22.88
C SER A 159 -27.42 42.96 -23.93
N GLN A 160 -28.66 42.48 -24.09
CA GLN A 160 -29.58 43.11 -25.03
C GLN A 160 -30.08 44.43 -24.47
N PRO A 161 -30.27 45.45 -25.32
CA PRO A 161 -30.74 46.75 -24.82
C PRO A 161 -32.19 46.71 -24.37
N PHE A 162 -32.52 47.60 -23.43
CA PHE A 162 -33.86 47.71 -22.90
C PHE A 162 -34.11 49.17 -22.53
N LEU A 163 -35.17 49.40 -21.76
CA LEU A 163 -35.49 50.73 -21.25
C LEU A 163 -35.98 50.61 -19.82
N MET A 164 -35.81 51.70 -19.06
CA MET A 164 -36.22 51.74 -17.66
C MET A 164 -37.11 52.96 -17.44
N ASP A 165 -37.98 52.85 -16.43
CA ASP A 165 -38.85 53.97 -16.09
C ASP A 165 -38.06 55.12 -15.47
N LEU A 166 -37.10 54.79 -14.59
CA LEU A 166 -36.19 55.72 -13.93
C LEU A 166 -36.94 56.79 -13.12
N GLU A 167 -38.07 56.42 -12.54
CA GLU A 167 -38.90 57.36 -11.79
C GLU A 167 -39.07 56.85 -10.37
N GLY A 168 -38.92 57.76 -9.40
CA GLY A 168 -39.10 57.41 -8.00
C GLY A 168 -40.55 57.31 -7.61
N LYS A 169 -41.03 56.10 -7.34
CA LYS A 169 -42.42 55.88 -6.98
C LYS A 169 -42.63 56.12 -5.48
N GLN A 170 -43.85 56.52 -5.13
CA GLN A 170 -44.20 56.78 -3.75
C GLN A 170 -44.38 55.48 -2.97
N ASN A 175 -41.95 44.43 -4.26
CA ASN A 175 -40.97 43.66 -5.02
C ASN A 175 -39.66 43.53 -4.25
N LEU A 176 -39.21 42.29 -4.06
CA LEU A 176 -37.97 41.99 -3.35
C LEU A 176 -36.98 41.39 -4.34
N ARG A 177 -35.89 42.11 -4.61
CA ARG A 177 -34.83 41.62 -5.48
C ARG A 177 -33.75 40.99 -4.62
N GLU A 178 -33.52 39.69 -4.80
CA GLU A 178 -32.65 38.91 -3.96
C GLU A 178 -31.44 38.44 -4.77
N PHE A 179 -30.25 38.48 -4.16
CA PHE A 179 -29.01 38.17 -4.85
C PHE A 179 -28.05 37.44 -3.93
N VAL A 180 -27.34 36.45 -4.48
CA VAL A 180 -26.25 35.77 -3.80
C VAL A 180 -25.07 35.69 -4.76
N PHE A 181 -23.91 36.19 -4.33
CA PHE A 181 -22.70 36.19 -5.13
C PHE A 181 -21.66 35.27 -4.52
N LYS A 182 -20.98 34.50 -5.36
CA LYS A 182 -19.94 33.58 -4.92
C LYS A 182 -18.73 33.68 -5.85
N ASN A 183 -17.56 33.32 -5.32
CA ASN A 183 -16.30 33.34 -6.05
C ASN A 183 -15.60 32.01 -5.80
N ILE A 184 -15.89 31.02 -6.65
CA ILE A 184 -15.37 29.66 -6.50
C ILE A 184 -14.59 29.30 -7.75
N ASP A 185 -13.36 28.80 -7.55
CA ASP A 185 -12.41 28.28 -8.57
C ASP A 185 -12.34 29.14 -9.83
N GLY A 186 -12.28 30.45 -9.64
CA GLY A 186 -12.20 31.37 -10.76
C GLY A 186 -13.49 31.59 -11.50
N TYR A 187 -14.62 31.20 -10.93
CA TYR A 187 -15.93 31.41 -11.54
C TYR A 187 -16.73 32.39 -10.68
N PHE A 188 -17.44 33.29 -11.35
CA PHE A 188 -18.36 34.21 -10.67
C PHE A 188 -19.78 33.74 -10.94
N LYS A 189 -20.51 33.46 -9.86
CA LYS A 189 -21.86 32.91 -9.95
C LYS A 189 -22.83 33.85 -9.27
N ILE A 190 -23.94 34.12 -9.94
CA ILE A 190 -24.99 35.01 -9.43
C ILE A 190 -26.26 34.18 -9.27
N TYR A 191 -26.77 34.10 -8.05
CA TYR A 191 -28.01 33.40 -7.75
C TYR A 191 -29.07 34.45 -7.43
N SER A 192 -30.13 34.50 -8.22
CA SER A 192 -31.09 35.58 -8.08
C SER A 192 -32.49 35.12 -8.46
N LYS A 193 -33.48 35.75 -7.84
CA LYS A 193 -34.88 35.58 -8.20
C LYS A 193 -35.62 36.86 -7.83
N HIS A 194 -36.75 37.09 -8.48
CA HIS A 194 -37.58 38.26 -8.23
C HIS A 194 -38.90 37.81 -7.62
N THR A 195 -39.23 38.35 -6.46
CA THR A 195 -40.45 38.02 -5.74
C THR A 195 -41.11 39.29 -5.23
N PRO A 196 -42.46 39.30 -5.14
CA PRO A 196 -43.12 40.47 -4.53
C PRO A 196 -43.16 40.39 -3.01
N GLY A 206 -40.36 34.56 5.43
CA GLY A 206 -40.76 33.80 4.26
C GLY A 206 -39.69 32.85 3.77
N PHE A 207 -39.95 32.21 2.63
CA PHE A 207 -39.02 31.28 2.02
C PHE A 207 -38.83 31.62 0.55
N SER A 208 -37.61 31.49 0.07
CA SER A 208 -37.28 31.79 -1.32
C SER A 208 -36.04 31.01 -1.72
N ALA A 209 -36.16 30.18 -2.75
CA ALA A 209 -35.02 29.46 -3.32
C ALA A 209 -34.53 30.18 -4.55
N LEU A 210 -33.24 30.50 -4.59
CA LEU A 210 -32.66 31.34 -5.63
C LEU A 210 -32.12 30.47 -6.75
N GLU A 211 -32.61 30.68 -7.96
CA GLU A 211 -32.11 29.97 -9.14
C GLU A 211 -30.88 30.69 -9.69
N PRO A 212 -29.90 29.95 -10.23
CA PRO A 212 -28.77 30.61 -10.89
C PRO A 212 -29.19 31.29 -12.19
N LEU A 213 -28.60 32.46 -12.43
CA LEU A 213 -28.93 33.26 -13.61
C LEU A 213 -27.76 33.39 -14.56
N VAL A 214 -26.61 33.89 -14.09
CA VAL A 214 -25.46 34.18 -14.96
C VAL A 214 -24.25 33.45 -14.39
N ASP A 215 -23.62 32.64 -15.23
CA ASP A 215 -22.31 32.06 -14.93
C ASP A 215 -21.26 32.90 -15.63
N LEU A 216 -20.28 33.39 -14.86
CA LEU A 216 -19.34 34.41 -15.33
C LEU A 216 -17.91 33.89 -15.10
N PRO A 217 -17.39 33.07 -16.02
CA PRO A 217 -16.06 32.47 -15.82
C PRO A 217 -14.92 33.41 -16.18
N ILE A 218 -14.53 34.25 -15.22
CA ILE A 218 -13.49 35.25 -15.47
C ILE A 218 -12.15 34.77 -14.95
N GLY A 219 -12.05 34.53 -13.65
CA GLY A 219 -10.81 34.05 -13.08
C GLY A 219 -10.02 35.11 -12.35
N ILE A 220 -10.69 35.95 -11.56
CA ILE A 220 -10.03 37.00 -10.81
C ILE A 220 -10.24 36.75 -9.33
N ASN A 221 -9.52 37.51 -8.51
CA ASN A 221 -9.63 37.44 -7.06
C ASN A 221 -10.27 38.72 -6.54
N ILE A 222 -11.31 38.57 -5.73
CA ILE A 222 -12.10 39.69 -5.22
C ILE A 222 -12.05 39.66 -3.69
N THR A 223 -11.70 40.79 -3.09
CA THR A 223 -11.60 40.92 -1.64
C THR A 223 -12.67 41.80 -1.02
N ARG A 224 -12.99 42.93 -1.65
CA ARG A 224 -13.98 43.86 -1.12
C ARG A 224 -14.98 44.23 -2.21
N PHE A 225 -16.15 44.69 -1.79
CA PHE A 225 -17.20 45.08 -2.73
C PHE A 225 -17.87 46.36 -2.25
N GLN A 226 -18.57 47.02 -3.17
CA GLN A 226 -19.27 48.26 -2.87
C GLN A 226 -20.42 48.44 -3.85
N THR A 227 -21.62 48.63 -3.33
CA THR A 227 -22.81 48.75 -4.15
C THR A 227 -22.92 50.14 -4.77
N LEU A 228 -23.79 50.26 -5.77
CA LEU A 228 -24.04 51.51 -6.47
C LEU A 228 -25.52 51.84 -6.39
N LEU A 229 -25.82 53.06 -5.97
CA LEU A 229 -27.19 53.54 -5.87
C LEU A 229 -27.46 54.66 -6.87
N ALA A 230 -28.69 54.73 -7.33
CA ALA A 230 -29.11 55.77 -8.28
C ALA A 230 -29.82 56.86 -7.48
N LEU A 231 -29.04 57.81 -6.98
CA LEU A 231 -29.59 58.94 -6.24
C LEU A 231 -30.29 59.90 -7.19
N HIS A 232 -31.33 60.54 -6.69
CA HIS A 232 -32.13 61.47 -7.48
C HIS A 232 -31.54 62.87 -7.38
N ARG A 233 -31.31 63.49 -8.54
CA ARG A 233 -30.73 64.83 -8.61
C ARG A 233 -31.72 65.77 -9.29
N SER A 234 -31.82 66.98 -8.75
CA SER A 234 -32.73 67.99 -9.30
C SER A 234 -32.12 69.38 -9.21
N PRO A 238 -30.93 71.37 -6.18
CA PRO A 238 -30.93 72.56 -5.31
C PRO A 238 -29.54 72.90 -4.80
N GLY A 239 -28.59 73.07 -5.70
CA GLY A 239 -27.24 73.40 -5.33
C GLY A 239 -26.26 73.02 -6.43
N ASP A 240 -25.02 72.77 -6.02
CA ASP A 240 -23.96 72.38 -6.94
C ASP A 240 -24.00 70.87 -7.15
N SER A 241 -22.95 70.33 -7.77
CA SER A 241 -22.89 68.89 -8.05
C SER A 241 -22.61 68.04 -6.82
N SER A 242 -22.19 68.64 -5.72
CA SER A 242 -21.89 67.90 -4.50
C SER A 242 -22.98 68.00 -3.43
N SER A 243 -23.97 68.87 -3.62
CA SER A 243 -25.03 69.03 -2.64
C SER A 243 -26.44 69.04 -3.23
N GLY A 244 -26.60 69.33 -4.52
CA GLY A 244 -27.92 69.37 -5.12
C GLY A 244 -28.47 68.01 -5.48
N TRP A 245 -28.86 67.23 -4.46
CA TRP A 245 -29.35 65.88 -4.68
C TRP A 245 -30.23 65.48 -3.51
N THR A 246 -31.01 64.41 -3.72
CA THR A 246 -31.81 63.82 -2.67
C THR A 246 -31.67 62.30 -2.74
N ALA A 247 -31.88 61.65 -1.59
CA ALA A 247 -31.65 60.23 -1.47
C ALA A 247 -32.81 59.38 -1.97
N GLY A 248 -34.03 59.90 -1.93
CA GLY A 248 -35.18 59.10 -2.31
C GLY A 248 -35.54 58.06 -1.25
N ALA A 249 -36.13 56.96 -1.72
CA ALA A 249 -36.52 55.86 -0.85
C ALA A 249 -35.83 54.59 -1.30
N ALA A 250 -34.94 54.06 -0.46
CA ALA A 250 -34.21 52.86 -0.77
C ALA A 250 -33.80 52.15 0.52
N ALA A 251 -33.77 50.82 0.47
CA ALA A 251 -33.38 50.00 1.62
C ALA A 251 -32.89 48.66 1.11
N TYR A 252 -31.64 48.34 1.40
CA TYR A 252 -31.06 47.07 0.97
C TYR A 252 -30.35 46.39 2.14
N TYR A 253 -30.33 45.06 2.10
CA TYR A 253 -29.75 44.23 3.15
C TYR A 253 -28.53 43.50 2.62
N VAL A 254 -27.52 43.36 3.46
CA VAL A 254 -26.29 42.64 3.11
C VAL A 254 -26.09 41.52 4.11
N GLY A 255 -25.99 40.28 3.61
CA GLY A 255 -25.71 39.13 4.42
C GLY A 255 -24.36 38.51 4.07
N TYR A 256 -23.91 37.62 4.94
CA TYR A 256 -22.61 36.97 4.79
C TYR A 256 -22.77 35.46 4.88
N LEU A 257 -22.32 34.76 3.84
CA LEU A 257 -22.42 33.31 3.80
C LEU A 257 -21.36 32.67 4.72
N GLN A 258 -21.65 31.45 5.17
CA GLN A 258 -20.76 30.71 6.04
C GLN A 258 -20.73 29.26 5.59
N PRO A 259 -19.58 28.57 5.75
CA PRO A 259 -19.51 27.14 5.36
C PRO A 259 -20.19 26.20 6.35
N ARG A 260 -21.51 26.08 6.20
CA ARG A 260 -22.32 25.21 7.05
C ARG A 260 -23.18 24.31 6.18
N THR A 261 -23.62 23.21 6.77
CA THR A 261 -24.40 22.20 6.04
C THR A 261 -25.90 22.40 6.27
N PHE A 262 -26.67 22.06 5.25
CA PHE A 262 -28.13 22.16 5.27
C PHE A 262 -28.76 20.78 5.05
N LEU A 263 -30.09 20.78 4.92
CA LEU A 263 -30.86 19.61 4.55
C LEU A 263 -32.05 20.09 3.73
N LEU A 264 -31.91 20.10 2.42
CA LEU A 264 -32.92 20.67 1.54
C LEU A 264 -34.10 19.71 1.37
N LYS A 265 -35.23 20.28 0.97
CA LYS A 265 -36.46 19.52 0.73
C LYS A 265 -36.91 19.78 -0.71
N TYR A 266 -36.56 18.86 -1.60
CA TYR A 266 -37.02 18.93 -2.98
C TYR A 266 -38.41 18.33 -3.10
N ASN A 267 -39.26 18.98 -3.89
CA ASN A 267 -40.63 18.52 -4.08
C ASN A 267 -40.67 17.49 -5.21
N GLU A 268 -41.88 17.16 -5.68
CA GLU A 268 -42.03 16.23 -6.80
C GLU A 268 -41.64 16.87 -8.13
N ASN A 269 -41.55 18.20 -8.20
CA ASN A 269 -41.25 18.88 -9.45
C ASN A 269 -39.92 19.64 -9.40
N GLY A 270 -39.07 19.35 -8.42
CA GLY A 270 -37.70 19.79 -8.40
C GLY A 270 -37.42 21.05 -7.61
N THR A 271 -38.45 21.82 -7.25
CA THR A 271 -38.23 23.08 -6.55
C THR A 271 -38.02 22.85 -5.06
N ILE A 272 -37.11 23.60 -4.47
CA ILE A 272 -36.86 23.53 -3.04
C ILE A 272 -37.99 24.27 -2.32
N THR A 273 -38.68 23.55 -1.43
CA THR A 273 -39.80 24.14 -0.69
C THR A 273 -39.50 24.39 0.77
N ASP A 274 -38.45 23.78 1.33
CA ASP A 274 -38.08 23.99 2.72
C ASP A 274 -36.60 23.68 2.88
N ALA A 275 -36.03 24.19 3.97
CA ALA A 275 -34.63 23.98 4.29
C ALA A 275 -34.46 23.91 5.80
N VAL A 276 -33.45 23.16 6.23
CA VAL A 276 -33.15 22.97 7.65
C VAL A 276 -31.67 23.24 7.87
N ASP A 277 -31.36 24.16 8.77
CA ASP A 277 -29.99 24.43 9.16
C ASP A 277 -29.59 23.45 10.27
N CYS A 278 -28.50 22.71 10.04
CA CYS A 278 -28.15 21.62 10.94
C CYS A 278 -27.59 22.13 12.27
N ALA A 279 -26.78 23.18 12.22
CA ALA A 279 -26.10 23.69 13.42
C ALA A 279 -26.77 24.92 13.99
N LEU A 280 -28.10 25.00 13.92
CA LEU A 280 -28.83 26.12 14.50
C LEU A 280 -29.30 25.83 15.92
N ASP A 281 -30.10 24.79 16.09
CA ASP A 281 -30.62 24.36 17.37
C ASP A 281 -30.53 22.84 17.46
N PRO A 282 -30.51 22.28 18.67
CA PRO A 282 -30.45 20.81 18.80
C PRO A 282 -31.67 20.07 18.27
N LEU A 283 -32.81 20.75 18.05
CA LEU A 283 -33.95 20.11 17.40
C LEU A 283 -33.63 19.72 15.96
N SER A 284 -32.95 20.60 15.22
CA SER A 284 -32.60 20.32 13.84
C SER A 284 -31.38 19.43 13.70
N GLU A 285 -30.61 19.24 14.77
CA GLU A 285 -29.54 18.23 14.75
C GLU A 285 -30.12 16.84 14.67
N THR A 286 -31.29 16.63 15.27
CA THR A 286 -32.00 15.35 15.14
C THR A 286 -32.55 15.18 13.73
N LYS A 287 -32.99 16.28 13.12
CA LYS A 287 -33.54 16.22 11.76
C LYS A 287 -32.46 15.90 10.74
N CYS A 288 -31.26 16.43 10.92
CA CYS A 288 -30.18 16.18 9.98
C CYS A 288 -29.60 14.78 10.10
N THR A 289 -29.58 14.22 11.31
CA THR A 289 -29.03 12.88 11.52
C THR A 289 -30.04 11.78 11.22
N LEU A 290 -31.31 12.12 10.98
CA LEU A 290 -32.33 11.13 10.66
C LEU A 290 -32.82 11.23 9.22
N LYS A 291 -32.37 12.25 8.47
CA LYS A 291 -32.76 12.51 7.08
C LYS A 291 -34.27 12.64 6.92
N SER A 292 -34.91 13.37 7.85
CA SER A 292 -36.34 13.57 7.82
C SER A 292 -36.67 14.91 8.43
N PHE A 293 -37.86 15.42 8.09
CA PHE A 293 -38.33 16.70 8.62
C PHE A 293 -39.25 16.54 9.82
N THR A 294 -39.79 15.34 10.04
CA THR A 294 -40.62 15.04 11.20
C THR A 294 -39.91 14.04 12.09
N VAL A 295 -39.87 14.32 13.38
CA VAL A 295 -39.13 13.52 14.35
C VAL A 295 -40.13 12.83 15.27
N GLU A 296 -40.03 11.50 15.36
CA GLU A 296 -40.87 10.73 16.26
C GLU A 296 -40.41 10.92 17.70
N LYS A 297 -41.28 10.53 18.63
CA LYS A 297 -40.97 10.65 20.05
C LYS A 297 -39.92 9.62 20.45
N GLY A 298 -38.91 10.06 21.17
CA GLY A 298 -37.84 9.19 21.60
C GLY A 298 -36.57 9.99 21.85
N ILE A 299 -35.47 9.26 22.02
CA ILE A 299 -34.16 9.83 22.26
C ILE A 299 -33.24 9.46 21.10
N TYR A 300 -32.55 10.47 20.56
CA TYR A 300 -31.70 10.27 19.39
C TYR A 300 -30.34 10.89 19.65
N GLN A 301 -29.28 10.13 19.36
CA GLN A 301 -27.91 10.62 19.48
C GLN A 301 -27.54 11.35 18.19
N THR A 302 -27.17 12.63 18.33
CA THR A 302 -26.88 13.49 17.18
C THR A 302 -25.40 13.81 17.03
N SER A 303 -24.77 14.33 18.08
CA SER A 303 -23.37 14.73 18.00
C SER A 303 -22.56 14.17 19.16
N ASN A 304 -21.30 14.58 19.26
CA ASN A 304 -20.41 14.15 20.33
C ASN A 304 -19.83 15.37 21.02
N PHE A 305 -19.75 15.30 22.35
CA PHE A 305 -19.25 16.40 23.16
C PHE A 305 -17.85 16.08 23.66
N ARG A 306 -16.93 17.03 23.49
CA ARG A 306 -15.60 16.92 24.05
C ARG A 306 -15.12 18.32 24.41
N VAL A 307 -14.22 18.39 25.39
CA VAL A 307 -13.70 19.67 25.88
C VAL A 307 -12.33 19.92 25.26
N GLN A 308 -12.13 21.13 24.75
CA GLN A 308 -10.86 21.51 24.17
C GLN A 308 -9.84 21.82 25.28
N PRO A 309 -8.56 21.53 25.04
CA PRO A 309 -7.54 21.89 26.04
C PRO A 309 -7.33 23.39 26.08
N THR A 310 -7.25 23.93 27.31
CA THR A 310 -7.17 25.38 27.49
C THR A 310 -5.80 25.91 27.11
N GLU A 311 -4.73 25.25 27.55
CA GLU A 311 -3.38 25.75 27.31
C GLU A 311 -2.41 24.57 27.30
N SER A 312 -1.24 24.81 26.70
CA SER A 312 -0.21 23.79 26.58
C SER A 312 0.85 24.03 27.64
N ILE A 313 1.12 23.02 28.45
CA ILE A 313 2.06 23.09 29.56
C ILE A 313 3.24 22.17 29.28
N VAL A 314 4.45 22.73 29.37
CA VAL A 314 5.70 22.01 29.09
C VAL A 314 6.51 21.94 30.37
N ARG A 315 6.99 20.75 30.70
CA ARG A 315 7.76 20.53 31.91
C ARG A 315 9.13 19.93 31.59
N PHE A 316 10.10 20.23 32.44
CA PHE A 316 11.48 19.78 32.30
C PHE A 316 12.12 19.85 33.68
N PRO A 317 13.08 18.95 34.00
CA PRO A 317 13.73 19.02 35.31
C PRO A 317 14.60 20.25 35.52
N ASN A 318 15.21 20.33 36.70
CA ASN A 318 15.92 21.54 37.12
C ASN A 318 17.20 21.73 36.31
N ILE A 319 17.67 22.98 36.28
CA ILE A 319 18.79 23.38 35.45
C ILE A 319 20.10 23.37 36.24
N THR A 320 20.15 22.64 37.34
CA THR A 320 21.37 22.54 38.15
C THR A 320 22.33 21.54 37.52
N ASN A 321 23.40 21.21 38.27
CA ASN A 321 24.51 20.35 37.83
C ASN A 321 25.15 20.86 36.53
N LEU A 322 25.32 22.17 36.45
CA LEU A 322 25.86 22.80 35.25
C LEU A 322 27.37 22.62 35.19
N CYS A 323 27.90 22.62 33.96
CA CYS A 323 29.33 22.58 33.75
C CYS A 323 29.97 23.91 34.15
N PRO A 324 31.26 23.91 34.50
CA PRO A 324 31.93 25.18 34.79
C PRO A 324 32.17 26.02 33.54
N PHE A 325 31.11 26.66 33.04
CA PHE A 325 31.21 27.55 31.89
C PHE A 325 31.67 28.95 32.28
N GLY A 326 31.63 29.28 33.57
CA GLY A 326 32.05 30.60 34.02
C GLY A 326 33.55 30.82 34.05
N GLU A 327 34.35 29.77 33.87
CA GLU A 327 35.80 29.89 33.88
C GLU A 327 36.40 30.09 32.50
N VAL A 328 35.67 29.81 31.43
CA VAL A 328 36.20 30.03 30.08
C VAL A 328 36.11 31.50 29.69
N PHE A 329 35.27 32.29 30.37
CA PHE A 329 35.12 33.70 30.08
C PHE A 329 35.63 34.62 31.19
N ASN A 330 35.75 34.11 32.42
CA ASN A 330 36.24 34.89 33.55
C ASN A 330 37.49 34.27 34.16
N ALA A 331 38.39 33.77 33.30
CA ALA A 331 39.66 33.26 33.80
C ALA A 331 40.59 34.41 34.15
N THR A 332 41.54 34.13 35.06
CA THR A 332 42.48 35.15 35.49
C THR A 332 43.52 35.46 34.41
N ARG A 333 43.78 34.53 33.50
CA ARG A 333 44.78 34.73 32.46
C ARG A 333 44.46 33.83 31.28
N PHE A 334 44.58 34.37 30.08
CA PHE A 334 44.43 33.60 28.85
C PHE A 334 45.79 33.30 28.25
N ALA A 335 45.92 32.10 27.69
CA ALA A 335 47.17 31.69 27.05
C ALA A 335 47.29 32.32 25.67
N SER A 336 48.50 32.22 25.10
CA SER A 336 48.80 32.81 23.82
C SER A 336 48.32 31.90 22.68
N VAL A 337 48.55 32.35 21.45
CA VAL A 337 48.07 31.60 20.28
C VAL A 337 48.93 30.39 19.96
N TYR A 338 50.18 30.36 20.42
CA TYR A 338 51.04 29.20 20.16
C TYR A 338 50.87 28.10 21.20
N ALA A 339 50.30 28.41 22.35
CA ALA A 339 50.04 27.44 23.42
C ALA A 339 48.59 27.56 23.87
N TRP A 340 47.68 27.55 22.90
CA TRP A 340 46.26 27.78 23.17
C TRP A 340 45.65 26.62 23.95
N ASN A 341 44.74 26.96 24.86
CA ASN A 341 44.15 25.97 25.74
C ASN A 341 43.16 25.09 24.99
N ARG A 342 43.23 23.78 25.22
CA ARG A 342 42.33 22.81 24.61
C ARG A 342 41.38 22.32 25.70
N LYS A 343 40.16 22.81 25.67
CA LYS A 343 39.17 22.52 26.70
C LYS A 343 37.95 21.84 26.07
N ARG A 344 37.46 20.80 26.73
CA ARG A 344 36.27 20.09 26.31
C ARG A 344 35.20 20.20 27.39
N ILE A 345 33.94 20.19 26.95
CA ILE A 345 32.79 20.38 27.84
C ILE A 345 31.81 19.24 27.59
N SER A 346 31.44 18.53 28.67
CA SER A 346 30.52 17.42 28.59
C SER A 346 29.68 17.38 29.85
N ASN A 347 28.56 16.64 29.77
CA ASN A 347 27.48 16.52 30.77
C ASN A 347 27.15 17.84 31.46
N CYS A 348 26.84 18.84 30.65
CA CYS A 348 26.74 20.22 31.08
C CYS A 348 25.31 20.73 30.98
N VAL A 349 25.07 21.89 31.60
CA VAL A 349 23.84 22.65 31.46
C VAL A 349 24.28 24.08 31.12
N ALA A 350 24.13 24.47 29.86
CA ALA A 350 24.69 25.71 29.37
C ALA A 350 23.59 26.66 28.88
N ASP A 351 23.77 27.94 29.17
CA ASP A 351 22.87 28.99 28.71
C ASP A 351 23.58 29.82 27.64
N TYR A 352 22.88 30.05 26.52
CA TYR A 352 23.45 30.77 25.39
C TYR A 352 22.79 32.11 25.12
N SER A 353 21.54 32.31 25.56
CA SER A 353 20.87 33.57 25.31
C SER A 353 21.35 34.69 26.23
N VAL A 354 22.08 34.35 27.30
CA VAL A 354 22.61 35.39 28.18
C VAL A 354 23.80 36.10 27.54
N LEU A 355 24.45 35.45 26.57
CA LEU A 355 25.57 36.09 25.88
C LEU A 355 25.09 37.17 24.92
N TYR A 356 23.93 36.95 24.27
CA TYR A 356 23.37 37.96 23.39
C TYR A 356 22.81 39.14 24.18
N ASN A 357 22.32 38.91 25.39
CA ASN A 357 21.74 39.94 26.24
C ASN A 357 22.73 40.46 27.28
N SER A 358 24.00 40.12 27.16
CA SER A 358 25.00 40.62 28.10
C SER A 358 25.28 42.11 27.89
N ALA A 359 25.13 42.58 26.64
CA ALA A 359 25.30 43.99 26.23
C ALA A 359 26.68 44.53 26.56
N SER A 360 27.70 43.66 26.53
CA SER A 360 29.07 44.09 26.77
C SER A 360 30.07 43.38 25.85
N PHE A 361 29.60 42.67 24.84
CA PHE A 361 30.47 41.90 23.96
C PHE A 361 30.42 42.53 22.57
N SER A 362 31.61 42.86 22.03
CA SER A 362 31.67 43.64 20.81
C SER A 362 31.31 42.81 19.57
N THR A 363 31.83 41.58 19.48
CA THR A 363 31.66 40.76 18.30
C THR A 363 30.75 39.58 18.64
N PHE A 364 29.44 39.79 18.49
CA PHE A 364 28.47 38.71 18.56
C PHE A 364 28.04 38.37 17.14
N LYS A 365 28.94 37.72 16.40
CA LYS A 365 28.66 37.34 15.02
C LYS A 365 29.54 36.16 14.66
N CYS A 366 28.94 35.19 13.97
CA CYS A 366 29.67 34.00 13.50
C CYS A 366 28.87 33.39 12.36
N TYR A 367 29.27 32.18 11.96
CA TYR A 367 28.65 31.46 10.85
C TYR A 367 28.02 30.17 11.35
N GLY A 368 27.51 29.38 10.40
CA GLY A 368 26.92 28.10 10.72
C GLY A 368 25.46 28.13 11.07
N VAL A 369 25.14 28.61 12.27
CA VAL A 369 23.77 28.62 12.77
C VAL A 369 23.64 29.71 13.82
N SER A 370 22.50 30.39 13.81
CA SER A 370 22.24 31.44 14.80
C SER A 370 22.02 30.83 16.19
N PRO A 371 22.45 31.52 17.25
CA PRO A 371 22.21 31.01 18.60
C PRO A 371 20.74 31.04 19.02
N THR A 372 19.89 31.81 18.33
CA THR A 372 18.47 31.83 18.67
C THR A 372 17.79 30.52 18.29
N LYS A 373 18.14 29.96 17.13
CA LYS A 373 17.61 28.67 16.69
C LYS A 373 18.59 27.53 16.98
N LEU A 374 19.34 27.63 18.08
CA LEU A 374 20.33 26.64 18.47
C LEU A 374 19.88 25.79 19.65
N ASN A 375 19.05 26.32 20.53
CA ASN A 375 18.67 25.63 21.76
C ASN A 375 17.53 24.63 21.56
N ASP A 376 17.02 24.48 20.35
CA ASP A 376 15.98 23.50 20.07
C ASP A 376 16.54 22.15 19.62
N LEU A 377 17.86 22.00 19.60
CA LEU A 377 18.50 20.77 19.16
C LEU A 377 19.52 20.33 20.21
N CYS A 378 19.70 19.01 20.32
CA CYS A 378 20.52 18.42 21.37
C CYS A 378 21.93 18.13 20.86
N PHE A 379 22.92 18.47 21.66
CA PHE A 379 24.33 18.31 21.32
C PHE A 379 25.03 17.44 22.35
N THR A 380 26.12 16.80 21.92
CA THR A 380 26.81 15.82 22.75
C THR A 380 28.19 16.25 23.23
N ASN A 381 28.82 17.25 22.60
CA ASN A 381 30.15 17.67 23.00
C ASN A 381 30.36 19.12 22.60
N VAL A 382 30.95 19.90 23.52
CA VAL A 382 31.25 21.31 23.29
C VAL A 382 32.74 21.51 23.48
N TYR A 383 33.39 22.10 22.49
CA TYR A 383 34.82 22.42 22.54
C TYR A 383 34.99 23.92 22.77
N ALA A 384 36.09 24.28 23.41
CA ALA A 384 36.37 25.68 23.71
C ALA A 384 37.88 25.92 23.72
N ASP A 385 38.30 27.00 23.08
CA ASP A 385 39.70 27.41 23.05
C ASP A 385 39.81 28.88 23.40
N SER A 386 40.93 29.25 24.00
CA SER A 386 41.16 30.62 24.44
C SER A 386 42.52 31.10 23.95
N PHE A 387 42.54 32.29 23.34
CA PHE A 387 43.78 32.90 22.87
C PHE A 387 43.57 34.41 22.78
N VAL A 388 44.69 35.14 22.73
CA VAL A 388 44.68 36.60 22.75
C VAL A 388 45.42 37.12 21.53
N ILE A 389 44.75 37.96 20.75
CA ILE A 389 45.34 38.69 19.64
C ILE A 389 45.00 40.16 19.81
N ARG A 390 45.60 41.00 18.96
CA ARG A 390 45.36 42.44 19.05
C ARG A 390 44.10 42.81 18.24
N GLY A 391 43.91 44.10 18.01
CA GLY A 391 42.60 44.63 17.62
C GLY A 391 42.04 44.34 16.25
N ASP A 392 42.67 44.85 15.20
CA ASP A 392 42.02 44.99 13.90
C ASP A 392 42.12 43.77 13.00
N GLU A 393 42.73 42.68 13.45
CA GLU A 393 42.88 41.48 12.63
C GLU A 393 42.00 40.33 13.11
N VAL A 394 40.91 40.66 13.82
CA VAL A 394 39.98 39.64 14.29
C VAL A 394 39.05 39.11 13.20
N ARG A 395 39.20 39.57 11.96
CA ARG A 395 38.28 39.18 10.89
C ARG A 395 38.64 37.83 10.27
N GLN A 396 39.92 37.49 10.20
CA GLN A 396 40.36 36.34 9.41
C GLN A 396 40.33 35.02 10.17
N ILE A 397 39.69 34.97 11.33
CA ILE A 397 39.49 33.69 12.04
C ILE A 397 38.22 33.09 11.45
N ALA A 398 38.39 32.41 10.31
CA ALA A 398 37.35 31.79 9.50
C ALA A 398 38.05 30.90 8.47
N PRO A 399 37.45 29.78 8.05
CA PRO A 399 38.06 28.96 7.01
C PRO A 399 38.05 29.65 5.65
N GLY A 400 39.04 29.30 4.84
CA GLY A 400 39.15 29.86 3.51
C GLY A 400 39.68 31.27 3.43
N GLN A 401 40.42 31.72 4.45
CA GLN A 401 40.98 33.06 4.47
C GLN A 401 42.45 33.00 4.88
N THR A 402 43.20 34.00 4.44
CA THR A 402 44.64 34.06 4.67
C THR A 402 44.92 34.79 6.00
N GLY A 403 46.18 35.12 6.23
CA GLY A 403 46.61 35.80 7.43
C GLY A 403 47.87 35.19 8.00
N LYS A 404 48.28 35.71 9.15
CA LYS A 404 49.44 35.21 9.87
C LYS A 404 49.08 34.21 10.95
N ILE A 405 48.13 34.58 11.84
CA ILE A 405 47.66 33.65 12.85
C ILE A 405 46.80 32.55 12.23
N ALA A 406 46.09 32.87 11.14
CA ALA A 406 45.22 31.88 10.52
C ALA A 406 46.01 30.82 9.76
N ASP A 407 47.14 31.18 9.17
CA ASP A 407 47.90 30.24 8.36
C ASP A 407 49.00 29.53 9.14
N TYR A 408 49.41 30.06 10.29
CA TYR A 408 50.55 29.51 11.00
C TYR A 408 50.29 29.19 12.46
N ASN A 409 49.21 29.69 13.07
CA ASN A 409 48.95 29.46 14.48
C ASN A 409 47.68 28.66 14.73
N TYR A 410 46.55 29.09 14.20
CA TYR A 410 45.27 28.43 14.48
C TYR A 410 44.30 28.69 13.34
N LYS A 411 43.69 27.63 12.83
CA LYS A 411 42.75 27.71 11.73
C LYS A 411 41.52 26.85 12.05
N LEU A 412 40.55 26.89 11.14
CA LEU A 412 39.30 26.16 11.29
C LEU A 412 39.08 25.27 10.07
N PRO A 413 38.39 24.15 10.23
CA PRO A 413 38.05 23.31 9.07
C PRO A 413 36.97 23.98 8.22
N ASP A 414 36.79 23.42 7.02
CA ASP A 414 35.83 23.99 6.06
C ASP A 414 34.39 23.80 6.54
N ASP A 415 34.09 22.67 7.18
CA ASP A 415 32.75 22.42 7.72
C ASP A 415 32.69 22.82 9.19
N PHE A 416 32.96 24.09 9.45
CA PHE A 416 32.96 24.65 10.79
C PHE A 416 31.64 25.38 11.02
N THR A 417 30.77 24.78 11.83
CA THR A 417 29.50 25.38 12.21
C THR A 417 29.52 26.01 13.59
N GLY A 418 30.70 26.12 14.21
CA GLY A 418 30.81 26.71 15.53
C GLY A 418 30.77 28.22 15.50
N CYS A 419 30.94 28.81 16.67
CA CYS A 419 30.84 30.26 16.83
C CYS A 419 32.11 30.83 17.45
N VAL A 420 32.30 32.13 17.22
CA VAL A 420 33.46 32.87 17.69
C VAL A 420 32.98 34.04 18.55
N ILE A 421 33.65 34.24 19.69
CA ILE A 421 33.28 35.28 20.65
C ILE A 421 34.55 36.04 21.05
N ALA A 422 34.53 37.36 20.92
CA ALA A 422 35.67 38.20 21.27
C ALA A 422 35.20 39.43 22.03
N TRP A 423 36.11 39.98 22.84
CA TRP A 423 35.84 41.20 23.60
C TRP A 423 37.15 41.87 23.94
N ASN A 424 37.05 43.11 24.42
CA ASN A 424 38.21 43.94 24.69
C ASN A 424 38.92 43.50 25.97
N SER A 425 40.21 43.84 26.05
CA SER A 425 41.07 43.48 27.17
C SER A 425 41.88 44.69 27.62
N ASN A 426 41.21 45.83 27.81
CA ASN A 426 41.91 47.06 28.15
C ASN A 426 42.43 47.05 29.59
N ASN A 427 41.79 46.30 30.49
CA ASN A 427 42.14 46.37 31.90
C ASN A 427 43.11 45.27 32.33
N LEU A 428 42.82 44.03 31.99
CA LEU A 428 43.59 42.91 32.54
C LEU A 428 44.86 42.65 31.74
N ASP A 429 44.73 42.50 30.42
CA ASP A 429 45.86 42.09 29.60
C ASP A 429 46.87 43.22 29.39
N SER A 430 46.42 44.47 29.29
CA SER A 430 47.29 45.59 29.00
C SER A 430 47.62 46.35 30.29
N LYS A 431 48.91 46.53 30.55
CA LYS A 431 49.38 47.27 31.72
C LYS A 431 50.62 48.06 31.31
N VAL A 432 51.25 48.68 32.30
CA VAL A 432 52.45 49.48 32.07
C VAL A 432 53.68 48.58 32.16
N GLY A 433 54.72 48.91 31.40
CA GLY A 433 55.95 48.16 31.40
C GLY A 433 56.02 47.02 30.41
N GLY A 434 54.90 46.64 29.82
CA GLY A 434 54.91 45.57 28.84
C GLY A 434 54.73 44.20 29.48
N ASN A 435 54.18 43.27 28.68
CA ASN A 435 53.97 41.89 29.12
C ASN A 435 54.56 40.98 28.04
N TYR A 436 55.66 40.30 28.37
CA TYR A 436 56.36 39.44 27.43
C TYR A 436 55.94 37.99 27.53
N ASN A 437 54.77 37.70 28.11
CA ASN A 437 54.23 36.36 28.17
C ASN A 437 53.22 36.08 27.07
N TYR A 438 52.98 37.05 26.19
CA TYR A 438 52.06 36.90 25.06
C TYR A 438 52.89 36.95 23.78
N LEU A 439 52.95 35.83 23.07
CA LEU A 439 53.77 35.70 21.88
C LEU A 439 52.97 35.03 20.77
N TYR A 440 53.35 35.31 19.52
CA TYR A 440 52.70 34.72 18.36
C TYR A 440 53.75 34.15 17.41
N ARG A 441 53.42 33.04 16.77
CA ARG A 441 54.36 32.37 15.88
C ARG A 441 54.50 33.12 14.55
N LEU A 442 55.64 32.90 13.90
CA LEU A 442 55.90 33.50 12.60
C LEU A 442 56.20 32.43 11.56
N PHE A 443 56.98 31.42 11.94
CA PHE A 443 57.58 30.50 11.00
C PHE A 443 57.11 29.07 11.24
N ARG A 444 56.70 28.40 10.17
CA ARG A 444 56.53 26.95 10.17
C ARG A 444 56.70 26.47 8.74
N LYS A 445 56.68 25.14 8.57
CA LYS A 445 57.14 24.54 7.33
C LYS A 445 56.17 24.72 6.18
N SER A 446 54.87 24.52 6.41
CA SER A 446 53.92 24.48 5.31
C SER A 446 52.57 25.02 5.79
N ASN A 447 51.53 24.76 5.00
CA ASN A 447 50.19 25.20 5.35
C ASN A 447 49.65 24.42 6.55
N LEU A 448 48.92 25.13 7.41
CA LEU A 448 48.42 24.53 8.64
C LEU A 448 47.27 23.58 8.35
N LYS A 449 47.15 22.56 9.20
CA LYS A 449 46.00 21.68 9.30
C LYS A 449 45.11 22.15 10.43
N PRO A 450 43.80 21.85 10.37
CA PRO A 450 42.91 22.29 11.45
C PRO A 450 43.15 21.50 12.74
N PHE A 451 43.04 22.22 13.86
CA PHE A 451 42.94 21.67 15.22
C PHE A 451 44.17 20.85 15.63
N GLU A 452 45.32 21.53 15.69
CA GLU A 452 46.50 20.97 16.33
C GLU A 452 47.24 22.07 17.07
N ARG A 453 47.96 21.67 18.11
CA ARG A 453 48.72 22.58 18.96
C ARG A 453 50.21 22.26 18.85
N ASP A 454 51.00 23.28 18.55
CA ASP A 454 52.44 23.12 18.32
C ASP A 454 53.21 23.91 19.37
N ILE A 455 54.08 23.22 20.11
CA ILE A 455 54.95 23.85 21.09
C ILE A 455 56.36 23.65 20.56
N SER A 456 56.50 23.64 19.24
CA SER A 456 57.80 23.47 18.59
C SER A 456 58.60 24.76 18.73
N THR A 457 59.51 24.79 19.70
CA THR A 457 60.38 25.94 19.92
C THR A 457 61.66 25.87 19.11
N GLU A 458 61.82 24.85 18.28
CA GLU A 458 63.03 24.71 17.47
C GLU A 458 63.03 25.74 16.35
N ILE A 459 64.18 26.35 16.12
CA ILE A 459 64.27 27.48 15.20
C ILE A 459 64.20 27.00 13.75
N TYR A 460 63.41 27.72 12.95
CA TYR A 460 63.03 27.26 11.62
C TYR A 460 64.10 27.65 10.60
N GLN A 461 64.52 26.67 9.80
CA GLN A 461 65.57 26.90 8.81
C GLN A 461 65.00 27.60 7.58
N ALA A 462 65.81 28.48 6.99
CA ALA A 462 65.45 29.19 5.77
C ALA A 462 66.35 28.81 4.60
N GLY A 463 67.66 28.87 4.78
CA GLY A 463 68.60 28.47 3.75
C GLY A 463 68.97 27.00 3.85
N SER A 464 69.98 26.63 3.06
CA SER A 464 70.47 25.26 3.06
C SER A 464 71.45 24.96 4.19
N THR A 465 71.94 25.99 4.89
CA THR A 465 72.88 25.78 5.98
C THR A 465 72.17 25.23 7.21
N PRO A 466 72.85 24.39 7.99
CA PRO A 466 72.29 23.96 9.27
C PRO A 466 72.28 25.08 10.29
N CYS A 467 71.33 24.99 11.23
CA CYS A 467 71.18 26.03 12.24
C CYS A 467 72.14 25.83 13.40
N ASN A 468 72.02 24.67 14.08
CA ASN A 468 72.90 24.22 15.16
C ASN A 468 72.94 25.20 16.34
N GLY A 469 71.77 25.42 16.93
CA GLY A 469 71.72 26.13 18.19
C GLY A 469 71.64 27.64 18.08
N VAL A 470 72.82 28.28 18.16
CA VAL A 470 72.92 29.73 18.10
C VAL A 470 72.47 30.23 16.73
N GLU A 471 71.83 31.40 16.70
CA GLU A 471 71.26 32.00 15.51
C GLU A 471 72.31 32.23 14.43
N GLY A 472 72.06 31.67 13.25
CA GLY A 472 72.96 31.81 12.12
C GLY A 472 72.45 32.77 11.08
N PHE A 473 71.77 33.83 11.53
CA PHE A 473 71.32 35.01 10.78
C PHE A 473 70.20 34.72 9.79
N ASN A 474 69.78 33.45 9.65
CA ASN A 474 68.61 33.14 8.85
C ASN A 474 67.65 32.22 9.61
N CYS A 475 68.20 31.37 10.48
CA CYS A 475 67.40 30.39 11.22
C CYS A 475 66.85 31.08 12.46
N TYR A 476 65.64 31.64 12.33
CA TYR A 476 65.11 32.59 13.29
C TYR A 476 64.27 31.91 14.36
N PHE A 477 64.22 32.55 15.52
CA PHE A 477 63.28 32.16 16.57
C PHE A 477 61.88 32.59 16.14
N PRO A 478 60.94 31.66 15.99
CA PRO A 478 59.66 32.00 15.34
C PRO A 478 58.67 32.74 16.21
N LEU A 479 58.96 32.98 17.49
CA LEU A 479 58.02 33.62 18.40
C LEU A 479 58.43 35.06 18.65
N GLN A 480 57.48 35.98 18.49
CA GLN A 480 57.69 37.39 18.75
C GLN A 480 56.64 37.87 19.74
N SER A 481 57.06 38.69 20.70
CA SER A 481 56.19 39.13 21.78
C SER A 481 55.39 40.35 21.37
N TYR A 482 54.58 40.86 22.31
CA TYR A 482 53.78 42.05 22.11
C TYR A 482 54.21 43.13 23.10
N GLY A 483 54.20 44.38 22.63
CA GLY A 483 54.47 45.51 23.49
C GLY A 483 53.20 46.11 24.04
N PHE A 484 52.87 45.80 25.29
CA PHE A 484 51.61 46.21 25.90
C PHE A 484 51.80 47.54 26.62
N GLN A 485 51.07 48.56 26.18
CA GLN A 485 51.15 49.90 26.72
C GLN A 485 49.72 50.45 26.75
N PRO A 486 49.34 51.18 27.81
CA PRO A 486 47.94 51.65 27.93
C PRO A 486 47.52 52.68 26.90
N THR A 487 48.44 53.27 26.13
CA THR A 487 48.11 54.26 25.12
C THR A 487 48.45 53.67 23.74
N ASN A 488 48.07 52.41 23.53
CA ASN A 488 48.26 51.76 22.26
C ASN A 488 47.14 52.11 21.29
N GLY A 489 47.29 51.66 20.05
CA GLY A 489 46.28 51.92 19.03
C GLY A 489 45.06 51.02 19.16
N VAL A 490 44.07 51.30 18.31
CA VAL A 490 42.86 50.49 18.29
C VAL A 490 43.18 49.10 17.72
N GLY A 491 43.94 49.03 16.63
CA GLY A 491 44.35 47.76 16.08
C GLY A 491 45.42 47.04 16.88
N TYR A 492 46.14 47.77 17.73
CA TYR A 492 47.16 47.18 18.58
C TYR A 492 46.66 46.90 19.99
N GLN A 493 45.42 47.25 20.31
CA GLN A 493 44.85 46.90 21.60
C GLN A 493 44.54 45.41 21.64
N PRO A 494 45.02 44.68 22.65
CA PRO A 494 44.79 43.23 22.68
C PRO A 494 43.33 42.88 22.96
N TYR A 495 42.86 41.81 22.33
CA TYR A 495 41.50 41.33 22.47
C TYR A 495 41.53 39.89 22.98
N ARG A 496 40.53 39.54 23.78
CA ARG A 496 40.37 38.18 24.31
C ARG A 496 39.36 37.45 23.43
N VAL A 497 39.86 36.51 22.62
CA VAL A 497 39.06 35.82 21.62
C VAL A 497 38.88 34.37 22.05
N VAL A 498 37.63 33.92 22.15
CA VAL A 498 37.31 32.55 22.50
C VAL A 498 36.46 31.96 21.38
N VAL A 499 36.92 30.85 20.83
CA VAL A 499 36.19 30.13 19.78
C VAL A 499 35.58 28.87 20.37
N LEU A 500 34.44 28.46 19.80
CA LEU A 500 33.75 27.27 20.24
C LEU A 500 33.26 26.50 19.02
N SER A 501 33.16 25.18 19.16
CA SER A 501 32.72 24.31 18.08
C SER A 501 31.76 23.26 18.62
N PHE A 502 30.83 22.85 17.77
CA PHE A 502 29.84 21.83 18.10
C PHE A 502 29.97 20.66 17.13
N GLU A 503 29.65 19.47 17.61
CA GLU A 503 29.72 18.26 16.80
C GLU A 503 28.60 17.31 17.22
N LEU A 504 28.46 16.22 16.47
CA LEU A 504 27.43 15.22 16.72
C LEU A 504 28.05 13.84 16.46
N LEU A 505 28.50 13.19 17.52
CA LEU A 505 29.09 11.86 17.45
C LEU A 505 27.99 10.84 17.78
N HIS A 506 28.32 9.54 17.75
CA HIS A 506 27.39 8.49 18.13
C HIS A 506 27.12 8.45 19.64
N ALA A 507 27.88 9.19 20.44
CA ALA A 507 27.63 9.29 21.86
C ALA A 507 26.31 10.01 22.13
N PRO A 508 25.63 9.71 23.24
CA PRO A 508 24.39 10.42 23.56
C PRO A 508 24.62 11.89 23.88
N ALA A 509 23.56 12.67 23.69
CA ALA A 509 23.63 14.12 23.81
C ALA A 509 23.75 14.55 25.28
N THR A 510 24.25 15.77 25.46
CA THR A 510 24.46 16.35 26.79
C THR A 510 23.64 17.61 27.00
N VAL A 511 23.71 18.57 26.09
CA VAL A 511 23.05 19.87 26.23
C VAL A 511 22.05 20.01 25.09
N CYS A 512 20.80 20.35 25.42
CA CYS A 512 19.82 20.63 24.38
C CYS A 512 19.43 22.11 24.34
N GLY A 513 18.82 22.64 25.39
CA GLY A 513 18.63 24.08 25.49
C GLY A 513 19.14 24.79 26.74
N PRO A 514 18.87 24.27 27.96
CA PRO A 514 17.94 23.24 28.46
C PRO A 514 16.44 23.63 28.38
N LYS A 515 16.15 24.73 27.68
CA LYS A 515 14.84 25.13 27.16
C LYS A 515 13.77 25.46 28.20
N LYS A 516 14.11 25.36 29.49
CA LYS A 516 13.29 25.76 30.64
C LYS A 516 11.92 25.09 30.67
N SER A 517 10.94 25.74 31.30
CA SER A 517 9.60 25.19 31.44
C SER A 517 8.62 26.34 31.67
N THR A 518 7.40 26.00 32.05
CA THR A 518 6.35 26.94 32.40
C THR A 518 5.90 26.66 33.84
N ASN A 519 4.84 27.34 34.26
CA ASN A 519 4.27 27.12 35.58
C ASN A 519 3.41 25.87 35.58
N LEU A 520 2.91 25.49 36.75
CA LEU A 520 2.11 24.28 36.93
C LEU A 520 0.64 24.65 37.03
N VAL A 521 -0.19 23.98 36.22
CA VAL A 521 -1.63 24.22 36.19
C VAL A 521 -2.33 22.92 36.54
N LYS A 522 -3.20 22.97 37.54
CA LYS A 522 -3.94 21.80 38.00
C LYS A 522 -5.44 22.00 37.80
N ASN A 523 -6.14 20.87 37.77
CA ASN A 523 -7.62 20.80 37.69
C ASN A 523 -8.17 21.46 36.43
N LYS A 524 -7.42 21.42 35.33
CA LYS A 524 -7.89 21.93 34.06
C LYS A 524 -7.42 21.00 32.94
N CYS A 525 -8.20 20.95 31.86
CA CYS A 525 -7.85 20.14 30.70
C CYS A 525 -6.74 20.82 29.93
N VAL A 526 -5.54 20.24 29.97
CA VAL A 526 -4.34 20.85 29.39
C VAL A 526 -3.62 19.81 28.53
N ASN A 527 -2.71 20.30 27.70
CA ASN A 527 -1.80 19.43 26.95
C ASN A 527 -0.51 19.31 27.73
N PHE A 528 -0.40 18.26 28.54
CA PHE A 528 0.77 18.09 29.39
C PHE A 528 1.96 17.59 28.58
N ASN A 529 3.13 18.17 28.83
CA ASN A 529 4.37 17.76 28.21
C ASN A 529 5.41 17.51 29.30
N PHE A 530 6.28 16.54 29.06
CA PHE A 530 7.22 16.09 30.06
C PHE A 530 8.50 15.65 29.36
N ASN A 531 9.31 14.85 30.05
CA ASN A 531 10.60 14.42 29.52
C ASN A 531 10.45 13.55 28.28
N GLY A 532 9.49 12.63 28.28
CA GLY A 532 9.34 11.73 27.16
C GLY A 532 7.91 11.37 26.78
N LEU A 533 6.94 12.13 27.26
CA LEU A 533 5.54 11.85 26.96
C LEU A 533 4.79 13.13 26.63
N THR A 534 3.88 13.03 25.67
CA THR A 534 2.95 14.10 25.32
C THR A 534 1.54 13.55 25.32
N GLY A 535 0.59 14.38 25.74
CA GLY A 535 -0.79 13.97 25.78
C GLY A 535 -1.67 15.08 26.32
N THR A 536 -2.98 14.84 26.23
CA THR A 536 -3.99 15.78 26.69
C THR A 536 -4.75 15.16 27.85
N GLY A 537 -4.83 15.88 28.96
CA GLY A 537 -5.51 15.37 30.14
C GLY A 537 -5.55 16.42 31.22
N VAL A 538 -6.21 16.07 32.32
CA VAL A 538 -6.35 16.93 33.48
C VAL A 538 -5.50 16.38 34.61
N LEU A 539 -4.79 17.27 35.30
CA LEU A 539 -3.87 16.90 36.36
C LEU A 539 -4.49 17.18 37.72
N THR A 540 -4.51 16.18 38.59
CA THR A 540 -5.03 16.31 39.94
C THR A 540 -4.00 15.79 40.93
N GLU A 541 -4.12 16.27 42.17
CA GLU A 541 -3.22 15.82 43.23
C GLU A 541 -3.55 14.38 43.62
N SER A 542 -2.53 13.56 43.76
CA SER A 542 -2.69 12.14 44.05
C SER A 542 -2.01 11.79 45.37
N ASN A 543 -2.30 10.59 45.85
CA ASN A 543 -1.73 10.05 47.08
C ASN A 543 -1.06 8.70 46.81
N LYS A 544 -0.42 8.58 45.65
CA LYS A 544 0.21 7.33 45.25
C LYS A 544 1.52 7.12 46.00
N LYS A 545 2.07 5.91 45.87
CA LYS A 545 3.24 5.48 46.61
C LYS A 545 4.38 5.15 45.67
N PHE A 546 4.69 6.08 44.76
CA PHE A 546 5.72 5.90 43.75
C PHE A 546 7.09 5.65 44.38
N LEU A 547 7.85 4.76 43.76
CA LEU A 547 9.23 4.53 44.16
C LEU A 547 10.08 5.73 43.79
N PRO A 548 11.19 5.97 44.52
CA PRO A 548 12.06 7.12 44.19
C PRO A 548 12.71 7.05 42.81
N PHE A 549 12.87 5.86 42.23
CA PHE A 549 13.40 5.74 40.88
C PHE A 549 12.31 5.68 39.82
N GLN A 550 11.04 5.65 40.21
CA GLN A 550 9.93 5.48 39.27
C GLN A 550 9.33 6.85 38.93
N GLN A 551 9.12 7.08 37.64
CA GLN A 551 8.53 8.31 37.16
C GLN A 551 7.19 8.12 36.44
N PHE A 552 7.03 7.04 35.69
CA PHE A 552 5.83 6.81 34.90
C PHE A 552 4.85 5.93 35.68
N GLY A 553 3.60 5.92 35.24
CA GLY A 553 2.59 5.06 35.83
C GLY A 553 1.56 4.62 34.82
N ARG A 554 1.35 3.31 34.71
CA ARG A 554 0.45 2.74 33.71
C ARG A 554 -0.50 1.75 34.37
N ASP A 555 -1.68 1.62 33.77
CA ASP A 555 -2.69 0.66 34.23
C ASP A 555 -2.48 -0.67 33.51
N ILE A 556 -3.50 -1.54 33.58
CA ILE A 556 -3.43 -2.83 32.90
C ILE A 556 -3.44 -2.65 31.38
N ALA A 557 -4.16 -1.64 30.90
CA ALA A 557 -4.31 -1.41 29.47
C ALA A 557 -3.19 -0.55 28.87
N ASP A 558 -2.10 -0.35 29.61
CA ASP A 558 -0.91 0.38 29.17
C ASP A 558 -1.23 1.82 28.76
N THR A 559 -1.99 2.51 29.62
CA THR A 559 -2.34 3.91 29.44
C THR A 559 -1.72 4.69 30.60
N THR A 560 -1.10 5.82 30.29
CA THR A 560 -0.41 6.63 31.30
C THR A 560 -1.43 7.24 32.26
N ASP A 561 -1.27 6.94 33.55
CA ASP A 561 -2.22 7.34 34.58
C ASP A 561 -1.64 8.33 35.57
N ALA A 562 -0.37 8.21 35.92
CA ALA A 562 0.25 9.15 36.86
C ALA A 562 1.72 9.30 36.52
N VAL A 563 2.17 10.53 36.31
CA VAL A 563 3.59 10.81 36.07
C VAL A 563 4.03 11.86 37.09
N ARG A 564 5.29 11.77 37.50
CA ARG A 564 5.86 12.78 38.38
C ARG A 564 6.23 14.03 37.59
N ASP A 565 5.98 15.19 38.18
CA ASP A 565 6.68 16.38 37.70
C ASP A 565 8.15 16.34 38.12
N PRO A 566 9.07 16.64 37.20
CA PRO A 566 10.48 16.28 37.41
C PRO A 566 11.21 17.14 38.43
N GLN A 567 10.71 18.33 38.75
CA GLN A 567 11.43 19.21 39.67
C GLN A 567 11.05 18.92 41.11
N THR A 568 9.76 19.02 41.41
CA THR A 568 9.23 18.79 42.75
C THR A 568 8.91 17.31 42.94
N LEU A 569 9.21 16.78 44.11
CA LEU A 569 8.80 15.42 44.46
C LEU A 569 7.29 15.44 44.74
N GLU A 570 6.51 15.28 43.67
CA GLU A 570 5.05 15.30 43.78
C GLU A 570 4.48 14.30 42.78
N ILE A 571 3.29 13.77 43.11
CA ILE A 571 2.60 12.80 42.27
C ILE A 571 1.33 13.45 41.73
N LEU A 572 1.14 13.38 40.42
CA LEU A 572 -0.02 13.96 39.75
C LEU A 572 -0.71 12.90 38.91
N ASP A 573 -2.00 12.68 39.17
CA ASP A 573 -2.79 11.74 38.37
C ASP A 573 -3.18 12.37 37.04
N ILE A 574 -3.38 11.51 36.04
CA ILE A 574 -3.86 11.91 34.73
C ILE A 574 -5.11 11.09 34.44
N THR A 575 -6.23 11.74 34.47
CA THR A 575 -7.46 11.20 33.93
C THR A 575 -7.78 11.92 32.62
N PRO A 576 -8.38 11.23 31.64
CA PRO A 576 -8.67 11.87 30.36
C PRO A 576 -9.72 12.97 30.50
N CYS A 577 -9.63 13.95 29.60
CA CYS A 577 -10.59 15.04 29.58
C CYS A 577 -11.96 14.50 29.20
N SER A 578 -12.99 15.00 29.88
CA SER A 578 -14.29 14.34 29.90
C SER A 578 -15.00 14.51 28.55
N PHE A 579 -15.56 13.41 28.06
CA PHE A 579 -16.20 13.36 26.75
C PHE A 579 -17.42 12.46 26.82
N GLY A 580 -18.30 12.62 25.85
CA GLY A 580 -19.48 11.78 25.77
C GLY A 580 -20.35 12.21 24.62
N GLY A 581 -21.33 11.36 24.30
CA GLY A 581 -22.24 11.65 23.22
C GLY A 581 -23.30 12.66 23.62
N VAL A 582 -23.91 13.27 22.60
CA VAL A 582 -24.98 14.24 22.78
C VAL A 582 -26.27 13.60 22.30
N SER A 583 -27.24 13.51 23.19
CA SER A 583 -28.54 12.91 22.88
C SER A 583 -29.62 13.97 23.05
N VAL A 584 -30.50 14.07 22.06
CA VAL A 584 -31.59 15.04 22.08
C VAL A 584 -32.89 14.30 22.39
N ILE A 585 -33.54 14.69 23.47
CA ILE A 585 -34.79 14.07 23.89
C ILE A 585 -35.93 15.01 23.52
N THR A 586 -36.81 14.55 22.64
CA THR A 586 -37.88 15.38 22.12
C THR A 586 -39.17 14.56 22.00
N PRO A 587 -40.32 15.21 22.09
CA PRO A 587 -41.57 14.57 21.64
C PRO A 587 -41.74 14.68 20.14
N GLY A 588 -42.91 14.29 19.64
CA GLY A 588 -43.17 14.44 18.22
C GLY A 588 -43.26 15.90 17.80
N THR A 589 -42.86 16.16 16.55
CA THR A 589 -42.85 17.53 16.03
C THR A 589 -44.26 18.09 15.83
N ASN A 590 -45.26 17.24 15.68
CA ASN A 590 -46.65 17.69 15.65
C ASN A 590 -47.13 18.14 17.02
N THR A 591 -46.53 17.61 18.10
CA THR A 591 -46.93 18.01 19.44
C THR A 591 -46.25 19.32 19.86
N SER A 592 -44.92 19.33 19.91
CA SER A 592 -44.17 20.52 20.31
C SER A 592 -42.78 20.44 19.71
N ASN A 593 -42.12 21.60 19.65
CA ASN A 593 -40.76 21.71 19.14
C ASN A 593 -39.73 21.83 20.26
N GLN A 594 -40.14 21.75 21.51
CA GLN A 594 -39.20 21.84 22.62
C GLN A 594 -38.37 20.57 22.73
N VAL A 595 -37.08 20.73 23.07
CA VAL A 595 -36.14 19.63 23.13
C VAL A 595 -35.42 19.66 24.47
N ALA A 596 -34.89 18.49 24.84
CA ALA A 596 -34.04 18.34 26.01
C ALA A 596 -32.75 17.67 25.58
N VAL A 597 -31.62 18.24 25.97
CA VAL A 597 -30.31 17.76 25.55
C VAL A 597 -29.69 16.98 26.69
N LEU A 598 -29.31 15.72 26.42
CA LEU A 598 -28.67 14.87 27.41
C LEU A 598 -27.20 14.75 27.05
N TYR A 599 -26.34 15.29 27.92
CA TYR A 599 -24.90 15.19 27.74
C TYR A 599 -24.42 13.97 28.51
N GLN A 600 -24.13 12.89 27.79
CA GLN A 600 -23.88 11.60 28.40
C GLN A 600 -22.49 11.52 29.02
N ASP A 601 -22.43 10.97 30.25
CA ASP A 601 -21.21 10.60 30.95
C ASP A 601 -20.29 11.80 31.18
N VAL A 602 -20.84 12.88 31.72
CA VAL A 602 -20.08 14.08 32.00
C VAL A 602 -20.71 14.78 33.21
N ASN A 603 -19.85 15.29 34.09
CA ASN A 603 -20.27 16.25 35.11
C ASN A 603 -20.34 17.61 34.44
N CYS A 604 -21.55 18.09 34.17
CA CYS A 604 -21.74 19.22 33.27
C CYS A 604 -21.71 20.57 33.99
N THR A 605 -20.98 20.67 35.10
CA THR A 605 -20.57 21.97 35.61
C THR A 605 -19.41 22.57 34.82
N GLU A 606 -18.75 21.76 33.98
CA GLU A 606 -17.66 22.21 33.13
C GLU A 606 -18.13 22.80 31.81
N VAL A 607 -19.27 22.33 31.30
CA VAL A 607 -19.78 22.80 30.02
C VAL A 607 -20.39 24.19 30.16
N ASN A 628 -33.56 23.91 32.91
CA ASN A 628 -32.86 23.65 34.17
C ASN A 628 -31.84 22.54 34.00
N VAL A 629 -30.91 22.45 34.94
CA VAL A 629 -29.85 21.45 34.92
C VAL A 629 -30.11 20.45 36.03
N PHE A 630 -30.30 19.18 35.66
CA PHE A 630 -30.52 18.10 36.61
C PHE A 630 -29.52 17.00 36.32
N GLN A 631 -28.72 16.63 37.32
CA GLN A 631 -27.67 15.64 37.16
C GLN A 631 -28.23 14.24 37.39
N THR A 632 -27.98 13.34 36.46
CA THR A 632 -28.41 11.95 36.52
C THR A 632 -27.20 11.04 36.56
N ARG A 633 -27.47 9.73 36.57
CA ARG A 633 -26.41 8.73 36.46
C ARG A 633 -26.02 8.44 35.02
N ALA A 634 -26.79 8.90 34.05
CA ALA A 634 -26.46 8.78 32.64
C ALA A 634 -25.90 10.07 32.07
N GLY A 635 -25.55 11.02 32.93
CA GLY A 635 -25.13 12.33 32.49
C GLY A 635 -25.94 13.42 33.17
N CYS A 636 -26.41 14.40 32.40
CA CYS A 636 -27.29 15.42 32.95
C CYS A 636 -28.23 15.90 31.86
N LEU A 637 -29.34 16.50 32.29
CA LEU A 637 -30.38 16.97 31.40
C LEU A 637 -30.40 18.49 31.37
N ILE A 638 -30.50 19.05 30.17
CA ILE A 638 -30.60 20.49 29.97
C ILE A 638 -31.97 20.79 29.37
N GLY A 639 -32.75 21.64 30.03
CA GLY A 639 -34.07 21.99 29.57
C GLY A 639 -35.18 21.11 30.10
N ALA A 640 -34.86 20.05 30.84
CA ALA A 640 -35.85 19.15 31.41
C ALA A 640 -35.81 19.27 32.92
N GLU A 641 -36.95 19.58 33.53
CA GLU A 641 -37.05 19.73 34.97
C GLU A 641 -37.27 18.37 35.64
N HIS A 642 -37.03 18.35 36.95
CA HIS A 642 -37.17 17.14 37.75
C HIS A 642 -38.40 17.26 38.65
N VAL A 643 -39.22 16.20 38.68
CA VAL A 643 -40.42 16.17 39.50
C VAL A 643 -40.32 15.01 40.48
N ASN A 644 -40.94 15.18 41.64
CA ASN A 644 -40.84 14.18 42.69
C ASN A 644 -41.73 12.97 42.43
N ASN A 645 -42.89 13.17 41.83
CA ASN A 645 -43.80 12.07 41.57
C ASN A 645 -43.30 11.22 40.40
N SER A 646 -43.73 9.96 40.39
CA SER A 646 -43.25 8.97 39.43
C SER A 646 -44.37 8.62 38.45
N TYR A 647 -44.03 8.61 37.17
CA TYR A 647 -44.97 8.28 36.09
C TYR A 647 -44.44 7.08 35.31
N GLU A 648 -45.24 6.65 34.34
CA GLU A 648 -44.84 5.56 33.45
C GLU A 648 -43.81 6.07 32.45
N CYS A 649 -42.86 5.20 32.11
CA CYS A 649 -41.78 5.56 31.21
C CYS A 649 -42.22 5.46 29.76
N ASP A 650 -41.92 6.49 28.97
CA ASP A 650 -42.15 6.49 27.53
C ASP A 650 -40.90 6.78 26.72
N ILE A 651 -40.05 7.69 27.19
CA ILE A 651 -38.77 7.99 26.56
C ILE A 651 -37.67 7.58 27.53
N PRO A 652 -36.97 6.47 27.29
CA PRO A 652 -35.93 6.03 28.22
C PRO A 652 -34.68 6.89 28.15
N ILE A 653 -34.00 7.01 29.28
CA ILE A 653 -32.73 7.72 29.37
C ILE A 653 -31.68 6.77 29.92
N GLY A 654 -31.95 6.21 31.08
CA GLY A 654 -31.05 5.28 31.74
C GLY A 654 -31.11 5.44 33.25
N ALA A 655 -30.76 4.36 33.95
CA ALA A 655 -30.69 4.28 35.42
C ALA A 655 -32.02 4.64 36.08
N GLY A 656 -33.12 4.16 35.49
CA GLY A 656 -34.43 4.37 36.07
C GLY A 656 -34.97 5.77 35.93
N ILE A 657 -34.47 6.54 34.98
CA ILE A 657 -34.92 7.91 34.73
C ILE A 657 -35.51 7.96 33.33
N CYS A 658 -36.72 8.49 33.21
CA CYS A 658 -37.39 8.62 31.93
C CYS A 658 -38.01 10.00 31.80
N ALA A 659 -37.90 10.58 30.61
CA ALA A 659 -38.46 11.90 30.32
C ALA A 659 -39.79 11.77 29.60
N SER A 660 -40.63 12.79 29.75
CA SER A 660 -41.94 12.81 29.11
C SER A 660 -42.34 14.26 28.87
N TYR A 661 -43.48 14.44 28.21
CA TYR A 661 -44.02 15.75 27.89
C TYR A 661 -45.40 15.87 28.56
N GLN A 662 -45.41 16.38 29.79
CA GLN A 662 -46.63 16.53 30.56
C GLN A 662 -46.57 17.86 31.30
N THR A 663 -47.49 18.05 32.24
CA THR A 663 -47.53 19.27 33.03
C THR A 663 -47.12 19.01 34.47
N SER A 676 -47.37 26.30 28.94
CA SER A 676 -47.88 25.63 30.13
C SER A 676 -47.43 24.17 30.17
N GLN A 677 -46.69 23.75 29.15
CA GLN A 677 -46.19 22.40 29.04
C GLN A 677 -44.67 22.42 28.89
N SER A 678 -44.01 21.49 29.56
CA SER A 678 -42.56 21.40 29.51
C SER A 678 -42.13 19.96 29.74
N ILE A 679 -40.91 19.66 29.34
CA ILE A 679 -40.37 18.31 29.48
C ILE A 679 -39.97 18.09 30.93
N ILE A 680 -40.49 17.01 31.52
CA ILE A 680 -40.20 16.67 32.91
C ILE A 680 -39.39 15.39 32.97
N ALA A 681 -38.65 15.23 34.06
CA ALA A 681 -37.85 14.04 34.31
C ALA A 681 -38.24 13.45 35.65
N TYR A 682 -38.35 12.12 35.72
CA TYR A 682 -38.88 11.46 36.90
C TYR A 682 -38.26 10.07 37.01
N THR A 683 -38.61 9.38 38.09
CA THR A 683 -38.24 7.99 38.31
C THR A 683 -39.32 7.09 37.75
N MET A 684 -38.91 5.95 37.20
CA MET A 684 -39.85 5.03 36.55
C MET A 684 -40.83 4.41 37.54
N SER A 685 -42.09 4.34 37.14
CA SER A 685 -43.11 3.61 37.87
C SER A 685 -43.17 2.19 37.33
N LEU A 686 -42.83 1.22 38.18
CA LEU A 686 -42.79 -0.17 37.76
C LEU A 686 -44.17 -0.79 37.61
N GLY A 687 -45.19 -0.18 38.20
CA GLY A 687 -46.54 -0.68 38.07
C GLY A 687 -47.42 -0.17 39.19
N ALA A 688 -48.70 -0.49 39.08
CA ALA A 688 -49.65 -0.13 40.11
C ALA A 688 -49.45 -1.01 41.35
N GLU A 689 -49.46 -0.37 42.53
CA GLU A 689 -49.27 -1.10 43.77
C GLU A 689 -50.53 -1.86 44.13
N ASN A 690 -50.39 -3.18 44.31
CA ASN A 690 -51.51 -4.05 44.64
C ASN A 690 -51.15 -4.88 45.86
N SER A 691 -52.06 -4.91 46.83
CA SER A 691 -51.89 -5.70 48.05
C SER A 691 -53.14 -6.59 48.18
N VAL A 692 -53.07 -7.77 47.56
CA VAL A 692 -54.19 -8.70 47.62
C VAL A 692 -54.28 -9.31 49.01
N ALA A 693 -55.50 -9.41 49.54
CA ALA A 693 -55.73 -9.88 50.90
C ALA A 693 -55.48 -11.38 50.97
N TYR A 694 -54.51 -11.78 51.79
CA TYR A 694 -54.12 -13.18 51.94
C TYR A 694 -54.54 -13.68 53.32
N SER A 695 -55.12 -14.87 53.36
CA SER A 695 -55.50 -15.51 54.61
C SER A 695 -55.41 -17.01 54.43
N ASN A 696 -55.35 -17.73 55.56
CA ASN A 696 -55.23 -19.18 55.52
C ASN A 696 -56.55 -19.88 55.26
N ASN A 697 -57.67 -19.16 55.23
CA ASN A 697 -58.96 -19.77 54.95
C ASN A 697 -59.79 -18.89 54.02
N SER A 698 -59.15 -18.13 53.15
CA SER A 698 -59.83 -17.25 52.21
C SER A 698 -59.38 -17.57 50.79
N ILE A 699 -60.35 -17.68 49.87
CA ILE A 699 -60.07 -17.96 48.48
C ILE A 699 -60.87 -16.98 47.62
N ALA A 700 -60.42 -16.81 46.39
CA ALA A 700 -61.09 -15.95 45.41
C ALA A 700 -61.44 -16.76 44.18
N ILE A 701 -62.70 -16.73 43.77
CA ILE A 701 -63.18 -17.50 42.63
C ILE A 701 -63.91 -16.56 41.68
N PRO A 702 -63.57 -16.57 40.38
CA PRO A 702 -64.28 -15.70 39.43
C PRO A 702 -65.69 -16.20 39.16
N THR A 703 -66.65 -15.29 39.22
CA THR A 703 -68.04 -15.58 38.87
C THR A 703 -68.37 -15.23 37.42
N ASN A 704 -67.41 -14.71 36.67
CA ASN A 704 -67.61 -14.33 35.28
C ASN A 704 -66.28 -14.46 34.56
N PHE A 705 -66.27 -14.09 33.29
CA PHE A 705 -65.08 -14.19 32.46
C PHE A 705 -65.17 -13.18 31.33
N THR A 706 -64.13 -13.13 30.50
CA THR A 706 -64.06 -12.23 29.36
C THR A 706 -63.21 -12.87 28.28
N ILE A 707 -63.79 -13.04 27.09
CA ILE A 707 -63.06 -13.59 25.96
C ILE A 707 -62.23 -12.49 25.33
N SER A 708 -60.91 -12.67 25.35
CA SER A 708 -59.98 -11.66 24.86
C SER A 708 -59.21 -12.20 23.65
N VAL A 709 -59.08 -11.35 22.63
CA VAL A 709 -58.34 -11.68 21.42
C VAL A 709 -57.15 -10.74 21.33
N THR A 710 -55.94 -11.31 21.30
CA THR A 710 -54.71 -10.54 21.24
C THR A 710 -54.00 -10.80 19.91
N THR A 711 -53.21 -9.82 19.49
CA THR A 711 -52.52 -9.85 18.20
C THR A 711 -51.03 -10.05 18.44
N GLU A 712 -50.47 -11.09 17.85
CA GLU A 712 -49.05 -11.38 17.91
C GLU A 712 -48.49 -11.41 16.49
N ILE A 713 -47.42 -10.65 16.25
CA ILE A 713 -46.83 -10.50 14.93
C ILE A 713 -45.40 -11.04 14.99
N LEU A 714 -45.07 -11.94 14.05
CA LEU A 714 -43.74 -12.53 13.98
C LEU A 714 -43.25 -12.48 12.54
N PRO A 715 -42.04 -11.98 12.29
CA PRO A 715 -41.48 -12.02 10.93
C PRO A 715 -41.14 -13.43 10.51
N VAL A 716 -41.16 -13.66 9.20
CA VAL A 716 -40.97 -14.98 8.61
C VAL A 716 -39.74 -15.02 7.71
N SER A 717 -39.68 -14.13 6.71
CA SER A 717 -38.64 -14.20 5.71
C SER A 717 -38.11 -12.80 5.39
N MET A 718 -36.87 -12.76 4.90
CA MET A 718 -36.24 -11.53 4.45
C MET A 718 -36.47 -11.33 2.96
N THR A 719 -35.74 -10.38 2.36
CA THR A 719 -35.79 -10.14 0.93
C THR A 719 -34.59 -10.81 0.27
N LYS A 720 -34.84 -11.57 -0.79
CA LYS A 720 -33.79 -12.29 -1.51
C LYS A 720 -32.98 -11.31 -2.34
N THR A 721 -31.70 -11.15 -1.99
CA THR A 721 -30.82 -10.20 -2.66
C THR A 721 -29.51 -10.90 -3.01
N SER A 722 -29.09 -10.77 -4.27
CA SER A 722 -27.85 -11.35 -4.76
C SER A 722 -26.98 -10.24 -5.35
N VAL A 723 -25.70 -10.23 -4.96
CA VAL A 723 -24.73 -9.22 -5.41
C VAL A 723 -23.62 -9.94 -6.16
N ASP A 724 -23.28 -9.43 -7.34
CA ASP A 724 -22.22 -9.98 -8.16
C ASP A 724 -21.00 -9.09 -8.09
N CYS A 725 -19.83 -9.68 -7.84
CA CYS A 725 -18.59 -8.92 -7.76
C CYS A 725 -18.10 -8.44 -9.11
N THR A 726 -18.54 -9.07 -10.20
CA THR A 726 -18.09 -8.68 -11.54
C THR A 726 -18.61 -7.31 -11.92
N MET A 727 -19.83 -6.96 -11.50
CA MET A 727 -20.43 -5.69 -11.86
C MET A 727 -20.38 -4.64 -10.75
N TYR A 728 -20.42 -5.06 -9.48
CA TYR A 728 -20.45 -4.08 -8.39
C TYR A 728 -19.09 -3.41 -8.21
N ILE A 729 -18.01 -4.20 -8.20
CA ILE A 729 -16.69 -3.64 -7.90
C ILE A 729 -16.18 -2.82 -9.09
N CYS A 730 -16.27 -3.39 -10.30
CA CYS A 730 -15.81 -2.68 -11.49
C CYS A 730 -16.57 -3.22 -12.70
N GLY A 731 -17.57 -2.47 -13.15
CA GLY A 731 -18.31 -2.82 -14.34
C GLY A 731 -17.70 -2.22 -15.59
N ASP A 732 -17.80 -2.98 -16.70
CA ASP A 732 -17.43 -2.64 -18.07
C ASP A 732 -15.91 -2.51 -18.27
N SER A 733 -15.10 -2.67 -17.24
CA SER A 733 -13.66 -2.52 -17.34
C SER A 733 -13.01 -3.90 -17.39
N THR A 734 -12.31 -4.18 -18.50
CA THR A 734 -11.58 -5.44 -18.63
C THR A 734 -10.22 -5.41 -17.96
N GLU A 735 -9.70 -4.23 -17.61
CA GLU A 735 -8.42 -4.15 -16.92
C GLU A 735 -8.53 -4.40 -15.42
N CYS A 736 -9.75 -4.38 -14.87
CA CYS A 736 -9.95 -4.62 -13.46
C CYS A 736 -10.26 -6.07 -13.15
N SER A 737 -10.97 -6.77 -14.05
CA SER A 737 -11.30 -8.18 -13.85
C SER A 737 -10.06 -9.06 -13.88
N ASN A 738 -9.02 -8.64 -14.60
CA ASN A 738 -7.73 -9.32 -14.50
C ASN A 738 -7.09 -9.11 -13.14
N LEU A 739 -7.27 -7.94 -12.54
CA LEU A 739 -6.73 -7.67 -11.21
C LEU A 739 -7.54 -8.38 -10.13
N LEU A 740 -8.84 -8.61 -10.37
CA LEU A 740 -9.68 -9.28 -9.39
C LEU A 740 -9.39 -10.77 -9.29
N LEU A 741 -8.77 -11.35 -10.32
CA LEU A 741 -8.41 -12.77 -10.27
C LEU A 741 -7.21 -13.04 -9.39
N GLN A 742 -6.44 -12.01 -9.03
CA GLN A 742 -5.29 -12.20 -8.16
C GLN A 742 -5.70 -12.48 -6.73
N TYR A 743 -6.88 -12.01 -6.31
CA TYR A 743 -7.35 -12.25 -4.95
C TYR A 743 -7.85 -13.67 -4.74
N GLY A 744 -8.15 -14.41 -5.81
CA GLY A 744 -8.53 -15.79 -5.68
C GLY A 744 -10.03 -16.04 -5.70
N SER A 745 -10.54 -16.66 -4.65
CA SER A 745 -11.95 -17.02 -4.59
C SER A 745 -12.66 -16.35 -3.42
N PHE A 746 -12.40 -15.05 -3.23
CA PHE A 746 -13.14 -14.28 -2.23
C PHE A 746 -14.62 -14.17 -2.61
N CYS A 747 -14.91 -13.96 -3.89
CA CYS A 747 -16.28 -13.76 -4.35
C CYS A 747 -16.94 -15.06 -4.81
N THR A 748 -16.23 -16.18 -4.83
CA THR A 748 -16.88 -17.46 -5.04
C THR A 748 -17.69 -17.87 -3.83
N GLN A 749 -17.12 -17.69 -2.63
CA GLN A 749 -17.84 -17.97 -1.39
C GLN A 749 -18.74 -16.82 -0.97
N LEU A 750 -18.54 -15.62 -1.53
CA LEU A 750 -19.37 -14.48 -1.18
C LEU A 750 -20.76 -14.59 -1.80
N ASN A 751 -20.82 -14.99 -3.08
CA ASN A 751 -22.11 -15.27 -3.69
C ASN A 751 -22.71 -16.58 -3.22
N ARG A 752 -21.87 -17.49 -2.73
CA ARG A 752 -22.37 -18.73 -2.14
C ARG A 752 -23.07 -18.46 -0.80
N ALA A 753 -22.57 -17.49 -0.03
CA ALA A 753 -23.19 -17.15 1.24
C ALA A 753 -24.54 -16.45 1.03
N LEU A 754 -24.63 -15.59 0.02
CA LEU A 754 -25.90 -14.92 -0.26
C LEU A 754 -26.91 -15.87 -0.89
N THR A 755 -26.44 -16.89 -1.61
CA THR A 755 -27.34 -17.90 -2.16
C THR A 755 -27.91 -18.78 -1.04
N GLY A 756 -27.11 -19.07 -0.02
CA GLY A 756 -27.60 -19.83 1.11
C GLY A 756 -28.58 -19.06 1.98
N ILE A 757 -28.46 -17.73 1.99
CA ILE A 757 -29.45 -16.89 2.68
C ILE A 757 -30.76 -16.90 1.90
N ALA A 758 -30.69 -16.76 0.58
CA ALA A 758 -31.90 -16.66 -0.24
C ALA A 758 -32.62 -17.99 -0.37
N VAL A 759 -31.90 -19.11 -0.30
CA VAL A 759 -32.56 -20.41 -0.41
C VAL A 759 -33.24 -20.79 0.90
N GLU A 760 -32.83 -20.19 2.02
CA GLU A 760 -33.47 -20.45 3.31
C GLU A 760 -34.57 -19.46 3.62
N GLN A 761 -34.63 -18.33 2.90
CA GLN A 761 -35.78 -17.43 3.04
C GLN A 761 -37.04 -18.07 2.48
N ASP A 762 -36.92 -18.77 1.35
CA ASP A 762 -38.05 -19.52 0.82
C ASP A 762 -38.34 -20.75 1.67
N LYS A 763 -37.32 -21.30 2.32
CA LYS A 763 -37.52 -22.45 3.20
C LYS A 763 -38.26 -22.05 4.47
N ASN A 764 -38.06 -20.81 4.95
CA ASN A 764 -38.69 -20.35 6.18
C ASN A 764 -40.20 -20.23 6.05
N THR A 765 -40.72 -20.02 4.85
CA THR A 765 -42.16 -20.00 4.63
C THR A 765 -42.74 -21.42 4.64
N GLN A 766 -41.92 -22.42 4.30
CA GLN A 766 -42.42 -23.78 4.09
C GLN A 766 -42.83 -24.43 5.41
N GLU A 767 -42.00 -24.33 6.45
CA GLU A 767 -42.37 -24.94 7.72
C GLU A 767 -43.37 -24.11 8.51
N VAL A 768 -43.64 -22.87 8.10
CA VAL A 768 -44.61 -22.04 8.80
C VAL A 768 -46.00 -22.15 8.17
N PHE A 769 -46.13 -21.86 6.89
CA PHE A 769 -47.44 -21.76 6.25
C PHE A 769 -47.90 -23.04 5.58
N ALA A 770 -47.00 -23.95 5.26
CA ALA A 770 -47.35 -25.21 4.59
C ALA A 770 -47.34 -26.39 5.55
N GLN A 771 -47.82 -26.18 6.78
CA GLN A 771 -47.91 -27.25 7.76
C GLN A 771 -48.93 -28.31 7.36
N VAL A 772 -49.99 -27.91 6.67
CA VAL A 772 -51.03 -28.83 6.22
C VAL A 772 -50.73 -29.22 4.77
N LYS A 773 -51.07 -30.46 4.43
CA LYS A 773 -50.83 -30.97 3.09
C LYS A 773 -52.03 -30.79 2.17
N GLN A 774 -53.24 -30.76 2.71
CA GLN A 774 -54.46 -30.58 1.94
C GLN A 774 -54.99 -29.16 2.14
N ILE A 775 -55.89 -28.77 1.24
CA ILE A 775 -56.53 -27.45 1.27
C ILE A 775 -57.98 -27.64 1.66
N TYR A 776 -58.39 -27.01 2.75
CA TYR A 776 -59.75 -27.11 3.27
C TYR A 776 -60.55 -25.86 2.94
N LYS A 777 -61.82 -26.05 2.59
CA LYS A 777 -62.71 -24.97 2.19
C LYS A 777 -63.83 -24.81 3.20
N THR A 778 -64.11 -23.57 3.57
CA THR A 778 -65.25 -23.28 4.44
C THR A 778 -66.54 -23.50 3.66
N PRO A 779 -67.55 -24.17 4.24
CA PRO A 779 -68.82 -24.31 3.54
C PRO A 779 -69.54 -22.98 3.42
N PRO A 780 -70.37 -22.80 2.39
CA PRO A 780 -71.06 -21.50 2.21
C PRO A 780 -72.12 -21.22 3.26
N ILE A 781 -72.63 -22.23 3.96
CA ILE A 781 -73.59 -22.01 5.03
C ILE A 781 -72.80 -21.63 6.28
N LYS A 782 -72.84 -20.35 6.64
CA LYS A 782 -72.08 -19.84 7.77
C LYS A 782 -72.93 -19.94 9.04
N ASP A 783 -73.14 -21.19 9.47
CA ASP A 783 -73.89 -21.50 10.68
C ASP A 783 -72.91 -22.11 11.68
N PHE A 784 -72.25 -21.26 12.46
CA PHE A 784 -71.27 -21.68 13.44
C PHE A 784 -71.74 -21.45 14.87
N GLY A 785 -73.06 -21.50 15.08
CA GLY A 785 -73.62 -21.26 16.40
C GLY A 785 -73.49 -19.83 16.89
N GLY A 786 -73.66 -18.86 16.00
CA GLY A 786 -73.55 -17.46 16.36
C GLY A 786 -72.17 -16.88 16.25
N PHE A 787 -71.15 -17.71 15.97
CA PHE A 787 -69.78 -17.22 15.84
C PHE A 787 -69.56 -16.68 14.44
N ASN A 788 -68.99 -15.48 14.35
CA ASN A 788 -68.81 -14.77 13.08
C ASN A 788 -67.32 -14.71 12.77
N PHE A 789 -66.96 -15.19 11.57
CA PHE A 789 -65.56 -15.24 11.13
C PHE A 789 -65.36 -14.44 9.84
N SER A 790 -66.21 -13.44 9.60
CA SER A 790 -66.15 -12.68 8.36
C SER A 790 -64.90 -11.82 8.24
N GLN A 791 -64.30 -11.43 9.37
CA GLN A 791 -63.08 -10.65 9.32
C GLN A 791 -61.86 -11.50 8.98
N ILE A 792 -61.88 -12.79 9.29
CA ILE A 792 -60.76 -13.67 9.02
C ILE A 792 -60.98 -14.59 7.83
N LEU A 793 -62.22 -14.80 7.39
CA LEU A 793 -62.44 -15.57 6.18
C LEU A 793 -62.15 -14.71 4.96
N PRO A 794 -61.68 -15.32 3.86
CA PRO A 794 -61.40 -14.53 2.65
C PRO A 794 -62.67 -14.01 1.99
N ASP A 795 -62.52 -12.87 1.33
CA ASP A 795 -63.63 -12.23 0.64
C ASP A 795 -63.56 -12.56 -0.85
N PRO A 796 -64.53 -13.29 -1.41
CA PRO A 796 -64.45 -13.63 -2.84
C PRO A 796 -64.79 -12.50 -3.79
N SER A 797 -65.28 -11.36 -3.28
CA SER A 797 -65.62 -10.24 -4.16
C SER A 797 -64.37 -9.52 -4.66
N LYS A 798 -63.32 -9.47 -3.85
CA LYS A 798 -62.09 -8.81 -4.26
C LYS A 798 -61.34 -9.67 -5.28
N PRO A 799 -60.56 -9.03 -6.17
CA PRO A 799 -59.69 -9.83 -7.07
C PRO A 799 -58.65 -10.66 -6.35
N SER A 800 -58.15 -10.18 -5.21
CA SER A 800 -57.25 -10.95 -4.36
C SER A 800 -58.05 -11.52 -3.20
N LYS A 801 -58.13 -12.85 -3.13
CA LYS A 801 -58.94 -13.53 -2.12
C LYS A 801 -58.23 -13.46 -0.79
N ARG A 802 -58.45 -12.37 -0.07
CA ARG A 802 -57.84 -12.15 1.23
C ARG A 802 -58.91 -11.71 2.22
N SER A 803 -58.64 -11.94 3.50
CA SER A 803 -59.55 -11.52 4.56
C SER A 803 -59.50 -10.01 4.73
N PRO A 804 -60.56 -9.41 5.30
CA PRO A 804 -60.51 -7.97 5.62
C PRO A 804 -59.42 -7.58 6.60
N ILE A 805 -59.04 -8.47 7.52
CA ILE A 805 -57.91 -8.20 8.40
C ILE A 805 -56.59 -8.23 7.62
N GLU A 806 -56.48 -9.15 6.66
CA GLU A 806 -55.30 -9.19 5.78
C GLU A 806 -55.28 -8.03 4.79
N ASP A 807 -56.41 -7.35 4.58
CA ASP A 807 -56.47 -6.27 3.60
C ASP A 807 -55.69 -5.04 4.08
N LEU A 808 -55.90 -4.63 5.33
CA LEU A 808 -55.20 -3.46 5.83
C LEU A 808 -53.81 -3.80 6.37
N LEU A 809 -53.50 -5.08 6.57
CA LEU A 809 -52.16 -5.47 6.96
C LEU A 809 -51.17 -5.24 5.82
N PHE A 810 -51.58 -5.53 4.59
CA PHE A 810 -50.72 -5.30 3.43
C PHE A 810 -50.66 -3.82 3.06
N ASN A 811 -51.71 -3.05 3.39
CA ASN A 811 -51.75 -1.64 3.03
C ASN A 811 -50.82 -0.78 3.89
N LYS A 812 -50.48 -1.23 5.10
CA LYS A 812 -49.64 -0.46 5.99
C LYS A 812 -48.15 -0.76 5.82
N VAL A 813 -47.80 -1.70 4.94
CA VAL A 813 -46.41 -2.06 4.68
C VAL A 813 -46.09 -1.73 3.23
N THR A 814 -45.06 -0.94 3.01
CA THR A 814 -44.66 -0.54 1.66
C THR A 814 -43.94 -1.70 0.96
N PHE A 842 -28.31 0.08 -10.08
CA PHE A 842 -28.29 -1.38 -10.16
C PHE A 842 -26.89 -1.88 -10.53
N ASN A 843 -25.92 -1.62 -9.66
CA ASN A 843 -24.54 -2.06 -9.88
C ASN A 843 -24.38 -3.48 -9.34
N GLY A 844 -24.91 -4.43 -10.11
CA GLY A 844 -24.87 -5.82 -9.71
C GLY A 844 -25.91 -6.22 -8.69
N LEU A 845 -26.85 -5.34 -8.37
CA LEU A 845 -27.87 -5.60 -7.36
C LEU A 845 -29.13 -6.13 -8.04
N THR A 846 -29.60 -7.28 -7.59
CA THR A 846 -30.84 -7.86 -8.07
C THR A 846 -31.66 -8.37 -6.90
N VAL A 847 -32.98 -8.45 -7.10
CA VAL A 847 -33.91 -8.93 -6.09
C VAL A 847 -34.63 -10.13 -6.68
N LEU A 848 -34.40 -11.30 -6.09
CA LEU A 848 -35.08 -12.51 -6.56
C LEU A 848 -36.50 -12.56 -6.01
N PRO A 849 -37.47 -12.96 -6.82
CA PRO A 849 -38.83 -13.12 -6.31
C PRO A 849 -38.93 -14.32 -5.38
N PRO A 850 -39.85 -14.31 -4.43
CA PRO A 850 -40.00 -15.45 -3.52
C PRO A 850 -40.59 -16.66 -4.22
N LEU A 851 -40.42 -17.82 -3.56
CA LEU A 851 -40.93 -19.08 -4.10
C LEU A 851 -42.46 -19.09 -4.10
N LEU A 852 -43.06 -18.59 -3.03
CA LEU A 852 -44.51 -18.56 -2.88
C LEU A 852 -45.01 -17.13 -3.02
N THR A 853 -46.04 -16.93 -3.85
CA THR A 853 -46.62 -15.62 -4.01
C THR A 853 -47.49 -15.26 -2.80
N ASP A 854 -47.93 -13.99 -2.76
CA ASP A 854 -48.77 -13.54 -1.66
C ASP A 854 -50.16 -14.16 -1.71
N GLU A 855 -50.61 -14.56 -2.89
CA GLU A 855 -51.89 -15.27 -2.99
C GLU A 855 -51.77 -16.71 -2.51
N MET A 856 -50.60 -17.32 -2.70
CA MET A 856 -50.41 -18.71 -2.25
C MET A 856 -50.27 -18.81 -0.74
N ILE A 857 -49.68 -17.79 -0.10
CA ILE A 857 -49.63 -17.75 1.35
C ILE A 857 -51.03 -17.53 1.92
N ALA A 858 -51.83 -16.70 1.26
CA ALA A 858 -53.21 -16.49 1.69
C ALA A 858 -54.07 -17.73 1.50
N GLN A 859 -53.77 -18.55 0.48
CA GLN A 859 -54.48 -19.81 0.32
C GLN A 859 -54.02 -20.84 1.35
N TYR A 860 -52.76 -20.75 1.79
CA TYR A 860 -52.31 -21.56 2.93
C TYR A 860 -53.02 -21.15 4.21
N THR A 861 -53.23 -19.84 4.40
CA THR A 861 -53.90 -19.35 5.60
C THR A 861 -55.37 -19.74 5.61
N SER A 862 -56.03 -19.69 4.44
CA SER A 862 -57.43 -20.07 4.38
C SER A 862 -57.64 -21.57 4.56
N ALA A 863 -56.66 -22.38 4.18
CA ALA A 863 -56.75 -23.82 4.41
C ALA A 863 -56.63 -24.15 5.89
N LEU A 864 -55.75 -23.46 6.61
CA LEU A 864 -55.61 -23.68 8.04
C LEU A 864 -56.76 -23.04 8.83
N LEU A 865 -57.35 -21.96 8.31
CA LEU A 865 -58.50 -21.36 8.97
C LEU A 865 -59.74 -22.22 8.83
N ALA A 866 -59.95 -22.81 7.65
CA ALA A 866 -61.09 -23.70 7.45
C ALA A 866 -60.88 -25.04 8.14
N GLY A 867 -59.63 -25.44 8.37
CA GLY A 867 -59.36 -26.66 9.11
C GLY A 867 -59.44 -26.52 10.62
N THR A 868 -59.57 -25.30 11.12
CA THR A 868 -59.69 -25.04 12.56
C THR A 868 -61.13 -24.80 12.99
N ILE A 869 -61.91 -24.09 12.17
CA ILE A 869 -63.32 -23.87 12.48
C ILE A 869 -64.11 -25.16 12.31
N THR A 870 -63.85 -25.90 11.24
CA THR A 870 -64.61 -27.12 10.95
C THR A 870 -64.08 -28.32 11.73
N SER A 871 -62.77 -28.51 11.75
CA SER A 871 -62.20 -29.71 12.35
C SER A 871 -61.55 -29.46 13.71
N GLY A 872 -60.84 -28.35 13.87
CA GLY A 872 -60.16 -28.09 15.13
C GLY A 872 -58.71 -28.51 15.09
N TRP A 873 -58.31 -29.38 16.03
CA TRP A 873 -56.96 -29.92 16.05
C TRP A 873 -56.88 -31.31 15.42
N THR A 874 -57.97 -31.83 14.89
CA THR A 874 -57.97 -33.18 14.32
C THR A 874 -57.27 -33.24 12.96
N PHE A 875 -57.27 -32.14 12.22
CA PHE A 875 -56.62 -32.13 10.91
C PHE A 875 -55.10 -32.09 11.00
N GLY A 876 -54.55 -31.68 12.15
CA GLY A 876 -53.12 -31.66 12.34
C GLY A 876 -52.52 -32.92 12.91
N ALA A 877 -53.37 -33.81 13.44
CA ALA A 877 -52.91 -35.08 14.02
C ALA A 877 -53.42 -36.28 13.23
N GLY A 878 -53.87 -36.06 11.99
CA GLY A 878 -54.41 -37.13 11.17
C GLY A 878 -55.45 -36.61 10.19
N PRO A 879 -56.43 -37.44 9.87
CA PRO A 879 -57.51 -36.99 8.99
C PRO A 879 -58.40 -35.97 9.65
N ALA A 880 -59.02 -35.12 8.83
CA ALA A 880 -59.89 -34.06 9.34
C ALA A 880 -61.24 -34.66 9.75
N LEU A 881 -61.61 -34.46 11.00
CA LEU A 881 -62.88 -34.95 11.54
C LEU A 881 -63.81 -33.76 11.77
N GLN A 882 -64.99 -33.81 11.17
CA GLN A 882 -65.93 -32.71 11.29
C GLN A 882 -66.55 -32.67 12.69
N ILE A 883 -66.82 -31.45 13.16
CA ILE A 883 -67.36 -31.18 14.48
C ILE A 883 -67.93 -29.77 14.46
N PRO A 884 -69.11 -29.51 15.04
CA PRO A 884 -69.63 -28.14 15.09
C PRO A 884 -68.77 -27.24 15.95
N PHE A 885 -68.77 -25.94 15.59
CA PHE A 885 -67.99 -24.96 16.35
C PHE A 885 -68.61 -24.71 17.72
N PRO A 886 -69.92 -24.88 17.84
CA PRO A 886 -70.57 -24.76 19.15
C PRO A 886 -70.26 -25.93 20.06
N MET A 887 -69.72 -27.03 19.54
CA MET A 887 -69.37 -28.19 20.34
C MET A 887 -67.88 -28.34 20.59
N GLN A 888 -67.03 -28.03 19.61
CA GLN A 888 -65.59 -28.14 19.83
C GLN A 888 -65.05 -27.03 20.71
N MET A 889 -65.79 -25.93 20.88
CA MET A 889 -65.38 -24.88 21.81
C MET A 889 -65.49 -25.34 23.26
N ALA A 890 -66.36 -26.31 23.55
CA ALA A 890 -66.45 -26.86 24.89
C ALA A 890 -65.21 -27.68 25.24
N TYR A 891 -64.61 -28.34 24.24
CA TYR A 891 -63.40 -29.11 24.48
C TYR A 891 -62.19 -28.20 24.67
N ARG A 892 -62.23 -26.98 24.12
CA ARG A 892 -61.23 -25.99 24.47
C ARG A 892 -61.44 -25.49 25.90
N PHE A 893 -62.69 -25.46 26.36
CA PHE A 893 -62.98 -25.11 27.75
C PHE A 893 -62.52 -26.20 28.71
N ASN A 894 -62.61 -27.47 28.28
CA ASN A 894 -62.16 -28.57 29.13
C ASN A 894 -60.64 -28.62 29.27
N GLY A 895 -59.90 -28.05 28.32
CA GLY A 895 -58.45 -28.03 28.42
C GLY A 895 -57.88 -27.05 29.41
N ILE A 896 -58.70 -26.11 29.89
CA ILE A 896 -58.28 -25.13 30.89
C ILE A 896 -59.01 -25.32 32.21
N GLY A 897 -59.72 -26.43 32.38
CA GLY A 897 -60.37 -26.73 33.65
C GLY A 897 -61.79 -26.23 33.79
N VAL A 898 -62.47 -25.90 32.70
CA VAL A 898 -63.84 -25.41 32.74
C VAL A 898 -64.75 -26.48 32.14
N THR A 899 -65.86 -26.76 32.82
CA THR A 899 -66.77 -27.80 32.38
C THR A 899 -67.57 -27.35 31.16
N GLN A 900 -68.26 -28.31 30.54
CA GLN A 900 -68.96 -28.06 29.28
C GLN A 900 -70.21 -27.20 29.46
N ASN A 901 -70.78 -27.15 30.66
CA ASN A 901 -72.04 -26.46 30.87
C ASN A 901 -71.90 -24.94 30.82
N VAL A 902 -70.69 -24.43 31.05
CA VAL A 902 -70.47 -22.98 31.06
C VAL A 902 -70.61 -22.40 29.65
N LEU A 903 -70.15 -23.15 28.63
CA LEU A 903 -70.29 -22.69 27.25
C LEU A 903 -71.73 -22.72 26.81
N TYR A 904 -72.46 -23.80 27.11
CA TYR A 904 -73.81 -23.96 26.60
C TYR A 904 -74.81 -23.06 27.32
N GLU A 905 -74.55 -22.72 28.58
CA GLU A 905 -75.41 -21.78 29.29
C GLU A 905 -75.16 -20.34 28.86
N ASN A 906 -74.02 -20.04 28.27
CA ASN A 906 -73.67 -18.69 27.84
C ASN A 906 -73.16 -18.70 26.40
N GLN A 907 -73.87 -19.42 25.51
CA GLN A 907 -73.46 -19.49 24.12
C GLN A 907 -73.68 -18.18 23.38
N LYS A 908 -74.75 -17.46 23.71
CA LYS A 908 -74.98 -16.16 23.09
C LYS A 908 -74.02 -15.11 23.61
N LEU A 909 -73.64 -15.19 24.89
CA LEU A 909 -72.72 -14.21 25.47
C LEU A 909 -71.29 -14.41 24.97
N ILE A 910 -70.87 -15.67 24.83
CA ILE A 910 -69.51 -15.97 24.38
C ILE A 910 -69.34 -15.61 22.90
N ALA A 911 -70.35 -15.91 22.08
CA ALA A 911 -70.31 -15.55 20.67
C ALA A 911 -70.36 -14.04 20.47
N ASN A 912 -71.10 -13.32 21.33
CA ASN A 912 -71.11 -11.87 21.25
C ASN A 912 -69.78 -11.28 21.72
N GLN A 913 -69.15 -11.92 22.71
CA GLN A 913 -67.83 -11.47 23.17
C GLN A 913 -66.75 -11.77 22.15
N PHE A 914 -66.88 -12.88 21.41
CA PHE A 914 -65.89 -13.22 20.39
C PHE A 914 -66.01 -12.30 19.18
N ASN A 915 -67.24 -11.95 18.80
CA ASN A 915 -67.46 -11.07 17.65
C ASN A 915 -67.01 -9.65 17.93
N SER A 916 -67.19 -9.18 19.17
CA SER A 916 -66.76 -7.83 19.52
C SER A 916 -65.24 -7.74 19.63
N ALA A 917 -64.60 -8.81 20.11
CA ALA A 917 -63.15 -8.80 20.25
C ALA A 917 -62.43 -8.93 18.91
N ILE A 918 -63.05 -9.63 17.95
CA ILE A 918 -62.46 -9.75 16.62
C ILE A 918 -62.53 -8.41 15.89
N GLY A 919 -63.66 -7.71 15.99
CA GLY A 919 -63.82 -6.42 15.34
C GLY A 919 -62.97 -5.32 15.96
N LYS A 920 -62.56 -5.47 17.22
CA LYS A 920 -61.68 -4.51 17.84
C LYS A 920 -60.23 -4.66 17.39
N ILE A 921 -59.88 -5.80 16.80
CA ILE A 921 -58.53 -5.99 16.27
C ILE A 921 -58.30 -5.11 15.05
N GLN A 922 -59.30 -5.01 14.18
CA GLN A 922 -59.20 -4.17 12.99
C GLN A 922 -59.13 -2.69 13.32
N ASP A 923 -59.80 -2.27 14.40
CA ASP A 923 -59.71 -0.88 14.83
C ASP A 923 -58.38 -0.59 15.52
N SER A 924 -57.86 -1.55 16.29
CA SER A 924 -56.61 -1.34 17.00
C SER A 924 -55.41 -1.40 16.07
N LEU A 925 -55.50 -2.18 14.98
CA LEU A 925 -54.40 -2.24 14.02
C LEU A 925 -54.28 -0.95 13.23
N SER A 926 -55.40 -0.32 12.90
CA SER A 926 -55.42 0.95 12.17
C SER A 926 -55.34 2.16 13.10
N SER A 927 -55.30 1.94 14.42
CA SER A 927 -55.23 3.07 15.34
C SER A 927 -53.84 3.72 15.33
N THR A 928 -52.79 2.91 15.31
CA THR A 928 -51.43 3.40 15.30
C THR A 928 -50.62 2.61 14.27
N PRO A 929 -49.62 3.24 13.65
CA PRO A 929 -48.71 2.49 12.77
C PRO A 929 -47.58 1.79 13.50
N SER A 930 -47.47 1.95 14.82
CA SER A 930 -46.41 1.31 15.59
C SER A 930 -46.74 -0.12 15.97
N ALA A 931 -47.95 -0.61 15.69
CA ALA A 931 -48.29 -2.00 15.98
C ALA A 931 -47.57 -2.95 15.04
N LEU A 932 -47.36 -2.54 13.78
CA LEU A 932 -46.65 -3.34 12.79
C LEU A 932 -45.16 -3.01 12.75
N GLY A 933 -44.59 -2.54 13.86
CA GLY A 933 -43.20 -2.11 13.86
C GLY A 933 -42.19 -3.25 13.76
N LYS A 934 -42.61 -4.48 14.10
CA LYS A 934 -41.71 -5.63 13.94
C LYS A 934 -41.46 -5.93 12.46
N LEU A 935 -42.51 -5.85 11.63
CA LEU A 935 -42.34 -6.03 10.20
C LEU A 935 -41.77 -4.80 9.51
N GLN A 936 -41.90 -3.62 10.12
CA GLN A 936 -41.33 -2.42 9.54
C GLN A 936 -39.81 -2.39 9.67
N ASP A 937 -39.27 -3.04 10.71
CA ASP A 937 -37.83 -3.01 10.91
C ASP A 937 -37.10 -3.93 9.93
N VAL A 938 -37.74 -5.00 9.48
CA VAL A 938 -37.09 -5.92 8.54
C VAL A 938 -36.95 -5.28 7.17
N VAL A 939 -37.97 -4.54 6.73
CA VAL A 939 -37.88 -3.83 5.45
C VAL A 939 -36.90 -2.66 5.55
N ASN A 940 -36.88 -1.99 6.71
CA ASN A 940 -36.03 -0.80 6.85
C ASN A 940 -34.56 -1.16 6.96
N GLN A 941 -34.24 -2.21 7.72
CA GLN A 941 -32.84 -2.59 7.90
C GLN A 941 -32.24 -3.21 6.64
N ASN A 942 -33.05 -3.88 5.82
CA ASN A 942 -32.57 -4.42 4.56
C ASN A 942 -32.39 -3.36 3.49
N ALA A 943 -33.27 -2.35 3.45
CA ALA A 943 -33.16 -1.30 2.45
C ALA A 943 -32.06 -0.30 2.78
N GLN A 944 -31.88 0.00 4.07
CA GLN A 944 -30.85 0.95 4.47
C GLN A 944 -29.45 0.36 4.33
N ALA A 945 -29.31 -0.95 4.54
CA ALA A 945 -28.02 -1.59 4.31
C ALA A 945 -27.70 -1.71 2.84
N LEU A 946 -28.73 -1.77 1.98
CA LEU A 946 -28.50 -1.79 0.54
C LEU A 946 -28.07 -0.41 0.04
N ASN A 947 -28.66 0.65 0.57
CA ASN A 947 -28.29 2.00 0.18
C ASN A 947 -26.91 2.39 0.69
N THR A 948 -26.46 1.78 1.78
CA THR A 948 -25.10 1.98 2.24
C THR A 948 -24.09 1.37 1.28
N LEU A 949 -24.42 0.22 0.69
CA LEU A 949 -23.53 -0.45 -0.25
C LEU A 949 -23.39 0.35 -1.54
N VAL A 950 -24.47 1.02 -1.98
CA VAL A 950 -24.38 1.91 -3.13
C VAL A 950 -23.54 3.15 -2.79
N LYS A 951 -23.67 3.64 -1.56
CA LYS A 951 -22.92 4.81 -1.12
C LYS A 951 -21.43 4.54 -0.99
N GLN A 952 -21.02 3.27 -0.85
CA GLN A 952 -19.61 2.94 -0.80
C GLN A 952 -18.92 3.03 -2.16
N LEU A 953 -19.68 3.08 -3.25
CA LEU A 953 -19.11 3.21 -4.58
C LEU A 953 -18.64 4.63 -4.89
N SER A 954 -19.05 5.61 -4.10
CA SER A 954 -18.63 6.99 -4.28
C SER A 954 -17.49 7.39 -3.36
N SER A 955 -16.87 6.41 -2.67
CA SER A 955 -15.77 6.67 -1.77
C SER A 955 -14.45 6.57 -2.51
N ASN A 956 -13.51 7.46 -2.16
CA ASN A 956 -12.22 7.47 -2.84
C ASN A 956 -11.34 6.30 -2.40
N PHE A 957 -11.45 5.92 -1.12
CA PHE A 957 -10.62 4.89 -0.47
C PHE A 957 -9.13 5.19 -0.60
N GLY A 958 -8.77 6.46 -0.49
CA GLY A 958 -7.39 6.88 -0.62
C GLY A 958 -6.89 7.08 -2.03
N ALA A 959 -7.72 6.81 -3.04
CA ALA A 959 -7.32 6.99 -4.43
C ALA A 959 -7.63 8.41 -4.89
N ILE A 960 -7.28 8.70 -6.15
CA ILE A 960 -7.49 10.04 -6.69
C ILE A 960 -8.97 10.28 -6.98
N SER A 961 -9.62 9.33 -7.65
CA SER A 961 -11.01 9.48 -8.06
C SER A 961 -11.82 8.27 -7.62
N SER A 962 -13.03 8.53 -7.13
CA SER A 962 -13.93 7.44 -6.77
C SER A 962 -14.45 6.73 -8.01
N VAL A 963 -14.75 7.49 -9.06
CA VAL A 963 -15.20 6.89 -10.31
C VAL A 963 -14.03 6.21 -11.01
N LEU A 964 -14.30 5.04 -11.59
CA LEU A 964 -13.23 4.22 -12.17
C LEU A 964 -12.74 4.77 -13.50
N ASN A 965 -13.64 5.34 -14.30
CA ASN A 965 -13.30 5.71 -15.68
C ASN A 965 -12.34 6.90 -15.74
N ASP A 966 -12.38 7.78 -14.75
CA ASP A 966 -11.47 8.91 -14.73
C ASP A 966 -10.06 8.53 -14.30
N ILE A 967 -9.89 7.39 -13.64
CA ILE A 967 -8.55 6.94 -13.27
C ILE A 967 -7.77 6.49 -14.50
N LEU A 968 -8.42 5.74 -15.39
CA LEU A 968 -7.75 5.26 -16.60
C LEU A 968 -7.51 6.39 -17.59
N SER A 969 -8.45 7.33 -17.69
CA SER A 969 -8.36 8.41 -18.66
C SER A 969 -7.38 9.51 -18.26
N ARG A 970 -6.89 9.50 -17.02
CA ARG A 970 -5.98 10.53 -16.54
C ARG A 970 -4.64 10.01 -16.04
N LEU A 971 -4.50 8.72 -15.80
CA LEU A 971 -3.25 8.13 -15.33
C LEU A 971 -2.76 7.09 -16.33
N ASP A 972 -1.44 6.95 -16.41
CA ASP A 972 -0.85 6.01 -17.36
C ASP A 972 -1.04 4.57 -16.87
N PRO A 973 -1.32 3.63 -17.77
CA PRO A 973 -1.56 2.22 -17.39
C PRO A 973 -0.38 1.52 -16.71
N PRO A 974 0.91 1.83 -17.00
CA PRO A 974 1.97 1.20 -16.19
C PRO A 974 1.97 1.54 -14.71
N GLU A 975 1.48 2.70 -14.30
CA GLU A 975 1.39 3.02 -12.87
C GLU A 975 -0.04 3.20 -12.38
N ALA A 976 -1.04 2.84 -13.19
CA ALA A 976 -2.42 2.92 -12.75
C ALA A 976 -2.80 1.79 -11.79
N GLU A 977 -2.03 0.71 -11.76
CA GLU A 977 -2.37 -0.47 -10.96
C GLU A 977 -2.34 -0.20 -9.46
N VAL A 978 -1.56 0.79 -9.01
CA VAL A 978 -1.59 1.17 -7.60
C VAL A 978 -2.90 1.85 -7.25
N GLN A 979 -3.40 2.71 -8.14
CA GLN A 979 -4.63 3.44 -7.88
C GLN A 979 -5.86 2.55 -8.02
N ILE A 980 -5.79 1.49 -8.83
CA ILE A 980 -6.90 0.56 -8.95
C ILE A 980 -7.09 -0.24 -7.67
N ASP A 981 -5.98 -0.75 -7.11
CA ASP A 981 -6.04 -1.65 -5.97
C ASP A 981 -6.49 -0.95 -4.68
N ARG A 982 -6.39 0.38 -4.61
CA ARG A 982 -6.97 1.10 -3.48
C ARG A 982 -8.49 1.03 -3.50
N LEU A 983 -9.09 1.06 -4.70
CA LEU A 983 -10.54 0.95 -4.81
C LEU A 983 -11.03 -0.48 -4.61
N ILE A 984 -10.21 -1.48 -4.95
CA ILE A 984 -10.63 -2.87 -4.82
C ILE A 984 -10.73 -3.28 -3.36
N THR A 985 -9.76 -2.87 -2.54
CA THR A 985 -9.75 -3.22 -1.12
C THR A 985 -10.90 -2.56 -0.38
N GLY A 986 -11.20 -1.30 -0.70
CA GLY A 986 -12.32 -0.62 -0.07
C GLY A 986 -13.67 -1.19 -0.47
N ARG A 987 -13.82 -1.56 -1.74
CA ARG A 987 -15.09 -2.08 -2.22
C ARG A 987 -15.32 -3.52 -1.79
N LEU A 988 -14.26 -4.32 -1.67
CA LEU A 988 -14.41 -5.69 -1.19
C LEU A 988 -14.71 -5.73 0.30
N GLN A 989 -14.20 -4.76 1.07
CA GLN A 989 -14.52 -4.69 2.48
C GLN A 989 -15.95 -4.25 2.71
N SER A 990 -16.52 -3.48 1.78
CA SER A 990 -17.94 -3.13 1.87
C SER A 990 -18.82 -4.35 1.63
N LEU A 991 -18.42 -5.23 0.71
CA LEU A 991 -19.16 -6.46 0.49
C LEU A 991 -18.97 -7.45 1.63
N GLN A 992 -17.76 -7.51 2.19
CA GLN A 992 -17.52 -8.40 3.32
C GLN A 992 -18.26 -7.95 4.57
N THR A 993 -18.48 -6.64 4.72
CA THR A 993 -19.30 -6.16 5.82
C THR A 993 -20.78 -6.44 5.56
N TYR A 994 -21.22 -6.28 4.30
CA TYR A 994 -22.63 -6.44 3.98
C TYR A 994 -23.08 -7.89 4.06
N VAL A 995 -22.24 -8.82 3.61
CA VAL A 995 -22.58 -10.24 3.67
C VAL A 995 -22.59 -10.74 5.10
N THR A 996 -21.63 -10.28 5.92
CA THR A 996 -21.59 -10.66 7.33
C THR A 996 -22.78 -10.10 8.11
N GLN A 997 -23.18 -8.87 7.81
CA GLN A 997 -24.37 -8.30 8.44
C GLN A 997 -25.65 -8.98 7.97
N GLN A 998 -25.68 -9.48 6.73
CA GLN A 998 -26.82 -10.21 6.25
C GLN A 998 -26.92 -11.59 6.90
N LEU A 999 -25.79 -12.23 7.19
CA LEU A 999 -25.81 -13.53 7.84
C LEU A 999 -26.19 -13.41 9.32
N ILE A 1000 -25.91 -12.28 9.94
CA ILE A 1000 -26.37 -12.04 11.31
C ILE A 1000 -27.89 -11.89 11.34
N ARG A 1001 -28.44 -11.08 10.42
CA ARG A 1001 -29.87 -10.88 10.35
C ARG A 1001 -30.61 -12.09 9.80
N ALA A 1002 -29.93 -12.97 9.08
CA ALA A 1002 -30.56 -14.21 8.65
C ALA A 1002 -30.83 -15.14 9.82
N ALA A 1003 -29.93 -15.17 10.80
CA ALA A 1003 -30.13 -16.01 11.97
C ALA A 1003 -31.20 -15.44 12.90
N GLU A 1004 -31.36 -14.12 12.91
CA GLU A 1004 -32.41 -13.50 13.71
C GLU A 1004 -33.78 -13.78 13.11
N ILE A 1005 -33.89 -13.72 11.79
CA ILE A 1005 -35.16 -13.97 11.11
C ILE A 1005 -35.53 -15.45 11.18
N ARG A 1006 -34.54 -16.34 11.00
CA ARG A 1006 -34.79 -17.78 11.07
C ARG A 1006 -35.15 -18.23 12.48
N ALA A 1007 -34.62 -17.56 13.51
CA ALA A 1007 -35.04 -17.84 14.87
C ALA A 1007 -36.50 -17.46 15.10
N SER A 1008 -36.93 -16.34 14.51
CA SER A 1008 -38.34 -15.98 14.56
C SER A 1008 -39.17 -16.87 13.64
N ALA A 1009 -38.59 -17.34 12.53
CA ALA A 1009 -39.31 -18.25 11.64
C ALA A 1009 -39.45 -19.63 12.26
N ASN A 1010 -38.43 -20.09 13.01
CA ASN A 1010 -38.56 -21.32 13.76
C ASN A 1010 -39.55 -21.16 14.91
N LEU A 1011 -39.63 -19.96 15.49
CA LEU A 1011 -40.65 -19.69 16.50
C LEU A 1011 -42.04 -19.67 15.89
N ALA A 1012 -42.18 -19.06 14.70
CA ALA A 1012 -43.49 -18.96 14.05
C ALA A 1012 -44.00 -20.32 13.57
N ALA A 1013 -43.09 -21.22 13.20
CA ALA A 1013 -43.50 -22.59 12.90
C ALA A 1013 -43.92 -23.33 14.16
N THR A 1014 -43.29 -23.02 15.29
CA THR A 1014 -43.69 -23.60 16.57
C THR A 1014 -45.03 -23.05 17.04
N LYS A 1015 -45.30 -21.76 16.79
CA LYS A 1015 -46.57 -21.16 17.20
C LYS A 1015 -47.74 -21.73 16.42
N MET A 1016 -47.60 -21.91 15.12
CA MET A 1016 -48.71 -22.45 14.33
C MET A 1016 -48.94 -23.93 14.60
N SER A 1017 -47.89 -24.65 14.99
CA SER A 1017 -48.05 -26.06 15.32
C SER A 1017 -48.71 -26.25 16.69
N GLU A 1018 -48.60 -25.27 17.58
CA GLU A 1018 -49.08 -25.43 18.95
C GLU A 1018 -50.28 -24.56 19.31
N CYS A 1019 -50.39 -23.36 18.74
CA CYS A 1019 -51.50 -22.47 19.05
C CYS A 1019 -52.65 -22.62 18.05
N VAL A 1020 -52.33 -22.83 16.77
CA VAL A 1020 -53.35 -22.96 15.73
C VAL A 1020 -53.80 -24.41 15.59
N LEU A 1021 -52.86 -25.35 15.54
CA LEU A 1021 -53.14 -26.75 15.30
C LEU A 1021 -53.44 -27.52 16.59
N GLY A 1022 -53.68 -26.83 17.69
CA GLY A 1022 -54.00 -27.50 18.93
C GLY A 1022 -54.14 -26.49 20.05
N GLN A 1023 -54.40 -27.00 21.24
CA GLN A 1023 -54.50 -26.20 22.45
C GLN A 1023 -53.24 -26.39 23.29
N SER A 1024 -52.60 -25.29 23.66
CA SER A 1024 -51.31 -25.31 24.34
C SER A 1024 -51.51 -25.19 25.84
N LYS A 1025 -50.88 -26.10 26.59
CA LYS A 1025 -50.89 -26.03 28.04
C LYS A 1025 -49.91 -24.98 28.57
N ARG A 1026 -48.96 -24.55 27.75
CA ARG A 1026 -47.95 -23.60 28.18
C ARG A 1026 -48.56 -22.22 28.40
N VAL A 1027 -48.10 -21.54 29.45
CA VAL A 1027 -48.61 -20.24 29.85
C VAL A 1027 -47.84 -19.16 29.10
N ASP A 1028 -48.58 -18.18 28.57
CA ASP A 1028 -48.06 -17.01 27.85
C ASP A 1028 -47.26 -17.41 26.61
N PHE A 1029 -47.67 -18.50 25.95
CA PHE A 1029 -47.13 -18.86 24.65
C PHE A 1029 -48.11 -18.58 23.52
N CYS A 1030 -49.40 -18.57 23.80
CA CYS A 1030 -50.45 -18.24 22.83
C CYS A 1030 -51.32 -17.12 23.39
N GLY A 1031 -50.69 -16.05 23.86
CA GLY A 1031 -51.39 -14.91 24.39
C GLY A 1031 -51.44 -14.91 25.91
N LYS A 1032 -51.95 -13.81 26.44
CA LYS A 1032 -52.08 -13.63 27.89
C LYS A 1032 -53.43 -14.17 28.34
N GLY A 1033 -53.41 -15.16 29.23
CA GLY A 1033 -54.60 -15.81 29.72
C GLY A 1033 -54.63 -17.27 29.34
N TYR A 1034 -55.75 -17.92 29.66
CA TYR A 1034 -55.94 -19.32 29.34
C TYR A 1034 -56.25 -19.44 27.85
N HIS A 1035 -55.41 -20.18 27.13
CA HIS A 1035 -55.51 -20.27 25.68
C HIS A 1035 -56.64 -21.22 25.28
N LEU A 1036 -57.49 -20.75 24.36
CA LEU A 1036 -58.54 -21.58 23.78
C LEU A 1036 -58.20 -21.97 22.35
N MET A 1037 -57.99 -20.99 21.47
CA MET A 1037 -57.62 -21.24 20.08
C MET A 1037 -56.96 -19.98 19.53
N SER A 1038 -56.43 -20.09 18.32
CA SER A 1038 -55.83 -18.94 17.66
C SER A 1038 -55.97 -19.10 16.15
N PHE A 1039 -55.91 -17.97 15.45
CA PHE A 1039 -56.12 -17.93 14.02
C PHE A 1039 -54.93 -17.26 13.33
N PRO A 1040 -54.39 -17.85 12.27
CA PRO A 1040 -53.30 -17.20 11.55
C PRO A 1040 -53.81 -16.15 10.58
N GLN A 1041 -52.95 -15.17 10.30
CA GLN A 1041 -53.22 -14.13 9.32
C GLN A 1041 -51.95 -13.89 8.52
N SER A 1042 -52.04 -13.98 7.20
CA SER A 1042 -50.88 -13.77 6.35
C SER A 1042 -50.51 -12.29 6.30
N ALA A 1043 -49.22 -12.02 6.36
CA ALA A 1043 -48.67 -10.67 6.38
C ALA A 1043 -47.49 -10.61 5.41
N PRO A 1044 -47.18 -9.42 4.87
CA PRO A 1044 -45.97 -9.28 4.04
C PRO A 1044 -44.69 -9.48 4.85
N HIS A 1045 -43.97 -10.57 4.52
CA HIS A 1045 -42.75 -11.00 5.22
C HIS A 1045 -42.99 -11.21 6.71
N GLY A 1046 -44.13 -11.82 7.05
CA GLY A 1046 -44.45 -12.06 8.44
C GLY A 1046 -45.75 -12.83 8.57
N VAL A 1047 -46.11 -13.11 9.82
CA VAL A 1047 -47.35 -13.81 10.15
C VAL A 1047 -47.97 -13.14 11.36
N VAL A 1048 -49.30 -13.00 11.34
CA VAL A 1048 -50.05 -12.37 12.42
C VAL A 1048 -50.94 -13.43 13.07
N PHE A 1049 -50.81 -13.59 14.38
CA PHE A 1049 -51.59 -14.55 15.15
C PHE A 1049 -52.65 -13.82 15.95
N LEU A 1050 -53.89 -14.30 15.88
CA LEU A 1050 -55.01 -13.75 16.64
C LEU A 1050 -55.32 -14.74 17.76
N HIS A 1051 -54.67 -14.55 18.91
CA HIS A 1051 -54.77 -15.48 20.02
C HIS A 1051 -56.05 -15.21 20.81
N VAL A 1052 -57.00 -16.14 20.74
CA VAL A 1052 -58.21 -16.05 21.53
C VAL A 1052 -57.93 -16.66 22.90
N THR A 1053 -58.10 -15.87 23.96
CA THR A 1053 -57.74 -16.27 25.31
C THR A 1053 -58.95 -16.19 26.24
N TYR A 1054 -58.84 -16.89 27.35
CA TYR A 1054 -59.86 -16.92 28.40
C TYR A 1054 -59.35 -16.14 29.60
N VAL A 1055 -60.03 -15.05 29.94
CA VAL A 1055 -59.62 -14.15 31.01
C VAL A 1055 -60.76 -14.06 32.02
N PRO A 1056 -60.54 -14.42 33.29
CA PRO A 1056 -61.57 -14.20 34.31
C PRO A 1056 -61.82 -12.72 34.57
N ALA A 1057 -63.07 -12.41 34.94
CA ALA A 1057 -63.49 -11.02 35.05
C ALA A 1057 -63.86 -10.62 36.47
N GLN A 1058 -64.82 -11.29 37.11
CA GLN A 1058 -65.44 -10.80 38.34
C GLN A 1058 -65.33 -11.86 39.44
N GLU A 1059 -64.54 -11.58 40.46
CA GLU A 1059 -64.40 -12.44 41.63
C GLU A 1059 -64.84 -11.69 42.87
N LYS A 1060 -65.08 -12.44 43.95
CA LYS A 1060 -65.53 -11.84 45.21
C LYS A 1060 -65.04 -12.70 46.37
N ASN A 1061 -65.51 -12.38 47.57
CA ASN A 1061 -65.01 -13.00 48.79
C ASN A 1061 -65.54 -14.43 48.94
N PHE A 1062 -64.69 -15.30 49.47
CA PHE A 1062 -65.08 -16.68 49.77
C PHE A 1062 -64.26 -17.18 50.95
N THR A 1063 -64.80 -18.18 51.64
CA THR A 1063 -64.12 -18.84 52.75
C THR A 1063 -63.95 -20.32 52.40
N THR A 1064 -62.70 -20.81 52.49
CA THR A 1064 -62.38 -22.15 52.05
C THR A 1064 -61.81 -22.98 53.19
N ALA A 1065 -61.89 -24.30 53.03
CA ALA A 1065 -61.31 -25.27 53.94
C ALA A 1065 -60.70 -26.39 53.10
N PRO A 1066 -59.56 -26.96 53.54
CA PRO A 1066 -58.94 -28.04 52.77
C PRO A 1066 -59.78 -29.31 52.66
N ALA A 1067 -60.55 -29.64 53.68
CA ALA A 1067 -61.38 -30.85 53.67
C ALA A 1067 -62.52 -30.66 54.66
N ILE A 1068 -63.42 -31.63 54.69
CA ILE A 1068 -64.58 -31.63 55.58
C ILE A 1068 -64.62 -32.95 56.32
N CYS A 1069 -64.62 -32.89 57.64
CA CYS A 1069 -64.69 -34.10 58.47
C CYS A 1069 -66.12 -34.61 58.54
N HIS A 1070 -66.25 -35.88 58.92
CA HIS A 1070 -67.54 -36.57 58.95
C HIS A 1070 -67.47 -37.59 60.08
N ASP A 1071 -68.35 -38.59 60.04
CA ASP A 1071 -68.40 -39.61 61.10
C ASP A 1071 -67.21 -40.55 60.96
N GLY A 1072 -66.07 -40.09 61.48
CA GLY A 1072 -64.84 -40.84 61.39
C GLY A 1072 -64.14 -40.79 60.04
N LYS A 1073 -64.57 -39.90 59.15
CA LYS A 1073 -64.05 -39.84 57.79
C LYS A 1073 -63.71 -38.41 57.43
N ALA A 1074 -62.75 -38.26 56.52
CA ALA A 1074 -62.38 -36.96 55.95
C ALA A 1074 -62.66 -36.98 54.46
N HIS A 1075 -63.34 -35.95 53.97
CA HIS A 1075 -63.79 -35.88 52.59
C HIS A 1075 -62.99 -34.82 51.85
N PHE A 1076 -62.37 -35.23 50.74
CA PHE A 1076 -61.61 -34.35 49.85
C PHE A 1076 -62.32 -34.25 48.51
N PRO A 1077 -62.34 -33.06 47.89
CA PRO A 1077 -62.97 -32.94 46.58
C PRO A 1077 -62.17 -33.62 45.48
N ARG A 1078 -62.88 -34.10 44.46
CA ARG A 1078 -62.23 -34.78 43.34
C ARG A 1078 -61.58 -33.79 42.40
N GLU A 1079 -62.38 -32.91 41.79
CA GLU A 1079 -61.87 -31.88 40.88
C GLU A 1079 -62.40 -30.50 41.26
N GLY A 1080 -62.81 -30.30 42.51
CA GLY A 1080 -63.36 -29.03 42.93
C GLY A 1080 -62.68 -28.42 44.13
N VAL A 1081 -63.29 -27.41 44.72
CA VAL A 1081 -62.77 -26.73 45.90
C VAL A 1081 -63.93 -26.44 46.85
N PHE A 1082 -63.70 -26.64 48.15
CA PHE A 1082 -64.72 -26.37 49.15
C PHE A 1082 -64.75 -24.87 49.45
N VAL A 1083 -65.92 -24.25 49.28
CA VAL A 1083 -66.09 -22.83 49.53
C VAL A 1083 -67.32 -22.61 50.40
N SER A 1084 -67.34 -21.48 51.08
CA SER A 1084 -68.46 -21.10 51.93
C SER A 1084 -68.82 -19.65 51.68
N ASN A 1085 -70.12 -19.35 51.68
CA ASN A 1085 -70.63 -18.00 51.51
C ASN A 1085 -71.01 -17.35 52.84
N GLY A 1086 -70.61 -17.96 53.95
CA GLY A 1086 -70.90 -17.41 55.27
C GLY A 1086 -71.62 -18.37 56.18
N THR A 1087 -72.60 -19.09 55.65
CA THR A 1087 -73.39 -20.04 56.42
C THR A 1087 -73.25 -21.47 55.93
N HIS A 1088 -73.38 -21.68 54.63
CA HIS A 1088 -73.36 -23.02 54.04
C HIS A 1088 -72.08 -23.23 53.24
N TRP A 1089 -71.65 -24.49 53.20
CA TRP A 1089 -70.46 -24.90 52.46
C TRP A 1089 -70.87 -25.53 51.14
N PHE A 1090 -70.09 -25.25 50.09
CA PHE A 1090 -70.39 -25.74 48.75
C PHE A 1090 -69.10 -26.15 48.06
N VAL A 1091 -69.25 -26.93 47.00
CA VAL A 1091 -68.14 -27.38 46.17
C VAL A 1091 -68.35 -26.87 44.74
N THR A 1092 -67.29 -26.32 44.16
CA THR A 1092 -67.35 -25.76 42.81
C THR A 1092 -65.99 -25.86 42.16
N GLN A 1093 -65.97 -25.67 40.84
CA GLN A 1093 -64.71 -25.65 40.12
C GLN A 1093 -63.96 -24.35 40.40
N ARG A 1094 -62.67 -24.34 40.05
CA ARG A 1094 -61.80 -23.22 40.39
C ARG A 1094 -61.84 -22.08 39.38
N ASN A 1095 -62.12 -22.37 38.11
CA ASN A 1095 -62.09 -21.34 37.08
C ASN A 1095 -63.44 -20.64 36.89
N PHE A 1096 -64.49 -21.12 37.55
CA PHE A 1096 -65.82 -20.52 37.42
C PHE A 1096 -66.60 -20.85 38.67
N TYR A 1097 -67.52 -19.95 39.05
CA TYR A 1097 -68.36 -20.15 40.23
C TYR A 1097 -69.61 -20.90 39.82
N GLU A 1098 -69.74 -22.13 40.31
CA GLU A 1098 -70.93 -22.96 40.07
C GLU A 1098 -71.06 -23.91 41.24
N PRO A 1099 -71.69 -23.47 42.34
CA PRO A 1099 -71.71 -24.29 43.55
C PRO A 1099 -72.65 -25.49 43.43
N GLN A 1100 -72.28 -26.56 44.14
CA GLN A 1100 -73.07 -27.78 44.18
C GLN A 1100 -73.13 -28.29 45.61
N ILE A 1101 -74.09 -29.17 45.87
CA ILE A 1101 -74.20 -29.81 47.18
C ILE A 1101 -73.09 -30.83 47.33
N ILE A 1102 -72.38 -30.78 48.45
CA ILE A 1102 -71.27 -31.69 48.71
C ILE A 1102 -71.83 -33.08 49.01
N THR A 1103 -71.68 -33.98 48.05
CA THR A 1103 -72.19 -35.34 48.15
C THR A 1103 -71.01 -36.33 48.12
N THR A 1104 -71.35 -37.62 48.13
CA THR A 1104 -70.33 -38.67 48.04
C THR A 1104 -69.88 -38.94 46.62
N ASP A 1105 -70.59 -38.42 45.62
CA ASP A 1105 -70.19 -38.66 44.23
C ASP A 1105 -68.97 -37.83 43.84
N ASN A 1106 -68.91 -36.58 44.29
CA ASN A 1106 -67.82 -35.68 43.94
C ASN A 1106 -66.78 -35.55 45.05
N THR A 1107 -66.84 -36.41 46.07
CA THR A 1107 -65.85 -36.42 47.14
C THR A 1107 -65.38 -37.85 47.37
N PHE A 1108 -64.14 -37.98 47.83
CA PHE A 1108 -63.57 -39.28 48.15
C PHE A 1108 -63.02 -39.26 49.58
N VAL A 1109 -63.14 -40.40 50.25
CA VAL A 1109 -62.79 -40.53 51.66
C VAL A 1109 -61.35 -41.00 51.77
N SER A 1110 -60.53 -40.27 52.54
CA SER A 1110 -59.14 -40.63 52.79
C SER A 1110 -58.82 -40.33 54.25
N GLY A 1111 -58.97 -41.34 55.11
CA GLY A 1111 -58.60 -41.22 56.50
C GLY A 1111 -59.59 -40.44 57.34
N ASN A 1112 -59.21 -40.23 58.59
CA ASN A 1112 -60.00 -39.50 59.57
C ASN A 1112 -59.61 -38.02 59.57
N CYS A 1113 -60.13 -37.27 60.54
CA CYS A 1113 -60.05 -35.82 60.54
C CYS A 1113 -59.32 -35.27 61.75
N ASP A 1114 -58.19 -35.89 62.10
CA ASP A 1114 -57.31 -35.36 63.14
C ASP A 1114 -55.91 -35.05 62.64
N VAL A 1115 -55.63 -35.26 61.35
CA VAL A 1115 -54.32 -35.01 60.78
C VAL A 1115 -54.33 -33.76 59.90
N VAL A 1116 -55.38 -33.56 59.11
CA VAL A 1116 -55.45 -32.43 58.20
C VAL A 1116 -55.70 -31.16 59.00
N ILE A 1117 -54.83 -30.17 58.81
CA ILE A 1117 -54.91 -28.91 59.55
C ILE A 1117 -55.88 -27.98 58.82
N GLY A 1118 -56.85 -27.46 59.56
CA GLY A 1118 -57.84 -26.57 58.99
C GLY A 1118 -59.12 -27.22 58.52
N ILE A 1119 -59.36 -28.48 58.87
CA ILE A 1119 -60.56 -29.18 58.46
C ILE A 1119 -61.75 -28.67 59.27
N VAL A 1120 -62.90 -28.56 58.61
CA VAL A 1120 -64.11 -28.05 59.24
C VAL A 1120 -65.12 -29.19 59.37
N ASN A 1121 -66.23 -28.90 60.05
CA ASN A 1121 -67.28 -29.88 60.32
C ASN A 1121 -68.51 -29.53 59.48
N ASN A 1122 -68.90 -30.45 58.60
CA ASN A 1122 -70.13 -30.30 57.83
C ASN A 1122 -70.62 -31.69 57.43
N THR A 1123 -71.91 -31.78 57.16
CA THR A 1123 -72.50 -33.04 56.71
C THR A 1123 -72.27 -33.23 55.21
N VAL A 1124 -72.31 -34.49 54.80
CA VAL A 1124 -72.19 -34.87 53.39
C VAL A 1124 -73.46 -35.60 53.01
N TYR A 1125 -74.18 -35.08 52.02
CA TYR A 1125 -75.48 -35.62 51.65
C TYR A 1125 -75.30 -36.90 50.84
N ASP A 1126 -75.84 -38.00 51.36
CA ASP A 1126 -75.82 -39.26 50.64
C ASP A 1126 -76.97 -39.29 49.64
N PRO A 1127 -76.70 -39.44 48.35
CA PRO A 1127 -77.79 -39.51 47.36
C PRO A 1127 -78.47 -40.87 47.29
N LEU A 1128 -78.10 -41.82 48.14
CA LEU A 1128 -78.71 -43.14 48.17
C LEU A 1128 -79.51 -43.39 49.45
N GLN A 1129 -79.27 -42.60 50.50
CA GLN A 1129 -80.01 -42.76 51.77
C GLN A 1129 -81.51 -42.50 51.67
N PRO A 1130 -82.05 -41.47 50.99
CA PRO A 1130 -83.52 -41.39 50.87
C PRO A 1130 -84.15 -42.51 50.06
N GLU A 1131 -83.39 -43.16 49.18
CA GLU A 1131 -83.94 -44.30 48.45
C GLU A 1131 -84.04 -45.54 49.34
N LEU A 1132 -83.19 -45.64 50.36
CA LEU A 1132 -83.26 -46.76 51.30
C LEU A 1132 -84.47 -46.64 52.22
N ASP A 1133 -84.83 -45.41 52.61
CA ASP A 1133 -85.93 -45.20 53.54
C ASP A 1133 -87.30 -45.29 52.89
N SER A 1134 -87.37 -45.39 51.56
CA SER A 1134 -88.64 -45.50 50.86
C SER A 1134 -89.23 -46.89 51.01
N GLU B 1 68.85 31.11 -7.99
CA GLU B 1 68.37 30.91 -6.63
C GLU B 1 66.96 31.46 -6.48
N ILE B 2 66.85 32.79 -6.51
CA ILE B 2 65.57 33.49 -6.43
C ILE B 2 65.48 34.44 -7.61
N VAL B 3 64.40 34.35 -8.38
CA VAL B 3 64.23 35.12 -9.60
C VAL B 3 63.15 36.17 -9.37
N LEU B 4 63.50 37.43 -9.63
CA LEU B 4 62.54 38.54 -9.58
C LEU B 4 62.24 38.97 -11.02
N THR B 5 60.99 38.80 -11.44
CA THR B 5 60.54 39.26 -12.74
C THR B 5 59.75 40.55 -12.56
N GLN B 6 60.18 41.61 -13.24
CA GLN B 6 59.61 42.95 -13.08
C GLN B 6 59.03 43.40 -14.41
N SER B 7 57.76 43.01 -14.66
CA SER B 7 56.87 43.44 -15.74
C SER B 7 57.31 43.00 -17.13
N PRO B 8 56.39 42.92 -18.10
CA PRO B 8 56.79 42.70 -19.49
C PRO B 8 57.20 43.97 -20.24
N ALA B 9 57.44 45.07 -19.52
CA ALA B 9 57.91 46.36 -20.06
C ALA B 9 56.95 46.94 -21.10
N THR B 10 55.65 46.69 -20.93
CA THR B 10 54.62 47.25 -21.79
C THR B 10 53.71 48.22 -21.05
N LEU B 11 54.02 48.55 -19.80
CA LEU B 11 53.21 49.44 -18.99
C LEU B 11 53.65 50.90 -19.11
N SER B 12 54.65 51.20 -19.94
CA SER B 12 55.09 52.57 -20.14
C SER B 12 54.08 53.32 -20.98
N LEU B 13 53.05 53.87 -20.33
CA LEU B 13 51.94 54.52 -21.01
C LEU B 13 51.62 55.81 -20.28
N SER B 14 50.47 56.40 -20.61
CA SER B 14 50.00 57.60 -19.95
C SER B 14 49.69 57.30 -18.48
N PRO B 15 49.94 58.28 -17.59
CA PRO B 15 49.70 58.04 -16.15
C PRO B 15 48.24 57.96 -15.73
N GLY B 16 47.29 58.09 -16.66
CA GLY B 16 45.90 57.93 -16.32
C GLY B 16 45.53 56.48 -16.07
N GLU B 17 44.30 56.30 -15.59
CA GLU B 17 43.62 55.02 -15.30
C GLU B 17 44.31 54.21 -14.20
N ARG B 18 45.23 54.82 -13.44
CA ARG B 18 45.84 54.28 -12.22
C ARG B 18 46.55 52.95 -12.48
N ALA B 19 47.61 53.04 -13.28
CA ALA B 19 48.40 51.87 -13.66
C ALA B 19 49.15 51.32 -12.45
N THR B 20 49.23 49.99 -12.37
CA THR B 20 49.86 49.30 -11.25
C THR B 20 51.18 48.68 -11.71
N LEU B 21 51.83 47.95 -10.79
CA LEU B 21 53.10 47.29 -11.06
C LEU B 21 52.90 45.78 -11.06
N SER B 22 53.36 45.12 -12.12
CA SER B 22 53.25 43.67 -12.23
C SER B 22 54.58 42.99 -11.89
N CYS B 23 55.01 43.15 -10.64
CA CYS B 23 56.15 42.40 -10.14
C CYS B 23 55.70 40.99 -9.77
N ARG B 24 56.28 39.99 -10.41
CA ARG B 24 55.91 38.60 -10.21
C ARG B 24 57.12 37.79 -9.79
N ALA B 25 56.92 36.89 -8.81
CA ALA B 25 57.95 35.97 -8.39
C ALA B 25 57.25 34.72 -7.86
N SER B 26 57.12 33.70 -8.71
CA SER B 26 56.32 32.52 -8.39
C SER B 26 57.18 31.49 -7.66
N GLN B 27 57.48 31.79 -6.40
CA GLN B 27 58.20 30.87 -5.53
C GLN B 27 57.77 31.15 -4.08
N SER B 28 58.47 30.53 -3.14
CA SER B 28 58.10 30.60 -1.73
C SER B 28 58.46 31.97 -1.15
N PHE B 29 57.53 32.53 -0.37
CA PHE B 29 57.74 33.80 0.31
C PHE B 29 56.98 33.79 1.63
N HIS B 30 57.39 34.69 2.51
CA HIS B 30 56.72 34.89 3.80
C HIS B 30 55.99 36.23 3.86
N ASN B 31 55.64 36.79 2.69
CA ASN B 31 54.96 38.08 2.54
C ASN B 31 55.73 39.22 3.23
N TYR B 32 57.04 39.21 3.09
CA TYR B 32 57.91 40.23 3.64
C TYR B 32 58.56 40.97 2.47
N LEU B 33 57.88 42.01 2.00
CA LEU B 33 58.31 42.76 0.83
C LEU B 33 58.36 44.25 1.15
N ALA B 34 59.30 44.93 0.52
CA ALA B 34 59.44 46.37 0.64
C ALA B 34 59.63 46.97 -0.75
N TRP B 35 59.19 48.21 -0.91
CA TRP B 35 59.22 48.89 -2.21
C TRP B 35 59.94 50.22 -2.08
N TYR B 36 60.59 50.62 -3.18
CA TYR B 36 61.44 51.79 -3.21
C TYR B 36 61.01 52.74 -4.34
N GLN B 37 61.17 54.03 -4.08
CA GLN B 37 60.90 55.08 -5.07
C GLN B 37 62.20 55.77 -5.40
N GLN B 38 62.56 55.78 -6.69
CA GLN B 38 63.78 56.45 -7.12
C GLN B 38 63.45 57.45 -8.23
N LYS B 39 63.94 58.67 -8.06
CA LYS B 39 64.09 59.67 -9.10
C LYS B 39 65.54 59.73 -9.53
N PRO B 40 65.84 60.00 -10.80
CA PRO B 40 67.24 60.18 -11.22
C PRO B 40 67.89 61.35 -10.49
N GLY B 41 69.10 61.11 -9.99
CA GLY B 41 69.79 62.08 -9.16
C GLY B 41 69.38 62.10 -7.72
N ARG B 42 68.55 61.14 -7.29
CA ARG B 42 68.04 61.10 -5.92
C ARG B 42 68.18 59.70 -5.35
N ALA B 43 68.63 59.62 -4.10
CA ALA B 43 68.74 58.33 -3.42
C ALA B 43 67.36 57.79 -3.09
N PRO B 44 67.10 56.50 -3.30
CA PRO B 44 65.77 55.95 -3.02
C PRO B 44 65.52 55.74 -1.54
N ARG B 45 64.23 55.66 -1.20
CA ARG B 45 63.78 55.47 0.16
C ARG B 45 62.67 54.42 0.19
N LEU B 46 62.32 53.99 1.39
CA LEU B 46 61.33 52.94 1.57
C LEU B 46 59.92 53.46 1.35
N LEU B 47 59.00 52.53 1.09
CA LEU B 47 57.58 52.83 0.99
C LEU B 47 56.75 52.11 2.04
N ILE B 48 56.90 50.78 2.14
CA ILE B 48 56.16 49.98 3.10
C ILE B 48 57.15 49.37 4.09
N PHE B 49 56.70 49.15 5.32
CA PHE B 49 57.59 48.68 6.36
C PHE B 49 57.46 47.20 6.69
N ASP B 50 56.27 46.62 6.64
CA ASP B 50 56.16 45.16 6.70
C ASP B 50 55.57 44.57 5.43
N ALA B 51 54.31 44.88 5.12
CA ALA B 51 53.59 44.40 3.94
C ALA B 51 52.30 45.18 3.77
N SER B 52 52.11 45.81 2.59
CA SER B 52 50.88 46.50 2.20
C SER B 52 50.47 47.61 3.17
N ASN B 53 51.44 48.23 3.82
CA ASN B 53 51.17 49.17 4.91
C ASN B 53 52.13 50.36 4.88
N ARG B 54 51.56 51.55 4.83
CA ARG B 54 52.37 52.77 4.68
C ARG B 54 53.08 53.11 5.97
N ALA B 55 54.36 53.46 5.86
CA ALA B 55 55.17 53.84 7.01
C ALA B 55 54.94 55.31 7.35
N THR B 56 55.70 55.80 8.32
CA THR B 56 55.60 57.20 8.72
C THR B 56 56.29 58.09 7.69
N GLY B 57 55.63 59.19 7.35
CA GLY B 57 56.15 60.14 6.38
C GLY B 57 55.55 60.03 4.99
N ILE B 58 54.67 59.07 4.76
CA ILE B 58 54.01 58.92 3.45
C ILE B 58 52.50 58.82 3.70
N PRO B 59 51.67 59.43 2.85
CA PRO B 59 50.22 59.25 2.98
C PRO B 59 49.73 57.94 2.37
N ALA B 60 48.41 57.80 2.26
CA ALA B 60 47.78 56.57 1.81
C ALA B 60 47.65 56.50 0.28
N ARG B 61 48.49 57.22 -0.47
CA ARG B 61 48.46 57.13 -1.93
C ARG B 61 48.93 55.77 -2.42
N PHE B 62 49.78 55.09 -1.68
CA PHE B 62 50.25 53.76 -2.02
C PHE B 62 49.70 52.75 -1.03
N SER B 63 49.07 51.70 -1.54
CA SER B 63 48.50 50.63 -0.71
C SER B 63 48.74 49.31 -1.42
N GLY B 64 49.58 48.46 -0.85
CA GLY B 64 49.92 47.21 -1.47
C GLY B 64 48.81 46.17 -1.38
N SER B 65 48.95 45.12 -2.19
CA SER B 65 48.00 44.02 -2.22
C SER B 65 48.69 42.80 -2.80
N GLY B 66 48.46 41.64 -2.18
CA GLY B 66 49.01 40.40 -2.66
C GLY B 66 49.90 39.69 -1.66
N SER B 67 50.03 38.38 -1.81
CA SER B 67 50.85 37.58 -0.90
C SER B 67 51.28 36.31 -1.60
N GLY B 68 52.31 35.68 -1.05
CA GLY B 68 52.76 34.38 -1.54
C GLY B 68 53.61 34.44 -2.79
N THR B 69 52.99 34.72 -3.93
CA THR B 69 53.69 34.73 -5.21
C THR B 69 53.51 36.02 -6.01
N ASP B 70 52.48 36.82 -5.74
CA ASP B 70 52.21 38.03 -6.51
C ASP B 70 51.99 39.19 -5.55
N PHE B 71 52.32 40.40 -6.02
CA PHE B 71 52.16 41.59 -5.21
C PHE B 71 51.97 42.79 -6.13
N THR B 72 51.09 43.71 -5.76
CA THR B 72 50.75 44.86 -6.60
C THR B 72 50.37 46.02 -5.70
N LEU B 73 49.78 47.06 -6.29
CA LEU B 73 49.35 48.23 -5.54
C LEU B 73 48.17 48.88 -6.25
N THR B 74 47.53 49.83 -5.56
CA THR B 74 46.56 50.73 -6.15
C THR B 74 46.96 52.16 -5.81
N ILE B 75 47.30 52.94 -6.82
CA ILE B 75 47.64 54.35 -6.60
C ILE B 75 46.35 55.16 -6.54
N SER B 76 46.33 56.17 -5.67
CA SER B 76 45.11 56.91 -5.38
C SER B 76 44.95 58.17 -6.22
N SER B 77 45.97 59.04 -6.27
CA SER B 77 45.86 60.33 -6.91
C SER B 77 47.06 60.59 -7.81
N LEU B 78 46.80 61.28 -8.93
CA LEU B 78 47.88 61.71 -9.81
C LEU B 78 48.66 62.85 -9.16
N GLU B 79 49.95 62.91 -9.48
CA GLU B 79 50.88 63.77 -8.78
C GLU B 79 52.10 63.98 -9.67
N PRO B 80 52.79 65.12 -9.53
CA PRO B 80 54.11 65.25 -10.19
C PRO B 80 55.14 64.25 -9.72
N GLU B 81 55.01 63.71 -8.51
CA GLU B 81 55.90 62.66 -8.05
C GLU B 81 55.58 61.28 -8.63
N ASP B 82 54.46 61.15 -9.35
CA ASP B 82 54.13 59.88 -9.99
C ASP B 82 55.00 59.59 -11.21
N PHE B 83 55.62 60.63 -11.79
CA PHE B 83 56.52 60.44 -12.93
C PHE B 83 57.92 60.10 -12.42
N ALA B 84 58.05 58.87 -11.93
CA ALA B 84 59.31 58.40 -11.36
C ALA B 84 59.38 56.88 -11.53
N VAL B 85 60.41 56.27 -10.94
CA VAL B 85 60.72 54.87 -11.13
C VAL B 85 60.52 54.13 -9.81
N TYR B 86 59.72 53.08 -9.84
CA TYR B 86 59.47 52.22 -8.68
C TYR B 86 60.36 50.98 -8.73
N TYR B 87 60.73 50.51 -7.54
CA TYR B 87 61.54 49.31 -7.38
C TYR B 87 60.81 48.26 -6.55
N CYS B 88 61.07 47.00 -6.86
CA CYS B 88 60.52 45.86 -6.13
C CYS B 88 61.64 45.13 -5.42
N GLN B 89 61.49 44.94 -4.10
CA GLN B 89 62.55 44.40 -3.26
C GLN B 89 61.98 43.35 -2.32
N GLN B 90 62.76 42.29 -2.07
CA GLN B 90 62.41 41.24 -1.14
C GLN B 90 63.46 41.16 -0.04
N ARG B 91 63.06 40.65 1.12
CA ARG B 91 63.88 40.75 2.33
C ARG B 91 64.55 39.45 2.75
N PHE B 92 63.94 38.30 2.48
CA PHE B 92 64.56 37.03 2.83
C PHE B 92 65.54 36.62 1.73
N ASN B 93 66.02 35.36 1.80
CA ASN B 93 66.95 34.77 0.83
C ASN B 93 68.24 35.59 0.72
N TRP B 94 69.00 35.54 1.82
CA TRP B 94 70.13 36.41 2.18
C TRP B 94 71.21 36.69 1.13
N PRO B 95 71.40 35.85 0.09
CA PRO B 95 72.07 36.37 -1.12
C PRO B 95 71.47 37.67 -1.66
N LEU B 96 70.13 37.81 -1.60
CA LEU B 96 69.44 39.11 -1.66
C LEU B 96 69.58 39.81 -3.00
N THR B 97 69.26 39.11 -4.08
CA THR B 97 69.11 39.77 -5.36
C THR B 97 67.81 40.59 -5.37
N PHE B 98 67.86 41.73 -6.05
CA PHE B 98 66.78 42.70 -6.01
C PHE B 98 66.14 42.83 -7.38
N GLY B 99 65.17 43.75 -7.48
CA GLY B 99 64.48 44.00 -8.73
C GLY B 99 65.23 44.95 -9.63
N GLY B 100 64.57 45.31 -10.74
CA GLY B 100 65.17 46.19 -11.71
C GLY B 100 64.35 47.44 -12.00
N GLY B 101 63.06 47.39 -11.74
CA GLY B 101 62.19 48.52 -12.01
C GLY B 101 61.77 48.59 -13.47
N THR B 102 61.08 49.69 -13.80
CA THR B 102 60.57 49.88 -15.16
C THR B 102 60.45 51.37 -15.44
N LYS B 103 60.31 51.68 -16.73
CA LYS B 103 60.20 53.05 -17.21
C LYS B 103 58.73 53.40 -17.48
N VAL B 104 58.45 54.70 -17.47
CA VAL B 104 57.13 55.23 -17.81
C VAL B 104 57.31 56.22 -18.94
N GLU B 105 56.60 55.98 -20.05
CA GLU B 105 56.64 56.85 -21.22
C GLU B 105 55.31 57.60 -21.30
N ILE B 106 55.38 58.93 -21.10
CA ILE B 106 54.16 59.72 -20.96
C ILE B 106 53.51 59.94 -22.31
N LYS B 107 52.23 59.60 -22.40
CA LYS B 107 51.42 59.91 -23.58
C LYS B 107 50.17 60.68 -23.17
N GLU C 1 69.15 56.27 15.04
CA GLU C 1 69.71 57.51 14.53
C GLU C 1 68.92 58.00 13.31
N VAL C 2 68.73 59.32 13.23
CA VAL C 2 67.98 59.89 12.11
C VAL C 2 68.91 60.30 10.96
N GLN C 3 70.20 60.46 11.22
CA GLN C 3 71.16 60.89 10.21
C GLN C 3 72.26 59.85 10.05
N LEU C 4 73.11 60.07 9.04
CA LEU C 4 74.27 59.21 8.81
C LEU C 4 75.35 60.06 8.16
N LEU C 5 76.61 59.72 8.47
CA LEU C 5 77.74 60.46 7.93
C LEU C 5 77.94 60.07 6.46
N GLU C 6 78.11 61.10 5.62
CA GLU C 6 78.26 60.88 4.18
C GLU C 6 79.64 60.33 3.88
N SER C 7 79.69 59.29 3.05
CA SER C 7 80.95 58.64 2.70
C SER C 7 81.68 59.44 1.63
N GLY C 8 82.75 58.85 1.10
CA GLY C 8 83.51 59.45 0.02
C GLY C 8 83.61 58.55 -1.19
N GLY C 9 84.32 59.00 -2.22
CA GLY C 9 84.48 58.23 -3.44
C GLY C 9 85.94 58.09 -3.82
N GLY C 10 86.17 57.40 -4.92
CA GLY C 10 87.53 57.18 -5.40
C GLY C 10 87.55 57.04 -6.91
N LEU C 11 88.72 57.33 -7.47
CA LEU C 11 88.94 57.18 -8.91
C LEU C 11 90.09 56.22 -9.18
N VAL C 12 90.07 55.07 -8.51
CA VAL C 12 91.17 54.11 -8.59
C VAL C 12 91.14 53.41 -9.95
N GLN C 13 92.31 53.28 -10.57
CA GLN C 13 92.47 52.55 -11.81
C GLN C 13 92.19 51.07 -11.60
N PRO C 14 91.78 50.34 -12.65
CA PRO C 14 91.55 48.89 -12.52
C PRO C 14 92.81 48.13 -12.15
N GLY C 15 92.62 47.07 -11.37
CA GLY C 15 93.71 46.31 -10.80
C GLY C 15 94.16 46.77 -9.43
N GLY C 16 93.60 47.86 -8.92
CA GLY C 16 93.94 48.41 -7.62
C GLY C 16 92.96 48.03 -6.54
N SER C 17 92.85 48.88 -5.52
CA SER C 17 91.97 48.65 -4.40
C SER C 17 91.30 49.95 -3.98
N LEU C 18 90.18 49.81 -3.29
CA LEU C 18 89.40 50.94 -2.79
C LEU C 18 89.32 50.88 -1.27
N ARG C 19 89.48 52.04 -0.63
CA ARG C 19 89.46 52.14 0.83
C ARG C 19 88.69 53.41 1.20
N LEU C 20 87.39 53.26 1.43
CA LEU C 20 86.54 54.34 1.93
C LEU C 20 85.77 53.82 3.14
N SER C 21 85.02 54.71 3.78
CA SER C 21 84.29 54.36 4.99
C SER C 21 83.04 55.22 5.12
N CYS C 22 82.06 54.70 5.87
CA CYS C 22 80.80 55.40 6.15
C CYS C 22 80.42 55.05 7.59
N VAL C 23 80.90 55.85 8.54
CA VAL C 23 80.82 55.53 9.97
C VAL C 23 80.08 56.65 10.69
N ALA C 24 79.04 56.29 11.42
CA ALA C 24 78.35 57.21 12.33
C ALA C 24 78.89 57.06 13.74
N SER C 25 78.62 58.06 14.57
CA SER C 25 79.12 58.12 15.94
C SER C 25 77.96 58.26 16.91
N GLY C 26 78.13 57.64 18.09
CA GLY C 26 77.10 57.68 19.11
C GLY C 26 75.86 56.87 18.79
N PHE C 27 76.00 55.83 17.98
CA PHE C 27 74.86 55.03 17.51
C PHE C 27 75.06 53.58 17.91
N THR C 28 73.98 52.94 18.35
CA THR C 28 74.03 51.55 18.78
C THR C 28 74.16 50.63 17.56
N PHE C 29 75.27 49.90 17.50
CA PHE C 29 75.53 49.01 16.36
C PHE C 29 74.75 47.70 16.45
N SER C 30 74.26 47.33 17.64
CA SER C 30 73.51 46.09 17.79
C SER C 30 72.17 46.16 17.08
N SER C 31 71.46 47.29 17.22
CA SER C 31 70.25 47.51 16.46
C SER C 31 70.60 48.13 15.11
N TYR C 32 69.67 47.99 14.16
CA TYR C 32 69.77 48.52 12.79
C TYR C 32 71.01 47.97 12.08
N VAL C 33 70.95 46.66 11.80
CA VAL C 33 72.05 45.93 11.19
C VAL C 33 72.36 46.50 9.81
N MET C 34 73.64 46.75 9.55
CA MET C 34 74.09 47.41 8.34
C MET C 34 73.89 46.55 7.10
N SER C 35 73.87 47.21 5.95
CA SER C 35 73.77 46.55 4.66
C SER C 35 74.37 47.45 3.59
N TRP C 36 75.04 46.84 2.62
CA TRP C 36 75.66 47.56 1.51
C TRP C 36 75.07 47.07 0.20
N VAL C 37 74.71 48.01 -0.68
CA VAL C 37 74.06 47.70 -1.95
C VAL C 37 74.66 48.61 -3.02
N ARG C 38 74.69 48.10 -4.26
CA ARG C 38 75.26 48.83 -5.40
C ARG C 38 74.13 49.39 -6.24
N GLN C 39 74.17 50.71 -6.48
CA GLN C 39 73.23 51.37 -7.38
C GLN C 39 73.85 51.36 -8.77
N ALA C 40 73.56 50.32 -9.53
CA ALA C 40 74.13 50.19 -10.87
C ALA C 40 73.32 51.04 -11.85
N PRO C 41 73.98 51.91 -12.63
CA PRO C 41 73.27 52.64 -13.69
C PRO C 41 72.97 51.72 -14.86
N GLY C 42 71.81 51.05 -14.82
CA GLY C 42 71.62 49.89 -15.66
C GLY C 42 70.85 48.76 -14.99
N LYS C 43 71.53 47.63 -14.75
CA LYS C 43 70.87 46.36 -14.44
C LYS C 43 70.06 46.41 -13.14
N GLY C 44 70.60 47.04 -12.10
CA GLY C 44 69.82 47.20 -10.89
C GLY C 44 70.58 47.26 -9.59
N LEU C 45 70.17 46.45 -8.62
CA LEU C 45 70.71 46.49 -7.27
C LEU C 45 71.08 45.07 -6.82
N GLU C 46 72.14 44.97 -6.02
CA GLU C 46 72.51 43.72 -5.39
C GLU C 46 73.20 43.99 -4.06
N TRP C 47 72.86 43.20 -3.05
CA TRP C 47 73.40 43.38 -1.71
C TRP C 47 74.84 42.88 -1.65
N VAL C 48 75.66 43.58 -0.86
CA VAL C 48 77.09 43.29 -0.76
C VAL C 48 77.43 42.54 0.52
N ALA C 49 77.20 43.17 1.67
CA ALA C 49 77.69 42.62 2.94
C ALA C 49 76.73 42.96 4.07
N ALA C 50 76.74 42.09 5.09
CA ALA C 50 75.95 42.29 6.30
C ALA C 50 76.63 41.53 7.44
N ILE C 51 77.00 42.25 8.49
CA ILE C 51 77.68 41.66 9.63
C ILE C 51 76.75 41.72 10.84
N SER C 52 77.05 40.89 11.84
CA SER C 52 76.25 40.85 13.06
C SER C 52 76.39 42.14 13.85
N GLY C 53 75.30 42.54 14.51
CA GLY C 53 75.29 43.80 15.23
C GLY C 53 76.08 43.76 16.52
N SER C 54 76.23 42.58 17.12
CA SER C 54 77.04 42.42 18.31
C SER C 54 78.44 41.92 18.01
N GLY C 55 78.78 41.74 16.74
CA GLY C 55 80.08 41.19 16.37
C GLY C 55 80.00 39.69 16.17
N GLY C 56 80.13 39.23 14.94
CA GLY C 56 79.96 37.82 14.66
C GLY C 56 79.92 37.45 13.20
N ASN C 57 78.88 36.71 12.81
CA ASN C 57 78.80 36.13 11.48
C ASN C 57 78.56 37.18 10.40
N THR C 58 79.18 36.99 9.25
CA THR C 58 78.95 37.80 8.06
C THR C 58 78.76 36.86 6.88
N TYR C 59 78.09 37.37 5.85
CA TYR C 59 77.72 36.56 4.69
C TYR C 59 78.30 37.18 3.42
N TYR C 60 78.85 36.33 2.56
CA TYR C 60 79.33 36.74 1.25
C TYR C 60 78.20 36.62 0.23
N ALA C 61 78.30 37.41 -0.83
CA ALA C 61 77.27 37.42 -1.87
C ALA C 61 77.44 36.22 -2.79
N ASP C 62 76.47 36.05 -3.70
CA ASP C 62 76.54 34.95 -4.67
C ASP C 62 77.63 35.20 -5.71
N SER C 63 77.82 36.45 -6.11
CA SER C 63 78.86 36.82 -7.05
C SER C 63 80.16 37.21 -6.36
N VAL C 64 80.20 37.16 -5.03
CA VAL C 64 81.39 37.53 -4.26
C VAL C 64 81.84 36.29 -3.49
N LYS C 65 82.83 35.60 -4.02
CA LYS C 65 83.47 34.49 -3.32
C LYS C 65 84.72 34.95 -2.59
N GLY C 66 84.58 35.97 -1.74
CA GLY C 66 85.71 36.55 -1.06
C GLY C 66 86.47 37.59 -1.84
N ARG C 67 85.98 37.98 -3.01
CA ARG C 67 86.65 39.01 -3.81
C ARG C 67 86.54 40.37 -3.14
N PHE C 68 85.34 40.74 -2.70
CA PHE C 68 85.15 41.94 -1.89
C PHE C 68 85.47 41.55 -0.44
N THR C 69 86.65 41.96 0.03
CA THR C 69 87.13 41.51 1.33
C THR C 69 86.36 42.20 2.44
N ILE C 70 85.91 41.42 3.42
CA ILE C 70 85.14 41.93 4.55
C ILE C 70 85.95 41.75 5.82
N SER C 71 86.68 42.79 6.21
CA SER C 71 87.47 42.81 7.44
C SER C 71 86.94 43.95 8.30
N ARG C 72 85.97 43.64 9.14
CA ARG C 72 85.28 44.63 9.95
C ARG C 72 85.45 44.29 11.42
N ASP C 73 85.55 45.33 12.26
CA ASP C 73 85.81 45.16 13.68
C ASP C 73 84.66 45.76 14.49
N ASN C 74 84.35 45.12 15.62
CA ASN C 74 83.23 45.51 16.46
C ASN C 74 83.60 46.40 17.63
N SER C 75 84.89 46.46 17.99
CA SER C 75 85.30 47.30 19.12
C SER C 75 85.14 48.78 18.81
N LYS C 76 85.50 49.19 17.60
CA LYS C 76 85.27 50.54 17.13
C LYS C 76 84.02 50.66 16.28
N ASN C 77 83.32 49.54 16.04
CA ASN C 77 82.17 49.43 15.14
C ASN C 77 82.51 49.95 13.75
N THR C 78 83.50 49.29 13.14
CA THR C 78 84.06 49.76 11.88
C THR C 78 83.13 49.45 10.71
N LEU C 79 82.87 50.45 9.88
CA LEU C 79 82.13 50.30 8.64
C LEU C 79 83.08 50.71 7.52
N TYR C 80 83.54 49.74 6.74
CA TYR C 80 84.61 50.01 5.78
C TYR C 80 84.34 49.40 4.42
N LEU C 81 85.35 49.41 3.56
CA LEU C 81 85.24 48.84 2.21
C LEU C 81 86.64 48.55 1.70
N GLN C 82 86.85 47.31 1.24
CA GLN C 82 88.15 46.91 0.71
C GLN C 82 87.94 45.76 -0.28
N MET C 83 88.67 45.80 -1.38
CA MET C 83 88.56 44.79 -2.41
C MET C 83 89.91 44.68 -3.13
N ASN C 84 89.94 43.91 -4.22
CA ASN C 84 91.16 43.70 -4.99
C ASN C 84 90.78 43.39 -6.42
N SER C 85 91.71 43.66 -7.34
CA SER C 85 91.60 43.40 -8.78
C SER C 85 90.37 44.09 -9.37
N LEU C 86 90.45 45.42 -9.39
CA LEU C 86 89.31 46.26 -9.76
C LEU C 86 88.94 46.06 -11.22
N ARG C 87 87.64 46.01 -11.48
CA ARG C 87 87.08 45.62 -12.77
C ARG C 87 86.11 46.69 -13.25
N ALA C 88 85.66 46.54 -14.50
CA ALA C 88 84.69 47.46 -15.08
C ALA C 88 83.28 47.25 -14.55
N GLU C 89 83.03 46.17 -13.81
CA GLU C 89 81.72 45.96 -13.20
C GLU C 89 81.47 46.92 -12.04
N ASP C 90 82.52 47.51 -11.47
CA ASP C 90 82.40 48.41 -10.33
C ASP C 90 81.97 49.82 -10.69
N THR C 91 81.47 50.07 -11.90
CA THR C 91 80.98 51.38 -12.29
C THR C 91 79.55 51.53 -11.77
N ALA C 92 79.44 51.84 -10.49
CA ALA C 92 78.15 51.98 -9.82
C ALA C 92 78.31 52.93 -8.65
N VAL C 93 77.28 52.98 -7.80
CA VAL C 93 77.24 53.88 -6.65
C VAL C 93 77.19 53.02 -5.38
N TYR C 94 78.09 53.30 -4.45
CA TYR C 94 78.13 52.60 -3.18
C TYR C 94 77.17 53.24 -2.18
N TYR C 95 76.40 52.39 -1.50
CA TYR C 95 75.39 52.85 -0.54
C TYR C 95 75.65 52.20 0.81
N CYS C 96 75.76 53.02 1.85
CA CYS C 96 75.80 52.55 3.22
C CYS C 96 74.43 52.78 3.84
N ALA C 97 73.82 51.70 4.35
CA ALA C 97 72.46 51.76 4.87
C ALA C 97 72.29 50.69 5.93
N LYS C 98 71.10 50.67 6.54
CA LYS C 98 70.79 49.70 7.58
C LYS C 98 69.29 49.42 7.59
N GLU C 99 68.94 48.18 7.91
CA GLU C 99 67.55 47.75 8.01
C GLU C 99 67.07 47.96 9.45
N GLY C 100 65.94 47.35 9.81
CA GLY C 100 65.39 47.49 11.14
C GLY C 100 66.20 46.78 12.21
N THR C 101 65.72 46.91 13.44
CA THR C 101 66.45 46.40 14.61
C THR C 101 66.46 44.88 14.68
N TYR C 102 65.55 44.20 14.00
CA TYR C 102 65.59 42.74 13.95
C TYR C 102 66.54 42.29 12.84
N TYR C 103 66.90 41.01 12.90
CA TYR C 103 67.80 40.45 11.89
C TYR C 103 67.12 40.34 10.54
N TYR C 104 65.84 39.95 10.52
CA TYR C 104 65.09 39.93 9.27
C TYR C 104 64.71 41.35 8.88
N GLY C 105 64.30 41.50 7.61
CA GLY C 105 64.02 42.81 7.08
C GLY C 105 62.69 43.36 7.59
N SER C 106 62.73 44.63 8.03
CA SER C 106 61.53 45.32 8.48
C SER C 106 61.50 46.77 8.02
N GLY C 107 62.27 47.12 6.99
CA GLY C 107 62.32 48.50 6.53
C GLY C 107 63.72 49.09 6.65
N SER C 108 64.29 49.52 5.53
CA SER C 108 65.65 50.05 5.49
C SER C 108 65.63 51.45 4.88
N PHE C 109 66.16 52.42 5.63
CA PHE C 109 66.36 53.77 5.13
C PHE C 109 67.79 53.90 4.65
N TRP C 110 67.96 54.53 3.49
CA TRP C 110 69.23 54.54 2.78
C TRP C 110 69.87 55.92 2.85
N GLY C 111 71.17 55.96 2.54
CA GLY C 111 71.92 57.19 2.50
C GLY C 111 72.08 57.72 1.07
N GLN C 112 72.71 58.89 0.99
CA GLN C 112 72.91 59.53 -0.31
C GLN C 112 73.98 58.81 -1.13
N GLY C 113 75.04 58.35 -0.48
CA GLY C 113 76.05 57.55 -1.16
C GLY C 113 76.96 58.37 -2.06
N THR C 114 78.02 57.70 -2.53
CA THR C 114 78.96 58.28 -3.47
C THR C 114 79.19 57.32 -4.63
N LEU C 115 79.33 57.88 -5.82
CA LEU C 115 79.58 57.08 -7.01
C LEU C 115 81.08 56.85 -7.18
N VAL C 116 81.41 55.69 -7.76
CA VAL C 116 82.79 55.32 -8.08
C VAL C 116 82.87 55.01 -9.57
N THR C 117 83.94 55.48 -10.21
CA THR C 117 84.07 55.44 -11.66
C THR C 117 85.27 54.60 -12.06
N VAL C 118 85.07 53.69 -13.00
CA VAL C 118 86.11 52.82 -13.53
C VAL C 118 86.53 53.33 -14.90
N SER C 119 87.84 53.55 -15.07
CA SER C 119 88.38 54.00 -16.33
C SER C 119 89.81 53.50 -16.47
N SER C 120 90.09 52.80 -17.56
CA SER C 120 91.42 52.24 -17.80
C SER C 120 92.17 53.05 -18.85
N GLN D 1 17.00 -29.72 -57.35
CA GLN D 1 16.40 -28.41 -57.47
C GLN D 1 14.89 -28.48 -57.31
N CYS D 2 14.26 -27.32 -57.13
CA CYS D 2 12.82 -27.27 -56.97
C CYS D 2 12.11 -27.49 -58.30
N VAL D 3 11.00 -28.22 -58.26
CA VAL D 3 10.20 -28.51 -59.44
C VAL D 3 8.73 -28.36 -59.06
N ASN D 4 7.93 -27.86 -60.01
CA ASN D 4 6.50 -27.72 -59.81
C ASN D 4 5.77 -28.95 -60.34
N LEU D 5 4.64 -29.26 -59.70
CA LEU D 5 3.84 -30.43 -60.05
C LEU D 5 2.59 -29.97 -60.79
N THR D 6 2.40 -30.49 -62.00
CA THR D 6 1.25 -30.17 -62.82
C THR D 6 0.18 -31.26 -62.68
N THR D 7 -0.85 -31.18 -63.54
CA THR D 7 -1.99 -32.11 -63.59
C THR D 7 -2.70 -32.22 -62.24
N ARG D 8 -2.90 -31.08 -61.58
CA ARG D 8 -3.59 -31.03 -60.30
C ARG D 8 -5.04 -30.64 -60.52
N THR D 9 -5.96 -31.41 -59.95
CA THR D 9 -7.39 -31.17 -60.09
C THR D 9 -7.90 -30.51 -58.81
N GLN D 10 -8.54 -29.36 -58.96
CA GLN D 10 -9.04 -28.62 -57.80
C GLN D 10 -10.33 -29.24 -57.30
N LEU D 11 -10.47 -29.26 -55.97
CA LEU D 11 -11.65 -29.80 -55.29
C LEU D 11 -11.77 -29.09 -53.95
N PRO D 12 -12.98 -28.73 -53.53
CA PRO D 12 -13.17 -28.12 -52.20
C PRO D 12 -12.96 -29.15 -51.11
N PRO D 13 -12.22 -28.80 -50.05
CA PRO D 13 -11.99 -29.76 -48.96
C PRO D 13 -13.23 -29.94 -48.11
N ALA D 14 -13.44 -31.18 -47.67
CA ALA D 14 -14.57 -31.50 -46.81
C ALA D 14 -14.27 -31.11 -45.36
N TYR D 15 -15.33 -31.09 -44.56
CA TYR D 15 -15.22 -30.78 -43.13
C TYR D 15 -15.84 -31.92 -42.34
N THR D 16 -15.10 -32.42 -41.36
CA THR D 16 -15.49 -33.59 -40.58
C THR D 16 -15.66 -33.18 -39.12
N ASN D 17 -16.74 -33.65 -38.50
CA ASN D 17 -16.99 -33.37 -37.09
C ASN D 17 -15.98 -34.12 -36.21
N SER D 18 -15.55 -33.46 -35.14
CA SER D 18 -14.61 -34.02 -34.18
C SER D 18 -15.41 -34.44 -32.95
N PHE D 19 -15.63 -35.75 -32.81
CA PHE D 19 -16.47 -36.30 -31.75
C PHE D 19 -15.64 -36.46 -30.48
N THR D 20 -15.48 -35.33 -29.77
CA THR D 20 -14.80 -35.23 -28.46
C THR D 20 -13.37 -35.77 -28.51
N ARG D 21 -12.63 -35.37 -29.53
CA ARG D 21 -11.26 -35.81 -29.73
C ARG D 21 -10.32 -34.62 -29.67
N GLY D 22 -9.04 -34.91 -29.44
CA GLY D 22 -8.01 -33.89 -29.45
C GLY D 22 -7.60 -33.35 -28.10
N VAL D 23 -7.87 -34.06 -27.01
CA VAL D 23 -7.48 -33.64 -25.67
C VAL D 23 -6.10 -34.23 -25.37
N TYR D 24 -5.35 -33.55 -24.49
CA TYR D 24 -4.02 -33.98 -24.12
C TYR D 24 -3.81 -33.76 -22.62
N TYR D 25 -2.63 -34.13 -22.14
CA TYR D 25 -2.25 -33.89 -20.75
C TYR D 25 -1.68 -32.49 -20.63
N PRO D 26 -2.26 -31.60 -19.81
CA PRO D 26 -1.79 -30.21 -19.79
C PRO D 26 -0.50 -29.98 -19.02
N ASP D 27 -0.14 -30.85 -18.09
CA ASP D 27 1.05 -30.64 -17.27
C ASP D 27 1.65 -32.00 -16.90
N LYS D 28 2.66 -31.97 -16.04
CA LYS D 28 3.38 -33.17 -15.62
C LYS D 28 2.85 -33.75 -14.33
N VAL D 29 1.75 -33.21 -13.79
CA VAL D 29 1.27 -33.58 -12.46
C VAL D 29 0.46 -34.86 -12.55
N PHE D 30 0.85 -35.87 -11.78
CA PHE D 30 0.02 -37.06 -11.62
C PHE D 30 -1.15 -36.75 -10.69
N ARG D 31 -2.35 -37.13 -11.12
CA ARG D 31 -3.57 -36.90 -10.35
C ARG D 31 -4.35 -38.19 -10.27
N SER D 32 -4.82 -38.53 -9.06
CA SER D 32 -5.48 -39.80 -8.80
C SER D 32 -6.92 -39.54 -8.36
N SER D 33 -7.87 -39.89 -9.24
CA SER D 33 -9.31 -39.89 -8.97
C SER D 33 -9.84 -38.51 -8.56
N VAL D 34 -9.34 -37.47 -9.22
CA VAL D 34 -9.81 -36.10 -8.98
C VAL D 34 -10.37 -35.55 -10.29
N LEU D 35 -11.04 -34.41 -10.17
CA LEU D 35 -11.59 -33.68 -11.31
C LEU D 35 -10.95 -32.30 -11.33
N HIS D 36 -10.10 -32.03 -12.31
CA HIS D 36 -9.32 -30.81 -12.38
C HIS D 36 -9.78 -29.96 -13.56
N SER D 37 -9.95 -28.66 -13.31
CA SER D 37 -10.32 -27.71 -14.34
C SER D 37 -9.08 -26.96 -14.79
N THR D 38 -8.77 -27.05 -16.08
CA THR D 38 -7.58 -26.43 -16.65
C THR D 38 -7.97 -25.30 -17.60
N GLN D 39 -7.00 -24.44 -17.88
CA GLN D 39 -7.19 -23.34 -18.84
C GLN D 39 -5.98 -23.35 -19.77
N ASP D 40 -6.15 -23.97 -20.94
CA ASP D 40 -5.04 -24.14 -21.87
C ASP D 40 -5.60 -24.09 -23.29
N LEU D 41 -4.69 -24.01 -24.25
CA LEU D 41 -5.06 -23.97 -25.67
C LEU D 41 -5.53 -25.36 -26.09
N PHE D 42 -6.84 -25.56 -26.09
CA PHE D 42 -7.45 -26.85 -26.34
C PHE D 42 -8.30 -26.82 -27.61
N LEU D 43 -8.48 -27.99 -28.20
CA LEU D 43 -9.38 -28.12 -29.34
C LEU D 43 -10.83 -28.14 -28.85
N PRO D 44 -11.70 -27.28 -29.38
CA PRO D 44 -13.10 -27.30 -28.97
C PRO D 44 -13.81 -28.57 -29.42
N PHE D 45 -14.77 -29.00 -28.59
CA PHE D 45 -15.54 -30.19 -28.91
C PHE D 45 -16.55 -29.88 -30.01
N PHE D 46 -16.75 -30.88 -30.88
CA PHE D 46 -17.66 -30.81 -32.04
C PHE D 46 -17.30 -29.66 -32.97
N SER D 47 -16.00 -29.44 -33.16
CA SER D 47 -15.51 -28.39 -34.04
C SER D 47 -15.31 -28.94 -35.46
N ASN D 48 -15.46 -28.06 -36.43
CA ASN D 48 -15.35 -28.43 -37.85
C ASN D 48 -13.89 -28.40 -38.29
N VAL D 49 -13.20 -29.53 -38.10
CA VAL D 49 -11.84 -29.64 -38.61
C VAL D 49 -11.87 -29.81 -40.12
N THR D 50 -10.74 -29.50 -40.75
CA THR D 50 -10.62 -29.49 -42.20
C THR D 50 -10.08 -30.84 -42.66
N TRP D 51 -10.79 -31.50 -43.57
CA TRP D 51 -10.42 -32.81 -44.08
C TRP D 51 -9.78 -32.63 -45.45
N PHE D 52 -8.56 -33.15 -45.59
CA PHE D 52 -7.84 -33.15 -46.86
C PHE D 52 -7.74 -34.58 -47.38
N HIS D 53 -8.20 -34.80 -48.61
CA HIS D 53 -8.21 -36.11 -49.22
C HIS D 53 -7.14 -36.18 -50.29
N ALA D 54 -6.31 -37.21 -50.24
CA ALA D 54 -5.25 -37.45 -51.21
C ALA D 54 -5.51 -38.82 -51.86
N ILE D 55 -6.27 -38.84 -52.94
CA ILE D 55 -6.63 -40.06 -53.63
C ILE D 55 -6.26 -39.89 -55.11
N HIS D 56 -6.01 -41.01 -55.76
CA HIS D 56 -5.64 -41.01 -57.18
C HIS D 56 -6.87 -40.89 -58.06
N THR D 63 -8.68 -39.32 -60.31
CA THR D 63 -8.99 -37.96 -59.90
C THR D 63 -7.73 -37.09 -59.81
N LYS D 64 -6.62 -37.75 -59.46
CA LYS D 64 -5.29 -37.13 -59.33
C LYS D 64 -5.30 -35.97 -58.33
N ARG D 65 -5.93 -36.21 -57.18
CA ARG D 65 -6.03 -35.18 -56.14
C ARG D 65 -4.84 -35.31 -55.19
N PHE D 66 -4.08 -34.24 -55.06
CA PHE D 66 -2.91 -34.22 -54.18
C PHE D 66 -2.79 -32.80 -53.63
N ASP D 67 -3.17 -32.61 -52.37
CA ASP D 67 -3.20 -31.29 -51.76
C ASP D 67 -2.30 -31.18 -50.53
N ASN D 68 -1.57 -30.07 -50.44
CA ASN D 68 -0.77 -29.74 -49.26
C ASN D 68 -0.54 -28.23 -49.19
N PRO D 69 -1.56 -27.47 -48.84
CA PRO D 69 -1.44 -26.01 -48.87
C PRO D 69 -0.79 -25.48 -47.60
N VAL D 70 -0.50 -24.18 -47.60
CA VAL D 70 0.18 -23.53 -46.49
C VAL D 70 -0.91 -23.00 -45.57
N LEU D 71 -1.35 -23.85 -44.64
CA LEU D 71 -2.32 -23.45 -43.65
C LEU D 71 -1.65 -22.59 -42.57
N PRO D 72 -2.37 -21.63 -41.98
CA PRO D 72 -1.74 -20.80 -40.94
C PRO D 72 -1.70 -21.50 -39.60
N PHE D 73 -0.74 -21.08 -38.78
CA PHE D 73 -0.53 -21.57 -37.43
C PHE D 73 -0.88 -20.42 -36.48
N ASN D 74 -2.13 -20.38 -36.02
CA ASN D 74 -2.57 -19.26 -35.20
C ASN D 74 -2.12 -19.39 -33.75
N ASP D 75 -2.61 -20.42 -33.05
CA ASP D 75 -2.26 -20.61 -31.65
C ASP D 75 -2.01 -22.07 -31.29
N GLY D 76 -1.94 -22.96 -32.27
CA GLY D 76 -1.81 -24.38 -32.01
C GLY D 76 -2.69 -25.16 -32.96
N VAL D 77 -2.17 -26.26 -33.51
CA VAL D 77 -2.83 -26.99 -34.58
C VAL D 77 -3.00 -28.44 -34.16
N TYR D 78 -4.24 -28.92 -34.20
CA TYR D 78 -4.52 -30.33 -34.01
C TYR D 78 -4.35 -31.08 -35.32
N PHE D 79 -3.67 -32.22 -35.27
CA PHE D 79 -3.37 -33.00 -36.47
C PHE D 79 -3.74 -34.45 -36.25
N ALA D 80 -4.37 -35.05 -37.25
CA ALA D 80 -4.76 -36.45 -37.21
C ALA D 80 -4.52 -37.07 -38.58
N SER D 81 -4.36 -38.40 -38.59
CA SER D 81 -4.07 -39.09 -39.83
C SER D 81 -4.52 -40.54 -39.71
N THR D 82 -5.49 -40.93 -40.54
CA THR D 82 -5.90 -42.34 -40.66
C THR D 82 -5.10 -43.00 -41.78
N GLU D 83 -3.81 -43.15 -41.54
CA GLU D 83 -2.86 -43.58 -42.54
C GLU D 83 -2.42 -45.02 -42.29
N LYS D 84 -2.43 -45.82 -43.35
CA LYS D 84 -1.99 -47.21 -43.28
C LYS D 84 -0.79 -47.48 -44.18
N SER D 85 -0.18 -46.45 -44.76
CA SER D 85 0.94 -46.67 -45.68
C SER D 85 2.07 -45.65 -45.46
N ASN D 86 2.05 -44.93 -44.34
CA ASN D 86 3.09 -43.97 -43.94
C ASN D 86 3.29 -42.86 -44.98
N ILE D 87 2.19 -42.34 -45.51
CA ILE D 87 2.27 -41.26 -46.49
C ILE D 87 2.70 -39.96 -45.83
N ILE D 88 2.12 -39.64 -44.68
CA ILE D 88 2.42 -38.39 -43.98
C ILE D 88 3.74 -38.55 -43.24
N ARG D 89 4.68 -37.64 -43.51
CA ARG D 89 6.02 -37.73 -42.94
C ARG D 89 6.34 -36.57 -42.00
N GLY D 90 6.24 -35.33 -42.46
CA GLY D 90 6.66 -34.21 -41.66
C GLY D 90 5.95 -32.93 -42.07
N TRP D 91 6.36 -31.84 -41.42
CA TRP D 91 5.73 -30.54 -41.63
C TRP D 91 6.78 -29.44 -41.72
N ILE D 92 6.42 -28.37 -42.43
CA ILE D 92 7.18 -27.13 -42.50
C ILE D 92 6.70 -26.25 -41.34
N PHE D 93 7.61 -25.49 -40.73
CA PHE D 93 7.21 -24.48 -39.76
C PHE D 93 8.07 -23.23 -39.97
N GLY D 94 7.42 -22.10 -40.17
CA GLY D 94 8.16 -20.85 -40.37
C GLY D 94 7.21 -19.69 -40.54
N THR D 95 7.80 -18.49 -40.59
CA THR D 95 7.02 -17.26 -40.68
C THR D 95 6.65 -16.93 -42.12
N THR D 96 7.65 -16.71 -42.98
CA THR D 96 7.41 -16.29 -44.35
C THR D 96 7.88 -17.27 -45.41
N LEU D 97 8.86 -18.13 -45.09
CA LEU D 97 9.37 -19.20 -45.97
C LEU D 97 9.94 -18.64 -47.28
N ASP D 98 10.83 -17.65 -47.16
CA ASP D 98 11.47 -17.07 -48.34
C ASP D 98 12.94 -16.80 -48.10
N SER D 99 13.57 -17.59 -47.21
CA SER D 99 14.97 -17.46 -46.78
C SER D 99 15.27 -16.08 -46.19
N LYS D 100 14.27 -15.47 -45.55
CA LYS D 100 14.43 -14.21 -44.84
C LYS D 100 14.08 -14.30 -43.37
N THR D 101 13.33 -15.32 -42.95
CA THR D 101 12.98 -15.53 -41.56
C THR D 101 13.50 -16.89 -41.10
N GLN D 102 13.83 -16.98 -39.82
CA GLN D 102 14.35 -18.20 -39.24
C GLN D 102 13.23 -19.24 -39.14
N SER D 103 13.46 -20.41 -39.73
CA SER D 103 12.40 -21.39 -39.98
C SER D 103 12.81 -22.78 -39.52
N LEU D 104 11.79 -23.60 -39.25
CA LEU D 104 11.92 -24.94 -38.72
C LEU D 104 11.64 -25.97 -39.80
N LEU D 105 12.20 -27.16 -39.62
CA LEU D 105 11.96 -28.27 -40.56
C LEU D 105 11.89 -29.59 -39.80
N ILE D 106 10.85 -30.37 -40.07
CA ILE D 106 10.71 -31.73 -39.56
C ILE D 106 10.55 -32.65 -40.75
N VAL D 107 11.48 -33.59 -40.90
CA VAL D 107 11.42 -34.60 -41.96
C VAL D 107 11.59 -35.97 -41.33
N ASN D 108 10.55 -36.80 -41.44
CA ASN D 108 10.63 -38.20 -41.02
C ASN D 108 10.79 -39.06 -42.28
N ASN D 109 12.01 -39.06 -42.81
CA ASN D 109 12.30 -39.84 -44.01
C ASN D 109 12.69 -41.27 -43.60
N ALA D 110 13.26 -42.01 -44.54
CA ALA D 110 13.40 -43.47 -44.41
C ALA D 110 14.43 -43.91 -43.38
N THR D 111 15.26 -43.02 -42.85
CA THR D 111 16.29 -43.42 -41.90
C THR D 111 16.07 -42.85 -40.50
N ASN D 112 15.96 -41.53 -40.36
CA ASN D 112 15.93 -40.90 -39.06
C ASN D 112 14.87 -39.80 -39.05
N VAL D 113 14.50 -39.37 -37.84
CA VAL D 113 13.62 -38.22 -37.65
C VAL D 113 14.55 -37.02 -37.48
N VAL D 114 14.93 -36.42 -38.59
CA VAL D 114 15.96 -35.39 -38.61
C VAL D 114 15.29 -34.02 -38.50
N ILE D 115 15.79 -33.19 -37.58
CA ILE D 115 15.23 -31.87 -37.32
C ILE D 115 16.31 -30.83 -37.60
N LYS D 116 16.04 -29.93 -38.55
CA LYS D 116 16.85 -28.75 -38.77
C LYS D 116 16.02 -27.50 -38.50
N VAL D 117 16.61 -26.53 -37.81
CA VAL D 117 15.99 -25.21 -37.60
C VAL D 117 17.01 -24.18 -38.07
N CYS D 118 16.95 -23.82 -39.35
CA CYS D 118 17.79 -22.76 -39.89
C CYS D 118 17.18 -22.22 -41.18
N GLU D 119 17.90 -21.30 -41.81
CA GLU D 119 17.39 -20.55 -42.95
C GLU D 119 17.33 -21.43 -44.19
N PHE D 120 16.13 -21.59 -44.73
CA PHE D 120 15.90 -22.43 -45.91
C PHE D 120 15.19 -21.62 -46.97
N GLN D 121 15.69 -21.70 -48.21
CA GLN D 121 14.99 -21.14 -49.36
C GLN D 121 13.98 -22.19 -49.81
N PHE D 122 12.76 -22.09 -49.28
CA PHE D 122 11.73 -23.08 -49.57
C PHE D 122 11.18 -22.89 -50.97
N CYS D 123 10.88 -23.99 -51.63
CA CYS D 123 10.35 -23.96 -52.98
C CYS D 123 8.86 -23.63 -52.97
N ASN D 124 8.29 -23.49 -54.17
CA ASN D 124 6.86 -23.22 -54.30
C ASN D 124 6.02 -24.42 -53.90
N ASP D 125 6.51 -25.63 -54.19
CA ASP D 125 5.80 -26.87 -53.84
C ASP D 125 6.76 -27.78 -53.06
N PRO D 126 6.80 -27.64 -51.74
CA PRO D 126 7.64 -28.54 -50.92
C PRO D 126 6.99 -29.91 -50.83
N PHE D 127 7.73 -30.94 -51.24
CA PHE D 127 7.19 -32.30 -51.28
C PHE D 127 8.33 -33.30 -51.08
N LEU D 128 7.96 -34.49 -50.66
CA LEU D 128 8.88 -35.61 -50.49
C LEU D 128 8.55 -36.67 -51.53
N GLY D 129 9.43 -36.85 -52.50
CA GLY D 129 9.23 -37.83 -53.55
C GLY D 129 10.08 -39.06 -53.33
N VAL D 130 9.48 -40.22 -53.52
CA VAL D 130 10.15 -41.51 -53.37
C VAL D 130 10.05 -42.26 -54.69
N TYR D 131 11.16 -42.86 -55.12
CA TYR D 131 11.24 -43.56 -56.39
C TYR D 131 11.06 -45.05 -56.18
N TYR D 132 10.42 -45.70 -57.14
CA TYR D 132 10.14 -47.14 -57.08
C TYR D 132 11.00 -47.84 -58.12
N HIS D 133 11.75 -48.85 -57.67
CA HIS D 133 12.56 -49.67 -58.55
C HIS D 133 11.80 -50.94 -58.88
N LYS D 134 11.49 -51.14 -60.16
CA LYS D 134 10.73 -52.31 -60.60
C LYS D 134 11.61 -53.55 -60.79
N ASN D 135 12.93 -53.41 -60.73
CA ASN D 135 13.81 -54.55 -60.92
C ASN D 135 13.85 -55.46 -59.69
N ASN D 136 13.73 -54.91 -58.49
CA ASN D 136 13.77 -55.70 -57.27
C ASN D 136 12.54 -55.48 -56.38
N LYS D 137 11.54 -54.72 -56.87
CA LYS D 137 10.27 -54.45 -56.18
C LYS D 137 10.49 -53.81 -54.81
N SER D 138 11.27 -52.73 -54.79
CA SER D 138 11.60 -52.03 -53.54
C SER D 138 11.45 -50.53 -53.75
N TRP D 139 11.16 -49.83 -52.65
CA TRP D 139 10.99 -48.38 -52.65
C TRP D 139 12.17 -47.73 -51.96
N MET D 140 12.81 -46.80 -52.65
CA MET D 140 13.95 -46.07 -52.11
C MET D 140 13.75 -44.58 -52.34
N GLU D 141 14.01 -43.78 -51.31
CA GLU D 141 13.86 -42.33 -51.42
C GLU D 141 15.04 -41.75 -52.20
N SER D 142 14.74 -40.98 -53.23
CA SER D 142 15.76 -40.39 -54.09
C SER D 142 15.58 -38.90 -54.35
N GLU D 143 14.41 -38.34 -54.08
CA GLU D 143 14.13 -36.92 -54.32
C GLU D 143 14.01 -36.20 -53.00
N PHE D 144 14.85 -35.17 -52.80
CA PHE D 144 14.82 -34.33 -51.62
C PHE D 144 14.92 -32.89 -52.09
N ARG D 145 13.77 -32.27 -52.35
CA ARG D 145 13.69 -30.93 -52.90
C ARG D 145 12.97 -29.99 -51.95
N VAL D 146 13.31 -30.08 -50.66
CA VAL D 146 12.66 -29.23 -49.66
C VAL D 146 13.26 -27.82 -49.67
N TYR D 147 14.59 -27.73 -49.66
CA TYR D 147 15.25 -26.43 -49.60
C TYR D 147 16.39 -26.34 -50.60
N SER D 148 17.13 -25.23 -50.57
CA SER D 148 18.24 -25.00 -51.47
C SER D 148 19.58 -24.95 -50.76
N SER D 149 19.72 -24.08 -49.75
CA SER D 149 20.98 -23.92 -49.05
C SER D 149 20.72 -23.39 -47.66
N ALA D 150 21.73 -23.50 -46.80
CA ALA D 150 21.67 -22.98 -45.44
C ALA D 150 23.05 -22.47 -45.05
N ASN D 151 23.13 -21.22 -44.60
CA ASN D 151 24.41 -20.63 -44.27
C ASN D 151 24.93 -21.17 -42.93
N ASN D 152 24.18 -20.92 -41.86
CA ASN D 152 24.53 -21.42 -40.54
C ASN D 152 23.27 -22.01 -39.90
N CYS D 153 23.46 -22.99 -39.03
CA CYS D 153 22.33 -23.66 -38.39
C CYS D 153 22.56 -23.76 -36.90
N THR D 154 21.53 -23.42 -36.12
CA THR D 154 21.60 -23.35 -34.67
C THR D 154 21.29 -24.70 -34.02
N PHE D 155 20.10 -25.24 -34.29
CA PHE D 155 19.65 -26.48 -33.70
C PHE D 155 19.59 -27.58 -34.75
N GLU D 156 20.14 -28.75 -34.40
CA GLU D 156 20.15 -29.90 -35.29
C GLU D 156 19.96 -31.16 -34.44
N TYR D 157 18.98 -31.98 -34.82
CA TYR D 157 18.65 -33.17 -34.07
C TYR D 157 18.51 -34.35 -35.02
N VAL D 158 19.19 -35.45 -34.69
CA VAL D 158 19.11 -36.71 -35.44
C VAL D 158 18.83 -37.83 -34.45
N SER D 159 17.75 -38.57 -34.67
CA SER D 159 17.36 -39.65 -33.77
C SER D 159 18.10 -40.93 -34.15
N GLN D 160 17.72 -42.04 -33.53
CA GLN D 160 18.32 -43.33 -33.84
C GLN D 160 17.83 -43.82 -35.20
N PRO D 161 18.68 -44.47 -36.00
CA PRO D 161 18.25 -44.95 -37.31
C PRO D 161 17.28 -46.12 -37.21
N PHE D 162 16.44 -46.24 -38.23
CA PHE D 162 15.46 -47.33 -38.31
C PHE D 162 15.26 -47.67 -39.78
N LEU D 163 14.19 -48.42 -40.06
CA LEU D 163 13.81 -48.77 -41.42
C LEU D 163 12.29 -48.70 -41.54
N MET D 164 11.83 -48.46 -42.76
CA MET D 164 10.39 -48.36 -43.05
C MET D 164 10.04 -49.31 -44.19
N ASP D 165 8.78 -49.74 -44.19
CA ASP D 165 8.31 -50.62 -45.26
C ASP D 165 8.20 -49.87 -46.58
N LEU D 166 7.71 -48.62 -46.54
CA LEU D 166 7.59 -47.72 -47.69
C LEU D 166 6.73 -48.30 -48.81
N GLU D 167 5.71 -49.09 -48.46
CA GLU D 167 4.85 -49.76 -49.42
C GLU D 167 3.41 -49.32 -49.21
N GLY D 168 2.72 -49.01 -50.30
CA GLY D 168 1.32 -48.62 -50.22
C GLY D 168 0.41 -49.81 -50.05
N LYS D 169 -0.19 -49.94 -48.88
CA LYS D 169 -1.08 -51.07 -48.60
C LYS D 169 -2.49 -50.77 -49.11
N GLN D 170 -3.21 -51.84 -49.43
CA GLN D 170 -4.57 -51.73 -49.94
C GLN D 170 -5.55 -51.40 -48.82
N ASN D 175 -5.11 -47.72 -38.04
CA ASN D 175 -4.17 -46.96 -37.23
C ASN D 175 -4.40 -45.46 -37.40
N LEU D 176 -4.58 -44.76 -36.28
CA LEU D 176 -4.81 -43.32 -36.27
C LEU D 176 -3.63 -42.65 -35.58
N ARG D 177 -2.87 -41.87 -36.34
CA ARG D 177 -1.76 -41.10 -35.80
C ARG D 177 -2.23 -39.70 -35.48
N GLU D 178 -2.16 -39.33 -34.20
CA GLU D 178 -2.73 -38.09 -33.69
C GLU D 178 -1.62 -37.18 -33.20
N PHE D 179 -1.73 -35.89 -33.50
CA PHE D 179 -0.67 -34.94 -33.18
C PHE D 179 -1.26 -33.60 -32.75
N VAL D 180 -0.63 -32.96 -31.76
CA VAL D 180 -0.96 -31.61 -31.34
C VAL D 180 0.36 -30.84 -31.20
N PHE D 181 0.47 -29.71 -31.89
CA PHE D 181 1.65 -28.88 -31.86
C PHE D 181 1.34 -27.53 -31.20
N LYS D 182 2.25 -27.07 -30.34
CA LYS D 182 2.10 -25.81 -29.64
C LYS D 182 3.41 -25.04 -29.69
N ASN D 183 3.31 -23.71 -29.55
CA ASN D 183 4.46 -22.81 -29.56
C ASN D 183 4.30 -21.84 -28.39
N ILE D 184 4.80 -22.24 -27.23
CA ILE D 184 4.66 -21.47 -25.99
C ILE D 184 6.04 -21.13 -25.46
N ASP D 185 6.25 -19.84 -25.14
CA ASP D 185 7.46 -19.23 -24.54
C ASP D 185 8.77 -19.75 -25.12
N GLY D 186 8.81 -19.86 -26.44
CA GLY D 186 10.00 -20.32 -27.12
C GLY D 186 10.24 -21.81 -27.04
N TYR D 187 9.23 -22.60 -26.66
CA TYR D 187 9.33 -24.04 -26.62
C TYR D 187 8.39 -24.64 -27.66
N PHE D 188 8.87 -25.69 -28.33
CA PHE D 188 8.05 -26.46 -29.25
C PHE D 188 7.69 -27.78 -28.59
N LYS D 189 6.39 -28.04 -28.48
CA LYS D 189 5.89 -29.21 -27.77
C LYS D 189 5.03 -30.04 -28.72
N ILE D 190 5.28 -31.34 -28.74
CA ILE D 190 4.55 -32.28 -29.59
C ILE D 190 3.81 -33.25 -28.69
N TYR D 191 2.48 -33.28 -28.81
CA TYR D 191 1.64 -34.20 -28.06
C TYR D 191 1.11 -35.24 -29.03
N SER D 192 1.45 -36.50 -28.81
CA SER D 192 1.13 -37.53 -29.79
C SER D 192 0.88 -38.87 -29.11
N LYS D 193 0.03 -39.68 -29.75
CA LYS D 193 -0.18 -41.06 -29.37
C LYS D 193 -0.62 -41.83 -30.61
N HIS D 194 -0.40 -43.15 -30.58
CA HIS D 194 -0.77 -44.02 -31.69
C HIS D 194 -1.88 -44.95 -31.23
N THR D 195 -3.00 -44.93 -31.95
CA THR D 195 -4.15 -45.76 -31.65
C THR D 195 -4.68 -46.40 -32.93
N PRO D 196 -5.27 -47.61 -32.83
CA PRO D 196 -5.90 -48.22 -34.00
C PRO D 196 -7.31 -47.71 -34.23
N GLY D 206 -14.87 -41.18 -30.56
CA GLY D 206 -14.05 -41.84 -29.54
C GLY D 206 -13.35 -40.86 -28.62
N PHE D 207 -12.50 -41.39 -27.75
CA PHE D 207 -11.74 -40.58 -26.80
C PHE D 207 -10.27 -40.99 -26.87
N SER D 208 -9.38 -39.98 -26.76
CA SER D 208 -7.95 -40.23 -26.81
C SER D 208 -7.23 -39.09 -26.11
N ALA D 209 -6.46 -39.41 -25.08
CA ALA D 209 -5.64 -38.44 -24.38
C ALA D 209 -4.20 -38.55 -24.88
N LEU D 210 -3.64 -37.42 -25.32
CA LEU D 210 -2.35 -37.41 -25.98
C LEU D 210 -1.24 -37.13 -24.96
N GLU D 211 -0.28 -38.05 -24.88
CA GLU D 211 0.87 -37.87 -24.01
C GLU D 211 1.94 -37.06 -24.73
N PRO D 212 2.69 -36.22 -24.00
CA PRO D 212 3.81 -35.52 -24.62
C PRO D 212 4.94 -36.47 -24.98
N LEU D 213 5.57 -36.21 -26.13
CA LEU D 213 6.64 -37.07 -26.63
C LEU D 213 7.97 -36.34 -26.69
N VAL D 214 8.05 -35.21 -27.40
CA VAL D 214 9.30 -34.50 -27.63
C VAL D 214 9.13 -33.06 -27.15
N ASP D 215 10.03 -32.62 -26.25
CA ASP D 215 10.14 -31.23 -25.89
C ASP D 215 11.31 -30.63 -26.69
N LEU D 216 11.05 -29.56 -27.42
CA LEU D 216 11.98 -29.02 -28.40
C LEU D 216 12.21 -27.54 -28.10
N PRO D 217 13.13 -27.23 -27.17
CA PRO D 217 13.35 -25.85 -26.77
C PRO D 217 14.25 -25.08 -27.73
N ILE D 218 13.65 -24.52 -28.78
CA ILE D 218 14.42 -23.83 -29.81
C ILE D 218 14.37 -22.33 -29.59
N GLY D 219 13.18 -21.74 -29.63
CA GLY D 219 13.05 -20.31 -29.41
C GLY D 219 12.84 -19.51 -30.68
N ILE D 220 12.00 -20.00 -31.58
CA ILE D 220 11.71 -19.32 -32.83
C ILE D 220 10.23 -18.96 -32.86
N ASN D 221 9.87 -18.13 -33.83
CA ASN D 221 8.49 -17.71 -34.05
C ASN D 221 7.97 -18.34 -35.33
N ILE D 222 6.81 -18.99 -35.24
CA ILE D 222 6.21 -19.73 -36.35
C ILE D 222 4.84 -19.15 -36.64
N THR D 223 4.58 -18.81 -37.90
CA THR D 223 3.31 -18.23 -38.32
C THR D 223 2.48 -19.15 -39.20
N ARG D 224 3.10 -19.87 -40.14
CA ARG D 224 2.39 -20.75 -41.05
C ARG D 224 3.08 -22.12 -41.08
N PHE D 225 2.31 -23.13 -41.49
CA PHE D 225 2.85 -24.48 -41.58
C PHE D 225 2.34 -25.16 -42.84
N GLN D 226 3.02 -26.24 -43.23
CA GLN D 226 2.68 -26.99 -44.42
C GLN D 226 3.17 -28.42 -44.27
N THR D 227 2.27 -29.38 -44.46
CA THR D 227 2.59 -30.79 -44.27
C THR D 227 3.34 -31.34 -45.49
N LEU D 228 3.93 -32.51 -45.31
CA LEU D 228 4.67 -33.20 -46.37
C LEU D 228 4.09 -34.59 -46.55
N LEU D 229 3.78 -34.94 -47.79
CA LEU D 229 3.24 -36.25 -48.12
C LEU D 229 4.23 -37.02 -48.99
N ALA D 230 4.20 -38.34 -48.84
CA ALA D 230 5.07 -39.23 -49.61
C ALA D 230 4.24 -39.79 -50.76
N LEU D 231 4.22 -39.06 -51.88
CA LEU D 231 3.50 -39.50 -53.05
C LEU D 231 4.25 -40.65 -53.73
N HIS D 232 3.49 -41.54 -54.35
CA HIS D 232 4.05 -42.71 -55.01
C HIS D 232 4.40 -42.37 -56.45
N ARG D 233 5.64 -42.67 -56.85
CA ARG D 233 6.13 -42.39 -58.19
C ARG D 233 6.52 -43.70 -58.88
N SER D 234 6.16 -43.81 -60.15
CA SER D 234 6.47 -45.00 -60.92
C SER D 234 6.83 -44.65 -62.37
N PRO D 238 4.80 -42.85 -65.04
CA PRO D 238 4.19 -42.76 -66.37
C PRO D 238 4.29 -41.36 -66.95
N GLY D 239 5.50 -40.82 -67.04
CA GLY D 239 5.70 -39.49 -67.57
C GLY D 239 7.02 -38.91 -67.09
N ASP D 240 7.08 -37.59 -67.06
CA ASP D 240 8.25 -36.87 -66.60
C ASP D 240 8.21 -36.71 -65.07
N SER D 241 9.08 -35.86 -64.53
CA SER D 241 9.15 -35.67 -63.08
C SER D 241 8.00 -34.84 -62.54
N SER D 242 7.23 -34.16 -63.39
CA SER D 242 6.13 -33.34 -62.94
C SER D 242 4.76 -33.98 -63.14
N SER D 243 4.69 -35.12 -63.84
CA SER D 243 3.42 -35.78 -64.09
C SER D 243 3.44 -37.28 -63.83
N GLY D 244 4.60 -37.93 -63.83
CA GLY D 244 4.66 -39.37 -63.62
C GLY D 244 4.58 -39.77 -62.16
N TRP D 245 3.38 -39.64 -61.57
CA TRP D 245 3.20 -39.94 -60.16
C TRP D 245 1.74 -40.27 -59.91
N THR D 246 1.49 -40.87 -58.75
CA THR D 246 0.13 -41.15 -58.30
C THR D 246 0.01 -40.78 -56.82
N ALA D 247 -1.21 -40.46 -56.41
CA ALA D 247 -1.45 -39.96 -55.06
C ALA D 247 -1.55 -41.06 -54.01
N GLY D 248 -1.97 -42.26 -54.40
CA GLY D 248 -2.16 -43.32 -53.43
C GLY D 248 -3.42 -43.11 -52.59
N ALA D 249 -3.38 -43.61 -51.37
CA ALA D 249 -4.50 -43.49 -50.43
C ALA D 249 -4.00 -42.79 -49.18
N ALA D 250 -4.54 -41.59 -48.92
CA ALA D 250 -4.15 -40.81 -47.75
C ALA D 250 -5.28 -39.87 -47.38
N ALA D 251 -5.41 -39.63 -46.08
CA ALA D 251 -6.44 -38.73 -45.56
C ALA D 251 -6.00 -38.23 -44.20
N TYR D 252 -5.85 -36.91 -44.06
CA TYR D 252 -5.43 -36.30 -42.80
C TYR D 252 -6.34 -35.14 -42.45
N TYR D 253 -6.49 -34.90 -41.16
CA TYR D 253 -7.37 -33.86 -40.63
C TYR D 253 -6.53 -32.80 -39.93
N VAL D 254 -6.94 -31.54 -40.06
CA VAL D 254 -6.27 -30.42 -39.43
C VAL D 254 -7.28 -29.68 -38.55
N GLY D 255 -6.96 -29.56 -37.27
CA GLY D 255 -7.78 -28.82 -36.33
C GLY D 255 -7.04 -27.59 -35.80
N TYR D 256 -7.80 -26.72 -35.16
CA TYR D 256 -7.27 -25.46 -34.63
C TYR D 256 -7.65 -25.32 -33.16
N LEU D 257 -6.64 -25.16 -32.31
CA LEU D 257 -6.86 -25.00 -30.89
C LEU D 257 -7.39 -23.61 -30.56
N GLN D 258 -8.09 -23.50 -29.44
CA GLN D 258 -8.68 -22.25 -28.98
C GLN D 258 -8.47 -22.12 -27.47
N PRO D 259 -8.30 -20.90 -26.97
CA PRO D 259 -8.11 -20.72 -25.50
C PRO D 259 -9.42 -20.85 -24.71
N ARG D 260 -9.80 -22.09 -24.42
CA ARG D 260 -11.00 -22.39 -23.68
C ARG D 260 -10.67 -23.34 -22.53
N THR D 261 -11.53 -23.35 -21.52
CA THR D 261 -11.31 -24.14 -20.31
C THR D 261 -12.05 -25.48 -20.40
N PHE D 262 -11.46 -26.50 -19.77
CA PHE D 262 -12.00 -27.85 -19.73
C PHE D 262 -12.24 -28.27 -18.28
N LEU D 263 -12.62 -29.54 -18.12
CA LEU D 263 -12.75 -30.18 -16.81
C LEU D 263 -12.38 -31.64 -17.00
N LEU D 264 -11.11 -31.98 -16.75
CA LEU D 264 -10.60 -33.30 -17.02
C LEU D 264 -11.02 -34.29 -15.93
N LYS D 265 -10.99 -35.57 -16.28
CA LYS D 265 -11.35 -36.66 -15.37
C LYS D 265 -10.17 -37.61 -15.28
N TYR D 266 -9.36 -37.45 -14.24
CA TYR D 266 -8.26 -38.36 -13.98
C TYR D 266 -8.76 -39.59 -13.23
N ASN D 267 -8.25 -40.76 -13.61
CA ASN D 267 -8.66 -42.00 -12.98
C ASN D 267 -7.79 -42.25 -11.75
N GLU D 268 -7.87 -43.48 -11.21
CA GLU D 268 -7.04 -43.85 -10.06
C GLU D 268 -5.58 -44.05 -10.45
N ASN D 269 -5.28 -44.23 -11.74
CA ASN D 269 -3.92 -44.50 -12.19
C ASN D 269 -3.36 -43.40 -13.08
N GLY D 270 -3.99 -42.22 -13.07
CA GLY D 270 -3.41 -41.02 -13.66
C GLY D 270 -3.86 -40.70 -15.07
N THR D 271 -4.45 -41.65 -15.78
CA THR D 271 -4.82 -41.43 -17.17
C THR D 271 -6.15 -40.68 -17.27
N ILE D 272 -6.23 -39.77 -18.22
CA ILE D 272 -7.46 -39.02 -18.47
C ILE D 272 -8.43 -39.94 -19.21
N THR D 273 -9.61 -40.15 -18.63
CA THR D 273 -10.61 -41.01 -19.23
C THR D 273 -11.80 -40.27 -19.80
N ASP D 274 -12.01 -39.01 -19.43
CA ASP D 274 -13.12 -38.22 -19.95
C ASP D 274 -12.77 -36.74 -19.84
N ALA D 275 -13.47 -35.93 -20.62
CA ALA D 275 -13.27 -34.49 -20.62
C ALA D 275 -14.59 -33.79 -20.88
N VAL D 276 -14.73 -32.59 -20.34
CA VAL D 276 -15.94 -31.79 -20.46
C VAL D 276 -15.54 -30.39 -20.93
N ASP D 277 -16.12 -29.96 -22.05
CA ASP D 277 -15.92 -28.59 -22.54
C ASP D 277 -16.92 -27.68 -21.84
N CYS D 278 -16.42 -26.63 -21.19
CA CYS D 278 -17.29 -25.80 -20.34
C CYS D 278 -18.21 -24.91 -21.17
N ALA D 279 -17.72 -24.36 -22.27
CA ALA D 279 -18.47 -23.39 -23.07
C ALA D 279 -19.06 -24.03 -24.33
N LEU D 280 -19.49 -25.28 -24.24
CA LEU D 280 -20.12 -25.96 -25.38
C LEU D 280 -21.64 -25.84 -25.33
N ASP D 281 -22.24 -26.34 -24.26
CA ASP D 281 -23.68 -26.31 -24.05
C ASP D 281 -23.95 -25.93 -22.60
N PRO D 282 -25.15 -25.40 -22.30
CA PRO D 282 -25.45 -25.04 -20.89
C PRO D 282 -25.55 -26.23 -19.94
N LEU D 283 -25.66 -27.46 -20.45
CA LEU D 283 -25.59 -28.63 -19.58
C LEU D 283 -24.21 -28.77 -18.94
N SER D 284 -23.15 -28.56 -19.72
CA SER D 284 -21.80 -28.67 -19.20
C SER D 284 -21.34 -27.44 -18.43
N GLU D 285 -22.07 -26.32 -18.54
CA GLU D 285 -21.80 -25.17 -17.67
C GLU D 285 -22.16 -25.49 -16.23
N THR D 286 -23.17 -26.33 -16.02
CA THR D 286 -23.50 -26.80 -14.69
C THR D 286 -22.44 -27.78 -14.18
N LYS D 287 -21.88 -28.59 -15.08
CA LYS D 287 -20.86 -29.56 -14.68
C LYS D 287 -19.57 -28.87 -14.28
N CYS D 288 -19.20 -27.78 -14.96
CA CYS D 288 -17.97 -27.07 -14.64
C CYS D 288 -18.08 -26.26 -13.36
N THR D 289 -19.26 -25.71 -13.07
CA THR D 289 -19.45 -24.92 -11.86
C THR D 289 -19.72 -25.76 -10.63
N LEU D 290 -19.93 -27.07 -10.77
CA LEU D 290 -20.16 -27.96 -9.65
C LEU D 290 -19.01 -28.93 -9.39
N LYS D 291 -18.00 -28.94 -10.28
CA LYS D 291 -16.83 -29.83 -10.21
C LYS D 291 -17.24 -31.31 -10.15
N SER D 292 -18.21 -31.68 -10.98
CA SER D 292 -18.70 -33.05 -11.01
C SER D 292 -19.18 -33.37 -12.42
N PHE D 293 -19.23 -34.67 -12.72
CA PHE D 293 -19.70 -35.15 -14.01
C PHE D 293 -21.17 -35.55 -14.01
N THR D 294 -21.76 -35.76 -12.84
CA THR D 294 -23.17 -36.08 -12.69
C THR D 294 -23.86 -34.94 -11.97
N VAL D 295 -25.00 -34.50 -12.51
CA VAL D 295 -25.72 -33.34 -11.99
C VAL D 295 -27.04 -33.83 -11.40
N GLU D 296 -27.28 -33.46 -10.14
CA GLU D 296 -28.53 -33.80 -9.48
C GLU D 296 -29.66 -32.91 -10.00
N LYS D 297 -30.90 -33.32 -9.73
CA LYS D 297 -32.06 -32.56 -10.16
C LYS D 297 -32.19 -31.28 -9.35
N GLY D 298 -32.40 -30.16 -10.04
CA GLY D 298 -32.53 -28.88 -9.39
C GLY D 298 -32.16 -27.76 -10.35
N ILE D 299 -32.01 -26.57 -9.78
CA ILE D 299 -31.66 -25.37 -10.53
C ILE D 299 -30.31 -24.87 -10.03
N TYR D 300 -29.40 -24.59 -10.97
CA TYR D 300 -28.05 -24.18 -10.63
C TYR D 300 -27.68 -22.94 -11.43
N GLN D 301 -27.13 -21.94 -10.74
CA GLN D 301 -26.65 -20.73 -11.38
C GLN D 301 -25.23 -20.95 -11.88
N THR D 302 -25.02 -20.78 -13.18
CA THR D 302 -23.74 -21.06 -13.81
C THR D 302 -23.00 -19.80 -14.26
N SER D 303 -23.65 -18.94 -15.04
CA SER D 303 -22.99 -17.75 -15.56
C SER D 303 -23.84 -16.51 -15.34
N ASN D 304 -23.40 -15.38 -15.88
CA ASN D 304 -24.11 -14.11 -15.77
C ASN D 304 -24.33 -13.54 -17.16
N PHE D 305 -25.53 -13.00 -17.38
CA PHE D 305 -25.92 -12.45 -18.67
C PHE D 305 -25.91 -10.93 -18.60
N ARG D 306 -25.27 -10.30 -19.58
CA ARG D 306 -25.29 -8.86 -19.74
C ARG D 306 -25.23 -8.53 -21.22
N VAL D 307 -25.79 -7.37 -21.59
CA VAL D 307 -25.85 -6.94 -22.97
C VAL D 307 -24.73 -5.95 -23.23
N GLN D 308 -24.01 -6.14 -24.34
CA GLN D 308 -22.95 -5.23 -24.73
C GLN D 308 -23.53 -3.96 -25.35
N PRO D 309 -22.88 -2.81 -25.16
CA PRO D 309 -23.36 -1.60 -25.82
C PRO D 309 -23.09 -1.64 -27.31
N THR D 310 -24.10 -1.24 -28.09
CA THR D 310 -24.02 -1.34 -29.54
C THR D 310 -23.07 -0.30 -30.13
N GLU D 311 -23.18 0.95 -29.69
CA GLU D 311 -22.39 2.02 -30.26
C GLU D 311 -22.19 3.11 -29.22
N SER D 312 -21.17 3.94 -29.45
CA SER D 312 -20.82 5.03 -28.55
C SER D 312 -21.36 6.34 -29.10
N ILE D 313 -22.16 7.04 -28.30
CA ILE D 313 -22.81 8.28 -28.70
C ILE D 313 -22.24 9.43 -27.87
N VAL D 314 -21.80 10.48 -28.56
CA VAL D 314 -21.18 11.64 -27.94
C VAL D 314 -22.06 12.86 -28.21
N ARG D 315 -22.36 13.62 -27.17
CA ARG D 315 -23.21 14.79 -27.28
C ARG D 315 -22.50 16.04 -26.77
N PHE D 316 -22.86 17.18 -27.34
CA PHE D 316 -22.29 18.47 -27.02
C PHE D 316 -23.29 19.53 -27.43
N PRO D 317 -23.37 20.68 -26.72
CA PRO D 317 -24.32 21.74 -27.12
C PRO D 317 -24.00 22.40 -28.45
N ASN D 318 -24.84 23.36 -28.84
CA ASN D 318 -24.78 23.95 -30.17
C ASN D 318 -23.52 24.82 -30.33
N ILE D 319 -23.14 25.02 -31.58
CA ILE D 319 -21.90 25.70 -31.93
C ILE D 319 -22.13 27.18 -32.22
N THR D 320 -23.23 27.74 -31.72
CA THR D 320 -23.53 29.15 -31.93
C THR D 320 -22.74 30.00 -30.92
N ASN D 321 -23.08 31.30 -30.87
CA ASN D 321 -22.39 32.32 -30.06
C ASN D 321 -20.89 32.37 -30.35
N LEU D 322 -20.55 32.26 -31.63
CA LEU D 322 -19.16 32.24 -32.06
C LEU D 322 -18.56 33.64 -32.02
N CYS D 323 -17.25 33.70 -31.84
CA CYS D 323 -16.52 34.96 -31.90
C CYS D 323 -16.45 35.45 -33.35
N PRO D 324 -16.30 36.77 -33.55
CA PRO D 324 -16.11 37.27 -34.92
C PRO D 324 -14.75 36.91 -35.51
N PHE D 325 -14.60 35.65 -35.92
CA PHE D 325 -13.37 35.20 -36.56
C PHE D 325 -13.35 35.52 -38.05
N GLY D 326 -14.50 35.87 -38.64
CA GLY D 326 -14.55 36.19 -40.05
C GLY D 326 -13.98 37.53 -40.43
N GLU D 327 -13.69 38.39 -39.45
CA GLU D 327 -13.13 39.71 -39.72
C GLU D 327 -11.61 39.75 -39.70
N VAL D 328 -10.96 38.74 -39.14
CA VAL D 328 -9.49 38.73 -39.13
C VAL D 328 -8.94 38.26 -40.48
N PHE D 329 -9.76 37.60 -41.30
CA PHE D 329 -9.33 37.11 -42.60
C PHE D 329 -10.01 37.80 -43.77
N ASN D 330 -11.17 38.43 -43.54
CA ASN D 330 -11.92 39.14 -44.57
C ASN D 330 -12.09 40.62 -44.22
N ALA D 331 -11.05 41.23 -43.66
CA ALA D 331 -11.11 42.67 -43.39
C ALA D 331 -10.91 43.46 -44.68
N THR D 332 -11.43 44.68 -44.69
CA THR D 332 -11.31 45.52 -45.87
C THR D 332 -9.89 46.06 -46.07
N ARG D 333 -9.11 46.14 -45.00
CA ARG D 333 -7.75 46.66 -45.09
C ARG D 333 -6.93 46.11 -43.93
N PHE D 334 -5.70 45.70 -44.24
CA PHE D 334 -4.75 45.27 -43.22
C PHE D 334 -3.74 46.38 -42.95
N ALA D 335 -3.34 46.50 -41.69
CA ALA D 335 -2.36 47.49 -41.28
C ALA D 335 -0.95 47.03 -41.64
N SER D 336 0.00 47.96 -41.55
CA SER D 336 1.38 47.68 -41.89
C SER D 336 2.10 47.00 -40.73
N VAL D 337 3.39 46.71 -40.93
CA VAL D 337 4.15 45.98 -39.93
C VAL D 337 4.60 46.87 -38.77
N TYR D 338 4.64 48.19 -38.96
CA TYR D 338 5.02 49.09 -37.87
C TYR D 338 3.85 49.48 -36.99
N ALA D 339 2.62 49.31 -37.47
CA ALA D 339 1.40 49.60 -36.72
C ALA D 339 0.47 48.41 -36.76
N TRP D 340 1.01 47.22 -36.47
CA TRP D 340 0.27 45.98 -36.61
C TRP D 340 -0.85 45.89 -35.56
N ASN D 341 -1.97 45.31 -35.98
CA ASN D 341 -3.15 45.25 -35.13
C ASN D 341 -2.96 44.21 -34.02
N ARG D 342 -3.33 44.59 -32.80
CA ARG D 342 -3.26 43.72 -31.64
C ARG D 342 -4.68 43.30 -31.28
N LYS D 343 -5.05 42.08 -31.63
CA LYS D 343 -6.40 41.57 -31.44
C LYS D 343 -6.38 40.35 -30.54
N ARG D 344 -7.33 40.31 -29.60
CA ARG D 344 -7.49 39.18 -28.69
C ARG D 344 -8.87 38.55 -28.92
N ILE D 345 -8.94 37.24 -28.68
CA ILE D 345 -10.15 36.46 -28.93
C ILE D 345 -10.46 35.67 -27.67
N SER D 346 -11.68 35.83 -27.15
CA SER D 346 -12.13 35.14 -25.96
C SER D 346 -13.62 34.81 -26.08
N ASN D 347 -14.05 33.87 -25.23
CA ASN D 347 -15.39 33.25 -25.20
C ASN D 347 -15.95 32.97 -26.59
N CYS D 348 -15.18 32.22 -27.37
CA CYS D 348 -15.40 32.04 -28.80
C CYS D 348 -15.78 30.60 -29.12
N VAL D 349 -16.25 30.41 -30.35
CA VAL D 349 -16.47 29.09 -30.94
C VAL D 349 -15.79 29.13 -32.30
N ALA D 350 -14.64 28.49 -32.42
CA ALA D 350 -13.78 28.62 -33.58
C ALA D 350 -13.61 27.27 -34.29
N ASP D 351 -13.61 27.32 -35.62
CA ASP D 351 -13.36 26.15 -36.46
C ASP D 351 -12.00 26.28 -37.11
N TYR D 352 -11.20 25.21 -37.04
CA TYR D 352 -9.84 25.22 -37.57
C TYR D 352 -9.63 24.29 -38.76
N SER D 353 -10.48 23.27 -38.91
CA SER D 353 -10.32 22.33 -40.01
C SER D 353 -10.80 22.91 -41.34
N VAL D 354 -11.57 24.00 -41.30
CA VAL D 354 -12.02 24.62 -42.54
C VAL D 354 -10.88 25.38 -43.23
N LEU D 355 -9.85 25.76 -42.48
CA LEU D 355 -8.70 26.44 -43.08
C LEU D 355 -7.84 25.47 -43.88
N TYR D 356 -7.72 24.22 -43.41
CA TYR D 356 -6.97 23.22 -44.17
C TYR D 356 -7.72 22.79 -45.42
N ASN D 357 -9.05 22.78 -45.37
CA ASN D 357 -9.88 22.37 -46.49
C ASN D 357 -10.39 23.55 -47.31
N SER D 358 -9.85 24.75 -47.09
CA SER D 358 -10.26 25.91 -47.87
C SER D 358 -9.74 25.83 -49.31
N ALA D 359 -8.59 25.18 -49.50
CA ALA D 359 -7.94 24.95 -50.81
C ALA D 359 -7.64 26.25 -51.55
N SER D 360 -7.37 27.32 -50.80
CA SER D 360 -7.01 28.60 -51.41
C SER D 360 -5.90 29.32 -50.64
N PHE D 361 -5.24 28.66 -49.69
CA PHE D 361 -4.23 29.28 -48.85
C PHE D 361 -2.89 28.66 -49.19
N SER D 362 -1.91 29.50 -49.52
CA SER D 362 -0.65 28.99 -50.04
C SER D 362 0.22 28.38 -48.94
N THR D 363 0.31 29.03 -47.79
CA THR D 363 1.22 28.61 -46.72
C THR D 363 0.39 28.09 -45.55
N PHE D 364 0.07 26.79 -45.60
CA PHE D 364 -0.52 26.11 -44.45
C PHE D 364 0.56 25.27 -43.79
N LYS D 365 1.48 25.94 -43.10
CA LYS D 365 2.58 25.28 -42.42
C LYS D 365 3.06 26.17 -41.29
N CYS D 366 3.33 25.55 -40.14
CA CYS D 366 3.85 26.26 -38.97
C CYS D 366 4.51 25.23 -38.05
N TYR D 367 4.84 25.66 -36.84
CA TYR D 367 5.52 24.83 -35.86
C TYR D 367 4.63 24.65 -34.63
N GLY D 368 5.18 23.98 -33.62
CA GLY D 368 4.49 23.78 -32.36
C GLY D 368 3.62 22.54 -32.33
N VAL D 369 2.47 22.59 -33.00
CA VAL D 369 1.51 21.48 -32.96
C VAL D 369 0.66 21.55 -34.23
N SER D 370 0.34 20.38 -34.77
CA SER D 370 -0.50 20.30 -35.95
C SER D 370 -1.94 20.69 -35.62
N PRO D 371 -2.65 21.33 -36.55
CA PRO D 371 -4.07 21.66 -36.31
C PRO D 371 -4.99 20.45 -36.27
N THR D 372 -4.56 19.30 -36.79
CA THR D 372 -5.39 18.10 -36.73
C THR D 372 -5.50 17.57 -35.30
N LYS D 373 -4.40 17.58 -34.56
CA LYS D 373 -4.38 17.17 -33.16
C LYS D 373 -4.45 18.35 -32.20
N LEU D 374 -5.16 19.42 -32.61
CA LEU D 374 -5.30 20.63 -31.82
C LEU D 374 -6.67 20.79 -31.18
N ASN D 375 -7.71 20.24 -31.80
CA ASN D 375 -9.08 20.43 -31.34
C ASN D 375 -9.47 19.49 -30.20
N ASP D 376 -8.57 18.61 -29.76
CA ASP D 376 -8.85 17.72 -28.64
C ASP D 376 -8.43 18.31 -27.30
N LEU D 377 -7.95 19.56 -27.28
CA LEU D 377 -7.49 20.20 -26.05
C LEU D 377 -8.13 21.58 -25.95
N CYS D 378 -8.37 22.01 -24.71
CA CYS D 378 -9.11 23.23 -24.43
C CYS D 378 -8.16 24.40 -24.19
N PHE D 379 -8.48 25.55 -24.79
CA PHE D 379 -7.66 26.73 -24.71
C PHE D 379 -8.47 27.90 -24.15
N THR D 380 -7.76 28.86 -23.55
CA THR D 380 -8.40 29.96 -22.83
C THR D 380 -8.27 31.33 -23.49
N ASN D 381 -7.30 31.51 -24.41
CA ASN D 381 -7.12 32.81 -25.03
C ASN D 381 -6.44 32.62 -26.39
N VAL D 382 -6.95 33.33 -27.39
CA VAL D 382 -6.43 33.30 -28.75
C VAL D 382 -6.01 34.71 -29.13
N TYR D 383 -4.76 34.86 -29.59
CA TYR D 383 -4.24 36.13 -30.06
C TYR D 383 -4.16 36.12 -31.58
N ALA D 384 -4.27 37.30 -32.18
CA ALA D 384 -4.24 37.42 -33.63
C ALA D 384 -3.65 38.76 -34.02
N ASP D 385 -2.74 38.75 -34.99
CA ASP D 385 -2.12 39.95 -35.52
C ASP D 385 -2.19 39.92 -37.04
N SER D 386 -2.25 41.11 -37.65
CA SER D 386 -2.36 41.24 -39.09
C SER D 386 -1.34 42.24 -39.61
N PHE D 387 -0.60 41.85 -40.64
CA PHE D 387 0.39 42.71 -41.27
C PHE D 387 0.62 42.24 -42.70
N VAL D 388 1.20 43.12 -43.51
CA VAL D 388 1.37 42.87 -44.94
C VAL D 388 2.85 43.04 -45.28
N ILE D 389 3.44 41.99 -45.87
CA ILE D 389 4.79 42.03 -46.41
C ILE D 389 4.73 41.53 -47.85
N ARG D 390 5.85 41.64 -48.56
CA ARG D 390 5.90 41.19 -49.94
C ARG D 390 6.22 39.70 -50.01
N GLY D 391 6.55 39.21 -51.20
CA GLY D 391 6.50 37.79 -51.51
C GLY D 391 7.51 36.84 -50.88
N ASP D 392 8.79 36.97 -51.23
CA ASP D 392 9.75 35.88 -51.04
C ASP D 392 10.42 35.88 -49.67
N GLU D 393 10.07 36.79 -48.78
CA GLU D 393 10.71 36.84 -47.47
C GLU D 393 9.76 36.40 -46.34
N VAL D 394 8.76 35.59 -46.69
CA VAL D 394 7.83 35.07 -45.69
C VAL D 394 8.39 33.92 -44.86
N ARG D 395 9.65 33.55 -45.07
CA ARG D 395 10.23 32.39 -44.39
C ARG D 395 10.73 32.74 -42.98
N GLN D 396 11.23 33.96 -42.77
CA GLN D 396 11.95 34.28 -41.54
C GLN D 396 11.04 34.75 -40.41
N ILE D 397 9.72 34.57 -40.52
CA ILE D 397 8.81 34.85 -39.40
C ILE D 397 8.78 33.58 -38.56
N ALA D 398 9.79 33.45 -37.69
CA ALA D 398 10.05 32.32 -36.81
C ALA D 398 11.12 32.75 -35.81
N PRO D 399 11.11 32.25 -34.58
CA PRO D 399 12.17 32.59 -33.63
C PRO D 399 13.51 31.99 -34.02
N GLY D 400 14.58 32.68 -33.62
CA GLY D 400 15.93 32.22 -33.91
C GLY D 400 16.40 32.45 -35.32
N GLN D 401 15.81 33.40 -36.04
CA GLN D 401 16.21 33.70 -37.41
C GLN D 401 16.37 35.21 -37.59
N THR D 402 17.20 35.58 -38.55
CA THR D 402 17.53 36.97 -38.82
C THR D 402 16.54 37.55 -39.81
N GLY D 403 16.84 38.74 -40.31
CA GLY D 403 16.00 39.45 -41.27
C GLY D 403 15.86 40.91 -40.91
N LYS D 404 15.04 41.60 -41.71
CA LYS D 404 14.75 43.01 -41.48
C LYS D 404 13.46 43.22 -40.69
N ILE D 405 12.36 42.60 -41.13
CA ILE D 405 11.11 42.67 -40.37
C ILE D 405 11.20 41.85 -39.10
N ALA D 406 11.97 40.76 -39.10
CA ALA D 406 12.08 39.91 -37.93
C ALA D 406 12.89 40.56 -36.82
N ASP D 407 13.92 41.33 -37.17
CA ASP D 407 14.81 41.90 -36.17
C ASP D 407 14.41 43.32 -35.75
N TYR D 408 13.59 44.01 -36.54
CA TYR D 408 13.27 45.40 -36.28
C TYR D 408 11.78 45.73 -36.23
N ASN D 409 10.91 44.85 -36.73
CA ASN D 409 9.48 45.14 -36.76
C ASN D 409 8.66 44.20 -35.89
N TYR D 410 8.78 42.89 -36.10
CA TYR D 410 7.94 41.93 -35.38
C TYR D 410 8.67 40.60 -35.30
N LYS D 411 8.75 40.04 -34.09
CA LYS D 411 9.41 38.77 -33.85
C LYS D 411 8.54 37.90 -32.95
N LEU D 412 9.01 36.69 -32.70
CA LEU D 412 8.31 35.70 -31.89
C LEU D 412 9.20 35.23 -30.76
N PRO D 413 8.63 34.84 -29.62
CA PRO D 413 9.44 34.26 -28.54
C PRO D 413 9.91 32.87 -28.90
N ASP D 414 10.86 32.37 -28.09
CA ASP D 414 11.45 31.06 -28.36
C ASP D 414 10.46 29.93 -28.12
N ASP D 415 9.59 30.07 -27.13
CA ASP D 415 8.57 29.07 -26.84
C ASP D 415 7.24 29.45 -27.52
N PHE D 416 7.31 29.58 -28.85
CA PHE D 416 6.16 29.95 -29.66
C PHE D 416 5.56 28.68 -30.28
N THR D 417 4.40 28.27 -29.77
CA THR D 417 3.68 27.12 -30.29
C THR D 417 2.52 27.52 -31.19
N GLY D 418 2.42 28.80 -31.54
CA GLY D 418 1.33 29.26 -32.39
C GLY D 418 1.57 28.96 -33.86
N CYS D 419 0.64 29.42 -34.70
CA CYS D 419 0.68 29.13 -36.11
C CYS D 419 0.66 30.42 -36.94
N VAL D 420 1.15 30.30 -38.17
CA VAL D 420 1.26 31.41 -39.11
C VAL D 420 0.47 31.06 -40.37
N ILE D 421 -0.29 32.04 -40.88
CA ILE D 421 -1.15 31.86 -42.04
C ILE D 421 -0.93 33.03 -42.99
N ALA D 422 -0.63 32.73 -44.25
CA ALA D 422 -0.39 33.77 -45.25
C ALA D 422 -1.08 33.39 -46.55
N TRP D 423 -1.40 34.42 -47.35
CA TRP D 423 -2.02 34.23 -48.66
C TRP D 423 -1.73 35.44 -49.52
N ASN D 424 -2.02 35.29 -50.82
CA ASN D 424 -1.70 36.32 -51.81
C ASN D 424 -2.68 37.49 -51.71
N SER D 425 -2.23 38.65 -52.19
CA SER D 425 -2.97 39.90 -52.15
C SER D 425 -2.90 40.61 -53.51
N ASN D 426 -3.17 39.86 -54.58
CA ASN D 426 -3.03 40.41 -55.92
C ASN D 426 -4.15 41.38 -56.26
N ASN D 427 -5.32 41.23 -55.65
CA ASN D 427 -6.47 42.03 -56.04
C ASN D 427 -6.67 43.26 -55.16
N LEU D 428 -6.65 43.10 -53.84
CA LEU D 428 -7.03 44.19 -52.95
C LEU D 428 -5.87 45.12 -52.67
N ASP D 429 -4.72 44.57 -52.24
CA ASP D 429 -3.61 45.40 -51.80
C ASP D 429 -2.87 46.07 -52.96
N SER D 430 -2.78 45.40 -54.10
CA SER D 430 -2.02 45.91 -55.24
C SER D 430 -2.96 46.53 -56.26
N LYS D 431 -2.68 47.78 -56.63
CA LYS D 431 -3.46 48.49 -57.63
C LYS D 431 -2.52 49.35 -58.45
N VAL D 432 -3.08 50.18 -59.33
CA VAL D 432 -2.30 51.07 -60.18
C VAL D 432 -2.07 52.38 -59.44
N GLY D 433 -0.94 53.01 -59.73
CA GLY D 433 -0.58 54.28 -59.13
C GLY D 433 0.18 54.20 -57.83
N GLY D 434 0.25 53.03 -57.21
CA GLY D 434 0.98 52.87 -55.96
C GLY D 434 0.13 53.17 -54.74
N ASN D 435 0.50 52.55 -53.63
CA ASN D 435 -0.17 52.74 -52.35
C ASN D 435 0.89 53.06 -51.31
N TYR D 436 0.90 54.31 -50.83
CA TYR D 436 1.90 54.77 -49.87
C TYR D 436 1.42 54.67 -48.43
N ASN D 437 0.42 53.85 -48.16
CA ASN D 437 -0.04 53.59 -46.80
C ASN D 437 0.54 52.33 -46.20
N TYR D 438 1.40 51.63 -46.94
CA TYR D 438 2.07 50.43 -46.47
C TYR D 438 3.57 50.74 -46.35
N LEU D 439 4.07 50.74 -45.11
CA LEU D 439 5.45 51.09 -44.83
C LEU D 439 6.06 50.09 -43.87
N TYR D 440 7.38 49.95 -43.93
CA TYR D 440 8.12 49.05 -43.05
C TYR D 440 9.30 49.79 -42.43
N ARG D 441 9.60 49.45 -41.18
CA ARG D 441 10.67 50.12 -40.44
C ARG D 441 12.04 49.66 -40.92
N LEU D 442 13.02 50.52 -40.71
CA LEU D 442 14.41 50.20 -41.05
C LEU D 442 15.30 50.30 -39.81
N PHE D 443 15.09 51.32 -39.00
CA PHE D 443 16.05 51.71 -37.97
C PHE D 443 15.44 51.60 -36.58
N ARG D 444 16.16 50.96 -35.67
CA ARG D 444 15.89 51.06 -34.24
C ARG D 444 17.19 50.80 -33.49
N LYS D 445 17.13 50.94 -32.17
CA LYS D 445 18.35 51.04 -31.37
C LYS D 445 19.07 49.70 -31.22
N SER D 446 18.34 48.64 -30.94
CA SER D 446 18.99 47.38 -30.58
C SER D 446 18.13 46.21 -31.06
N ASN D 447 18.41 45.02 -30.54
CA ASN D 447 17.66 43.83 -30.90
C ASN D 447 16.25 43.89 -30.32
N LEU D 448 15.30 43.40 -31.10
CA LEU D 448 13.89 43.46 -30.73
C LEU D 448 13.58 42.46 -29.62
N LYS D 449 12.61 42.82 -28.79
CA LYS D 449 11.96 41.96 -27.83
C LYS D 449 10.65 41.43 -28.42
N PRO D 450 10.18 40.27 -27.99
CA PRO D 450 8.91 39.75 -28.53
C PRO D 450 7.71 40.55 -28.05
N PHE D 451 6.75 40.72 -28.96
CA PHE D 451 5.39 41.20 -28.69
C PHE D 451 5.36 42.61 -28.11
N GLU D 452 5.82 43.57 -28.90
CA GLU D 452 5.60 44.98 -28.61
C GLU D 452 5.36 45.74 -29.91
N ARG D 453 4.62 46.84 -29.80
CA ARG D 453 4.27 47.67 -30.94
C ARG D 453 4.88 49.06 -30.76
N ASP D 454 5.60 49.51 -31.78
CA ASP D 454 6.31 50.78 -31.72
C ASP D 454 5.77 51.72 -32.79
N ILE D 455 5.31 52.90 -32.36
CA ILE D 455 4.83 53.94 -33.26
C ILE D 455 5.82 55.10 -33.11
N SER D 456 7.08 54.76 -32.85
CA SER D 456 8.12 55.76 -32.69
C SER D 456 8.49 56.32 -34.05
N THR D 457 7.96 57.49 -34.37
CA THR D 457 8.25 58.17 -35.63
C THR D 457 9.45 59.09 -35.53
N GLU D 458 10.13 59.12 -34.38
CA GLU D 458 11.29 59.98 -34.21
C GLU D 458 12.47 59.40 -34.99
N ILE D 459 13.22 60.29 -35.66
CA ILE D 459 14.26 59.86 -36.58
C ILE D 459 15.48 59.35 -35.82
N TYR D 460 16.03 58.22 -36.27
CA TYR D 460 17.04 57.49 -35.52
C TYR D 460 18.43 58.06 -35.79
N GLN D 461 19.16 58.35 -34.73
CA GLN D 461 20.50 58.93 -34.86
C GLN D 461 21.52 57.85 -35.23
N ALA D 462 22.49 58.23 -36.06
CA ALA D 462 23.58 57.37 -36.46
C ALA D 462 24.93 57.84 -35.95
N GLY D 463 25.28 59.11 -36.18
CA GLY D 463 26.50 59.68 -35.68
C GLY D 463 26.32 60.32 -34.32
N SER D 464 27.37 61.03 -33.90
CA SER D 464 27.35 61.71 -32.61
C SER D 464 26.65 63.06 -32.66
N THR D 465 26.33 63.58 -33.85
CA THR D 465 25.66 64.86 -33.97
C THR D 465 24.18 64.74 -33.60
N PRO D 466 23.60 65.78 -33.01
CA PRO D 466 22.15 65.77 -32.79
C PRO D 466 21.38 65.94 -34.09
N CYS D 467 20.16 65.40 -34.09
CA CYS D 467 19.33 65.43 -35.29
C CYS D 467 18.59 66.76 -35.43
N ASN D 468 17.75 67.08 -34.43
CA ASN D 468 17.03 68.36 -34.30
C ASN D 468 16.11 68.63 -35.49
N GLY D 469 15.17 67.72 -35.70
CA GLY D 469 14.10 67.98 -36.66
C GLY D 469 14.41 67.62 -38.09
N VAL D 470 14.86 68.62 -38.85
CA VAL D 470 15.17 68.45 -40.27
C VAL D 470 16.33 67.47 -40.42
N GLU D 471 16.29 66.67 -41.50
CA GLU D 471 17.26 65.62 -41.78
C GLU D 471 18.68 66.18 -41.89
N GLY D 472 19.59 65.63 -41.09
CA GLY D 472 20.97 66.05 -41.08
C GLY D 472 21.88 65.04 -41.75
N PHE D 473 21.36 64.39 -42.80
CA PHE D 473 22.06 63.52 -43.75
C PHE D 473 22.52 62.19 -43.16
N ASN D 474 22.29 61.97 -41.85
CA ASN D 474 22.53 60.66 -41.26
C ASN D 474 21.35 60.20 -40.42
N CYS D 475 20.63 61.16 -39.82
CA CYS D 475 19.50 60.86 -38.94
C CYS D 475 18.26 60.65 -39.81
N TYR D 476 18.02 59.41 -40.20
CA TYR D 476 17.08 59.09 -41.26
C TYR D 476 15.68 58.80 -40.72
N PHE D 477 14.69 59.05 -41.57
CA PHE D 477 13.33 58.62 -41.31
C PHE D 477 13.26 57.10 -41.49
N PRO D 478 12.90 56.34 -40.46
CA PRO D 478 13.08 54.88 -40.53
C PRO D 478 12.02 54.14 -41.33
N LEU D 479 11.00 54.81 -41.85
CA LEU D 479 9.91 54.16 -42.55
C LEU D 479 10.05 54.38 -44.05
N GLN D 480 9.98 53.28 -44.82
CA GLN D 480 10.03 53.33 -46.26
C GLN D 480 8.80 52.63 -46.82
N SER D 481 8.21 53.20 -47.86
CA SER D 481 6.95 52.71 -48.40
C SER D 481 7.22 51.61 -49.44
N TYR D 482 6.13 51.11 -50.03
CA TYR D 482 6.18 50.09 -51.07
C TYR D 482 5.61 50.65 -52.37
N GLY D 483 6.22 50.26 -53.48
CA GLY D 483 5.70 50.62 -54.79
C GLY D 483 4.81 49.53 -55.35
N PHE D 484 3.50 49.72 -55.27
CA PHE D 484 2.54 48.71 -55.66
C PHE D 484 2.15 48.91 -57.11
N GLN D 485 2.43 47.89 -57.95
CA GLN D 485 2.16 47.93 -59.38
C GLN D 485 1.68 46.53 -59.76
N PRO D 486 0.68 46.43 -60.64
CA PRO D 486 0.12 45.10 -60.97
C PRO D 486 1.06 44.17 -61.73
N THR D 487 2.20 44.65 -62.24
CA THR D 487 3.14 43.82 -62.97
C THR D 487 4.44 43.76 -62.16
N ASN D 488 4.30 43.55 -60.85
CA ASN D 488 5.45 43.40 -59.98
C ASN D 488 5.96 41.96 -60.00
N GLY D 489 7.09 41.74 -59.32
CA GLY D 489 7.68 40.42 -59.28
C GLY D 489 6.98 39.50 -58.29
N VAL D 490 7.42 38.24 -58.30
CA VAL D 490 6.88 37.25 -57.36
C VAL D 490 7.30 37.58 -55.93
N GLY D 491 8.57 37.92 -55.73
CA GLY D 491 9.03 38.33 -54.42
C GLY D 491 8.60 39.71 -54.00
N TYR D 492 8.20 40.55 -54.96
CA TYR D 492 7.71 41.89 -54.65
C TYR D 492 6.19 41.97 -54.61
N GLN D 493 5.50 40.88 -54.89
CA GLN D 493 4.05 40.86 -54.76
C GLN D 493 3.66 40.84 -53.28
N PRO D 494 2.82 41.76 -52.82
CA PRO D 494 2.48 41.80 -51.38
C PRO D 494 1.63 40.62 -50.96
N TYR D 495 1.87 40.15 -49.74
CA TYR D 495 1.16 39.03 -49.15
C TYR D 495 0.48 39.48 -47.86
N ARG D 496 -0.67 38.88 -47.57
CA ARG D 496 -1.41 39.16 -46.34
C ARG D 496 -1.10 38.06 -45.34
N VAL D 497 -0.31 38.39 -44.32
CA VAL D 497 0.20 37.43 -43.36
C VAL D 497 -0.48 37.67 -42.02
N VAL D 498 -1.10 36.61 -41.48
CA VAL D 498 -1.75 36.67 -40.17
C VAL D 498 -1.13 35.61 -39.28
N VAL D 499 -0.62 36.02 -38.13
CA VAL D 499 -0.04 35.12 -37.16
C VAL D 499 -0.99 34.98 -35.98
N LEU D 500 -0.96 33.80 -35.35
CA LEU D 500 -1.80 33.52 -34.20
C LEU D 500 -0.98 32.77 -33.15
N SER D 501 -1.35 32.95 -31.89
CA SER D 501 -0.66 32.32 -30.78
C SER D 501 -1.67 31.81 -29.77
N PHE D 502 -1.30 30.72 -29.09
CA PHE D 502 -2.11 30.09 -28.07
C PHE D 502 -1.35 30.07 -26.74
N GLU D 503 -2.10 30.16 -25.64
CA GLU D 503 -1.52 30.15 -24.31
C GLU D 503 -2.45 29.41 -23.37
N LEU D 504 -1.98 29.22 -22.13
CA LEU D 504 -2.75 28.53 -21.09
C LEU D 504 -2.49 29.24 -19.76
N LEU D 505 -3.39 30.14 -19.40
CA LEU D 505 -3.30 30.89 -18.15
C LEU D 505 -4.17 30.17 -17.11
N HIS D 506 -4.21 30.69 -15.87
CA HIS D 506 -5.07 30.15 -14.83
C HIS D 506 -6.54 30.42 -15.05
N ALA D 507 -6.89 31.28 -16.02
CA ALA D 507 -8.28 31.52 -16.38
C ALA D 507 -8.89 30.26 -17.00
N PRO D 508 -10.21 30.09 -16.86
CA PRO D 508 -10.87 28.93 -17.49
C PRO D 508 -10.86 29.00 -19.01
N ALA D 509 -10.96 27.82 -19.62
CA ALA D 509 -10.83 27.69 -21.06
C ALA D 509 -12.06 28.23 -21.78
N THR D 510 -11.86 28.55 -23.07
CA THR D 510 -12.90 29.11 -23.93
C THR D 510 -13.22 28.22 -25.11
N VAL D 511 -12.21 27.79 -25.86
CA VAL D 511 -12.39 27.01 -27.08
C VAL D 511 -11.70 25.67 -26.88
N CYS D 512 -12.42 24.57 -27.15
CA CYS D 512 -11.80 23.25 -27.12
C CYS D 512 -11.68 22.63 -28.51
N GLY D 513 -12.80 22.34 -29.18
CA GLY D 513 -12.74 21.96 -30.57
C GLY D 513 -13.58 22.74 -31.57
N PRO D 514 -14.88 23.01 -31.28
CA PRO D 514 -15.84 22.50 -30.28
C PRO D 514 -16.27 21.03 -30.49
N LYS D 515 -15.58 20.33 -31.40
CA LYS D 515 -15.52 18.87 -31.54
C LYS D 515 -16.83 18.19 -31.96
N LYS D 516 -17.90 18.97 -32.15
CA LYS D 516 -19.20 18.54 -32.70
C LYS D 516 -19.84 17.40 -31.90
N SER D 517 -20.68 16.61 -32.56
CA SER D 517 -21.40 15.52 -31.92
C SER D 517 -21.80 14.51 -32.98
N THR D 518 -22.65 13.57 -32.59
CA THR D 518 -23.23 12.57 -33.48
C THR D 518 -24.75 12.69 -33.44
N ASN D 519 -25.43 11.74 -34.08
CA ASN D 519 -26.89 11.71 -34.08
C ASN D 519 -27.40 11.13 -32.76
N LEU D 520 -28.71 11.16 -32.58
CA LEU D 520 -29.35 10.69 -31.36
C LEU D 520 -29.94 9.30 -31.58
N VAL D 521 -29.61 8.37 -30.69
CA VAL D 521 -30.08 6.99 -30.76
C VAL D 521 -30.86 6.69 -29.48
N LYS D 522 -32.10 6.23 -29.65
CA LYS D 522 -32.98 5.91 -28.52
C LYS D 522 -33.31 4.43 -28.52
N ASN D 523 -33.72 3.96 -27.34
CA ASN D 523 -34.21 2.59 -27.10
C ASN D 523 -33.17 1.52 -27.44
N LYS D 524 -31.89 1.84 -27.24
CA LYS D 524 -30.81 0.88 -27.44
C LYS D 524 -29.76 1.08 -26.36
N CYS D 525 -29.07 -0.01 -26.02
CA CYS D 525 -28.01 0.04 -25.02
C CYS D 525 -26.77 0.68 -25.65
N VAL D 526 -26.44 1.90 -25.22
CA VAL D 526 -25.38 2.70 -25.81
C VAL D 526 -24.48 3.25 -24.70
N ASN D 527 -23.30 3.72 -25.11
CA ASN D 527 -22.41 4.43 -24.21
C ASN D 527 -22.67 5.92 -24.39
N PHE D 528 -23.52 6.48 -23.54
CA PHE D 528 -23.88 7.89 -23.67
C PHE D 528 -22.77 8.79 -23.13
N ASN D 529 -22.48 9.85 -23.88
CA ASN D 529 -21.50 10.85 -23.49
C ASN D 529 -22.15 12.22 -23.56
N PHE D 530 -21.75 13.11 -22.66
CA PHE D 530 -22.39 14.41 -22.52
C PHE D 530 -21.33 15.41 -22.08
N ASN D 531 -21.78 16.54 -21.52
CA ASN D 531 -20.87 17.62 -21.14
C ASN D 531 -19.92 17.20 -20.03
N GLY D 532 -20.43 16.47 -19.03
CA GLY D 532 -19.59 16.09 -17.92
C GLY D 532 -19.83 14.71 -17.33
N LEU D 533 -20.52 13.85 -18.07
CA LEU D 533 -20.81 12.50 -17.60
C LEU D 533 -20.59 11.48 -18.70
N THR D 534 -20.07 10.31 -18.31
CA THR D 534 -19.93 9.16 -19.19
C THR D 534 -20.55 7.95 -18.50
N GLY D 535 -21.17 7.08 -19.30
CA GLY D 535 -21.79 5.89 -18.75
C GLY D 535 -22.44 5.08 -19.85
N THR D 536 -22.87 3.89 -19.47
CA THR D 536 -23.54 2.95 -20.37
C THR D 536 -24.97 2.76 -19.92
N GLY D 537 -25.91 2.95 -20.84
CA GLY D 537 -27.32 2.82 -20.51
C GLY D 537 -28.17 2.99 -21.75
N VAL D 538 -29.48 2.82 -21.55
CA VAL D 538 -30.46 2.94 -22.61
C VAL D 538 -31.26 4.22 -22.39
N LEU D 539 -31.50 4.96 -23.48
CA LEU D 539 -32.18 6.25 -23.43
C LEU D 539 -33.61 6.09 -23.92
N THR D 540 -34.56 6.55 -23.12
CA THR D 540 -35.98 6.51 -23.46
C THR D 540 -36.58 7.89 -23.25
N GLU D 541 -37.68 8.14 -23.96
CA GLU D 541 -38.38 9.42 -23.83
C GLU D 541 -39.08 9.50 -22.48
N SER D 542 -38.95 10.63 -21.80
CA SER D 542 -39.49 10.83 -20.47
C SER D 542 -40.50 11.97 -20.47
N ASN D 543 -41.23 12.07 -19.37
CA ASN D 543 -42.21 13.12 -19.15
C ASN D 543 -41.92 13.87 -17.86
N LYS D 544 -40.63 14.08 -17.56
CA LYS D 544 -40.22 14.74 -16.34
C LYS D 544 -40.45 16.25 -16.43
N LYS D 545 -40.30 16.91 -15.28
CA LYS D 545 -40.62 18.32 -15.12
C LYS D 545 -39.37 19.10 -14.73
N PHE D 546 -38.29 18.91 -15.50
CA PHE D 546 -37.01 19.54 -15.22
C PHE D 546 -37.10 21.06 -15.25
N LEU D 547 -36.38 21.70 -14.32
CA LEU D 547 -36.27 23.15 -14.32
C LEU D 547 -35.43 23.60 -15.52
N PRO D 548 -35.65 24.83 -16.01
CA PRO D 548 -34.85 25.32 -17.15
C PRO D 548 -33.36 25.46 -16.87
N PHE D 549 -32.94 25.61 -15.62
CA PHE D 549 -31.52 25.64 -15.28
C PHE D 549 -30.97 24.28 -14.89
N GLN D 550 -31.81 23.25 -14.81
CA GLN D 550 -31.39 21.94 -14.34
C GLN D 550 -31.11 21.02 -15.54
N GLN D 551 -29.97 20.33 -15.48
CA GLN D 551 -29.56 19.41 -16.53
C GLN D 551 -29.44 17.97 -16.05
N PHE D 552 -28.96 17.74 -14.83
CA PHE D 552 -28.73 16.39 -14.33
C PHE D 552 -29.94 15.92 -13.52
N GLY D 553 -30.00 14.61 -13.30
CA GLY D 553 -31.05 14.04 -12.47
C GLY D 553 -30.57 12.81 -11.72
N ARG D 554 -30.74 12.81 -10.40
CA ARG D 554 -30.26 11.73 -9.56
C ARG D 554 -31.36 11.25 -8.63
N ASP D 555 -31.28 9.98 -8.25
CA ASP D 555 -32.22 9.37 -7.32
C ASP D 555 -31.69 9.54 -5.89
N ILE D 556 -32.26 8.78 -4.94
CA ILE D 556 -31.81 8.82 -3.56
C ILE D 556 -30.40 8.25 -3.43
N ALA D 557 -30.06 7.25 -4.24
CA ALA D 557 -28.78 6.56 -4.15
C ALA D 557 -27.68 7.24 -4.98
N ASP D 558 -27.93 8.47 -5.45
CA ASP D 558 -26.96 9.30 -6.21
C ASP D 558 -26.50 8.61 -7.48
N THR D 559 -27.46 8.10 -8.24
CA THR D 559 -27.22 7.47 -9.54
C THR D 559 -27.93 8.31 -10.60
N THR D 560 -27.24 8.58 -11.70
CA THR D 560 -27.79 9.42 -12.76
C THR D 560 -28.96 8.71 -13.45
N ASP D 561 -30.12 9.36 -13.43
CA ASP D 561 -31.37 8.78 -13.93
C ASP D 561 -31.90 9.49 -15.17
N ALA D 562 -31.77 10.81 -15.25
CA ALA D 562 -32.26 11.54 -16.40
C ALA D 562 -31.38 12.76 -16.64
N VAL D 563 -30.83 12.89 -17.84
CA VAL D 563 -30.04 14.05 -18.22
C VAL D 563 -30.64 14.64 -19.49
N ARG D 564 -30.57 15.96 -19.62
CA ARG D 564 -31.00 16.62 -20.84
C ARG D 564 -29.96 16.47 -21.94
N ASP D 565 -30.41 16.25 -23.16
CA ASP D 565 -29.54 16.52 -24.30
C ASP D 565 -29.38 18.03 -24.49
N PRO D 566 -28.15 18.50 -24.69
CA PRO D 566 -27.87 19.94 -24.53
C PRO D 566 -28.40 20.82 -25.66
N GLN D 567 -28.70 20.26 -26.83
CA GLN D 567 -29.14 21.10 -27.95
C GLN D 567 -30.65 21.30 -27.92
N THR D 568 -31.39 20.20 -27.94
CA THR D 568 -32.85 20.22 -27.93
C THR D 568 -33.35 20.25 -26.49
N LEU D 569 -34.40 21.02 -26.25
CA LEU D 569 -35.08 20.99 -24.95
C LEU D 569 -35.89 19.70 -24.86
N GLU D 570 -35.24 18.63 -24.42
CA GLU D 570 -35.88 17.33 -24.30
C GLU D 570 -35.32 16.61 -23.08
N ILE D 571 -36.14 15.73 -22.50
CA ILE D 571 -35.78 14.96 -21.30
C ILE D 571 -35.66 13.49 -21.70
N LEU D 572 -34.54 12.87 -21.35
CA LEU D 572 -34.28 11.47 -21.66
C LEU D 572 -33.93 10.73 -20.38
N ASP D 573 -34.68 9.67 -20.08
CA ASP D 573 -34.39 8.82 -18.92
C ASP D 573 -33.22 7.90 -19.22
N ILE D 574 -32.52 7.51 -18.17
CA ILE D 574 -31.42 6.54 -18.25
C ILE D 574 -31.75 5.43 -17.26
N THR D 575 -32.11 4.30 -17.77
CA THR D 575 -32.14 3.06 -17.01
C THR D 575 -30.95 2.19 -17.40
N PRO D 576 -30.40 1.42 -16.48
CA PRO D 576 -29.23 0.58 -16.82
C PRO D 576 -29.59 -0.52 -17.80
N CYS D 577 -28.59 -0.91 -18.59
CA CYS D 577 -28.76 -2.00 -19.54
C CYS D 577 -29.01 -3.30 -18.80
N SER D 578 -29.94 -4.09 -19.32
CA SER D 578 -30.54 -5.18 -18.54
C SER D 578 -29.56 -6.33 -18.35
N PHE D 579 -29.47 -6.83 -17.13
CA PHE D 579 -28.52 -7.86 -16.76
C PHE D 579 -29.17 -8.80 -15.75
N GLY D 580 -28.60 -9.99 -15.62
CA GLY D 580 -29.10 -10.96 -14.66
C GLY D 580 -28.30 -12.24 -14.77
N GLY D 581 -28.50 -13.10 -13.77
CA GLY D 581 -27.81 -14.37 -13.74
C GLY D 581 -28.42 -15.37 -14.70
N VAL D 582 -27.62 -16.39 -15.02
CA VAL D 582 -28.04 -17.48 -15.89
C VAL D 582 -28.18 -18.74 -15.03
N SER D 583 -29.37 -19.31 -15.02
CA SER D 583 -29.67 -20.50 -14.24
C SER D 583 -30.07 -21.62 -15.19
N VAL D 584 -29.47 -22.79 -15.00
CA VAL D 584 -29.75 -23.96 -15.83
C VAL D 584 -30.63 -24.91 -15.03
N ILE D 585 -31.81 -25.22 -15.56
CA ILE D 585 -32.75 -26.12 -14.92
C ILE D 585 -32.69 -27.45 -15.64
N THR D 586 -32.29 -28.50 -14.92
CA THR D 586 -32.08 -29.81 -15.51
C THR D 586 -32.58 -30.89 -14.55
N PRO D 587 -33.00 -32.03 -15.08
CA PRO D 587 -33.16 -33.22 -14.24
C PRO D 587 -31.82 -33.93 -14.02
N GLY D 588 -31.86 -35.11 -13.42
CA GLY D 588 -30.64 -35.88 -13.26
C GLY D 588 -30.07 -36.35 -14.58
N THR D 589 -28.74 -36.47 -14.63
CA THR D 589 -28.06 -36.87 -15.85
C THR D 589 -28.32 -38.33 -16.21
N ASN D 590 -28.68 -39.16 -15.24
CA ASN D 590 -29.10 -40.53 -15.54
C ASN D 590 -30.47 -40.58 -16.20
N THR D 591 -31.30 -39.56 -15.97
CA THR D 591 -32.63 -39.52 -16.59
C THR D 591 -32.55 -38.98 -18.01
N SER D 592 -32.11 -37.73 -18.18
CA SER D 592 -32.01 -37.11 -19.49
C SER D 592 -30.96 -36.02 -19.44
N ASN D 593 -30.48 -35.64 -20.63
CA ASN D 593 -29.49 -34.58 -20.77
C ASN D 593 -30.10 -33.26 -21.22
N GLN D 594 -31.43 -33.18 -21.35
CA GLN D 594 -32.07 -31.95 -21.76
C GLN D 594 -32.04 -30.92 -20.63
N VAL D 595 -31.85 -29.66 -21.00
CA VAL D 595 -31.73 -28.58 -20.03
C VAL D 595 -32.68 -27.44 -20.40
N ALA D 596 -33.00 -26.63 -19.40
CA ALA D 596 -33.77 -25.41 -19.58
C ALA D 596 -32.99 -24.26 -18.97
N VAL D 597 -32.84 -23.18 -19.73
CA VAL D 597 -32.03 -22.03 -19.32
C VAL D 597 -32.97 -20.94 -18.85
N LEU D 598 -32.78 -20.47 -17.62
CA LEU D 598 -33.57 -19.39 -17.03
C LEU D 598 -32.70 -18.13 -17.01
N TYR D 599 -33.09 -17.13 -17.80
CA TYR D 599 -32.40 -15.85 -17.83
C TYR D 599 -33.11 -14.92 -16.84
N GLN D 600 -32.50 -14.72 -15.67
CA GLN D 600 -33.17 -14.06 -14.56
C GLN D 600 -33.22 -12.55 -14.76
N ASP D 601 -34.41 -11.98 -14.47
CA ASP D 601 -34.65 -10.53 -14.39
C ASP D 601 -34.34 -9.81 -15.70
N VAL D 602 -34.88 -10.34 -16.80
CA VAL D 602 -34.67 -9.73 -18.10
C VAL D 602 -35.91 -10.01 -18.96
N ASN D 603 -36.32 -9.00 -19.73
CA ASN D 603 -37.27 -9.19 -20.82
C ASN D 603 -36.47 -9.72 -22.00
N CYS D 604 -36.60 -11.01 -22.30
CA CYS D 604 -35.69 -11.70 -23.19
C CYS D 604 -36.12 -11.65 -24.65
N THR D 605 -36.85 -10.61 -25.05
CA THR D 605 -36.97 -10.28 -26.46
C THR D 605 -35.73 -9.58 -27.00
N GLU D 606 -34.84 -9.13 -26.12
CA GLU D 606 -33.58 -8.49 -26.51
C GLU D 606 -32.47 -9.49 -26.76
N VAL D 607 -32.49 -10.64 -26.08
CA VAL D 607 -31.44 -11.64 -26.23
C VAL D 607 -31.59 -12.39 -27.54
N ASN D 628 -39.07 -23.52 -26.45
CA ASN D 628 -40.00 -22.40 -26.52
C ASN D 628 -39.63 -21.32 -25.51
N VAL D 629 -40.15 -20.12 -25.71
CA VAL D 629 -39.89 -18.98 -24.85
C VAL D 629 -41.15 -18.66 -24.08
N PHE D 630 -41.07 -18.75 -22.75
CA PHE D 630 -42.19 -18.43 -21.86
C PHE D 630 -41.71 -17.42 -20.83
N GLN D 631 -42.39 -16.28 -20.76
CA GLN D 631 -41.99 -15.20 -19.87
C GLN D 631 -42.63 -15.39 -18.50
N THR D 632 -41.81 -15.33 -17.46
CA THR D 632 -42.25 -15.47 -16.08
C THR D 632 -41.97 -14.18 -15.31
N ARG D 633 -42.26 -14.20 -14.02
CA ARG D 633 -41.92 -13.09 -13.14
C ARG D 633 -40.50 -13.17 -12.60
N ALA D 634 -39.83 -14.32 -12.77
CA ALA D 634 -38.44 -14.49 -12.40
C ALA D 634 -37.51 -14.38 -13.61
N GLY D 635 -38.01 -13.93 -14.74
CA GLY D 635 -37.26 -13.92 -15.97
C GLY D 635 -38.03 -14.61 -17.08
N CYS D 636 -37.35 -15.48 -17.84
CA CYS D 636 -38.04 -16.27 -18.85
C CYS D 636 -37.31 -17.61 -19.00
N LEU D 637 -38.04 -18.58 -19.56
CA LEU D 637 -37.54 -19.94 -19.73
C LEU D 637 -37.29 -20.22 -21.20
N ILE D 638 -36.15 -20.83 -21.49
CA ILE D 638 -35.78 -21.23 -22.84
C ILE D 638 -35.70 -22.75 -22.86
N GLY D 639 -36.47 -23.38 -23.74
CA GLY D 639 -36.50 -24.82 -23.85
C GLY D 639 -37.52 -25.51 -22.98
N ALA D 640 -38.23 -24.79 -22.13
CA ALA D 640 -39.27 -25.34 -21.27
C ALA D 640 -40.62 -24.80 -21.70
N GLU D 641 -41.55 -25.70 -22.00
CA GLU D 641 -42.89 -25.30 -22.43
C GLU D 641 -43.78 -25.04 -21.23
N HIS D 642 -44.90 -24.37 -21.48
CA HIS D 642 -45.86 -24.01 -20.45
C HIS D 642 -47.13 -24.84 -20.62
N VAL D 643 -47.61 -25.39 -19.52
CA VAL D 643 -48.82 -26.22 -19.53
C VAL D 643 -49.85 -25.59 -18.61
N ASN D 644 -51.12 -25.79 -18.94
CA ASN D 644 -52.21 -25.15 -18.20
C ASN D 644 -52.48 -25.85 -16.86
N ASN D 645 -52.33 -27.18 -16.82
CA ASN D 645 -52.60 -27.92 -15.60
C ASN D 645 -51.47 -27.71 -14.60
N SER D 646 -51.81 -27.89 -13.32
CA SER D 646 -50.91 -27.63 -12.21
C SER D 646 -50.48 -28.93 -11.55
N TYR D 647 -49.18 -29.07 -11.31
CA TYR D 647 -48.60 -30.24 -10.69
C TYR D 647 -47.86 -29.83 -9.41
N GLU D 648 -47.33 -30.83 -8.70
CA GLU D 648 -46.53 -30.58 -7.52
C GLU D 648 -45.15 -30.07 -7.90
N CYS D 649 -44.61 -29.16 -7.09
CA CYS D 649 -43.33 -28.54 -7.39
C CYS D 649 -42.18 -29.44 -6.94
N ASP D 650 -41.20 -29.60 -7.81
CA ASP D 650 -39.97 -30.33 -7.50
C ASP D 650 -38.72 -29.50 -7.75
N ILE D 651 -38.69 -28.72 -8.82
CA ILE D 651 -37.59 -27.81 -9.12
C ILE D 651 -38.13 -26.38 -9.02
N PRO D 652 -37.82 -25.64 -7.97
CA PRO D 652 -38.35 -24.28 -7.83
C PRO D 652 -37.68 -23.31 -8.80
N ILE D 653 -38.45 -22.30 -9.22
CA ILE D 653 -37.95 -21.22 -10.06
C ILE D 653 -38.20 -19.89 -9.35
N GLY D 654 -39.45 -19.64 -9.01
CA GLY D 654 -39.85 -18.42 -8.34
C GLY D 654 -41.23 -17.99 -8.79
N ALA D 655 -41.90 -17.23 -7.91
CA ALA D 655 -43.23 -16.65 -8.15
C ALA D 655 -44.29 -17.70 -8.49
N GLY D 656 -44.23 -18.83 -7.78
CA GLY D 656 -45.22 -19.88 -7.98
C GLY D 656 -45.08 -20.66 -9.26
N ILE D 657 -43.91 -20.67 -9.87
CA ILE D 657 -43.64 -21.39 -11.10
C ILE D 657 -42.58 -22.43 -10.80
N CYS D 658 -42.84 -23.68 -11.17
CA CYS D 658 -41.89 -24.77 -10.96
C CYS D 658 -41.80 -25.63 -12.22
N ALA D 659 -40.59 -26.05 -12.56
CA ALA D 659 -40.33 -26.87 -13.72
C ALA D 659 -40.19 -28.34 -13.31
N SER D 660 -40.50 -29.23 -14.24
CA SER D 660 -40.40 -30.66 -14.00
C SER D 660 -40.10 -31.37 -15.32
N TYR D 661 -39.91 -32.68 -15.24
CA TYR D 661 -39.61 -33.52 -16.39
C TYR D 661 -40.71 -34.57 -16.50
N GLN D 662 -41.77 -34.24 -17.24
CA GLN D 662 -42.92 -35.12 -17.41
C GLN D 662 -43.37 -35.03 -18.87
N THR D 663 -44.55 -35.58 -19.15
CA THR D 663 -45.10 -35.57 -20.49
C THR D 663 -46.30 -34.63 -20.57
N SER D 676 -40.25 -38.04 -26.53
CA SER D 676 -41.62 -37.98 -26.07
C SER D 676 -41.71 -37.30 -24.70
N GLN D 677 -40.56 -36.90 -24.17
CA GLN D 677 -40.48 -36.25 -22.87
C GLN D 677 -39.76 -34.91 -23.02
N SER D 678 -40.28 -33.90 -22.33
CA SER D 678 -39.70 -32.56 -22.38
C SER D 678 -39.96 -31.85 -21.07
N ILE D 679 -39.19 -30.81 -20.82
CA ILE D 679 -39.31 -30.03 -19.59
C ILE D 679 -40.53 -29.12 -19.71
N ILE D 680 -41.43 -29.20 -18.72
CA ILE D 680 -42.64 -28.41 -18.71
C ILE D 680 -42.58 -27.41 -17.55
N ALA D 681 -43.32 -26.33 -17.70
CA ALA D 681 -43.44 -25.30 -16.68
C ALA D 681 -44.91 -25.09 -16.33
N TYR D 682 -45.19 -24.94 -15.04
CA TYR D 682 -46.57 -24.89 -14.58
C TYR D 682 -46.65 -24.05 -13.31
N THR D 683 -47.88 -23.88 -12.82
CA THR D 683 -48.14 -23.21 -11.55
C THR D 683 -48.17 -24.27 -10.45
N MET D 684 -47.69 -23.89 -9.26
CA MET D 684 -47.58 -24.81 -8.15
C MET D 684 -48.94 -25.26 -7.64
N SER D 685 -49.05 -26.56 -7.35
CA SER D 685 -50.22 -27.12 -6.68
C SER D 685 -49.96 -27.11 -5.18
N LEU D 686 -50.76 -26.33 -4.45
CA LEU D 686 -50.56 -26.21 -3.01
C LEU D 686 -51.04 -27.43 -2.24
N GLY D 687 -51.86 -28.27 -2.85
CA GLY D 687 -52.33 -29.48 -2.20
C GLY D 687 -53.61 -29.97 -2.82
N ALA D 688 -54.04 -31.14 -2.35
CA ALA D 688 -55.29 -31.71 -2.81
C ALA D 688 -56.47 -30.95 -2.23
N GLU D 689 -57.45 -30.66 -3.08
CA GLU D 689 -58.63 -29.93 -2.65
C GLU D 689 -59.55 -30.84 -1.84
N ASN D 690 -59.85 -30.42 -0.61
CA ASN D 690 -60.71 -31.19 0.29
C ASN D 690 -61.81 -30.29 0.81
N SER D 691 -63.05 -30.78 0.74
CA SER D 691 -64.22 -30.07 1.25
C SER D 691 -64.93 -31.02 2.21
N VAL D 692 -64.53 -30.97 3.48
CA VAL D 692 -65.13 -31.83 4.49
C VAL D 692 -66.54 -31.31 4.82
N ALA D 693 -67.48 -32.24 4.94
CA ALA D 693 -68.89 -31.89 5.15
C ALA D 693 -69.08 -31.38 6.56
N TYR D 694 -69.53 -30.14 6.68
CA TYR D 694 -69.74 -29.48 7.97
C TYR D 694 -71.23 -29.31 8.22
N SER D 695 -71.66 -29.63 9.44
CA SER D 695 -73.04 -29.42 9.85
C SER D 695 -73.07 -29.15 11.34
N ASN D 696 -74.18 -28.58 11.80
CA ASN D 696 -74.32 -28.23 13.20
C ASN D 696 -74.69 -29.42 14.09
N ASN D 697 -74.97 -30.58 13.50
CA ASN D 697 -75.29 -31.77 14.28
C ASN D 697 -74.61 -33.01 13.70
N SER D 698 -73.46 -32.84 13.07
CA SER D 698 -72.72 -33.95 12.47
C SER D 698 -71.30 -33.98 13.03
N ILE D 699 -70.85 -35.16 13.42
CA ILE D 699 -69.50 -35.35 13.95
C ILE D 699 -68.88 -36.56 13.25
N ALA D 700 -67.54 -36.61 13.29
CA ALA D 700 -66.78 -37.71 12.71
C ALA D 700 -65.90 -38.32 13.79
N ILE D 701 -66.00 -39.64 13.98
CA ILE D 701 -65.25 -40.33 15.01
C ILE D 701 -64.51 -41.50 14.36
N PRO D 702 -63.19 -41.64 14.60
CA PRO D 702 -62.46 -42.77 14.02
C PRO D 702 -62.81 -44.08 14.71
N THR D 703 -63.08 -45.11 13.91
CA THR D 703 -63.33 -46.45 14.41
C THR D 703 -62.08 -47.32 14.40
N ASN D 704 -60.96 -46.79 13.92
CA ASN D 704 -59.70 -47.53 13.87
C ASN D 704 -58.56 -46.53 14.00
N PHE D 705 -57.33 -47.02 13.90
CA PHE D 705 -56.15 -46.19 14.04
C PHE D 705 -55.00 -46.85 13.30
N THR D 706 -53.85 -46.18 13.30
CA THR D 706 -52.65 -46.67 12.65
C THR D 706 -51.43 -46.16 13.40
N ILE D 707 -50.58 -47.08 13.87
CA ILE D 707 -49.36 -46.71 14.56
C ILE D 707 -48.30 -46.34 13.52
N SER D 708 -47.84 -45.09 13.56
CA SER D 708 -46.90 -44.57 12.58
C SER D 708 -45.60 -44.21 13.26
N VAL D 709 -44.49 -44.59 12.63
CA VAL D 709 -43.14 -44.26 13.12
C VAL D 709 -42.48 -43.35 12.09
N THR D 710 -42.09 -42.17 12.53
CA THR D 710 -41.46 -41.17 11.67
C THR D 710 -40.02 -40.94 12.11
N THR D 711 -39.19 -40.53 11.16
CA THR D 711 -37.76 -40.34 11.39
C THR D 711 -37.44 -38.84 11.36
N GLU D 712 -36.85 -38.36 12.45
CA GLU D 712 -36.41 -36.97 12.57
C GLU D 712 -34.91 -36.95 12.83
N ILE D 713 -34.19 -36.19 12.02
CA ILE D 713 -32.73 -36.12 12.08
C ILE D 713 -32.32 -34.69 12.45
N LEU D 714 -31.48 -34.56 13.47
CA LEU D 714 -31.02 -33.26 13.92
C LEU D 714 -29.50 -33.31 14.11
N PRO D 715 -28.75 -32.37 13.55
CA PRO D 715 -27.30 -32.32 13.80
C PRO D 715 -27.00 -31.91 15.24
N VAL D 716 -25.83 -32.35 15.72
CA VAL D 716 -25.43 -32.16 17.10
C VAL D 716 -24.14 -31.33 17.20
N SER D 717 -23.08 -31.77 16.53
CA SER D 717 -21.77 -31.14 16.69
C SER D 717 -21.08 -31.02 15.34
N MET D 718 -20.17 -30.06 15.26
CA MET D 718 -19.33 -29.83 14.09
C MET D 718 -18.02 -30.60 14.24
N THR D 719 -17.07 -30.30 13.35
CA THR D 719 -15.73 -30.88 13.40
C THR D 719 -14.79 -29.89 14.07
N LYS D 720 -14.01 -30.37 15.04
CA LYS D 720 -13.08 -29.53 15.78
C LYS D 720 -11.87 -29.23 14.90
N THR D 721 -11.67 -27.96 14.56
CA THR D 721 -10.60 -27.54 13.67
C THR D 721 -9.89 -26.34 14.29
N SER D 722 -8.56 -26.42 14.37
CA SER D 722 -7.74 -25.34 14.90
C SER D 722 -6.71 -24.93 13.85
N VAL D 723 -6.59 -23.62 13.62
CA VAL D 723 -5.67 -23.07 12.64
C VAL D 723 -4.66 -22.17 13.37
N ASP D 724 -3.38 -22.36 13.08
CA ASP D 724 -2.32 -21.57 13.67
C ASP D 724 -1.79 -20.57 12.65
N CYS D 725 -1.67 -19.31 13.06
CA CYS D 725 -1.17 -18.27 12.18
C CYS D 725 0.32 -18.37 11.93
N THR D 726 1.06 -19.05 12.81
CA THR D 726 2.51 -19.16 12.66
C THR D 726 2.87 -20.02 11.44
N MET D 727 2.09 -21.05 11.15
CA MET D 727 2.38 -21.96 10.04
C MET D 727 1.54 -21.70 8.80
N TYR D 728 0.30 -21.22 8.95
CA TYR D 728 -0.56 -21.03 7.79
C TYR D 728 -0.12 -19.84 6.95
N ILE D 729 0.16 -18.70 7.60
CA ILE D 729 0.47 -17.47 6.86
C ILE D 729 1.87 -17.56 6.25
N CYS D 730 2.85 -17.97 7.05
CA CYS D 730 4.22 -18.08 6.56
C CYS D 730 4.98 -19.11 7.40
N GLY D 731 5.11 -20.31 6.87
CA GLY D 731 5.88 -21.35 7.54
C GLY D 731 7.34 -21.32 7.14
N ASP D 732 8.19 -21.67 8.11
CA ASP D 732 9.65 -21.87 8.02
C ASP D 732 10.42 -20.56 7.77
N SER D 733 9.75 -19.43 7.64
CA SER D 733 10.40 -18.16 7.36
C SER D 733 10.49 -17.34 8.65
N THR D 734 11.72 -17.03 9.07
CA THR D 734 11.93 -16.20 10.25
C THR D 734 11.82 -14.71 9.95
N GLU D 735 11.87 -14.32 8.67
CA GLU D 735 11.74 -12.91 8.31
C GLU D 735 10.29 -12.45 8.27
N CYS D 736 9.34 -13.37 8.26
CA CYS D 736 7.92 -13.04 8.23
C CYS D 736 7.31 -12.96 9.62
N SER D 737 7.77 -13.81 10.55
CA SER D 737 7.24 -13.80 11.92
C SER D 737 7.60 -12.52 12.66
N ASN D 738 8.70 -11.88 12.27
CA ASN D 738 9.01 -10.55 12.78
C ASN D 738 8.02 -9.51 12.25
N LEU D 739 7.59 -9.67 10.99
CA LEU D 739 6.61 -8.75 10.42
C LEU D 739 5.22 -9.01 10.97
N LEU D 740 4.91 -10.25 11.37
CA LEU D 740 3.60 -10.56 11.92
C LEU D 740 3.40 -10.01 13.32
N LEU D 741 4.49 -9.69 14.03
CA LEU D 741 4.37 -9.11 15.37
C LEU D 741 3.95 -7.64 15.32
N GLN D 742 4.08 -6.99 14.17
CA GLN D 742 3.69 -5.59 14.06
C GLN D 742 2.17 -5.42 14.08
N TYR D 743 1.42 -6.45 13.67
CA TYR D 743 -0.03 -6.36 13.67
C TYR D 743 -0.63 -6.51 15.06
N GLY D 744 0.14 -7.02 16.03
CA GLY D 744 -0.34 -7.10 17.40
C GLY D 744 -0.92 -8.45 17.78
N SER D 745 -2.17 -8.45 18.24
CA SER D 745 -2.80 -9.66 18.73
C SER D 745 -4.03 -10.01 17.91
N PHE D 746 -3.91 -9.94 16.57
CA PHE D 746 -4.99 -10.41 15.71
C PHE D 746 -5.18 -11.92 15.83
N CYS D 747 -4.09 -12.67 15.92
CA CYS D 747 -4.15 -14.11 15.96
C CYS D 747 -4.18 -14.68 17.38
N THR D 748 -4.05 -13.83 18.40
CA THR D 748 -4.29 -14.29 19.76
C THR D 748 -5.78 -14.54 20.00
N GLN D 749 -6.64 -13.63 19.53
CA GLN D 749 -8.07 -13.82 19.63
C GLN D 749 -8.63 -14.69 18.50
N LEU D 750 -7.85 -14.90 17.43
CA LEU D 750 -8.31 -15.74 16.34
C LEU D 750 -8.29 -17.22 16.72
N ASN D 751 -7.20 -17.65 17.37
CA ASN D 751 -7.15 -19.02 17.90
C ASN D 751 -8.01 -19.17 19.14
N ARG D 752 -8.29 -18.07 19.85
CA ARG D 752 -9.20 -18.12 20.99
C ARG D 752 -10.64 -18.35 20.53
N ALA D 753 -11.01 -17.78 19.37
CA ALA D 753 -12.36 -17.97 18.85
C ALA D 753 -12.56 -19.40 18.35
N LEU D 754 -11.54 -19.99 17.73
CA LEU D 754 -11.66 -21.37 17.27
C LEU D 754 -11.60 -22.36 18.42
N THR D 755 -10.92 -21.99 19.52
CA THR D 755 -10.92 -22.85 20.70
C THR D 755 -12.28 -22.84 21.39
N GLY D 756 -12.96 -21.69 21.38
CA GLY D 756 -14.30 -21.61 21.95
C GLY D 756 -15.34 -22.34 21.12
N ILE D 757 -15.11 -22.45 19.81
CA ILE D 757 -15.97 -23.27 18.97
C ILE D 757 -15.76 -24.76 19.27
N ALA D 758 -14.50 -25.17 19.39
CA ALA D 758 -14.19 -26.59 19.57
C ALA D 758 -14.54 -27.07 20.97
N VAL D 759 -14.50 -26.19 21.98
CA VAL D 759 -14.84 -26.61 23.33
C VAL D 759 -16.35 -26.72 23.51
N GLU D 760 -17.13 -26.05 22.66
CA GLU D 760 -18.59 -26.16 22.72
C GLU D 760 -19.14 -27.23 21.80
N GLN D 761 -18.33 -27.73 20.86
CA GLN D 761 -18.74 -28.90 20.07
C GLN D 761 -18.81 -30.14 20.94
N ASP D 762 -17.83 -30.31 21.84
CA ASP D 762 -17.89 -31.40 22.80
C ASP D 762 -18.96 -31.16 23.86
N LYS D 763 -19.25 -29.89 24.16
CA LYS D 763 -20.31 -29.58 25.12
C LYS D 763 -21.68 -29.89 24.55
N ASN D 764 -21.86 -29.74 23.23
CA ASN D 764 -23.15 -29.98 22.59
C ASN D 764 -23.59 -31.44 22.66
N THR D 765 -22.64 -32.37 22.74
CA THR D 765 -22.98 -33.78 22.93
C THR D 765 -23.42 -34.06 24.36
N GLN D 766 -22.95 -33.26 25.32
CA GLN D 766 -23.15 -33.55 26.74
C GLN D 766 -24.61 -33.36 27.16
N GLU D 767 -25.23 -32.25 26.76
CA GLU D 767 -26.62 -32.04 27.13
C GLU D 767 -27.60 -32.83 26.27
N VAL D 768 -27.14 -33.45 25.18
CA VAL D 768 -28.02 -34.23 24.33
C VAL D 768 -27.99 -35.71 24.71
N PHE D 769 -26.80 -36.33 24.69
CA PHE D 769 -26.70 -37.77 24.86
C PHE D 769 -26.46 -38.21 26.30
N ALA D 770 -25.96 -37.33 27.16
CA ALA D 770 -25.66 -37.67 28.54
C ALA D 770 -26.72 -37.13 29.50
N GLN D 771 -27.99 -37.19 29.10
CA GLN D 771 -29.08 -36.74 29.95
C GLN D 771 -29.26 -37.64 31.17
N VAL D 772 -28.96 -38.93 31.03
CA VAL D 772 -29.07 -39.88 32.13
C VAL D 772 -27.70 -40.05 32.78
N LYS D 773 -27.70 -40.26 34.09
CA LYS D 773 -26.45 -40.43 34.83
C LYS D 773 -26.03 -41.89 34.96
N GLN D 774 -26.99 -42.81 34.94
CA GLN D 774 -26.70 -44.24 35.05
C GLN D 774 -26.86 -44.90 33.69
N ILE D 775 -26.33 -46.11 33.58
CA ILE D 775 -26.40 -46.91 32.36
C ILE D 775 -27.33 -48.09 32.63
N TYR D 776 -28.38 -48.19 31.83
CA TYR D 776 -29.37 -49.24 31.97
C TYR D 776 -29.18 -50.31 30.91
N LYS D 777 -29.37 -51.57 31.28
CA LYS D 777 -29.17 -52.71 30.40
C LYS D 777 -30.50 -53.42 30.17
N THR D 778 -30.75 -53.76 28.91
CA THR D 778 -31.93 -54.56 28.57
C THR D 778 -31.73 -55.99 29.08
N PRO D 779 -32.74 -56.60 29.72
CA PRO D 779 -32.60 -57.99 30.13
C PRO D 779 -32.55 -58.91 28.93
N PRO D 780 -31.89 -60.08 29.06
CA PRO D 780 -31.80 -60.99 27.91
C PRO D 780 -33.11 -61.65 27.52
N ILE D 781 -34.08 -61.70 28.42
CA ILE D 781 -35.40 -62.26 28.10
C ILE D 781 -36.19 -61.17 27.39
N LYS D 782 -36.34 -61.29 26.07
CA LYS D 782 -37.02 -60.28 25.26
C LYS D 782 -38.51 -60.60 25.20
N ASP D 783 -39.17 -60.43 26.34
CA ASP D 783 -40.60 -60.65 26.48
C ASP D 783 -41.24 -59.30 26.78
N PHE D 784 -41.59 -58.57 25.72
CA PHE D 784 -42.17 -57.24 25.82
C PHE D 784 -43.63 -57.22 25.35
N GLY D 785 -44.33 -58.35 25.49
CA GLY D 785 -45.71 -58.45 25.06
C GLY D 785 -45.89 -58.41 23.56
N GLY D 786 -44.99 -59.04 22.81
CA GLY D 786 -45.07 -59.05 21.37
C GLY D 786 -44.36 -57.92 20.68
N PHE D 787 -43.86 -56.93 21.43
CA PHE D 787 -43.16 -55.81 20.83
C PHE D 787 -41.70 -56.18 20.58
N ASN D 788 -41.23 -55.90 19.36
CA ASN D 788 -39.90 -56.28 18.91
C ASN D 788 -39.04 -55.03 18.77
N PHE D 789 -37.88 -55.04 19.43
CA PHE D 789 -36.97 -53.91 19.42
C PHE D 789 -35.60 -54.29 18.88
N SER D 790 -35.54 -55.33 18.04
CA SER D 790 -34.27 -55.84 17.56
C SER D 790 -33.56 -54.88 16.60
N GLN D 791 -34.32 -54.01 15.94
CA GLN D 791 -33.69 -53.02 15.06
C GLN D 791 -33.05 -51.87 15.83
N ILE D 792 -33.54 -51.57 17.03
CA ILE D 792 -33.01 -50.47 17.81
C ILE D 792 -32.13 -50.93 18.98
N LEU D 793 -32.23 -52.19 19.40
CA LEU D 793 -31.32 -52.68 20.42
C LEU D 793 -29.95 -52.99 19.80
N PRO D 794 -28.87 -52.83 20.56
CA PRO D 794 -27.54 -53.13 20.02
C PRO D 794 -27.34 -54.62 19.77
N ASP D 795 -26.51 -54.92 18.78
CA ASP D 795 -26.19 -56.29 18.42
C ASP D 795 -24.85 -56.68 19.03
N PRO D 796 -24.81 -57.65 19.95
CA PRO D 796 -23.53 -58.02 20.57
C PRO D 796 -22.61 -58.85 19.68
N SER D 797 -23.09 -59.33 18.53
CA SER D 797 -22.25 -60.13 17.65
C SER D 797 -21.21 -59.29 16.92
N LYS D 798 -21.55 -58.04 16.60
CA LYS D 798 -20.61 -57.16 15.91
C LYS D 798 -19.54 -56.67 16.87
N PRO D 799 -18.33 -56.38 16.36
CA PRO D 799 -17.31 -55.76 17.22
C PRO D 799 -17.70 -54.39 17.77
N SER D 800 -18.48 -53.62 17.02
CA SER D 800 -19.03 -52.36 17.51
C SER D 800 -20.48 -52.60 17.91
N LYS D 801 -20.77 -52.42 19.20
CA LYS D 801 -22.10 -52.71 19.75
C LYS D 801 -23.05 -51.59 19.34
N ARG D 802 -23.62 -51.73 18.14
CA ARG D 802 -24.57 -50.76 17.60
C ARG D 802 -25.80 -51.48 17.09
N SER D 803 -26.90 -50.74 17.03
CA SER D 803 -28.15 -51.28 16.51
C SER D 803 -28.06 -51.43 14.99
N PRO D 804 -28.89 -52.31 14.40
CA PRO D 804 -28.94 -52.40 12.94
C PRO D 804 -29.37 -51.12 12.24
N ILE D 805 -30.21 -50.29 12.88
CA ILE D 805 -30.55 -48.99 12.32
C ILE D 805 -29.34 -48.06 12.36
N GLU D 806 -28.56 -48.13 13.45
CA GLU D 806 -27.33 -47.34 13.54
C GLU D 806 -26.24 -47.86 12.61
N ASP D 807 -26.37 -49.09 12.11
CA ASP D 807 -25.33 -49.67 11.26
C ASP D 807 -25.30 -49.00 9.89
N LEU D 808 -26.45 -48.83 9.25
CA LEU D 808 -26.48 -48.20 7.93
C LEU D 808 -26.51 -46.69 8.02
N LEU D 809 -26.76 -46.12 9.19
CA LEU D 809 -26.67 -44.66 9.35
C LEU D 809 -25.23 -44.18 9.25
N PHE D 810 -24.29 -44.95 9.83
CA PHE D 810 -22.88 -44.60 9.74
C PHE D 810 -22.30 -44.93 8.38
N ASN D 811 -22.88 -45.91 7.67
CA ASN D 811 -22.35 -46.32 6.37
C ASN D 811 -22.66 -45.32 5.27
N LYS D 812 -23.70 -44.50 5.43
CA LYS D 812 -24.09 -43.54 4.41
C LYS D 812 -23.43 -42.18 4.58
N VAL D 813 -22.64 -42.00 5.64
CA VAL D 813 -21.93 -40.74 5.88
C VAL D 813 -20.44 -41.02 5.83
N THR D 814 -19.73 -40.28 4.99
CA THR D 814 -18.29 -40.45 4.84
C THR D 814 -17.54 -39.84 6.03
N PHE D 842 -1.33 -29.58 4.89
CA PHE D 842 -1.47 -29.33 6.32
C PHE D 842 -0.68 -28.09 6.75
N ASN D 843 -1.08 -26.94 6.22
CA ASN D 843 -0.43 -25.66 6.54
C ASN D 843 -1.07 -25.09 7.80
N GLY D 844 -0.70 -25.67 8.93
CA GLY D 844 -1.27 -25.27 10.21
C GLY D 844 -2.65 -25.80 10.49
N LEU D 845 -3.16 -26.71 9.67
CA LEU D 845 -4.51 -27.24 9.83
C LEU D 845 -4.44 -28.56 10.62
N THR D 846 -5.20 -28.63 11.70
CA THR D 846 -5.30 -29.85 12.49
C THR D 846 -6.76 -30.11 12.83
N VAL D 847 -7.08 -31.38 13.09
CA VAL D 847 -8.42 -31.80 13.44
C VAL D 847 -8.34 -32.47 14.82
N LEU D 848 -8.96 -31.85 15.82
CA LEU D 848 -8.97 -32.43 17.15
C LEU D 848 -10.01 -33.54 17.24
N PRO D 849 -9.70 -34.66 17.90
CA PRO D 849 -10.70 -35.70 18.09
C PRO D 849 -11.76 -35.26 19.07
N PRO D 850 -12.98 -35.78 18.97
CA PRO D 850 -14.03 -35.40 19.91
C PRO D 850 -13.80 -35.98 21.30
N LEU D 851 -14.50 -35.40 22.27
CA LEU D 851 -14.39 -35.84 23.66
C LEU D 851 -14.97 -37.24 23.84
N LEU D 852 -16.10 -37.52 23.18
CA LEU D 852 -16.77 -38.81 23.29
C LEU D 852 -16.61 -39.56 21.97
N THR D 853 -16.22 -40.83 22.06
CA THR D 853 -16.09 -41.66 20.87
C THR D 853 -17.46 -42.09 20.36
N ASP D 854 -17.47 -42.70 19.18
CA ASP D 854 -18.72 -43.16 18.59
C ASP D 854 -19.29 -44.35 19.35
N GLU D 855 -18.44 -45.13 20.03
CA GLU D 855 -18.93 -46.21 20.87
C GLU D 855 -19.55 -45.68 22.16
N MET D 856 -19.03 -44.56 22.68
CA MET D 856 -19.57 -44.00 23.91
C MET D 856 -20.92 -43.32 23.69
N ILE D 857 -21.13 -42.73 22.51
CA ILE D 857 -22.43 -42.18 22.17
C ILE D 857 -23.45 -43.31 21.99
N ALA D 858 -23.02 -44.43 21.41
CA ALA D 858 -23.90 -45.58 21.26
C ALA D 858 -24.23 -46.24 22.60
N GLN D 859 -23.31 -46.17 23.57
CA GLN D 859 -23.61 -46.66 24.90
C GLN D 859 -24.54 -45.70 25.65
N TYR D 860 -24.46 -44.41 25.34
CA TYR D 860 -25.45 -43.46 25.85
C TYR D 860 -26.83 -43.73 25.26
N THR D 861 -26.88 -44.09 23.98
CA THR D 861 -28.15 -44.37 23.32
C THR D 861 -28.78 -45.66 23.85
N SER D 862 -27.95 -46.67 24.12
CA SER D 862 -28.47 -47.94 24.64
C SER D 862 -28.94 -47.80 26.08
N ALA D 863 -28.34 -46.88 26.85
CA ALA D 863 -28.81 -46.65 28.21
C ALA D 863 -30.17 -45.96 28.22
N LEU D 864 -30.39 -45.02 27.32
CA LEU D 864 -31.68 -44.36 27.23
C LEU D 864 -32.74 -45.25 26.57
N LEU D 865 -32.32 -46.16 25.68
CA LEU D 865 -33.26 -47.09 25.08
C LEU D 865 -33.74 -48.13 26.08
N ALA D 866 -32.82 -48.64 26.90
CA ALA D 866 -33.19 -49.60 27.94
C ALA D 866 -33.95 -48.94 29.07
N GLY D 867 -33.75 -47.64 29.30
CA GLY D 867 -34.52 -46.92 30.30
C GLY D 867 -35.90 -46.50 29.88
N THR D 868 -36.23 -46.65 28.60
CA THR D 868 -37.54 -46.31 28.07
C THR D 868 -38.44 -47.53 27.89
N ILE D 869 -37.88 -48.65 27.45
CA ILE D 869 -38.66 -49.88 27.32
C ILE D 869 -38.99 -50.45 28.69
N THR D 870 -38.01 -50.45 29.61
CA THR D 870 -38.22 -51.04 30.92
C THR D 870 -38.93 -50.09 31.88
N SER D 871 -38.48 -48.83 31.93
CA SER D 871 -38.99 -47.88 32.91
C SER D 871 -39.96 -46.87 32.33
N GLY D 872 -39.69 -46.34 31.14
CA GLY D 872 -40.53 -45.32 30.56
C GLY D 872 -40.03 -43.92 30.82
N TRP D 873 -40.85 -43.08 31.45
CA TRP D 873 -40.45 -41.73 31.83
C TRP D 873 -40.05 -41.64 33.30
N THR D 874 -40.05 -42.75 34.03
CA THR D 874 -39.74 -42.72 35.45
C THR D 874 -38.24 -42.53 35.71
N PHE D 875 -37.40 -42.98 34.79
CA PHE D 875 -35.95 -42.84 34.98
C PHE D 875 -35.46 -41.41 34.76
N GLY D 876 -36.23 -40.58 34.07
CA GLY D 876 -35.88 -39.20 33.87
C GLY D 876 -36.37 -38.23 34.91
N ALA D 877 -37.31 -38.67 35.76
CA ALA D 877 -37.85 -37.84 36.83
C ALA D 877 -37.50 -38.38 38.21
N GLY D 878 -36.50 -39.26 38.30
CA GLY D 878 -36.12 -39.85 39.55
C GLY D 878 -35.53 -41.23 39.36
N PRO D 879 -35.73 -42.12 40.34
CA PRO D 879 -35.25 -43.50 40.19
C PRO D 879 -36.05 -44.27 39.15
N ALA D 880 -35.40 -45.26 38.56
CA ALA D 880 -36.03 -46.07 37.53
C ALA D 880 -36.99 -47.06 38.16
N LEU D 881 -38.25 -47.01 37.75
CA LEU D 881 -39.29 -47.90 38.25
C LEU D 881 -39.67 -48.87 37.14
N GLN D 882 -39.57 -50.17 37.43
CA GLN D 882 -39.87 -51.18 36.43
C GLN D 882 -41.37 -51.27 36.19
N ILE D 883 -41.72 -51.56 34.93
CA ILE D 883 -43.10 -51.66 34.46
C ILE D 883 -43.07 -52.44 33.14
N PRO D 884 -44.01 -53.36 32.91
CA PRO D 884 -44.05 -54.05 31.62
C PRO D 884 -44.38 -53.12 30.47
N PHE D 885 -43.84 -53.45 29.28
CA PHE D 885 -44.11 -52.64 28.09
C PHE D 885 -45.55 -52.78 27.63
N PRO D 886 -46.19 -53.92 27.90
CA PRO D 886 -47.60 -54.09 27.60
C PRO D 886 -48.51 -53.28 28.53
N MET D 887 -47.98 -52.78 29.64
CA MET D 887 -48.78 -51.98 30.56
C MET D 887 -48.46 -50.49 30.52
N GLN D 888 -47.19 -50.10 30.32
CA GLN D 888 -46.88 -48.68 30.23
C GLN D 888 -47.31 -48.06 28.91
N MET D 889 -47.57 -48.88 27.89
CA MET D 889 -48.12 -48.36 26.64
C MET D 889 -49.55 -47.87 26.80
N ALA D 890 -50.30 -48.41 27.77
CA ALA D 890 -51.64 -47.92 28.05
C ALA D 890 -51.61 -46.52 28.66
N TYR D 891 -50.57 -46.21 29.44
CA TYR D 891 -50.46 -44.87 30.01
C TYR D 891 -50.04 -43.85 28.95
N ARG D 892 -49.37 -44.28 27.88
CA ARG D 892 -49.17 -43.41 26.74
C ARG D 892 -50.48 -43.20 25.99
N PHE D 893 -51.37 -44.20 26.00
CA PHE D 893 -52.69 -44.03 25.40
C PHE D 893 -53.55 -43.09 26.23
N ASN D 894 -53.39 -43.09 27.55
CA ASN D 894 -54.16 -42.20 28.41
C ASN D 894 -53.73 -40.75 28.27
N GLY D 895 -52.51 -40.50 27.83
CA GLY D 895 -52.05 -39.13 27.64
C GLY D 895 -52.60 -38.43 26.42
N ILE D 896 -53.21 -39.18 25.50
CA ILE D 896 -53.81 -38.61 24.30
C ILE D 896 -55.32 -38.78 24.29
N GLY D 897 -55.91 -39.19 25.41
CA GLY D 897 -57.35 -39.30 25.52
C GLY D 897 -57.95 -40.64 25.15
N VAL D 898 -57.15 -41.70 25.12
CA VAL D 898 -57.62 -43.04 24.78
C VAL D 898 -57.57 -43.90 26.03
N THR D 899 -58.66 -44.63 26.29
CA THR D 899 -58.75 -45.45 27.48
C THR D 899 -57.86 -46.69 27.37
N GLN D 900 -57.69 -47.37 28.50
CA GLN D 900 -56.77 -48.51 28.58
C GLN D 900 -57.26 -49.74 27.85
N ASN D 901 -58.58 -49.86 27.63
CA ASN D 901 -59.14 -51.08 27.03
C ASN D 901 -58.82 -51.21 25.55
N VAL D 902 -58.49 -50.10 24.87
CA VAL D 902 -58.20 -50.14 23.44
C VAL D 902 -56.87 -50.86 23.19
N LEU D 903 -55.89 -50.66 24.06
CA LEU D 903 -54.61 -51.34 23.92
C LEU D 903 -54.75 -52.84 24.18
N TYR D 904 -55.45 -53.21 25.25
CA TYR D 904 -55.51 -54.61 25.65
C TYR D 904 -56.41 -55.44 24.74
N GLU D 905 -57.42 -54.81 24.12
CA GLU D 905 -58.25 -55.51 23.15
C GLU D 905 -57.56 -55.70 21.81
N ASN D 906 -56.52 -54.90 21.52
CA ASN D 906 -55.80 -54.95 20.26
C ASN D 906 -54.30 -54.99 20.50
N GLN D 907 -53.86 -55.83 21.45
CA GLN D 907 -52.44 -55.91 21.77
C GLN D 907 -51.66 -56.61 20.66
N LYS D 908 -52.26 -57.60 20.01
CA LYS D 908 -51.57 -58.25 18.89
C LYS D 908 -51.54 -57.36 17.65
N LEU D 909 -52.58 -56.55 17.44
CA LEU D 909 -52.61 -55.68 16.27
C LEU D 909 -51.66 -54.50 16.42
N ILE D 910 -51.55 -53.94 17.64
CA ILE D 910 -50.68 -52.80 17.87
C ILE D 910 -49.21 -53.21 17.80
N ALA D 911 -48.88 -54.38 18.37
CA ALA D 911 -47.52 -54.89 18.29
C ALA D 911 -47.13 -55.27 16.87
N ASN D 912 -48.08 -55.77 16.07
CA ASN D 912 -47.80 -56.06 14.67
C ASN D 912 -47.64 -54.76 13.87
N GLN D 913 -48.41 -53.73 14.22
CA GLN D 913 -48.27 -52.44 13.56
C GLN D 913 -46.97 -51.74 13.95
N PHE D 914 -46.52 -51.93 15.18
CA PHE D 914 -45.26 -51.32 15.62
C PHE D 914 -44.06 -52.01 14.98
N ASN D 915 -44.12 -53.34 14.85
CA ASN D 915 -43.01 -54.07 14.25
C ASN D 915 -42.90 -53.82 12.75
N SER D 916 -44.03 -53.64 12.07
CA SER D 916 -43.98 -53.34 10.64
C SER D 916 -43.50 -51.92 10.38
N ALA D 917 -43.86 -50.98 11.25
CA ALA D 917 -43.44 -49.59 11.05
C ALA D 917 -41.97 -49.38 11.38
N ILE D 918 -41.43 -50.16 12.32
CA ILE D 918 -40.01 -50.07 12.65
C ILE D 918 -39.15 -50.61 11.50
N GLY D 919 -39.57 -51.74 10.92
CA GLY D 919 -38.84 -52.33 9.80
C GLY D 919 -38.93 -51.52 8.52
N LYS D 920 -39.95 -50.68 8.37
CA LYS D 920 -40.05 -49.80 7.21
C LYS D 920 -39.12 -48.61 7.30
N ILE D 921 -38.62 -48.29 8.50
CA ILE D 921 -37.65 -47.20 8.65
C ILE D 921 -36.32 -47.57 8.00
N GLN D 922 -35.88 -48.82 8.19
CA GLN D 922 -34.63 -49.28 7.61
C GLN D 922 -34.69 -49.35 6.08
N ASP D 923 -35.86 -49.67 5.53
CA ASP D 923 -36.01 -49.67 4.08
C ASP D 923 -36.10 -48.26 3.52
N SER D 924 -36.76 -47.35 4.25
CA SER D 924 -36.91 -45.98 3.77
C SER D 924 -35.61 -45.18 3.89
N LEU D 925 -34.77 -45.52 4.86
CA LEU D 925 -33.49 -44.82 5.01
C LEU D 925 -32.53 -45.21 3.89
N SER D 926 -32.55 -46.47 3.47
CA SER D 926 -31.70 -46.96 2.39
C SER D 926 -32.34 -46.77 1.01
N SER D 927 -33.56 -46.24 0.95
CA SER D 927 -34.21 -46.04 -0.34
C SER D 927 -33.59 -44.88 -1.11
N THR D 928 -33.30 -43.78 -0.43
CA THR D 928 -32.69 -42.61 -1.05
C THR D 928 -31.58 -42.08 -0.16
N PRO D 929 -30.54 -41.49 -0.75
CA PRO D 929 -29.51 -40.83 0.06
C PRO D 929 -29.86 -39.41 0.48
N SER D 930 -31.00 -38.88 0.04
CA SER D 930 -31.41 -37.53 0.40
C SER D 930 -32.10 -37.45 1.75
N ALA D 931 -32.36 -38.58 2.41
CA ALA D 931 -32.96 -38.56 3.74
C ALA D 931 -31.97 -38.05 4.78
N LEU D 932 -30.69 -38.37 4.61
CA LEU D 932 -29.63 -37.93 5.51
C LEU D 932 -28.99 -36.63 5.05
N GLY D 933 -29.72 -35.79 4.31
CA GLY D 933 -29.14 -34.58 3.76
C GLY D 933 -28.85 -33.50 4.77
N LYS D 934 -29.49 -33.54 5.94
CA LYS D 934 -29.17 -32.58 7.00
C LYS D 934 -27.78 -32.82 7.56
N LEU D 935 -27.41 -34.07 7.76
CA LEU D 935 -26.06 -34.39 8.22
C LEU D 935 -25.03 -34.32 7.09
N GLN D 936 -25.46 -34.43 5.83
CA GLN D 936 -24.53 -34.31 4.72
C GLN D 936 -24.07 -32.88 4.51
N ASP D 937 -24.92 -31.91 4.88
CA ASP D 937 -24.56 -30.50 4.66
C ASP D 937 -23.53 -30.02 5.67
N VAL D 938 -23.52 -30.58 6.88
CA VAL D 938 -22.56 -30.16 7.90
C VAL D 938 -21.15 -30.61 7.53
N VAL D 939 -21.02 -31.83 7.02
CA VAL D 939 -19.71 -32.32 6.56
C VAL D 939 -19.26 -31.58 5.30
N ASN D 940 -20.20 -31.27 4.41
CA ASN D 940 -19.85 -30.65 3.14
C ASN D 940 -19.46 -29.18 3.31
N GLN D 941 -20.18 -28.44 4.15
CA GLN D 941 -19.87 -27.03 4.34
C GLN D 941 -18.60 -26.81 5.13
N ASN D 942 -18.25 -27.73 6.03
CA ASN D 942 -16.99 -27.63 6.76
C ASN D 942 -15.79 -28.02 5.93
N ALA D 943 -15.94 -29.02 5.05
CA ALA D 943 -14.82 -29.46 4.21
C ALA D 943 -14.57 -28.49 3.06
N GLN D 944 -15.63 -27.92 2.48
CA GLN D 944 -15.46 -27.00 1.37
C GLN D 944 -14.90 -25.65 1.83
N ALA D 945 -15.23 -25.23 3.05
CA ALA D 945 -14.64 -24.01 3.59
C ALA D 945 -13.19 -24.21 3.96
N LEU D 946 -12.80 -25.45 4.30
CA LEU D 946 -11.40 -25.73 4.59
C LEU D 946 -10.57 -25.75 3.31
N ASN D 947 -11.13 -26.29 2.22
CA ASN D 947 -10.42 -26.32 0.95
C ASN D 947 -10.31 -24.94 0.33
N THR D 948 -11.24 -24.03 0.65
CA THR D 948 -11.13 -22.65 0.22
C THR D 948 -9.96 -21.95 0.90
N LEU D 949 -9.72 -22.27 2.18
CA LEU D 949 -8.62 -21.66 2.92
C LEU D 949 -7.26 -22.12 2.39
N VAL D 950 -7.17 -23.37 1.95
CA VAL D 950 -5.95 -23.84 1.30
C VAL D 950 -5.76 -23.17 -0.06
N LYS D 951 -6.87 -22.95 -0.78
CA LYS D 951 -6.80 -22.30 -2.08
C LYS D 951 -6.41 -20.83 -2.00
N GLN D 952 -6.57 -20.20 -0.84
CA GLN D 952 -6.14 -18.82 -0.68
C GLN D 952 -4.63 -18.67 -0.55
N LEU D 953 -3.91 -19.76 -0.31
CA LEU D 953 -2.46 -19.72 -0.23
C LEU D 953 -1.79 -19.64 -1.59
N SER D 954 -2.52 -19.90 -2.67
CA SER D 954 -1.99 -19.83 -4.03
C SER D 954 -2.34 -18.51 -4.71
N SER D 955 -2.88 -17.55 -3.97
CA SER D 955 -3.26 -16.26 -4.52
C SER D 955 -2.10 -15.28 -4.40
N ASN D 956 -1.93 -14.45 -5.44
CA ASN D 956 -0.83 -13.50 -5.45
C ASN D 956 -1.09 -12.34 -4.49
N PHE D 957 -2.36 -11.91 -4.36
CA PHE D 957 -2.79 -10.76 -3.58
C PHE D 957 -2.07 -9.47 -4.00
N GLY D 958 -1.84 -9.32 -5.30
CA GLY D 958 -1.14 -8.17 -5.83
C GLY D 958 0.36 -8.24 -5.79
N ALA D 959 0.94 -9.31 -5.24
CA ALA D 959 2.38 -9.45 -5.17
C ALA D 959 2.91 -10.14 -6.42
N ILE D 960 4.23 -10.31 -6.50
CA ILE D 960 4.85 -10.91 -7.67
C ILE D 960 4.59 -12.42 -7.69
N SER D 961 4.82 -13.09 -6.56
CA SER D 961 4.71 -14.54 -6.48
C SER D 961 3.82 -14.92 -5.30
N SER D 962 2.95 -15.92 -5.53
CA SER D 962 2.12 -16.44 -4.45
C SER D 962 2.95 -17.23 -3.45
N VAL D 963 3.92 -17.99 -3.95
CA VAL D 963 4.80 -18.75 -3.06
C VAL D 963 5.78 -17.79 -2.38
N LEU D 964 6.03 -18.04 -1.10
CA LEU D 964 6.84 -17.11 -0.30
C LEU D 964 8.33 -17.23 -0.60
N ASN D 965 8.81 -18.44 -0.91
CA ASN D 965 10.25 -18.65 -1.02
C ASN D 965 10.84 -18.00 -2.27
N ASP D 966 10.05 -17.85 -3.33
CA ASP D 966 10.55 -17.19 -4.53
C ASP D 966 10.63 -15.68 -4.39
N ILE D 967 9.92 -15.09 -3.42
CA ILE D 967 10.00 -13.65 -3.20
C ILE D 967 11.36 -13.28 -2.60
N LEU D 968 11.82 -14.06 -1.62
CA LEU D 968 13.10 -13.79 -0.98
C LEU D 968 14.27 -14.10 -1.91
N SER D 969 14.15 -15.17 -2.70
CA SER D 969 15.23 -15.61 -3.57
C SER D 969 15.39 -14.76 -4.82
N ARG D 970 14.44 -13.87 -5.12
CA ARG D 970 14.51 -13.04 -6.31
C ARG D 970 14.46 -11.54 -6.05
N LEU D 971 14.10 -11.11 -4.85
CA LEU D 971 14.05 -9.69 -4.50
C LEU D 971 14.99 -9.41 -3.35
N ASP D 972 15.54 -8.20 -3.32
CA ASP D 972 16.48 -7.83 -2.27
C ASP D 972 15.75 -7.59 -0.96
N PRO D 973 16.33 -8.01 0.17
CA PRO D 973 15.68 -7.83 1.49
C PRO D 973 15.40 -6.40 1.91
N PRO D 974 16.20 -5.36 1.53
CA PRO D 974 15.76 -3.99 1.88
C PRO D 974 14.45 -3.53 1.24
N GLU D 975 14.06 -4.05 0.07
CA GLU D 975 12.77 -3.69 -0.51
C GLU D 975 11.82 -4.87 -0.64
N ALA D 976 12.13 -6.00 -0.01
CA ALA D 976 11.22 -7.14 -0.04
C ALA D 976 10.03 -6.97 0.91
N GLU D 977 10.12 -6.05 1.87
CA GLU D 977 9.09 -5.89 2.89
C GLU D 977 7.77 -5.38 2.33
N VAL D 978 7.80 -4.68 1.19
CA VAL D 978 6.56 -4.27 0.54
C VAL D 978 5.85 -5.48 -0.05
N GLN D 979 6.61 -6.40 -0.66
CA GLN D 979 6.01 -7.57 -1.30
C GLN D 979 5.55 -8.59 -0.27
N ILE D 980 6.16 -8.63 0.92
CA ILE D 980 5.71 -9.54 1.96
C ILE D 980 4.36 -9.13 2.50
N ASP D 981 4.18 -7.83 2.77
CA ASP D 981 2.97 -7.32 3.41
C ASP D 981 1.74 -7.41 2.52
N ARG D 982 1.90 -7.52 1.21
CA ARG D 982 0.77 -7.79 0.33
C ARG D 982 0.20 -9.18 0.57
N LEU D 983 1.08 -10.16 0.85
CA LEU D 983 0.62 -11.51 1.13
C LEU D 983 0.05 -11.66 2.53
N ILE D 984 0.51 -10.84 3.48
CA ILE D 984 0.03 -10.95 4.86
C ILE D 984 -1.41 -10.46 4.97
N THR D 985 -1.74 -9.34 4.30
CA THR D 985 -3.08 -8.79 4.36
C THR D 985 -4.10 -9.70 3.68
N GLY D 986 -3.72 -10.30 2.55
CA GLY D 986 -4.61 -11.23 1.88
C GLY D 986 -4.84 -12.52 2.66
N ARG D 987 -3.78 -13.04 3.29
CA ARG D 987 -3.91 -14.29 4.03
C ARG D 987 -4.60 -14.11 5.37
N LEU D 988 -4.44 -12.94 6.01
CA LEU D 988 -5.13 -12.68 7.26
C LEU D 988 -6.62 -12.43 7.03
N GLN D 989 -6.98 -11.86 5.88
CA GLN D 989 -8.39 -11.67 5.55
C GLN D 989 -9.07 -12.99 5.23
N SER D 990 -8.32 -13.97 4.74
CA SER D 990 -8.87 -15.31 4.52
C SER D 990 -9.16 -15.99 5.85
N LEU D 991 -8.30 -15.79 6.85
CA LEU D 991 -8.56 -16.35 8.18
C LEU D 991 -9.67 -15.61 8.88
N GLN D 992 -9.76 -14.28 8.70
CA GLN D 992 -10.83 -13.51 9.32
C GLN D 992 -12.18 -13.83 8.70
N THR D 993 -12.21 -14.21 7.42
CA THR D 993 -13.44 -14.67 6.82
C THR D 993 -13.80 -16.08 7.29
N TYR D 994 -12.80 -16.94 7.44
CA TYR D 994 -13.05 -18.33 7.80
C TYR D 994 -13.51 -18.46 9.25
N VAL D 995 -12.92 -17.69 10.16
CA VAL D 995 -13.31 -17.74 11.57
C VAL D 995 -14.71 -17.17 11.76
N THR D 996 -15.03 -16.08 11.05
CA THR D 996 -16.36 -15.47 11.13
C THR D 996 -17.43 -16.39 10.55
N GLN D 997 -17.12 -17.09 9.45
CA GLN D 997 -18.06 -18.06 8.90
C GLN D 997 -18.22 -19.28 9.79
N GLN D 998 -17.16 -19.66 10.52
CA GLN D 998 -17.27 -20.76 11.47
C GLN D 998 -18.10 -20.39 12.68
N LEU D 999 -18.04 -19.12 13.13
CA LEU D 999 -18.84 -18.70 14.27
C LEU D 999 -20.31 -18.56 13.90
N ILE D 1000 -20.60 -18.28 12.63
CA ILE D 1000 -21.99 -18.26 12.17
C ILE D 1000 -22.56 -19.68 12.17
N ARG D 1001 -21.81 -20.64 11.63
CA ARG D 1001 -22.26 -22.02 11.59
C ARG D 1001 -22.21 -22.70 12.95
N ALA D 1002 -21.43 -22.15 13.90
CA ALA D 1002 -21.45 -22.68 15.26
C ALA D 1002 -22.76 -22.36 15.95
N ALA D 1003 -23.32 -21.18 15.69
CA ALA D 1003 -24.60 -20.81 16.30
C ALA D 1003 -25.76 -21.57 15.66
N GLU D 1004 -25.64 -21.94 14.39
CA GLU D 1004 -26.67 -22.74 13.74
C GLU D 1004 -26.68 -24.17 14.27
N ILE D 1005 -25.49 -24.74 14.50
CA ILE D 1005 -25.39 -26.11 15.01
C ILE D 1005 -25.83 -26.16 16.48
N ARG D 1006 -25.42 -25.17 17.27
CA ARG D 1006 -25.79 -25.13 18.69
C ARG D 1006 -27.28 -24.90 18.89
N ALA D 1007 -27.92 -24.17 17.97
CA ALA D 1007 -29.37 -24.02 18.01
C ALA D 1007 -30.07 -25.35 17.74
N SER D 1008 -29.52 -26.14 16.81
CA SER D 1008 -30.03 -27.49 16.60
C SER D 1008 -29.63 -28.43 17.74
N ALA D 1009 -28.48 -28.18 18.37
CA ALA D 1009 -28.07 -29.00 19.51
C ALA D 1009 -28.89 -28.69 20.74
N ASN D 1010 -29.26 -27.40 20.91
CA ASN D 1010 -30.19 -27.05 21.98
C ASN D 1010 -31.60 -27.59 21.71
N LEU D 1011 -31.97 -27.67 20.43
CA LEU D 1011 -33.23 -28.30 20.06
C LEU D 1011 -33.19 -29.80 20.31
N ALA D 1012 -32.07 -30.45 19.98
CA ALA D 1012 -31.95 -31.89 20.15
C ALA D 1012 -31.90 -32.30 21.62
N ALA D 1013 -31.35 -31.44 22.48
CA ALA D 1013 -31.43 -31.68 23.91
C ALA D 1013 -32.86 -31.52 24.43
N THR D 1014 -33.62 -30.58 23.83
CA THR D 1014 -35.01 -30.41 24.18
C THR D 1014 -35.87 -31.58 23.69
N LYS D 1015 -35.55 -32.13 22.51
CA LYS D 1015 -36.31 -33.26 21.97
C LYS D 1015 -36.12 -34.51 22.81
N MET D 1016 -34.90 -34.81 23.23
CA MET D 1016 -34.67 -36.01 24.03
C MET D 1016 -35.23 -35.87 25.43
N SER D 1017 -35.29 -34.65 25.97
CA SER D 1017 -35.89 -34.44 27.28
C SER D 1017 -37.40 -34.54 27.27
N GLU D 1018 -38.04 -34.30 26.11
CA GLU D 1018 -39.49 -34.23 26.05
C GLU D 1018 -40.13 -35.36 25.24
N CYS D 1019 -39.48 -35.87 24.20
CA CYS D 1019 -40.03 -36.94 23.39
C CYS D 1019 -39.58 -38.32 23.86
N VAL D 1020 -38.32 -38.43 24.28
CA VAL D 1020 -37.77 -39.71 24.74
C VAL D 1020 -38.02 -39.93 26.22
N LEU D 1021 -37.76 -38.92 27.04
CA LEU D 1021 -37.87 -39.03 28.49
C LEU D 1021 -39.26 -38.72 29.01
N GLY D 1022 -40.26 -38.67 28.14
CA GLY D 1022 -41.62 -38.42 28.57
C GLY D 1022 -42.55 -38.33 27.37
N GLN D 1023 -43.81 -38.06 27.67
CA GLN D 1023 -44.83 -37.87 26.65
C GLN D 1023 -45.15 -36.39 26.54
N SER D 1024 -45.09 -35.86 25.31
CA SER D 1024 -45.23 -34.44 25.07
C SER D 1024 -46.66 -34.11 24.67
N LYS D 1025 -47.25 -33.12 25.34
CA LYS D 1025 -48.58 -32.63 24.97
C LYS D 1025 -48.54 -31.72 23.75
N ARG D 1026 -47.36 -31.20 23.39
CA ARG D 1026 -47.24 -30.29 22.27
C ARG D 1026 -47.47 -31.01 20.94
N VAL D 1027 -48.15 -30.33 20.03
CA VAL D 1027 -48.52 -30.89 18.74
C VAL D 1027 -47.39 -30.63 17.75
N ASP D 1028 -47.03 -31.66 16.98
CA ASP D 1028 -45.99 -31.63 15.94
C ASP D 1028 -44.61 -31.27 16.50
N PHE D 1029 -44.33 -31.69 17.73
CA PHE D 1029 -42.99 -31.58 18.29
C PHE D 1029 -42.27 -32.92 18.35
N CYS D 1030 -43.02 -34.02 18.41
CA CYS D 1030 -42.48 -35.38 18.40
C CYS D 1030 -43.14 -36.18 17.29
N GLY D 1031 -43.18 -35.61 16.09
CA GLY D 1031 -43.75 -36.27 14.94
C GLY D 1031 -45.16 -35.79 14.63
N LYS D 1032 -45.69 -36.26 13.51
CA LYS D 1032 -47.02 -35.90 13.06
C LYS D 1032 -48.02 -36.91 13.64
N GLY D 1033 -48.97 -36.41 14.41
CA GLY D 1033 -49.97 -37.22 15.07
C GLY D 1033 -49.85 -37.13 16.58
N TYR D 1034 -50.66 -37.93 17.26
CA TYR D 1034 -50.65 -37.99 18.71
C TYR D 1034 -49.42 -38.77 19.17
N HIS D 1035 -48.56 -38.11 19.94
CA HIS D 1035 -47.28 -38.70 20.33
C HIS D 1035 -47.47 -39.72 21.44
N LEU D 1036 -46.89 -40.90 21.27
CA LEU D 1036 -46.86 -41.93 22.30
C LEU D 1036 -45.49 -42.06 22.94
N MET D 1037 -44.46 -42.33 22.14
CA MET D 1037 -43.09 -42.43 22.62
C MET D 1037 -42.16 -42.22 21.44
N SER D 1038 -40.86 -42.15 21.73
CA SER D 1038 -39.85 -42.01 20.70
C SER D 1038 -38.56 -42.65 21.16
N PHE D 1039 -37.73 -43.02 20.20
CA PHE D 1039 -36.49 -43.72 20.47
C PHE D 1039 -35.32 -42.98 19.83
N PRO D 1040 -34.23 -42.76 20.57
CA PRO D 1040 -33.06 -42.11 19.97
C PRO D 1040 -32.20 -43.10 19.19
N GLN D 1041 -31.48 -42.57 18.20
CA GLN D 1041 -30.53 -43.34 17.42
C GLN D 1041 -29.29 -42.49 17.21
N SER D 1042 -28.12 -43.02 17.58
CA SER D 1042 -26.88 -42.28 17.42
C SER D 1042 -26.48 -42.21 15.95
N ALA D 1043 -26.00 -41.05 15.54
CA ALA D 1043 -25.61 -40.77 14.17
C ALA D 1043 -24.27 -40.03 14.18
N PRO D 1044 -23.49 -40.14 13.09
CA PRO D 1044 -22.26 -39.33 13.00
C PRO D 1044 -22.56 -37.84 12.91
N HIS D 1045 -22.14 -37.10 13.95
CA HIS D 1045 -22.39 -35.67 14.11
C HIS D 1045 -23.89 -35.33 14.03
N GLY D 1046 -24.70 -36.15 14.68
CA GLY D 1046 -26.14 -35.92 14.66
C GLY D 1046 -26.85 -36.95 15.52
N VAL D 1047 -28.17 -36.79 15.58
CA VAL D 1047 -29.04 -37.69 16.33
C VAL D 1047 -30.29 -37.97 15.49
N VAL D 1048 -30.75 -39.21 15.51
CA VAL D 1048 -31.92 -39.64 14.75
C VAL D 1048 -33.00 -40.05 15.74
N PHE D 1049 -34.18 -39.45 15.62
CA PHE D 1049 -35.31 -39.73 16.47
C PHE D 1049 -36.34 -40.55 15.71
N LEU D 1050 -36.81 -41.64 16.33
CA LEU D 1050 -37.84 -42.51 15.75
C LEU D 1050 -39.13 -42.24 16.52
N HIS D 1051 -39.91 -41.27 16.03
CA HIS D 1051 -41.11 -40.81 16.73
C HIS D 1051 -42.26 -41.76 16.44
N VAL D 1052 -42.69 -42.50 17.46
CA VAL D 1052 -43.87 -43.36 17.34
C VAL D 1052 -45.10 -42.52 17.62
N THR D 1053 -46.01 -42.45 16.66
CA THR D 1053 -47.17 -41.56 16.75
C THR D 1053 -48.45 -42.37 16.61
N TYR D 1054 -49.55 -41.76 17.05
CA TYR D 1054 -50.89 -42.34 16.98
C TYR D 1054 -51.69 -41.58 15.91
N VAL D 1055 -52.08 -42.28 14.86
CA VAL D 1055 -52.78 -41.68 13.73
C VAL D 1055 -54.11 -42.40 13.55
N PRO D 1056 -55.25 -41.68 13.61
CA PRO D 1056 -56.54 -42.31 13.31
C PRO D 1056 -56.65 -42.71 11.85
N ALA D 1057 -57.40 -43.78 11.59
CA ALA D 1057 -57.46 -44.37 10.26
C ALA D 1057 -58.84 -44.29 9.62
N GLN D 1058 -59.88 -44.84 10.25
CA GLN D 1058 -61.17 -45.05 9.59
C GLN D 1058 -62.28 -44.40 10.39
N GLU D 1059 -62.88 -43.36 9.83
CA GLU D 1059 -64.03 -42.68 10.41
C GLU D 1059 -65.22 -42.78 9.47
N LYS D 1060 -66.41 -42.50 10.01
CA LYS D 1060 -67.63 -42.57 9.22
C LYS D 1060 -68.64 -41.56 9.76
N ASN D 1061 -69.87 -41.64 9.26
CA ASN D 1061 -70.89 -40.65 9.57
C ASN D 1061 -71.45 -40.84 10.98
N PHE D 1062 -71.74 -39.73 11.65
CA PHE D 1062 -72.37 -39.73 12.96
C PHE D 1062 -73.22 -38.48 13.12
N THR D 1063 -74.20 -38.57 14.02
CA THR D 1063 -75.06 -37.45 14.37
C THR D 1063 -74.90 -37.15 15.86
N THR D 1064 -74.59 -35.89 16.18
CA THR D 1064 -74.26 -35.51 17.55
C THR D 1064 -75.22 -34.45 18.07
N ALA D 1065 -75.30 -34.36 19.39
CA ALA D 1065 -76.06 -33.35 20.09
C ALA D 1065 -75.23 -32.87 21.28
N PRO D 1066 -75.30 -31.58 21.63
CA PRO D 1066 -74.52 -31.09 22.78
C PRO D 1066 -74.92 -31.69 24.11
N ALA D 1067 -76.20 -31.98 24.32
CA ALA D 1067 -76.68 -32.54 25.59
C ALA D 1067 -77.98 -33.28 25.32
N ILE D 1068 -78.49 -33.93 26.37
CA ILE D 1068 -79.74 -34.70 26.30
C ILE D 1068 -80.63 -34.25 27.44
N CYS D 1069 -81.83 -33.80 27.11
CA CYS D 1069 -82.79 -33.37 28.12
C CYS D 1069 -83.47 -34.57 28.76
N HIS D 1070 -84.06 -34.34 29.93
CA HIS D 1070 -84.67 -35.41 30.73
C HIS D 1070 -85.83 -34.77 31.49
N ASP D 1071 -86.28 -35.41 32.57
CA ASP D 1071 -87.41 -34.93 33.35
C ASP D 1071 -86.98 -33.71 34.17
N GLY D 1072 -86.96 -32.56 33.49
CA GLY D 1072 -86.54 -31.32 34.11
C GLY D 1072 -85.04 -31.16 34.27
N LYS D 1073 -84.24 -32.02 33.63
CA LYS D 1073 -82.80 -32.02 33.79
C LYS D 1073 -82.13 -32.09 32.43
N ALA D 1074 -80.91 -31.54 32.37
CA ALA D 1074 -80.06 -31.62 31.18
C ALA D 1074 -78.80 -32.40 31.53
N HIS D 1075 -78.46 -33.38 30.69
CA HIS D 1075 -77.35 -34.28 30.96
C HIS D 1075 -76.21 -33.99 29.99
N PHE D 1076 -75.02 -33.72 30.54
CA PHE D 1076 -73.80 -33.48 29.79
C PHE D 1076 -72.81 -34.62 30.04
N PRO D 1077 -72.07 -35.06 29.02
CA PRO D 1077 -71.10 -36.12 29.22
C PRO D 1077 -69.89 -35.64 30.02
N ARG D 1078 -69.30 -36.57 30.77
CA ARG D 1078 -68.14 -36.24 31.59
C ARG D 1078 -66.87 -36.14 30.74
N GLU D 1079 -66.49 -37.25 30.09
CA GLU D 1079 -65.32 -37.27 29.23
C GLU D 1079 -65.64 -37.86 27.86
N GLY D 1080 -66.91 -37.84 27.45
CA GLY D 1080 -67.31 -38.42 26.18
C GLY D 1080 -68.07 -37.47 25.29
N VAL D 1081 -68.69 -38.02 24.24
CA VAL D 1081 -69.47 -37.24 23.29
C VAL D 1081 -70.72 -38.03 22.93
N PHE D 1082 -71.86 -37.34 22.85
CA PHE D 1082 -73.12 -37.97 22.49
C PHE D 1082 -73.18 -38.14 20.98
N VAL D 1083 -73.36 -39.39 20.53
CA VAL D 1083 -73.44 -39.70 19.10
C VAL D 1083 -74.66 -40.56 18.86
N SER D 1084 -75.13 -40.54 17.61
CA SER D 1084 -76.28 -41.34 17.18
C SER D 1084 -75.95 -42.02 15.86
N ASN D 1085 -76.40 -43.27 15.71
CA ASN D 1085 -76.24 -44.02 14.48
C ASN D 1085 -77.49 -44.01 13.62
N GLY D 1086 -78.46 -43.16 13.94
CA GLY D 1086 -79.68 -43.06 13.17
C GLY D 1086 -80.93 -43.25 14.00
N THR D 1087 -80.92 -44.21 14.91
CA THR D 1087 -82.07 -44.50 15.76
C THR D 1087 -81.78 -44.30 17.24
N HIS D 1088 -80.66 -44.83 17.72
CA HIS D 1088 -80.33 -44.80 19.14
C HIS D 1088 -79.15 -43.86 19.38
N TRP D 1089 -79.13 -43.25 20.56
CA TRP D 1089 -78.07 -42.36 20.98
C TRP D 1089 -77.11 -43.09 21.90
N PHE D 1090 -75.82 -42.77 21.77
CA PHE D 1090 -74.78 -43.44 22.55
C PHE D 1090 -73.72 -42.42 22.95
N VAL D 1091 -72.92 -42.80 23.94
CA VAL D 1091 -71.82 -41.97 24.43
C VAL D 1091 -70.52 -42.76 24.25
N THR D 1092 -69.50 -42.08 23.72
CA THR D 1092 -68.21 -42.70 23.45
C THR D 1092 -67.11 -41.65 23.55
N GLN D 1093 -65.88 -42.13 23.61
CA GLN D 1093 -64.74 -41.23 23.60
C GLN D 1093 -64.52 -40.66 22.21
N ARG D 1094 -63.72 -39.60 22.14
CA ARG D 1094 -63.53 -38.87 20.89
C ARG D 1094 -62.46 -39.44 20.00
N ASN D 1095 -61.44 -40.10 20.55
CA ASN D 1095 -60.33 -40.62 19.76
C ASN D 1095 -60.56 -42.04 19.26
N PHE D 1096 -61.63 -42.70 19.70
CA PHE D 1096 -61.92 -44.06 19.28
C PHE D 1096 -63.41 -44.30 19.43
N TYR D 1097 -63.96 -45.17 18.57
CA TYR D 1097 -65.38 -45.49 18.61
C TYR D 1097 -65.59 -46.66 19.56
N GLU D 1098 -66.27 -46.40 20.68
CA GLU D 1098 -66.62 -47.43 21.65
C GLU D 1098 -67.88 -47.00 22.36
N PRO D 1099 -69.05 -47.25 21.77
CA PRO D 1099 -70.30 -46.72 22.33
C PRO D 1099 -70.72 -47.41 23.62
N GLN D 1100 -71.39 -46.65 24.48
CA GLN D 1100 -71.91 -47.15 25.73
C GLN D 1100 -73.32 -46.61 25.96
N ILE D 1101 -74.04 -47.26 26.86
CA ILE D 1101 -75.37 -46.80 27.23
C ILE D 1101 -75.25 -45.54 28.08
N ILE D 1102 -76.01 -44.51 27.73
CA ILE D 1102 -75.96 -43.24 28.45
C ILE D 1102 -76.65 -43.41 29.79
N THR D 1103 -75.85 -43.46 30.86
CA THR D 1103 -76.34 -43.66 32.22
C THR D 1103 -76.02 -42.42 33.05
N THR D 1104 -76.34 -42.50 34.34
CA THR D 1104 -76.05 -41.41 35.27
C THR D 1104 -74.61 -41.44 35.78
N ASP D 1105 -73.88 -42.53 35.55
CA ASP D 1105 -72.50 -42.61 36.03
C ASP D 1105 -71.57 -41.77 35.17
N ASN D 1106 -71.77 -41.77 33.85
CA ASN D 1106 -70.91 -41.04 32.93
C ASN D 1106 -71.52 -39.72 32.47
N THR D 1107 -72.60 -39.27 33.10
CA THR D 1107 -73.22 -37.98 32.80
C THR D 1107 -73.46 -37.23 34.10
N PHE D 1108 -73.44 -35.90 34.00
CA PHE D 1108 -73.71 -35.03 35.14
C PHE D 1108 -74.81 -34.04 34.77
N VAL D 1109 -75.63 -33.73 35.76
CA VAL D 1109 -76.81 -32.88 35.56
C VAL D 1109 -76.44 -31.44 35.85
N SER D 1110 -76.74 -30.55 34.89
CA SER D 1110 -76.50 -29.11 35.06
C SER D 1110 -77.68 -28.36 34.43
N GLY D 1111 -78.66 -28.03 35.26
CA GLY D 1111 -79.79 -27.22 34.83
C GLY D 1111 -80.81 -27.98 34.00
N ASN D 1112 -81.77 -27.22 33.50
CA ASN D 1112 -82.86 -27.73 32.67
C ASN D 1112 -82.49 -27.63 31.18
N CYS D 1113 -83.47 -27.90 30.32
CA CYS D 1113 -83.22 -28.08 28.90
C CYS D 1113 -83.97 -27.06 28.04
N ASP D 1114 -83.95 -25.79 28.45
CA ASP D 1114 -84.50 -24.72 27.64
C ASP D 1114 -83.47 -23.65 27.28
N VAL D 1115 -82.23 -23.81 27.72
CA VAL D 1115 -81.17 -22.85 27.46
C VAL D 1115 -80.18 -23.37 26.41
N VAL D 1116 -79.82 -24.65 26.50
CA VAL D 1116 -78.85 -25.24 25.59
C VAL D 1116 -79.47 -25.40 24.22
N ILE D 1117 -78.83 -24.83 23.21
CA ILE D 1117 -79.35 -24.87 21.83
C ILE D 1117 -78.90 -26.16 21.17
N GLY D 1118 -79.87 -26.91 20.63
CA GLY D 1118 -79.58 -28.17 19.97
C GLY D 1118 -79.73 -29.39 20.84
N ILE D 1119 -80.33 -29.28 22.01
CA ILE D 1119 -80.50 -30.41 22.92
C ILE D 1119 -81.61 -31.31 22.38
N VAL D 1120 -81.44 -32.62 22.52
CA VAL D 1120 -82.38 -33.59 22.02
C VAL D 1120 -83.05 -34.29 23.21
N ASN D 1121 -84.04 -35.12 22.90
CA ASN D 1121 -84.82 -35.83 23.91
C ASN D 1121 -84.46 -37.31 23.87
N ASN D 1122 -83.95 -37.82 24.98
CA ASN D 1122 -83.68 -39.26 25.13
C ASN D 1122 -83.71 -39.59 26.61
N THR D 1123 -83.95 -40.87 26.89
CA THR D 1123 -83.95 -41.35 28.26
C THR D 1123 -82.52 -41.63 28.73
N VAL D 1124 -82.34 -41.59 30.05
CA VAL D 1124 -81.07 -41.91 30.68
C VAL D 1124 -81.31 -43.09 31.61
N TYR D 1125 -80.59 -44.19 31.38
CA TYR D 1125 -80.81 -45.43 32.11
C TYR D 1125 -80.20 -45.32 33.50
N ASP D 1126 -81.04 -45.45 34.53
CA ASP D 1126 -80.56 -45.47 35.90
C ASP D 1126 -80.08 -46.87 36.25
N PRO D 1127 -78.82 -47.05 36.62
CA PRO D 1127 -78.34 -48.38 37.01
C PRO D 1127 -78.72 -48.80 38.42
N LEU D 1128 -79.51 -48.00 39.13
CA LEU D 1128 -79.98 -48.33 40.48
C LEU D 1128 -81.48 -48.58 40.54
N GLN D 1129 -82.24 -48.12 39.54
CA GLN D 1129 -83.68 -48.33 39.52
C GLN D 1129 -84.13 -49.79 39.45
N PRO D 1130 -83.54 -50.70 38.63
CA PRO D 1130 -83.97 -52.11 38.72
C PRO D 1130 -83.64 -52.78 40.05
N GLU D 1131 -82.64 -52.28 40.79
CA GLU D 1131 -82.35 -52.84 42.10
C GLU D 1131 -83.39 -52.42 43.14
N LEU D 1132 -84.02 -51.26 42.94
CA LEU D 1132 -85.07 -50.81 43.84
C LEU D 1132 -86.35 -51.61 43.66
N ASP D 1133 -86.65 -52.03 42.43
CA ASP D 1133 -87.89 -52.75 42.16
C ASP D 1133 -87.81 -54.23 42.52
N SER D 1134 -86.64 -54.74 42.89
CA SER D 1134 -86.49 -56.13 43.27
C SER D 1134 -87.06 -56.39 44.66
N GLU E 1 37.74 55.37 -35.90
CA GLU E 1 36.29 55.43 -35.93
C GLU E 1 35.70 54.10 -36.36
N ILE E 2 35.89 53.75 -37.63
CA ILE E 2 35.43 52.48 -38.20
C ILE E 2 36.62 51.83 -38.88
N VAL E 3 36.91 50.58 -38.52
CA VAL E 3 38.08 49.86 -39.01
C VAL E 3 37.62 48.78 -39.97
N LEU E 4 38.19 48.78 -41.17
CA LEU E 4 37.95 47.73 -42.16
C LEU E 4 39.21 46.88 -42.26
N THR E 5 39.11 45.61 -41.88
CA THR E 5 40.20 44.66 -42.01
C THR E 5 39.92 43.78 -43.23
N GLN E 6 40.87 43.76 -44.17
CA GLN E 6 40.71 43.06 -45.44
C GLN E 6 41.79 41.98 -45.54
N SER E 7 41.48 40.80 -44.99
CA SER E 7 42.20 39.51 -45.10
C SER E 7 43.57 39.51 -44.43
N PRO E 8 44.09 38.34 -44.06
CA PRO E 8 45.49 38.27 -43.61
C PRO E 8 46.52 38.15 -44.73
N ALA E 9 46.11 38.44 -45.98
CA ALA E 9 46.98 38.46 -47.17
C ALA E 9 47.65 37.12 -47.42
N THR E 10 46.98 36.02 -47.08
CA THR E 10 47.47 34.68 -47.35
C THR E 10 46.60 33.93 -48.35
N LEU E 11 45.61 34.60 -48.95
CA LEU E 11 44.70 33.98 -49.90
C LEU E 11 45.19 34.10 -51.34
N SER E 12 46.37 34.67 -51.57
CA SER E 12 46.92 34.78 -52.91
C SER E 12 47.42 33.42 -53.37
N LEU E 13 46.53 32.61 -53.92
CA LEU E 13 46.83 31.24 -54.30
C LEU E 13 46.24 30.98 -55.67
N SER E 14 46.20 29.70 -56.05
CA SER E 14 45.60 29.29 -57.31
C SER E 14 44.09 29.56 -57.29
N PRO E 15 43.52 29.95 -58.44
CA PRO E 15 42.08 30.27 -58.47
C PRO E 15 41.14 29.08 -58.33
N GLY E 16 41.65 27.87 -58.17
CA GLY E 16 40.79 26.72 -57.94
C GLY E 16 40.22 26.72 -56.53
N GLU E 17 39.29 25.78 -56.33
CA GLU E 17 38.59 25.48 -55.08
C GLU E 17 37.71 26.63 -54.58
N ARG E 18 37.45 27.64 -55.42
CA ARG E 18 36.47 28.72 -55.21
C ARG E 18 36.78 29.52 -53.93
N ALA E 19 37.93 30.19 -53.97
CA ALA E 19 38.39 30.99 -52.84
C ALA E 19 37.48 32.21 -52.62
N THR E 20 37.23 32.53 -51.36
CA THR E 20 36.35 33.61 -50.97
C THR E 20 37.17 34.79 -50.41
N LEU E 21 36.47 35.82 -49.96
CA LEU E 21 37.08 37.01 -49.39
C LEU E 21 36.78 37.09 -47.90
N SER E 22 37.82 37.25 -47.09
CA SER E 22 37.67 37.36 -45.65
C SER E 22 37.75 38.83 -45.20
N CYS E 23 36.79 39.62 -45.65
CA CYS E 23 36.64 40.98 -45.14
C CYS E 23 35.92 40.94 -43.79
N ARG E 24 36.58 41.42 -42.75
CA ARG E 24 36.05 41.38 -41.39
C ARG E 24 36.00 42.79 -40.81
N ALA E 25 34.90 43.09 -40.12
CA ALA E 25 34.76 44.36 -39.42
C ALA E 25 33.82 44.11 -38.24
N SER E 26 34.39 43.87 -37.06
CA SER E 26 33.63 43.45 -35.88
C SER E 26 33.12 44.66 -35.12
N GLN E 27 32.13 45.33 -35.69
CA GLN E 27 31.47 46.46 -35.06
C GLN E 27 30.03 46.52 -35.58
N SER E 28 29.34 47.60 -35.24
CA SER E 28 27.92 47.74 -35.56
C SER E 28 27.72 48.03 -37.03
N PHE E 29 26.75 47.35 -37.64
CA PHE E 29 26.39 47.57 -39.04
C PHE E 29 24.90 47.32 -39.22
N HIS E 30 24.37 47.86 -40.33
CA HIS E 30 22.98 47.65 -40.70
C HIS E 30 22.85 46.77 -41.94
N ASN E 31 23.87 45.95 -42.22
CA ASN E 31 23.95 45.05 -43.38
C ASN E 31 23.77 45.80 -44.69
N TYR E 32 24.40 46.96 -44.79
CA TYR E 32 24.37 47.79 -46.00
C TYR E 32 25.79 47.84 -46.54
N LEU E 33 26.12 46.87 -47.39
CA LEU E 33 27.46 46.73 -47.93
C LEU E 33 27.41 46.64 -49.44
N ALA E 34 28.45 47.18 -50.09
CA ALA E 34 28.61 47.09 -51.53
C ALA E 34 30.04 46.68 -51.84
N TRP E 35 30.21 46.00 -52.99
CA TRP E 35 31.51 45.47 -53.38
C TRP E 35 31.87 45.95 -54.78
N TYR E 36 33.17 46.08 -55.01
CA TYR E 36 33.69 46.66 -56.24
C TYR E 36 34.70 45.72 -56.88
N GLN E 37 34.72 45.72 -58.21
CA GLN E 37 35.67 44.95 -59.00
C GLN E 37 36.58 45.91 -59.75
N GLN E 38 37.89 45.81 -59.54
CA GLN E 38 38.84 46.66 -60.24
C GLN E 38 39.88 45.81 -60.94
N LYS E 39 40.10 46.10 -62.22
CA LYS E 39 41.25 45.69 -63.00
C LYS E 39 42.19 46.89 -63.13
N PRO E 40 43.51 46.67 -63.15
CA PRO E 40 44.44 47.78 -63.40
C PRO E 40 44.20 48.44 -64.75
N GLY E 41 44.16 49.77 -64.74
CA GLY E 41 43.81 50.52 -65.93
C GLY E 41 42.32 50.65 -66.19
N ARG E 42 41.47 50.19 -65.27
CA ARG E 42 40.03 50.20 -65.45
C ARG E 42 39.35 50.77 -64.21
N ALA E 43 38.36 51.64 -64.44
CA ALA E 43 37.60 52.19 -63.33
C ALA E 43 36.68 51.13 -62.73
N PRO E 44 36.59 51.05 -61.41
CA PRO E 44 35.76 50.02 -60.78
C PRO E 44 34.27 50.33 -60.85
N ARG E 45 33.47 49.27 -60.71
CA ARG E 45 32.02 49.37 -60.76
C ARG E 45 31.43 48.54 -59.62
N LEU E 46 30.13 48.70 -59.40
CA LEU E 46 29.45 48.04 -58.30
C LEU E 46 29.20 46.57 -58.62
N LEU E 47 28.95 45.78 -57.57
CA LEU E 47 28.56 44.39 -57.70
C LEU E 47 27.18 44.12 -57.11
N ILE E 48 26.94 44.51 -55.86
CA ILE E 48 25.66 44.30 -55.20
C ILE E 48 25.05 45.67 -54.91
N PHE E 49 23.72 45.72 -54.89
CA PHE E 49 23.02 46.99 -54.74
C PHE E 49 22.45 47.23 -53.36
N ASP E 50 21.97 46.21 -52.65
CA ASP E 50 21.66 46.39 -51.23
C ASP E 50 22.50 45.50 -50.33
N ALA E 51 22.36 44.17 -50.44
CA ALA E 51 23.10 43.19 -49.67
C ALA E 51 22.89 41.80 -50.25
N SER E 52 23.99 41.12 -50.60
CA SER E 52 24.01 39.72 -51.08
C SER E 52 23.12 39.50 -52.30
N ASN E 53 22.98 40.52 -53.15
CA ASN E 53 22.03 40.47 -54.25
C ASN E 53 22.59 41.15 -55.50
N ARG E 54 22.60 40.40 -56.60
CA ARG E 54 23.22 40.88 -57.83
C ARG E 54 22.36 41.93 -58.51
N ALA E 55 23.00 43.01 -58.95
CA ALA E 55 22.30 44.10 -59.64
C ALA E 55 22.13 43.75 -61.12
N THR E 56 21.58 44.70 -61.87
CA THR E 56 21.39 44.51 -63.30
C THR E 56 22.72 44.64 -64.03
N GLY E 57 22.97 43.72 -64.97
CA GLY E 57 24.19 43.70 -65.75
C GLY E 57 25.21 42.68 -65.30
N ILE E 58 24.95 41.95 -64.22
CA ILE E 58 25.87 40.92 -63.75
C ILE E 58 25.08 39.63 -63.54
N PRO E 59 25.64 38.46 -63.88
CA PRO E 59 24.94 37.21 -63.58
C PRO E 59 25.12 36.76 -62.13
N ALA E 60 24.71 35.53 -61.83
CA ALA E 60 24.71 35.00 -60.47
C ALA E 60 26.05 34.36 -60.07
N ARG E 61 27.15 34.76 -60.72
CA ARG E 61 28.47 34.24 -60.34
C ARG E 61 28.89 34.73 -58.96
N PHE E 62 28.41 35.89 -58.54
CA PHE E 62 28.71 36.44 -57.22
C PHE E 62 27.44 36.45 -56.38
N SER E 63 27.53 35.86 -55.19
CA SER E 63 26.39 35.82 -54.26
C SER E 63 26.94 36.01 -52.86
N GLY E 64 26.59 37.13 -52.23
CA GLY E 64 27.10 37.44 -50.91
C GLY E 64 26.45 36.62 -49.82
N SER E 65 27.08 36.66 -48.64
CA SER E 65 26.60 35.95 -47.47
C SER E 65 27.20 36.60 -46.23
N GLY E 66 26.37 36.79 -45.21
CA GLY E 66 26.84 37.36 -43.96
C GLY E 66 26.14 38.64 -43.56
N SER E 67 26.13 38.94 -42.26
CA SER E 67 25.49 40.14 -41.76
C SER E 67 26.10 40.51 -40.42
N GLY E 68 25.89 41.76 -40.02
CA GLY E 68 26.30 42.22 -38.72
C GLY E 68 27.77 42.57 -38.61
N THR E 69 28.63 41.55 -38.59
CA THR E 69 30.07 41.75 -38.41
C THR E 69 30.92 41.08 -39.48
N ASP E 70 30.40 40.09 -40.20
CA ASP E 70 31.19 39.37 -41.20
C ASP E 70 30.41 39.29 -42.51
N PHE E 71 31.14 39.23 -43.61
CA PHE E 71 30.52 39.16 -44.93
C PHE E 71 31.48 38.47 -45.89
N THR E 72 30.94 37.62 -46.76
CA THR E 72 31.76 36.81 -47.68
C THR E 72 30.97 36.58 -48.96
N LEU E 73 31.44 35.65 -49.78
CA LEU E 73 30.76 35.32 -51.03
C LEU E 73 31.07 33.88 -51.40
N THR E 74 30.35 33.37 -52.40
CA THR E 74 30.67 32.10 -53.05
C THR E 74 30.71 32.35 -54.55
N ILE E 75 31.89 32.18 -55.16
CA ILE E 75 32.02 32.32 -56.60
C ILE E 75 31.60 31.02 -57.27
N SER E 76 30.95 31.13 -58.42
CA SER E 76 30.33 29.98 -59.08
C SER E 76 31.24 29.32 -60.12
N SER E 77 31.79 30.10 -61.05
CA SER E 77 32.53 29.56 -62.18
C SER E 77 33.84 30.29 -62.37
N LEU E 78 34.87 29.56 -62.79
CA LEU E 78 36.14 30.16 -63.14
C LEU E 78 36.01 30.91 -64.46
N GLU E 79 36.80 31.98 -64.60
CA GLU E 79 36.63 32.94 -65.68
C GLU E 79 37.93 33.72 -65.83
N PRO E 80 38.24 34.20 -67.04
CA PRO E 80 39.36 35.17 -67.17
C PRO E 80 39.16 36.46 -66.39
N GLU E 81 37.91 36.85 -66.10
CA GLU E 81 37.67 38.02 -65.26
C GLU E 81 37.89 37.74 -63.78
N ASP E 82 38.10 36.48 -63.38
CA ASP E 82 38.38 36.18 -61.97
C ASP E 82 39.77 36.60 -61.55
N PHE E 83 40.69 36.79 -62.50
CA PHE E 83 42.04 37.26 -62.18
C PHE E 83 42.04 38.79 -62.10
N ALA E 84 41.46 39.30 -61.02
CA ALA E 84 41.35 40.73 -60.80
C ALA E 84 41.30 40.99 -59.30
N VAL E 85 41.05 42.25 -58.93
CA VAL E 85 41.13 42.71 -57.55
C VAL E 85 39.74 43.12 -57.08
N TYR E 86 39.30 42.56 -55.96
CA TYR E 86 38.02 42.86 -55.34
C TYR E 86 38.21 43.88 -54.23
N TYR E 87 37.18 44.73 -54.04
CA TYR E 87 37.16 45.72 -52.98
C TYR E 87 35.98 45.51 -52.06
N CYS E 88 36.17 45.87 -50.79
CA CYS E 88 35.13 45.81 -49.77
C CYS E 88 34.78 47.23 -49.33
N GLN E 89 33.50 47.57 -49.39
CA GLN E 89 33.04 48.94 -49.14
C GLN E 89 31.81 48.92 -48.24
N GLN E 90 31.72 49.91 -47.36
CA GLN E 90 30.58 50.08 -46.48
C GLN E 90 29.96 51.46 -46.73
N ARG E 91 28.66 51.57 -46.43
CA ARG E 91 27.87 52.73 -46.86
C ARG E 91 27.54 53.72 -45.76
N PHE E 92 27.39 53.27 -44.52
CA PHE E 92 27.11 54.18 -43.41
C PHE E 92 28.42 54.76 -42.88
N ASN E 93 28.36 55.44 -41.74
CA ASN E 93 29.49 56.06 -41.05
C ASN E 93 30.20 57.07 -41.96
N TRP E 94 29.48 58.17 -42.22
CA TRP E 94 29.70 59.18 -43.26
C TRP E 94 31.10 59.76 -43.43
N PRO E 95 32.00 59.72 -42.42
CA PRO E 95 33.44 59.83 -42.76
C PRO E 95 33.90 58.86 -43.84
N LEU E 96 33.37 57.63 -43.86
CA LEU E 96 33.35 56.75 -45.03
C LEU E 96 34.75 56.30 -45.47
N THR E 97 35.50 55.74 -44.53
CA THR E 97 36.73 55.03 -44.90
C THR E 97 36.37 53.71 -45.56
N PHE E 98 37.18 53.32 -46.54
CA PHE E 98 36.88 52.16 -47.37
C PHE E 98 37.92 51.07 -47.16
N GLY E 99 37.80 50.00 -47.94
CA GLY E 99 38.70 48.87 -47.86
C GLY E 99 39.96 49.08 -48.68
N GLY E 100 40.77 48.04 -48.73
CA GLY E 100 42.02 48.09 -49.46
C GLY E 100 42.18 47.03 -50.53
N GLY E 101 41.44 45.93 -50.39
CA GLY E 101 41.53 44.84 -51.35
C GLY E 101 42.73 43.94 -51.08
N THR E 102 42.93 43.00 -52.01
CA THR E 102 44.01 42.03 -51.88
C THR E 102 44.45 41.56 -53.26
N LYS E 103 45.62 40.93 -53.28
CA LYS E 103 46.22 40.42 -54.50
C LYS E 103 45.98 38.92 -54.63
N VAL E 104 46.06 38.44 -55.87
CA VAL E 104 45.95 37.02 -56.18
C VAL E 104 47.21 36.61 -56.94
N GLU E 105 47.93 35.62 -56.41
CA GLU E 105 49.14 35.09 -57.02
C GLU E 105 48.82 33.72 -57.60
N ILE E 106 48.87 33.62 -58.92
CA ILE E 106 48.40 32.42 -59.61
C ILE E 106 49.43 31.30 -59.48
N LYS E 107 48.98 30.14 -59.00
CA LYS E 107 49.80 28.94 -58.98
C LYS E 107 49.08 27.80 -59.68
N GLU F 1 20.54 59.35 -65.09
CA GLU F 1 21.40 59.48 -66.25
C GLU F 1 22.30 58.26 -66.40
N VAL F 2 22.49 57.81 -67.65
CA VAL F 2 23.33 56.65 -67.91
C VAL F 2 24.78 57.03 -68.16
N GLN F 3 25.05 58.28 -68.51
CA GLN F 3 26.40 58.74 -68.82
C GLN F 3 26.80 59.87 -67.89
N LEU F 4 28.07 60.27 -67.99
CA LEU F 4 28.59 61.39 -67.24
C LEU F 4 29.72 62.04 -68.03
N LEU F 5 29.85 63.35 -67.90
CA LEU F 5 30.88 64.08 -68.62
C LEU F 5 32.24 63.82 -67.99
N GLU F 6 33.23 63.51 -68.82
CA GLU F 6 34.57 63.18 -68.34
C GLU F 6 35.29 64.44 -67.88
N SER F 7 35.91 64.38 -66.71
CA SER F 7 36.60 65.53 -66.14
C SER F 7 37.97 65.69 -66.77
N GLY F 8 38.77 66.60 -66.21
CA GLY F 8 40.13 66.82 -66.66
C GLY F 8 41.14 66.64 -65.54
N GLY F 9 42.42 66.86 -65.85
CA GLY F 9 43.48 66.71 -64.87
C GLY F 9 44.35 67.95 -64.82
N GLY F 10 45.34 67.90 -63.93
CA GLY F 10 46.25 69.02 -63.77
C GLY F 10 47.62 68.54 -63.34
N LEU F 11 48.62 69.37 -63.62
CA LEU F 11 50.00 69.09 -63.21
C LEU F 11 50.53 70.22 -62.35
N VAL F 12 49.73 70.64 -61.36
CA VAL F 12 50.08 71.78 -60.52
C VAL F 12 51.20 71.40 -59.56
N GLN F 13 52.18 72.29 -59.43
CA GLN F 13 53.28 72.13 -58.49
C GLN F 13 52.75 72.20 -57.05
N PRO F 14 53.46 71.59 -56.09
CA PRO F 14 53.03 71.66 -54.68
C PRO F 14 53.05 73.08 -54.15
N GLY F 15 52.11 73.37 -53.24
CA GLY F 15 51.88 74.70 -52.75
C GLY F 15 50.86 75.50 -53.52
N GLY F 16 50.35 74.98 -54.63
CA GLY F 16 49.38 75.65 -55.46
C GLY F 16 47.96 75.19 -55.19
N SER F 17 47.12 75.29 -56.22
CA SER F 17 45.71 74.92 -56.12
C SER F 17 45.28 74.23 -57.40
N LEU F 18 44.20 73.46 -57.30
CA LEU F 18 43.63 72.72 -58.42
C LEU F 18 42.20 73.18 -58.65
N ARG F 19 41.84 73.37 -59.93
CA ARG F 19 40.51 73.84 -60.32
C ARG F 19 40.09 73.04 -61.55
N LEU F 20 39.36 71.95 -61.32
CA LEU F 20 38.75 71.16 -62.37
C LEU F 20 37.28 70.94 -62.04
N SER F 21 36.55 70.32 -62.96
CA SER F 21 35.12 70.14 -62.78
C SER F 21 34.65 68.89 -63.52
N CYS F 22 33.53 68.33 -63.06
CA CYS F 22 32.90 67.16 -63.67
C CYS F 22 31.39 67.36 -63.58
N VAL F 23 30.81 67.99 -64.60
CA VAL F 23 29.43 68.47 -64.56
C VAL F 23 28.66 67.86 -65.73
N ALA F 24 27.54 67.21 -65.42
CA ALA F 24 26.60 66.73 -66.41
C ALA F 24 25.49 67.75 -66.61
N SER F 25 24.78 67.62 -67.73
CA SER F 25 23.72 68.54 -68.10
C SER F 25 22.41 67.80 -68.32
N GLY F 26 21.31 68.46 -67.97
CA GLY F 26 19.99 67.86 -68.12
C GLY F 26 19.70 66.75 -67.13
N PHE F 27 20.35 66.76 -65.97
CA PHE F 27 20.23 65.70 -64.98
C PHE F 27 19.72 66.27 -63.67
N THR F 28 18.82 65.54 -63.02
CA THR F 28 18.24 65.97 -61.76
C THR F 28 19.26 65.82 -60.64
N PHE F 29 19.63 66.95 -60.02
CA PHE F 29 20.62 66.94 -58.96
C PHE F 29 20.06 66.48 -57.62
N SER F 30 18.73 66.51 -57.45
CA SER F 30 18.12 66.08 -56.18
C SER F 30 18.29 64.57 -55.98
N SER F 31 18.05 63.79 -57.03
CA SER F 31 18.33 62.37 -56.97
C SER F 31 19.79 62.11 -57.33
N TYR F 32 20.30 60.94 -56.91
CA TYR F 32 21.67 60.47 -57.15
C TYR F 32 22.70 61.46 -56.60
N VAL F 33 22.73 61.53 -55.26
CA VAL F 33 23.60 62.45 -54.54
C VAL F 33 25.07 62.17 -54.85
N MET F 34 25.81 63.22 -55.18
CA MET F 34 27.19 63.09 -55.64
C MET F 34 28.12 62.63 -54.52
N SER F 35 29.27 62.09 -54.92
CA SER F 35 30.32 61.67 -54.01
C SER F 35 31.65 61.69 -54.74
N TRP F 36 32.70 62.08 -54.02
CA TRP F 36 34.06 62.13 -54.57
C TRP F 36 34.96 61.21 -53.75
N VAL F 37 35.77 60.42 -54.45
CA VAL F 37 36.64 59.44 -53.83
C VAL F 37 37.98 59.45 -54.55
N ARG F 38 39.06 59.14 -53.82
CA ARG F 38 40.41 59.15 -54.36
C ARG F 38 40.85 57.72 -54.62
N GLN F 39 41.28 57.44 -55.85
CA GLN F 39 41.85 56.15 -56.21
C GLN F 39 43.36 56.23 -55.99
N ALA F 40 43.79 55.88 -54.79
CA ALA F 40 45.21 55.96 -54.46
C ALA F 40 45.93 54.73 -55.00
N PRO F 41 47.01 54.91 -55.77
CA PRO F 41 47.84 53.77 -56.18
C PRO F 41 48.65 53.25 -55.02
N GLY F 42 48.09 52.31 -54.25
CA GLY F 42 48.60 52.03 -52.93
C GLY F 42 47.54 51.75 -51.89
N LYS F 43 47.41 52.65 -50.91
CA LYS F 43 46.69 52.37 -49.67
C LYS F 43 45.21 52.08 -49.89
N GLY F 44 44.55 52.83 -50.77
CA GLY F 44 43.16 52.50 -51.09
C GLY F 44 42.27 53.64 -51.49
N LEU F 45 41.10 53.73 -50.85
CA LEU F 45 40.07 54.70 -51.22
C LEU F 45 39.60 55.44 -49.98
N GLU F 46 39.23 56.71 -50.15
CA GLU F 46 38.61 57.48 -49.09
C GLU F 46 37.70 58.54 -49.71
N TRP F 47 36.53 58.70 -49.10
CA TRP F 47 35.53 59.64 -49.60
C TRP F 47 35.94 61.07 -49.28
N VAL F 48 35.62 61.99 -50.21
CA VAL F 48 36.03 63.39 -50.09
C VAL F 48 34.86 64.28 -49.66
N ALA F 49 33.82 64.36 -50.47
CA ALA F 49 32.76 65.35 -50.25
C ALA F 49 31.41 64.81 -50.70
N ALA F 50 30.36 65.32 -50.07
CA ALA F 50 28.98 64.97 -50.42
C ALA F 50 28.09 66.12 -49.99
N ILE F 51 27.37 66.72 -50.93
CA ILE F 51 26.49 67.84 -50.66
C ILE F 51 25.05 67.40 -50.87
N SER F 52 24.12 68.15 -50.30
CA SER F 52 22.70 67.84 -50.41
C SER F 52 22.21 68.03 -51.85
N GLY F 53 21.27 67.18 -52.25
CA GLY F 53 20.79 67.22 -53.62
C GLY F 53 19.89 68.40 -53.94
N SER F 54 19.23 68.95 -52.92
CA SER F 54 18.41 70.14 -53.08
C SER F 54 19.15 71.41 -52.68
N GLY F 55 20.41 71.32 -52.28
CA GLY F 55 21.15 72.47 -51.82
C GLY F 55 21.08 72.59 -50.31
N GLY F 56 22.19 72.36 -49.62
CA GLY F 56 22.16 72.34 -48.18
C GLY F 56 23.44 71.85 -47.51
N ASN F 57 23.29 70.90 -46.61
CA ASN F 57 24.39 70.46 -45.76
C ASN F 57 25.43 69.68 -46.55
N THR F 58 26.70 69.89 -46.20
CA THR F 58 27.82 69.13 -46.72
C THR F 58 28.69 68.69 -45.55
N TYR F 59 29.47 67.63 -45.76
CA TYR F 59 30.27 67.02 -44.71
C TYR F 59 31.74 67.02 -45.11
N TYR F 60 32.59 67.36 -44.16
CA TYR F 60 34.03 67.27 -44.35
C TYR F 60 34.53 65.91 -43.91
N ALA F 61 35.66 65.50 -44.47
CA ALA F 61 36.23 64.19 -44.17
C ALA F 61 36.96 64.21 -42.83
N ASP F 62 37.40 63.04 -42.38
CA ASP F 62 38.15 62.96 -41.12
C ASP F 62 39.54 63.56 -41.27
N SER F 63 40.17 63.36 -42.43
CA SER F 63 41.48 63.95 -42.71
C SER F 63 41.38 65.32 -43.36
N VAL F 64 40.18 65.83 -43.58
CA VAL F 64 39.97 67.13 -44.22
C VAL F 64 39.25 68.01 -43.22
N LYS F 65 40.01 68.87 -42.54
CA LYS F 65 39.44 69.89 -41.66
C LYS F 65 39.30 71.22 -42.39
N GLY F 66 38.63 71.21 -43.54
CA GLY F 66 38.51 72.39 -44.36
C GLY F 66 39.67 72.64 -45.29
N ARG F 67 40.62 71.71 -45.39
CA ARG F 67 41.75 71.88 -46.30
C ARG F 67 41.30 71.77 -47.76
N PHE F 68 40.50 70.76 -48.07
CA PHE F 68 39.86 70.66 -49.39
C PHE F 68 38.61 71.53 -49.34
N THR F 69 38.69 72.71 -49.95
CA THR F 69 37.60 73.68 -49.83
C THR F 69 36.39 73.25 -50.65
N ILE F 70 35.22 73.30 -50.03
CA ILE F 70 33.97 72.89 -50.68
C ILE F 70 33.08 74.12 -50.85
N SER F 71 33.16 74.74 -52.02
CA SER F 71 32.34 75.90 -52.36
C SER F 71 31.51 75.53 -53.59
N ARG F 72 30.33 74.96 -53.36
CA ARG F 72 29.48 74.44 -54.42
C ARG F 72 28.14 75.17 -54.40
N ASP F 73 27.57 75.38 -55.58
CA ASP F 73 26.34 76.14 -55.75
C ASP F 73 25.26 75.26 -56.37
N ASN F 74 24.03 75.49 -55.94
CA ASN F 74 22.89 74.67 -56.36
C ASN F 74 22.09 75.27 -57.51
N SER F 75 22.25 76.57 -57.78
CA SER F 75 21.49 77.20 -58.87
C SER F 75 21.95 76.70 -60.23
N LYS F 76 23.25 76.54 -60.42
CA LYS F 76 23.80 75.92 -61.63
C LYS F 76 24.13 74.45 -61.43
N ASN F 77 23.90 73.92 -60.23
CA ASN F 77 24.28 72.56 -59.81
C ASN F 77 25.77 72.30 -60.07
N THR F 78 26.60 73.11 -59.41
CA THR F 78 28.03 73.11 -59.68
C THR F 78 28.70 71.90 -59.03
N LEU F 79 29.51 71.20 -59.82
CA LEU F 79 30.35 70.11 -59.34
C LEU F 79 31.80 70.52 -59.61
N TYR F 80 32.54 70.85 -58.56
CA TYR F 80 33.85 71.46 -58.74
C TYR F 80 34.90 70.83 -57.84
N LEU F 81 36.08 71.47 -57.77
CA LEU F 81 37.18 70.99 -56.95
C LEU F 81 38.13 72.15 -56.70
N GLN F 82 38.44 72.40 -55.43
CA GLN F 82 39.36 73.47 -55.06
C GLN F 82 40.01 73.14 -53.73
N MET F 83 41.29 73.43 -53.62
CA MET F 83 42.05 73.14 -52.41
C MET F 83 43.19 74.15 -52.31
N ASN F 84 44.08 73.93 -51.34
CA ASN F 84 45.21 74.81 -51.11
C ASN F 84 46.34 74.02 -50.47
N SER F 85 47.57 74.51 -50.65
CA SER F 85 48.80 73.95 -50.09
C SER F 85 48.99 72.49 -50.52
N LEU F 86 49.23 72.33 -51.83
CA LEU F 86 49.27 71.01 -52.44
C LEU F 86 50.45 70.20 -51.92
N ARG F 87 50.18 68.91 -51.67
CA ARG F 87 51.11 68.02 -50.98
C ARG F 87 51.34 66.77 -51.82
N ALA F 88 52.29 65.95 -51.38
CA ALA F 88 52.60 64.70 -52.05
C ALA F 88 51.56 63.61 -51.81
N GLU F 89 50.62 63.82 -50.88
CA GLU F 89 49.54 62.87 -50.66
C GLU F 89 48.53 62.87 -51.81
N ASP F 90 48.50 63.94 -52.60
CA ASP F 90 47.54 64.08 -53.69
C ASP F 90 47.91 63.31 -54.95
N THR F 91 48.87 62.39 -54.89
CA THR F 91 49.25 61.58 -56.05
C THR F 91 48.26 60.41 -56.15
N ALA F 92 47.09 60.71 -56.69
CA ALA F 92 46.03 59.73 -56.83
C ALA F 92 45.15 60.12 -58.01
N VAL F 93 43.99 59.45 -58.13
CA VAL F 93 43.05 59.67 -59.22
C VAL F 93 41.75 60.21 -58.65
N TYR F 94 41.27 61.32 -59.20
CA TYR F 94 40.02 61.92 -58.77
C TYR F 94 38.85 61.26 -59.49
N TYR F 95 37.80 60.94 -58.74
CA TYR F 95 36.62 60.27 -59.26
C TYR F 95 35.38 61.09 -58.94
N CYS F 96 34.60 61.42 -59.96
CA CYS F 96 33.28 62.01 -59.77
C CYS F 96 32.24 60.91 -59.98
N ALA F 97 31.38 60.72 -58.97
CA ALA F 97 30.41 59.64 -58.99
C ALA F 97 29.21 60.03 -58.15
N LYS F 98 28.21 59.16 -58.12
CA LYS F 98 26.99 59.39 -57.36
C LYS F 98 26.38 58.07 -56.93
N GLU F 99 25.77 58.07 -55.75
CA GLU F 99 25.10 56.89 -55.21
C GLU F 99 23.63 56.91 -55.65
N GLY F 100 22.80 56.11 -55.01
CA GLY F 100 21.39 56.03 -55.35
C GLY F 100 20.61 57.28 -54.96
N THR F 101 19.30 57.24 -55.29
CA THR F 101 18.45 58.41 -55.11
C THR F 101 18.15 58.70 -53.64
N TYR F 102 18.34 57.74 -52.74
CA TYR F 102 18.18 58.01 -51.33
C TYR F 102 19.48 58.58 -50.76
N TYR F 103 19.38 59.15 -49.56
CA TYR F 103 20.55 59.73 -48.91
C TYR F 103 21.52 58.64 -48.45
N TYR F 104 21.00 57.53 -47.94
CA TYR F 104 21.85 56.41 -47.59
C TYR F 104 22.28 55.66 -48.85
N GLY F 105 23.31 54.83 -48.69
CA GLY F 105 23.89 54.15 -49.84
C GLY F 105 23.02 53.03 -50.34
N SER F 106 22.81 52.99 -51.67
CA SER F 106 22.06 51.92 -52.30
C SER F 106 22.69 51.49 -53.63
N GLY F 107 23.96 51.77 -53.84
CA GLY F 107 24.62 51.44 -55.09
C GLY F 107 25.11 52.65 -55.83
N SER F 108 26.42 52.71 -56.09
CA SER F 108 27.04 53.87 -56.74
C SER F 108 27.79 53.40 -57.98
N PHE F 109 27.45 53.98 -59.12
CA PHE F 109 28.19 53.76 -60.36
C PHE F 109 29.19 54.90 -60.54
N TRP F 110 30.40 54.53 -60.94
CA TRP F 110 31.52 55.46 -60.94
C TRP F 110 31.92 55.84 -62.36
N GLY F 111 32.68 56.92 -62.47
CA GLY F 111 33.19 57.38 -63.74
C GLY F 111 34.63 56.94 -63.99
N GLN F 112 35.13 57.30 -65.18
CA GLN F 112 36.49 56.92 -65.56
C GLN F 112 37.52 57.73 -64.80
N GLY F 113 37.26 59.03 -64.60
CA GLY F 113 38.13 59.86 -63.79
C GLY F 113 39.42 60.24 -64.50
N THR F 114 40.15 61.16 -63.85
CA THR F 114 41.45 61.61 -64.33
C THR F 114 42.45 61.58 -63.19
N LEU F 115 43.68 61.19 -63.51
CA LEU F 115 44.74 61.15 -62.51
C LEU F 115 45.42 62.51 -62.40
N VAL F 116 45.91 62.81 -61.21
CA VAL F 116 46.65 64.04 -60.92
C VAL F 116 48.00 63.65 -60.33
N THR F 117 49.06 64.32 -60.76
CA THR F 117 50.43 63.94 -60.45
C THR F 117 51.11 65.06 -59.68
N VAL F 118 51.77 64.69 -58.58
CA VAL F 118 52.51 65.64 -57.73
C VAL F 118 54.00 65.46 -58.00
N SER F 119 54.67 66.55 -58.32
CA SER F 119 56.11 66.54 -58.56
C SER F 119 56.69 67.89 -58.19
N SER F 120 57.69 67.90 -57.31
CA SER F 120 58.31 69.13 -56.86
C SER F 120 59.68 69.32 -57.52
N GLN G 1 54.35 0.76 38.86
CA GLN G 1 54.43 -0.07 37.66
C GLN G 1 53.71 -1.39 37.86
N CYS G 2 53.48 -2.11 36.76
CA CYS G 2 52.80 -3.39 36.83
C CYS G 2 53.72 -4.47 37.39
N VAL G 3 53.16 -5.35 38.21
CA VAL G 3 53.90 -6.45 38.81
C VAL G 3 53.02 -7.70 38.75
N ASN G 4 53.66 -8.84 38.53
CA ASN G 4 52.96 -10.12 38.49
C ASN G 4 52.99 -10.77 39.88
N LEU G 5 51.95 -11.54 40.16
CA LEU G 5 51.78 -12.20 41.46
C LEU G 5 52.06 -13.68 41.30
N THR G 6 53.02 -14.19 42.07
CA THR G 6 53.39 -15.59 42.04
C THR G 6 52.70 -16.34 43.18
N THR G 7 53.11 -17.60 43.39
CA THR G 7 52.58 -18.51 44.42
C THR G 7 51.06 -18.68 44.33
N ARG G 8 50.56 -18.83 43.11
CA ARG G 8 49.14 -19.02 42.87
C ARG G 8 48.86 -20.51 42.68
N THR G 9 47.88 -21.02 43.42
CA THR G 9 47.50 -22.43 43.36
C THR G 9 46.24 -22.56 42.51
N GLN G 10 46.31 -23.40 41.48
CA GLN G 10 45.18 -23.59 40.58
C GLN G 10 44.13 -24.50 41.21
N LEU G 11 42.87 -24.16 40.98
CA LEU G 11 41.73 -24.91 41.49
C LEU G 11 40.56 -24.68 40.54
N PRO G 12 39.78 -25.71 40.23
CA PRO G 12 38.60 -25.52 39.39
C PRO G 12 37.51 -24.78 40.14
N PRO G 13 36.88 -23.79 39.51
CA PRO G 13 35.82 -23.04 40.21
C PRO G 13 34.54 -23.84 40.33
N ALA G 14 33.88 -23.67 41.48
CA ALA G 14 32.63 -24.36 41.73
C ALA G 14 31.47 -23.65 41.03
N TYR G 15 30.34 -24.34 40.95
CA TYR G 15 29.12 -23.81 40.35
C TYR G 15 27.98 -23.90 41.35
N THR G 16 27.30 -22.78 41.58
CA THR G 16 26.26 -22.68 42.59
C THR G 16 24.93 -22.39 41.91
N ASN G 17 23.89 -23.09 42.36
CA ASN G 17 22.54 -22.88 41.83
C ASN G 17 22.00 -21.52 42.26
N SER G 18 21.28 -20.86 41.36
CA SER G 18 20.67 -19.56 41.61
C SER G 18 19.17 -19.79 41.86
N PHE G 19 18.77 -19.72 43.13
CA PHE G 19 17.41 -20.03 43.54
C PHE G 19 16.52 -18.80 43.34
N THR G 20 16.10 -18.60 42.08
CA THR G 20 15.18 -17.53 41.65
C THR G 20 15.68 -16.14 42.05
N ARG G 21 16.95 -15.88 41.77
CA ARG G 21 17.59 -14.61 42.11
C ARG G 21 18.06 -13.93 40.83
N GLY G 22 18.29 -12.63 40.94
CA GLY G 22 18.83 -11.85 39.84
C GLY G 22 17.82 -11.09 39.00
N VAL G 23 16.63 -10.84 39.51
CA VAL G 23 15.62 -10.08 38.78
C VAL G 23 15.76 -8.61 39.14
N TYR G 24 15.34 -7.74 38.23
CA TYR G 24 15.43 -6.29 38.44
C TYR G 24 14.18 -5.63 37.88
N TYR G 25 14.12 -4.30 38.03
CA TYR G 25 13.02 -3.52 37.47
C TYR G 25 13.35 -3.18 36.02
N PRO G 26 12.51 -3.59 35.05
CA PRO G 26 12.88 -3.38 33.65
C PRO G 26 12.69 -1.97 33.14
N ASP G 27 11.84 -1.16 33.76
CA ASP G 27 11.56 0.18 33.26
C ASP G 27 11.25 1.09 34.45
N LYS G 28 10.84 2.32 34.14
CA LYS G 28 10.55 3.34 35.14
C LYS G 28 9.07 3.41 35.50
N VAL G 29 8.26 2.49 34.98
CA VAL G 29 6.81 2.57 35.12
C VAL G 29 6.39 2.00 36.47
N PHE G 30 5.67 2.80 37.25
CA PHE G 30 5.04 2.32 38.46
C PHE G 30 3.80 1.50 38.10
N ARG G 31 3.68 0.31 38.68
CA ARG G 31 2.57 -0.58 38.43
C ARG G 31 2.00 -1.07 39.75
N SER G 32 0.68 -1.01 39.88
CA SER G 32 -0.01 -1.31 41.13
C SER G 32 -0.91 -2.53 40.94
N SER G 33 -0.52 -3.65 41.56
CA SER G 33 -1.31 -4.89 41.66
C SER G 33 -1.67 -5.47 40.28
N VAL G 34 -0.72 -5.42 39.35
CA VAL G 34 -0.90 -5.99 38.02
C VAL G 34 0.16 -7.06 37.81
N LEU G 35 -0.02 -7.84 36.74
CA LEU G 35 0.93 -8.86 36.32
C LEU G 35 1.38 -8.51 34.91
N HIS G 36 2.64 -8.12 34.77
CA HIS G 36 3.18 -7.64 33.51
C HIS G 36 4.22 -8.62 32.96
N SER G 37 4.13 -8.90 31.67
CA SER G 37 5.08 -9.77 30.99
C SER G 37 6.07 -8.91 30.22
N THR G 38 7.35 -9.05 30.54
CA THR G 38 8.41 -8.27 29.93
C THR G 38 9.29 -9.16 29.07
N GLN G 39 10.06 -8.51 28.18
CA GLN G 39 11.02 -9.20 27.32
C GLN G 39 12.32 -8.41 27.39
N ASP G 40 13.24 -8.86 28.25
CA ASP G 40 14.48 -8.15 28.50
C ASP G 40 15.58 -9.16 28.79
N LEU G 41 16.82 -8.68 28.82
CA LEU G 41 17.98 -9.51 29.11
C LEU G 41 17.97 -9.86 30.59
N PHE G 42 17.45 -11.04 30.92
CA PHE G 42 17.26 -11.46 32.30
C PHE G 42 18.11 -12.69 32.61
N LEU G 43 18.41 -12.86 33.89
CA LEU G 43 19.09 -14.07 34.35
C LEU G 43 18.10 -15.22 34.40
N PRO G 44 18.38 -16.35 33.77
CA PRO G 44 17.48 -17.50 33.85
C PRO G 44 17.43 -18.10 35.25
N PHE G 45 16.26 -18.61 35.60
CA PHE G 45 16.08 -19.23 36.91
C PHE G 45 16.75 -20.60 36.94
N PHE G 46 17.32 -20.93 38.12
CA PHE G 46 18.05 -22.18 38.37
C PHE G 46 19.21 -22.36 37.40
N SER G 47 19.91 -21.27 37.09
CA SER G 47 21.05 -21.31 36.20
C SER G 47 22.34 -21.52 36.99
N ASN G 48 23.32 -22.15 36.35
CA ASN G 48 24.59 -22.48 37.00
C ASN G 48 25.55 -21.29 36.90
N VAL G 49 25.46 -20.40 37.89
CA VAL G 49 26.42 -19.30 37.96
C VAL G 49 27.77 -19.83 38.44
N THR G 50 28.82 -19.05 38.15
CA THR G 50 30.18 -19.46 38.43
C THR G 50 30.61 -18.89 39.77
N TRP G 51 31.07 -19.75 40.67
CA TRP G 51 31.48 -19.36 42.01
C TRP G 51 33.00 -19.27 42.05
N PHE G 52 33.51 -18.11 42.47
CA PHE G 52 34.93 -17.90 42.64
C PHE G 52 35.23 -17.74 44.13
N HIS G 53 36.15 -18.55 44.64
CA HIS G 53 36.50 -18.55 46.05
C HIS G 53 37.89 -17.92 46.22
N ALA G 54 37.99 -16.96 47.14
CA ALA G 54 39.24 -16.29 47.45
C ALA G 54 39.52 -16.51 48.94
N ILE G 55 40.23 -17.60 49.24
CA ILE G 55 40.53 -17.96 50.62
C ILE G 55 42.06 -18.16 50.72
N HIS G 56 42.58 -17.96 51.92
CA HIS G 56 44.01 -18.12 52.17
C HIS G 56 44.38 -19.58 52.36
N THR G 63 46.00 -22.29 51.46
CA THR G 63 45.70 -22.68 50.09
C THR G 63 46.23 -21.63 49.11
N LYS G 64 46.23 -20.38 49.55
CA LYS G 64 46.69 -19.21 48.79
C LYS G 64 45.95 -19.08 47.45
N ARG G 65 44.63 -19.20 47.52
CA ARG G 65 43.79 -19.11 46.32
C ARG G 65 43.34 -17.66 46.13
N PHE G 66 43.68 -17.09 44.98
CA PHE G 66 43.32 -15.72 44.65
C PHE G 66 43.08 -15.66 43.15
N ASP G 67 41.81 -15.59 42.75
CA ASP G 67 41.43 -15.65 41.35
C ASP G 67 40.67 -14.40 40.91
N ASN G 68 41.02 -13.90 39.72
CA ASN G 68 40.30 -12.79 39.08
C ASN G 68 40.55 -12.82 37.57
N PRO G 69 39.96 -13.77 36.86
CA PRO G 69 40.24 -13.93 35.44
C PRO G 69 39.41 -12.96 34.59
N VAL G 70 39.72 -12.93 33.30
CA VAL G 70 39.05 -12.02 32.36
C VAL G 70 37.88 -12.79 31.77
N LEU G 71 36.74 -12.73 32.46
CA LEU G 71 35.53 -13.35 31.97
C LEU G 71 34.92 -12.50 30.85
N PRO G 72 34.26 -13.12 29.87
CA PRO G 72 33.67 -12.33 28.78
C PRO G 72 32.34 -11.70 29.19
N PHE G 73 32.02 -10.60 28.51
CA PHE G 73 30.79 -9.85 28.69
C PHE G 73 29.96 -10.03 27.42
N ASN G 74 29.08 -11.03 27.41
CA ASN G 74 28.34 -11.36 26.20
C ASN G 74 27.16 -10.41 25.99
N ASP G 75 26.18 -10.44 26.89
CA ASP G 75 25.00 -9.59 26.75
C ASP G 75 24.55 -8.99 28.07
N GLY G 76 25.34 -9.12 29.14
CA GLY G 76 24.94 -8.67 30.46
C GLY G 76 25.35 -9.67 31.50
N VAL G 77 25.89 -9.20 32.63
CA VAL G 77 26.51 -10.06 33.63
C VAL G 77 25.85 -9.81 34.97
N TYR G 78 25.34 -10.88 35.58
CA TYR G 78 24.84 -10.84 36.94
C TYR G 78 26.00 -11.01 37.92
N PHE G 79 26.04 -10.17 38.95
CA PHE G 79 27.13 -10.18 39.91
C PHE G 79 26.57 -10.19 41.33
N ALA G 80 27.15 -11.03 42.18
CA ALA G 80 26.75 -11.13 43.57
C ALA G 80 28.00 -11.28 44.43
N SER G 81 27.87 -10.91 45.70
CA SER G 81 29.02 -10.95 46.61
C SER G 81 28.52 -11.08 48.04
N THR G 82 28.86 -12.19 48.69
CA THR G 82 28.59 -12.37 50.12
C THR G 82 29.83 -11.92 50.91
N GLU G 83 30.06 -10.61 50.87
CA GLU G 83 31.27 -10.01 51.39
C GLU G 83 30.98 -9.28 52.70
N LYS G 84 31.83 -9.52 53.70
CA LYS G 84 31.72 -8.86 55.00
C LYS G 84 32.95 -8.01 55.33
N SER G 85 33.87 -7.83 54.38
CA SER G 85 35.09 -7.08 54.65
C SER G 85 35.47 -6.13 53.51
N ASN G 86 34.55 -5.88 52.57
CA ASN G 86 34.72 -4.95 51.44
C ASN G 86 35.91 -5.31 50.56
N ILE G 87 36.07 -6.61 50.28
CA ILE G 87 37.16 -7.06 49.42
C ILE G 87 36.90 -6.66 47.96
N ILE G 88 35.68 -6.84 47.48
CA ILE G 88 35.35 -6.54 46.09
C ILE G 88 35.14 -5.04 45.96
N ARG G 89 35.88 -4.41 45.03
CA ARG G 89 35.85 -2.97 44.86
C ARG G 89 35.28 -2.54 43.51
N GLY G 90 35.85 -3.02 42.42
CA GLY G 90 35.43 -2.54 41.11
C GLY G 90 35.74 -3.55 40.02
N TRP G 91 35.48 -3.14 38.78
CA TRP G 91 35.62 -4.01 37.63
C TRP G 91 36.26 -3.27 36.46
N ILE G 92 36.94 -4.03 35.61
CA ILE G 92 37.47 -3.57 34.33
C ILE G 92 36.37 -3.75 33.29
N PHE G 93 36.26 -2.84 32.33
CA PHE G 93 35.39 -3.03 31.18
C PHE G 93 36.08 -2.53 29.93
N GLY G 94 36.20 -3.39 28.93
CA GLY G 94 36.84 -2.99 27.69
C GLY G 94 36.82 -4.13 26.69
N THR G 95 37.26 -3.80 25.47
CA THR G 95 37.25 -4.76 24.37
C THR G 95 38.47 -5.67 24.39
N THR G 96 39.66 -5.08 24.24
CA THR G 96 40.89 -5.86 24.13
C THR G 96 41.89 -5.61 25.26
N LEU G 97 41.83 -4.46 25.93
CA LEU G 97 42.67 -4.11 27.08
C LEU G 97 44.16 -4.15 26.75
N ASP G 98 44.54 -3.45 25.67
CA ASP G 98 45.94 -3.37 25.28
C ASP G 98 46.31 -1.97 24.81
N SER G 99 45.62 -0.95 25.35
CA SER G 99 45.77 0.47 24.98
C SER G 99 45.55 0.71 23.49
N LYS G 100 44.68 -0.09 22.87
CA LYS G 100 44.29 0.10 21.48
C LYS G 100 42.79 0.30 21.30
N THR G 101 41.98 -0.07 22.29
CA THR G 101 40.54 0.13 22.25
C THR G 101 40.12 0.99 23.42
N GLN G 102 39.05 1.76 23.21
CA GLN G 102 38.51 2.65 24.23
C GLN G 102 37.87 1.83 25.34
N SER G 103 38.31 2.05 26.58
CA SER G 103 38.00 1.15 27.68
C SER G 103 37.51 1.91 28.91
N LEU G 104 36.76 1.21 29.76
CA LEU G 104 36.12 1.75 30.93
C LEU G 104 36.85 1.29 32.20
N LEU G 105 36.72 2.08 33.27
CA LEU G 105 37.32 1.72 34.55
C LEU G 105 36.39 2.14 35.68
N ILE G 106 36.14 1.22 36.62
CA ILE G 106 35.41 1.50 37.84
C ILE G 106 36.30 1.10 39.01
N VAL G 107 36.65 2.06 39.85
CA VAL G 107 37.45 1.81 41.05
C VAL G 107 36.72 2.43 42.24
N ASN G 108 36.29 1.57 43.18
CA ASN G 108 35.74 2.03 44.46
C ASN G 108 36.82 1.88 45.53
N ASN G 109 37.77 2.81 45.51
CA ASN G 109 38.86 2.82 46.48
C ASN G 109 38.41 3.55 47.74
N ALA G 110 39.37 3.88 48.61
CA ALA G 110 39.08 4.30 49.98
C ALA G 110 38.45 5.68 50.10
N THR G 111 38.41 6.48 49.03
CA THR G 111 37.87 7.83 49.13
C THR G 111 36.60 8.02 48.31
N ASN G 112 36.63 7.74 47.01
CA ASN G 112 35.52 8.05 46.12
C ASN G 112 35.28 6.90 45.17
N VAL G 113 34.10 6.90 44.55
CA VAL G 113 33.77 5.97 43.47
C VAL G 113 34.14 6.67 42.18
N VAL G 114 35.39 6.53 41.78
CA VAL G 114 35.94 7.30 40.67
C VAL G 114 35.81 6.49 39.38
N ILE G 115 35.28 7.12 38.34
CA ILE G 115 35.02 6.48 37.05
C ILE G 115 35.85 7.19 35.99
N LYS G 116 36.76 6.46 35.34
CA LYS G 116 37.44 6.93 34.15
C LYS G 116 37.06 6.04 32.97
N VAL G 117 36.80 6.65 31.82
CA VAL G 117 36.58 5.94 30.56
C VAL G 117 37.55 6.54 29.54
N CYS G 118 38.75 5.97 29.45
CA CYS G 118 39.73 6.37 28.45
C CYS G 118 40.76 5.27 28.25
N GLU G 119 41.74 5.56 27.41
CA GLU G 119 42.71 4.57 26.95
C GLU G 119 43.68 4.22 28.07
N PHE G 120 43.71 2.95 28.47
CA PHE G 120 44.56 2.49 29.54
C PHE G 120 45.40 1.31 29.05
N GLN G 121 46.70 1.36 29.33
CA GLN G 121 47.59 0.22 29.09
C GLN G 121 47.47 -0.69 30.30
N PHE G 122 46.53 -1.64 30.23
CA PHE G 122 46.26 -2.52 31.35
C PHE G 122 47.37 -3.56 31.50
N CYS G 123 47.69 -3.88 32.75
CA CYS G 123 48.73 -4.84 33.06
C CYS G 123 48.21 -6.27 32.89
N ASN G 124 49.12 -7.23 33.05
CA ASN G 124 48.75 -8.64 32.96
C ASN G 124 47.88 -9.06 34.14
N ASP G 125 48.14 -8.51 35.32
CA ASP G 125 47.38 -8.83 36.53
C ASP G 125 46.88 -7.53 37.15
N PRO G 126 45.71 -7.04 36.75
CA PRO G 126 45.14 -5.84 37.37
C PRO G 126 44.60 -6.17 38.76
N PHE G 127 45.10 -5.45 39.77
CA PHE G 127 44.72 -5.72 41.15
C PHE G 127 44.82 -4.44 41.96
N LEU G 128 44.11 -4.43 43.09
CA LEU G 128 44.14 -3.32 44.04
C LEU G 128 44.80 -3.82 45.32
N GLY G 129 46.00 -3.31 45.60
CA GLY G 129 46.74 -3.70 46.78
C GLY G 129 46.67 -2.61 47.85
N VAL G 130 46.45 -3.05 49.09
CA VAL G 130 46.36 -2.16 50.23
C VAL G 130 47.43 -2.58 51.24
N TYR G 131 48.13 -1.60 51.80
CA TYR G 131 49.22 -1.86 52.73
C TYR G 131 48.73 -1.68 54.16
N TYR G 132 49.28 -2.51 55.06
CA TYR G 132 48.90 -2.50 56.46
C TYR G 132 50.06 -1.93 57.28
N HIS G 133 49.78 -0.92 58.08
CA HIS G 133 50.77 -0.34 58.98
C HIS G 133 50.59 -0.95 60.37
N LYS G 134 51.62 -1.63 60.85
CA LYS G 134 51.56 -2.28 62.16
C LYS G 134 51.88 -1.33 63.31
N ASN G 135 52.34 -0.12 63.02
CA ASN G 135 52.66 0.83 64.09
C ASN G 135 51.42 1.44 64.73
N ASN G 136 50.36 1.66 63.95
CA ASN G 136 49.14 2.25 64.47
C ASN G 136 47.90 1.38 64.21
N LYS G 137 48.08 0.17 63.67
CA LYS G 137 47.03 -0.80 63.39
C LYS G 137 45.94 -0.24 62.47
N SER G 138 46.37 0.31 61.33
CA SER G 138 45.47 0.92 60.36
C SER G 138 45.83 0.45 58.96
N TRP G 139 44.82 0.45 58.09
CA TRP G 139 44.98 0.04 56.70
C TRP G 139 44.88 1.27 55.80
N MET G 140 45.90 1.45 54.96
CA MET G 140 45.94 2.57 54.02
C MET G 140 46.30 2.06 52.64
N GLU G 141 45.57 2.50 51.62
CA GLU G 141 45.84 2.09 50.26
C GLU G 141 47.08 2.81 49.73
N SER G 142 48.03 2.03 49.21
CA SER G 142 49.28 2.58 48.70
C SER G 142 49.68 2.06 47.33
N GLU G 143 49.07 0.98 46.85
CA GLU G 143 49.41 0.39 45.55
C GLU G 143 48.26 0.62 44.58
N PHE G 144 48.56 1.28 43.47
CA PHE G 144 47.59 1.53 42.41
C PHE G 144 48.28 1.21 41.09
N ARG G 145 48.18 -0.05 40.66
CA ARG G 145 48.86 -0.55 39.47
C ARG G 145 47.85 -1.03 38.44
N VAL G 146 46.78 -0.26 38.22
CA VAL G 146 45.76 -0.65 37.26
C VAL G 146 46.21 -0.34 35.84
N TYR G 147 46.70 0.87 35.61
CA TYR G 147 47.10 1.27 34.26
C TYR G 147 48.46 1.97 34.26
N SER G 148 48.87 2.46 33.09
CA SER G 148 50.15 3.14 32.94
C SER G 148 49.99 4.61 32.60
N SER G 149 49.27 4.94 31.54
CA SER G 149 49.13 6.33 31.12
C SER G 149 47.83 6.47 30.33
N ALA G 150 47.41 7.73 30.16
CA ALA G 150 46.22 8.06 29.39
C ALA G 150 46.46 9.38 28.67
N ASN G 151 46.27 9.39 27.36
CA ASN G 151 46.52 10.59 26.58
C ASN G 151 45.42 11.62 26.77
N ASN G 152 44.19 11.27 26.39
CA ASN G 152 43.03 12.12 26.58
C ASN G 152 41.90 11.29 27.15
N CYS G 153 41.02 11.94 27.91
CA CYS G 153 39.91 11.24 28.54
C CYS G 153 38.61 11.98 28.32
N THR G 154 37.57 11.24 27.94
CA THR G 154 36.28 11.82 27.57
C THR G 154 35.36 11.97 28.78
N PHE G 155 35.09 10.88 29.49
CA PHE G 155 34.19 10.89 30.62
C PHE G 155 34.97 10.66 31.91
N GLU G 156 34.68 11.48 32.92
CA GLU G 156 35.32 11.38 34.22
C GLU G 156 34.28 11.71 35.28
N TYR G 157 34.14 10.83 36.27
CA TYR G 157 33.14 10.98 37.32
C TYR G 157 33.78 10.73 38.67
N VAL G 158 33.56 11.65 39.61
CA VAL G 158 34.03 11.53 40.98
C VAL G 158 32.85 11.81 41.90
N SER G 159 32.54 10.87 42.79
CA SER G 159 31.41 11.00 43.70
C SER G 159 31.84 11.78 44.94
N GLN G 160 30.96 11.83 45.94
CA GLN G 160 31.28 12.50 47.19
C GLN G 160 32.26 11.65 48.00
N PRO G 161 33.20 12.27 48.70
CA PRO G 161 34.17 11.49 49.48
C PRO G 161 33.55 10.84 50.70
N PHE G 162 34.14 9.73 51.12
CA PHE G 162 33.69 8.99 52.29
C PHE G 162 34.90 8.34 52.95
N LEU G 163 34.65 7.39 53.84
CA LEU G 163 35.70 6.62 54.50
C LEU G 163 35.26 5.17 54.60
N MET G 164 36.23 4.27 54.67
CA MET G 164 35.98 2.85 54.78
C MET G 164 36.74 2.28 55.97
N ASP G 165 36.20 1.19 56.53
CA ASP G 165 36.87 0.53 57.65
C ASP G 165 38.16 -0.15 57.20
N LEU G 166 38.13 -0.80 56.04
CA LEU G 166 39.26 -1.47 55.39
C LEU G 166 39.88 -2.56 56.28
N GLU G 167 39.06 -3.23 57.07
CA GLU G 167 39.52 -4.25 58.01
C GLU G 167 38.84 -5.57 57.71
N GLY G 168 39.63 -6.64 57.68
CA GLY G 168 39.10 -7.98 57.44
C GLY G 168 38.42 -8.55 58.65
N LYS G 169 37.09 -8.68 58.61
CA LYS G 169 36.34 -9.21 59.73
C LYS G 169 36.33 -10.73 59.70
N GLN G 170 36.19 -11.32 60.89
CA GLN G 170 36.16 -12.77 61.02
C GLN G 170 34.82 -13.33 60.57
N ASN G 175 25.68 -9.81 54.76
CA ASN G 175 25.41 -8.80 53.74
C ASN G 175 25.71 -9.31 52.34
N LEU G 176 24.72 -9.22 51.46
CA LEU G 176 24.83 -9.67 50.07
C LEU G 176 24.76 -8.46 49.16
N ARG G 177 25.85 -8.16 48.47
CA ARG G 177 25.89 -7.07 47.51
C ARG G 177 25.63 -7.64 46.12
N GLU G 178 24.54 -7.19 45.49
CA GLU G 178 24.06 -7.75 44.25
C GLU G 178 24.15 -6.71 43.14
N PHE G 179 24.58 -7.13 41.95
CA PHE G 179 24.83 -6.21 40.85
C PHE G 179 24.42 -6.84 39.53
N VAL G 180 23.85 -6.02 38.64
CA VAL G 180 23.55 -6.41 37.27
C VAL G 180 24.02 -5.28 36.35
N PHE G 181 24.87 -5.61 35.39
CA PHE G 181 25.41 -4.65 34.43
C PHE G 181 24.89 -4.94 33.04
N LYS G 182 24.52 -3.88 32.32
CA LYS G 182 24.02 -3.99 30.95
C LYS G 182 24.66 -2.92 30.08
N ASN G 183 24.70 -3.20 28.78
CA ASN G 183 25.28 -2.30 27.78
C ASN G 183 24.28 -2.21 26.62
N ILE G 184 23.35 -1.27 26.72
CA ILE G 184 22.29 -1.10 25.73
C ILE G 184 22.37 0.30 25.15
N ASP G 185 22.36 0.38 23.81
CA ASP G 185 22.34 1.60 22.96
C ASP G 185 23.29 2.70 23.45
N GLY G 186 24.50 2.29 23.82
CA GLY G 186 25.49 3.24 24.29
C GLY G 186 25.28 3.74 25.70
N TYR G 187 24.44 3.08 26.48
CA TYR G 187 24.21 3.43 27.88
C TYR G 187 24.73 2.30 28.77
N PHE G 188 25.36 2.68 29.87
CA PHE G 188 25.79 1.74 30.90
C PHE G 188 24.84 1.86 32.09
N LYS G 189 24.20 0.75 32.45
CA LYS G 189 23.20 0.74 33.49
C LYS G 189 23.63 -0.24 34.59
N ILE G 190 23.54 0.20 35.83
CA ILE G 190 23.90 -0.61 36.99
C ILE G 190 22.66 -0.80 37.84
N TYR G 191 22.26 -2.06 38.02
CA TYR G 191 21.12 -2.42 38.85
C TYR G 191 21.66 -3.08 40.12
N SER G 192 21.39 -2.46 41.27
CA SER G 192 22.00 -2.93 42.50
C SER G 192 21.09 -2.70 43.70
N LYS G 193 21.23 -3.56 44.70
CA LYS G 193 20.60 -3.39 45.99
C LYS G 193 21.46 -4.09 47.04
N HIS G 194 21.32 -3.66 48.29
CA HIS G 194 22.06 -4.23 49.40
C HIS G 194 21.09 -4.94 50.33
N THR G 195 21.34 -6.22 50.58
CA THR G 195 20.50 -7.04 51.45
C THR G 195 21.36 -7.85 52.39
N PRO G 196 20.88 -8.15 53.60
CA PRO G 196 21.62 -9.04 54.49
C PRO G 196 21.37 -10.52 54.19
N GLY G 206 16.17 -17.31 47.88
CA GLY G 206 15.45 -16.10 48.22
C GLY G 206 15.02 -15.29 47.01
N PHE G 207 14.46 -14.11 47.26
CA PHE G 207 14.00 -13.22 46.21
C PHE G 207 14.55 -11.82 46.45
N SER G 208 14.94 -11.14 45.37
CA SER G 208 15.48 -9.79 45.47
C SER G 208 15.28 -9.09 44.14
N ALA G 209 14.58 -7.96 44.17
CA ALA G 209 14.39 -7.12 43.00
C ALA G 209 15.37 -5.95 43.05
N LEU G 210 16.15 -5.78 41.98
CA LEU G 210 17.24 -4.82 41.97
C LEU G 210 16.77 -3.50 41.38
N GLU G 211 16.91 -2.43 42.16
CA GLU G 211 16.58 -1.10 41.69
C GLU G 211 17.76 -0.50 40.93
N PRO G 212 17.49 0.30 39.89
CA PRO G 212 18.59 1.00 39.21
C PRO G 212 19.20 2.09 40.10
N LEU G 213 20.52 2.21 40.02
CA LEU G 213 21.25 3.18 40.83
C LEU G 213 21.92 4.25 40.00
N VAL G 214 22.76 3.88 39.04
CA VAL G 214 23.55 4.84 38.26
C VAL G 214 23.27 4.61 36.79
N ASP G 215 22.85 5.66 36.09
CA ASP G 215 22.77 5.66 34.63
C ASP G 215 24.02 6.36 34.10
N LEU G 216 24.75 5.67 33.23
CA LEU G 216 26.09 6.09 32.81
C LEU G 216 26.12 6.17 31.29
N PRO G 217 25.66 7.28 30.71
CA PRO G 217 25.59 7.39 29.25
C PRO G 217 26.92 7.75 28.60
N ILE G 218 27.74 6.73 28.32
CA ILE G 218 29.08 6.96 27.79
C ILE G 218 29.09 6.75 26.28
N GLY G 219 28.76 5.53 25.85
CA GLY G 219 28.73 5.24 24.43
C GLY G 219 29.93 4.48 23.92
N ILE G 220 30.36 3.47 24.67
CA ILE G 220 31.50 2.65 24.29
C ILE G 220 31.04 1.22 24.10
N ASN G 221 31.92 0.40 23.53
CA ASN G 221 31.66 -1.02 23.31
C ASN G 221 32.53 -1.85 24.24
N ILE G 222 31.92 -2.77 24.98
CA ILE G 222 32.61 -3.58 25.98
C ILE G 222 32.44 -5.04 25.62
N THR G 223 33.56 -5.78 25.57
CA THR G 223 33.55 -7.19 25.22
C THR G 223 33.91 -8.10 26.39
N ARG G 224 34.89 -7.74 27.20
CA ARG G 224 35.32 -8.56 28.34
C ARG G 224 35.40 -7.71 29.59
N PHE G 225 35.34 -8.38 30.74
CA PHE G 225 35.40 -7.69 32.02
C PHE G 225 36.28 -8.47 32.99
N GLN G 226 36.72 -7.79 34.04
CA GLN G 226 37.57 -8.41 35.05
C GLN G 226 37.40 -7.66 36.37
N THR G 227 37.08 -8.38 37.43
CA THR G 227 36.83 -7.78 38.73
C THR G 227 38.13 -7.42 39.44
N LEU G 228 38.01 -6.62 40.49
CA LEU G 228 39.15 -6.17 41.29
C LEU G 228 38.89 -6.55 42.74
N LEU G 229 39.87 -7.21 43.37
CA LEU G 229 39.77 -7.59 44.76
C LEU G 229 40.81 -6.85 45.58
N ALA G 230 40.47 -6.60 46.84
CA ALA G 230 41.36 -5.92 47.79
C ALA G 230 42.02 -6.99 48.65
N LEU G 231 43.13 -7.52 48.17
CA LEU G 231 43.89 -8.51 48.91
C LEU G 231 44.61 -7.87 50.09
N HIS G 232 44.76 -8.63 51.16
CA HIS G 232 45.39 -8.13 52.37
C HIS G 232 46.89 -8.38 52.30
N ARG G 233 47.68 -7.33 52.55
CA ARG G 233 49.13 -7.39 52.50
C ARG G 233 49.70 -7.05 53.87
N SER G 234 50.72 -7.80 54.27
CA SER G 234 51.37 -7.58 55.56
C SER G 234 52.87 -7.81 55.47
N PRO G 238 54.83 -10.93 54.47
CA PRO G 238 55.83 -11.96 54.71
C PRO G 238 56.62 -12.33 53.45
N GLY G 239 57.23 -11.32 52.83
CA GLY G 239 58.00 -11.55 51.62
C GLY G 239 58.13 -10.26 50.83
N ASP G 240 58.33 -10.43 49.52
CA ASP G 240 58.46 -9.30 48.61
C ASP G 240 57.06 -8.85 48.16
N SER G 241 57.02 -7.99 47.13
CA SER G 241 55.76 -7.46 46.63
C SER G 241 54.95 -8.47 45.83
N SER G 242 55.55 -9.59 45.43
CA SER G 242 54.85 -10.60 44.65
C SER G 242 54.42 -11.81 45.46
N SER G 243 54.86 -11.94 46.71
CA SER G 243 54.51 -13.07 47.54
C SER G 243 54.05 -12.71 48.95
N GLY G 244 54.40 -11.53 49.46
CA GLY G 244 54.01 -11.16 50.80
C GLY G 244 52.58 -10.65 50.91
N TRP G 245 51.62 -11.57 50.78
CA TRP G 245 50.21 -11.20 50.80
C TRP G 245 49.39 -12.39 51.24
N THR G 246 48.13 -12.13 51.61
CA THR G 246 47.18 -13.17 51.93
C THR G 246 45.84 -12.82 51.28
N ALA G 247 45.04 -13.86 51.02
CA ALA G 247 43.80 -13.69 50.27
C ALA G 247 42.63 -13.23 51.14
N GLY G 248 42.66 -13.55 52.44
CA GLY G 248 41.53 -13.21 53.30
C GLY G 248 40.33 -14.12 53.04
N ALA G 249 39.14 -13.57 53.29
CA ALA G 249 37.89 -14.28 53.09
C ALA G 249 37.04 -13.51 52.10
N ALA G 250 36.78 -14.12 50.94
CA ALA G 250 35.98 -13.49 49.90
C ALA G 250 35.35 -14.56 49.02
N ALA G 251 34.15 -14.28 48.54
CA ALA G 251 33.42 -15.20 47.67
C ALA G 251 32.42 -14.40 46.85
N TYR G 252 32.55 -14.44 45.53
CA TYR G 252 31.65 -13.72 44.64
C TYR G 252 31.17 -14.64 43.52
N TYR G 253 29.95 -14.36 43.05
CA TYR G 253 29.31 -15.16 42.02
C TYR G 253 29.13 -14.33 40.76
N VAL G 254 29.29 -14.96 39.60
CA VAL G 254 29.14 -14.32 38.31
C VAL G 254 28.07 -15.07 37.52
N GLY G 255 27.02 -14.36 37.11
CA GLY G 255 25.98 -14.91 36.28
C GLY G 255 25.95 -14.26 34.90
N TYR G 256 25.22 -14.88 33.99
CA TYR G 256 25.13 -14.42 32.61
C TYR G 256 23.66 -14.28 32.22
N LEU G 257 23.28 -13.09 31.78
CA LEU G 257 21.91 -12.81 31.36
C LEU G 257 21.64 -13.42 29.99
N GLN G 258 20.36 -13.71 29.74
CA GLN G 258 19.91 -14.29 28.49
C GLN G 258 18.63 -13.60 28.03
N PRO G 259 18.41 -13.47 26.72
CA PRO G 259 17.17 -12.83 26.23
C PRO G 259 15.94 -13.74 26.33
N ARG G 260 15.35 -13.77 27.51
CA ARG G 260 14.16 -14.57 27.78
C ARG G 260 13.10 -13.69 28.44
N THR G 261 11.85 -14.13 28.33
CA THR G 261 10.71 -13.38 28.84
C THR G 261 10.31 -13.86 30.23
N PHE G 262 9.80 -12.93 31.03
CA PHE G 262 9.36 -13.17 32.40
C PHE G 262 7.88 -12.82 32.54
N LEU G 263 7.39 -12.90 33.78
CA LEU G 263 6.05 -12.44 34.14
C LEU G 263 6.14 -11.92 35.57
N LEU G 264 6.34 -10.61 35.71
CA LEU G 264 6.57 -10.01 37.01
C LEU G 264 5.27 -9.86 37.79
N LYS G 265 5.41 -9.73 39.10
CA LYS G 265 4.27 -9.56 40.02
C LYS G 265 4.49 -8.26 40.81
N TYR G 266 3.87 -7.19 40.35
CA TYR G 266 3.91 -5.92 41.07
C TYR G 266 2.85 -5.91 42.17
N ASN G 267 3.21 -5.38 43.33
CA ASN G 267 2.30 -5.32 44.45
C ASN G 267 1.44 -4.05 44.37
N GLU G 268 0.75 -3.72 45.45
CA GLU G 268 -0.05 -2.50 45.49
C GLU G 268 0.82 -1.25 45.63
N ASN G 269 2.08 -1.40 46.02
CA ASN G 269 2.97 -0.26 46.25
C ASN G 269 4.15 -0.24 45.29
N GLY G 270 4.10 -1.02 44.20
CA GLY G 270 5.02 -0.90 43.10
C GLY G 270 6.20 -1.84 43.12
N THR G 271 6.48 -2.48 44.25
CA THR G 271 7.65 -3.34 44.36
C THR G 271 7.35 -4.72 43.78
N ILE G 272 8.33 -5.29 43.09
CA ILE G 272 8.21 -6.63 42.55
C ILE G 272 8.39 -7.63 43.69
N THR G 273 7.39 -8.48 43.90
CA THR G 273 7.43 -9.47 44.97
C THR G 273 7.62 -10.90 44.49
N ASP G 274 7.39 -11.17 43.20
CA ASP G 274 7.58 -12.50 42.65
C ASP G 274 7.83 -12.39 41.16
N ALA G 275 8.40 -13.46 40.60
CA ALA G 275 8.69 -13.51 39.17
C ALA G 275 8.54 -14.94 38.69
N VAL G 276 8.18 -15.09 37.41
CA VAL G 276 7.95 -16.39 36.79
C VAL G 276 8.75 -16.42 35.48
N ASP G 277 9.62 -17.42 35.35
CA ASP G 277 10.34 -17.63 34.09
C ASP G 277 9.48 -18.48 33.17
N CYS G 278 9.21 -17.97 31.96
CA CYS G 278 8.25 -18.61 31.08
C CYS G 278 8.79 -19.91 30.48
N ALA G 279 10.07 -19.92 30.10
CA ALA G 279 10.67 -21.06 29.41
C ALA G 279 11.49 -21.94 30.34
N LEU G 280 11.07 -22.09 31.60
CA LEU G 280 11.78 -22.94 32.54
C LEU G 280 11.18 -24.35 32.58
N ASP G 281 9.89 -24.45 32.92
CA ASP G 281 9.17 -25.71 32.99
C ASP G 281 7.80 -25.51 32.35
N PRO G 282 7.16 -26.61 31.90
CA PRO G 282 5.82 -26.47 31.30
C PRO G 282 4.73 -26.01 32.27
N LEU G 283 4.97 -26.08 33.58
CA LEU G 283 4.01 -25.51 34.54
C LEU G 283 3.92 -24.00 34.40
N SER G 284 5.07 -23.33 34.25
CA SER G 284 5.08 -21.88 34.11
C SER G 284 4.74 -21.40 32.70
N GLU G 285 4.74 -22.30 31.71
CA GLU G 285 4.22 -21.95 30.39
C GLU G 285 2.71 -21.71 30.45
N THR G 286 2.01 -22.45 31.32
CA THR G 286 0.60 -22.19 31.55
C THR G 286 0.38 -20.88 32.29
N LYS G 287 1.29 -20.53 33.20
CA LYS G 287 1.17 -19.29 33.96
C LYS G 287 1.39 -18.07 33.06
N CYS G 288 2.31 -18.17 32.11
CA CYS G 288 2.59 -17.04 31.23
C CYS G 288 1.49 -16.83 30.19
N THR G 289 0.86 -17.91 29.71
CA THR G 289 -0.19 -17.80 28.71
C THR G 289 -1.55 -17.48 29.31
N LEU G 290 -1.68 -17.49 30.64
CA LEU G 290 -2.93 -17.15 31.30
C LEU G 290 -2.88 -15.85 32.07
N LYS G 291 -1.70 -15.23 32.16
CA LYS G 291 -1.47 -13.97 32.90
C LYS G 291 -1.89 -14.07 34.36
N SER G 292 -1.56 -15.20 34.99
CA SER G 292 -1.91 -15.42 36.38
C SER G 292 -0.85 -16.30 37.03
N PHE G 293 -0.80 -16.22 38.37
CA PHE G 293 0.14 -17.03 39.14
C PHE G 293 -0.47 -18.32 39.68
N THR G 294 -1.80 -18.40 39.71
CA THR G 294 -2.51 -19.60 40.14
C THR G 294 -3.26 -20.19 38.95
N VAL G 295 -3.12 -21.49 38.75
CA VAL G 295 -3.68 -22.18 37.60
C VAL G 295 -4.79 -23.10 38.08
N GLU G 296 -5.98 -22.95 37.50
CA GLU G 296 -7.11 -23.82 37.83
C GLU G 296 -6.91 -25.19 37.17
N LYS G 297 -7.69 -26.16 37.65
CA LYS G 297 -7.62 -27.51 37.12
C LYS G 297 -8.21 -27.57 35.72
N GLY G 298 -7.50 -28.19 34.80
CA GLY G 298 -7.94 -28.31 33.43
C GLY G 298 -6.76 -28.49 32.50
N ILE G 299 -7.04 -28.37 31.20
CA ILE G 299 -6.05 -28.51 30.15
C ILE G 299 -5.92 -27.17 29.42
N TYR G 300 -4.68 -26.72 29.25
CA TYR G 300 -4.42 -25.42 28.65
C TYR G 300 -3.36 -25.57 27.56
N GLN G 301 -3.64 -25.00 26.38
CA GLN G 301 -2.69 -24.99 25.28
C GLN G 301 -1.73 -23.82 25.46
N THR G 302 -0.43 -24.11 25.53
CA THR G 302 0.58 -23.10 25.80
C THR G 302 1.44 -22.79 24.60
N SER G 303 2.06 -23.80 23.99
CA SER G 303 2.96 -23.57 22.86
C SER G 303 2.63 -24.49 21.69
N ASN G 304 3.46 -24.47 20.66
CA ASN G 304 3.28 -25.31 19.48
C ASN G 304 4.55 -26.10 19.23
N PHE G 305 4.39 -27.36 18.86
CA PHE G 305 5.50 -28.27 18.63
C PHE G 305 5.67 -28.50 17.13
N ARG G 306 6.91 -28.36 16.67
CA ARG G 306 7.26 -28.68 15.28
C ARG G 306 8.69 -29.19 15.27
N VAL G 307 8.99 -30.02 14.27
CA VAL G 307 10.30 -30.65 14.13
C VAL G 307 11.11 -29.88 13.10
N GLN G 308 12.36 -29.57 13.45
CA GLN G 308 13.25 -28.87 12.53
C GLN G 308 13.79 -29.85 11.49
N PRO G 309 14.03 -29.37 10.26
CA PRO G 309 14.65 -30.25 9.25
C PRO G 309 16.11 -30.52 9.57
N THR G 310 16.50 -31.80 9.45
CA THR G 310 17.84 -32.21 9.84
C THR G 310 18.89 -31.72 8.85
N GLU G 311 18.64 -31.88 7.55
CA GLU G 311 19.62 -31.53 6.53
C GLU G 311 18.91 -31.17 5.24
N SER G 312 19.62 -30.45 4.38
CA SER G 312 19.08 -30.01 3.10
C SER G 312 19.60 -30.92 1.99
N ILE G 313 18.67 -31.50 1.22
CA ILE G 313 18.98 -32.45 0.17
C ILE G 313 18.62 -31.83 -1.17
N VAL G 314 19.57 -31.83 -2.11
CA VAL G 314 19.40 -31.25 -3.43
C VAL G 314 19.51 -32.37 -4.46
N ARG G 315 18.55 -32.42 -5.39
CA ARG G 315 18.51 -33.44 -6.42
C ARG G 315 18.51 -32.81 -7.80
N PHE G 316 19.06 -33.54 -8.77
CA PHE G 316 19.18 -33.13 -10.16
C PHE G 316 19.34 -34.38 -10.99
N PRO G 317 18.84 -34.39 -12.25
CA PRO G 317 19.01 -35.59 -13.09
C PRO G 317 20.45 -35.88 -13.51
N ASN G 318 20.63 -36.95 -14.27
CA ASN G 318 21.96 -37.45 -14.59
C ASN G 318 22.71 -36.50 -15.52
N ILE G 319 24.02 -36.63 -15.51
CA ILE G 319 24.91 -35.72 -16.22
C ILE G 319 25.31 -36.28 -17.59
N THR G 320 24.53 -37.23 -18.12
CA THR G 320 24.81 -37.81 -19.42
C THR G 320 24.32 -36.88 -20.53
N ASN G 321 24.34 -37.40 -21.78
CA ASN G 321 24.00 -36.65 -23.00
C ASN G 321 24.85 -35.39 -23.14
N LEU G 322 26.14 -35.49 -22.82
CA LEU G 322 27.04 -34.35 -22.86
C LEU G 322 27.45 -34.03 -24.28
N CYS G 323 27.78 -32.76 -24.52
CA CYS G 323 28.30 -32.33 -25.80
C CYS G 323 29.72 -32.86 -26.00
N PRO G 324 30.17 -33.02 -27.25
CA PRO G 324 31.57 -33.40 -27.49
C PRO G 324 32.56 -32.30 -27.16
N PHE G 325 32.79 -32.08 -25.86
CA PHE G 325 33.77 -31.10 -25.41
C PHE G 325 35.19 -31.65 -25.42
N GLY G 326 35.35 -32.97 -25.53
CA GLY G 326 36.67 -33.56 -25.54
C GLY G 326 37.44 -33.42 -26.85
N GLU G 327 36.79 -32.94 -27.90
CA GLU G 327 37.44 -32.75 -29.19
C GLU G 327 38.00 -31.35 -29.39
N VAL G 328 37.57 -30.37 -28.60
CA VAL G 328 38.12 -29.02 -28.74
C VAL G 328 39.49 -28.90 -28.06
N PHE G 329 39.82 -29.83 -27.17
CA PHE G 329 41.10 -29.81 -26.47
C PHE G 329 42.02 -30.97 -26.84
N ASN G 330 41.48 -32.06 -27.38
CA ASN G 330 42.24 -33.23 -27.79
C ASN G 330 42.08 -33.51 -29.27
N ALA G 331 42.05 -32.47 -30.09
CA ALA G 331 42.00 -32.67 -31.54
C ALA G 331 43.37 -33.07 -32.05
N THR G 332 43.38 -33.77 -33.20
CA THR G 332 44.63 -34.21 -33.79
C THR G 332 45.42 -33.07 -34.42
N ARG G 333 44.74 -31.98 -34.79
CA ARG G 333 45.41 -30.85 -35.43
C ARG G 333 44.59 -29.60 -35.21
N PHE G 334 45.26 -28.50 -34.88
CA PHE G 334 44.62 -27.19 -34.77
C PHE G 334 44.92 -26.35 -36.00
N ALA G 335 43.93 -25.57 -36.43
CA ALA G 335 44.07 -24.70 -37.57
C ALA G 335 44.86 -23.45 -37.20
N SER G 336 45.26 -22.70 -38.21
CA SER G 336 46.07 -21.49 -38.02
C SER G 336 45.17 -20.31 -37.66
N VAL G 337 45.79 -19.15 -37.47
CA VAL G 337 45.05 -17.96 -37.05
C VAL G 337 44.29 -17.31 -38.20
N TYR G 338 44.67 -17.57 -39.45
CA TYR G 338 43.97 -16.98 -40.59
C TYR G 338 42.77 -17.82 -41.03
N ALA G 339 42.72 -19.10 -40.63
CA ALA G 339 41.63 -20.00 -40.94
C ALA G 339 41.14 -20.68 -39.68
N TRP G 340 40.90 -19.87 -38.64
CA TRP G 340 40.55 -20.39 -37.32
C TRP G 340 39.17 -21.04 -37.33
N ASN G 341 39.04 -22.12 -36.57
CA ASN G 341 37.81 -22.90 -36.56
C ASN G 341 36.72 -22.16 -35.79
N ARG G 342 35.51 -22.15 -36.37
CA ARG G 342 34.34 -21.52 -35.76
C ARG G 342 33.42 -22.64 -35.29
N LYS G 343 33.42 -22.89 -33.98
CA LYS G 343 32.67 -23.98 -33.38
C LYS G 343 31.66 -23.44 -32.38
N ARG G 344 30.44 -23.98 -32.44
CA ARG G 344 29.38 -23.62 -31.52
C ARG G 344 28.97 -24.85 -30.71
N ILE G 345 28.54 -24.62 -29.47
CA ILE G 345 28.19 -25.68 -28.53
C ILE G 345 26.80 -25.41 -27.99
N SER G 346 25.89 -26.37 -28.12
CA SER G 346 24.54 -26.25 -27.64
C SER G 346 24.04 -27.60 -27.15
N ASN G 347 22.95 -27.55 -26.37
CA ASN G 347 22.33 -28.67 -25.62
C ASN G 347 23.36 -29.62 -25.00
N CYS G 348 24.24 -29.05 -24.20
CA CYS G 348 25.44 -29.72 -23.71
C CYS G 348 25.37 -29.93 -22.21
N VAL G 349 26.30 -30.77 -21.72
CA VAL G 349 26.54 -30.95 -20.29
C VAL G 349 28.05 -30.80 -20.13
N ALA G 350 28.49 -29.67 -19.59
CA ALA G 350 29.91 -29.31 -19.58
C ALA G 350 30.41 -29.17 -18.14
N ASP G 351 31.63 -29.64 -17.91
CA ASP G 351 32.31 -29.50 -16.63
C ASP G 351 33.45 -28.50 -16.77
N TYR G 352 33.53 -27.56 -15.82
CA TYR G 352 34.51 -26.49 -15.87
C TYR G 352 35.53 -26.56 -14.74
N SER G 353 35.20 -27.20 -13.62
CA SER G 353 36.13 -27.29 -12.50
C SER G 353 37.25 -28.29 -12.75
N VAL G 354 37.10 -29.17 -13.74
CA VAL G 354 38.16 -30.13 -14.05
C VAL G 354 39.32 -29.45 -14.76
N LEU G 355 39.09 -28.30 -15.40
CA LEU G 355 40.16 -27.57 -16.05
C LEU G 355 41.07 -26.89 -15.03
N TYR G 356 40.51 -26.40 -13.93
CA TYR G 356 41.32 -25.80 -12.87
C TYR G 356 42.12 -26.85 -12.11
N ASN G 357 41.58 -28.06 -12.00
CA ASN G 357 42.23 -29.15 -11.28
C ASN G 357 42.96 -30.10 -12.20
N SER G 358 43.14 -29.74 -13.48
CA SER G 358 43.89 -30.59 -14.39
C SER G 358 45.37 -30.60 -14.08
N ALA G 359 45.89 -29.49 -13.53
CA ALA G 359 47.29 -29.32 -13.11
C ALA G 359 48.27 -29.51 -14.26
N SER G 360 47.86 -29.18 -15.48
CA SER G 360 48.74 -29.29 -16.63
C SER G 360 48.57 -28.12 -17.61
N PHE G 361 47.84 -27.08 -17.22
CA PHE G 361 47.54 -25.95 -18.10
C PHE G 361 48.25 -24.72 -17.57
N SER G 362 49.06 -24.08 -18.43
CA SER G 362 49.94 -23.01 -17.96
C SER G 362 49.16 -21.73 -17.67
N THR G 363 48.24 -21.34 -18.56
CA THR G 363 47.53 -20.07 -18.45
C THR G 363 46.07 -20.34 -18.10
N PHE G 364 45.80 -20.43 -16.80
CA PHE G 364 44.43 -20.45 -16.30
C PHE G 364 44.10 -19.08 -15.72
N LYS G 365 43.92 -18.11 -16.62
CA LYS G 365 43.61 -16.75 -16.23
C LYS G 365 42.88 -16.05 -17.37
N CYS G 366 41.84 -15.30 -17.03
CA CYS G 366 41.08 -14.54 -18.01
C CYS G 366 40.32 -13.44 -17.27
N TYR G 367 39.41 -12.78 -17.97
CA TYR G 367 38.63 -11.66 -17.43
C TYR G 367 37.15 -12.03 -17.41
N GLY G 368 36.33 -11.05 -17.02
CA GLY G 368 34.89 -11.22 -17.00
C GLY G 368 34.35 -11.80 -15.71
N VAL G 369 34.54 -13.10 -15.51
CA VAL G 369 33.97 -13.78 -14.34
C VAL G 369 34.83 -15.01 -14.06
N SER G 370 35.03 -15.30 -12.78
CA SER G 370 35.79 -16.47 -12.38
C SER G 370 35.00 -17.75 -12.67
N PRO G 371 35.69 -18.84 -13.04
CA PRO G 371 34.98 -20.12 -13.26
C PRO G 371 34.42 -20.74 -11.99
N THR G 372 34.87 -20.33 -10.81
CA THR G 372 34.33 -20.88 -9.57
C THR G 372 32.90 -20.39 -9.33
N LYS G 373 32.64 -19.11 -9.61
CA LYS G 373 31.30 -18.54 -9.50
C LYS G 373 30.58 -18.48 -10.84
N LEU G 374 30.85 -19.45 -11.71
CA LEU G 374 30.25 -19.51 -13.04
C LEU G 374 29.18 -20.57 -13.17
N ASN G 375 29.28 -21.66 -12.42
CA ASN G 375 28.37 -22.80 -12.54
C ASN G 375 27.04 -22.60 -11.83
N ASP G 376 26.84 -21.47 -11.16
CA ASP G 376 25.58 -21.18 -10.49
C ASP G 376 24.60 -20.43 -11.38
N LEU G 377 24.94 -20.19 -12.64
CA LEU G 377 24.10 -19.45 -13.57
C LEU G 377 23.97 -20.23 -14.86
N CYS G 378 22.81 -20.10 -15.51
CA CYS G 378 22.46 -20.89 -16.67
C CYS G 378 22.78 -20.13 -17.96
N PHE G 379 23.38 -20.83 -18.92
CA PHE G 379 23.79 -20.25 -20.19
C PHE G 379 23.15 -21.00 -21.35
N THR G 380 23.02 -20.31 -22.48
CA THR G 380 22.28 -20.84 -23.62
C THR G 380 23.14 -21.17 -24.83
N ASN G 381 24.36 -20.65 -24.93
CA ASN G 381 25.21 -20.91 -26.09
C ASN G 381 26.67 -20.73 -25.69
N VAL G 382 27.51 -21.67 -26.13
CA VAL G 382 28.95 -21.65 -25.88
C VAL G 382 29.66 -21.65 -27.22
N TYR G 383 30.56 -20.68 -27.40
CA TYR G 383 31.38 -20.58 -28.60
C TYR G 383 32.80 -21.02 -28.28
N ALA G 384 33.49 -21.55 -29.30
CA ALA G 384 34.85 -22.04 -29.12
C ALA G 384 35.63 -21.87 -30.42
N ASP G 385 36.85 -21.37 -30.30
CA ASP G 385 37.76 -21.18 -31.42
C ASP G 385 39.12 -21.77 -31.08
N SER G 386 39.82 -22.25 -32.10
CA SER G 386 41.12 -22.87 -31.93
C SER G 386 42.13 -22.28 -32.90
N PHE G 387 43.29 -21.89 -32.39
CA PHE G 387 44.37 -21.35 -33.20
C PHE G 387 45.69 -21.55 -32.47
N VAL G 388 46.79 -21.45 -33.23
CA VAL G 388 48.12 -21.75 -32.72
C VAL G 388 49.01 -20.52 -32.96
N ILE G 389 49.61 -20.01 -31.89
CA ILE G 389 50.63 -18.96 -31.96
C ILE G 389 51.84 -19.44 -31.17
N ARG G 390 52.92 -18.67 -31.25
CA ARG G 390 54.14 -19.03 -30.54
C ARG G 390 54.09 -18.50 -29.10
N GLY G 391 55.24 -18.52 -28.42
CA GLY G 391 55.28 -18.44 -26.97
C GLY G 391 54.94 -17.13 -26.28
N ASP G 392 55.76 -16.10 -26.46
CA ASP G 392 55.78 -14.96 -25.55
C ASP G 392 54.78 -13.86 -25.88
N GLU G 393 53.96 -14.02 -26.92
CA GLU G 393 53.01 -12.99 -27.31
C GLU G 393 51.57 -13.39 -27.00
N VAL G 394 51.38 -14.30 -26.04
CA VAL G 394 50.04 -14.73 -25.64
C VAL G 394 49.32 -13.72 -24.75
N ARG G 395 49.94 -12.56 -24.48
CA ARG G 395 49.35 -11.60 -23.55
C ARG G 395 48.30 -10.71 -24.22
N GLN G 396 48.47 -10.38 -25.51
CA GLN G 396 47.67 -9.35 -26.14
C GLN G 396 46.36 -9.87 -26.73
N ILE G 397 45.95 -11.09 -26.40
CA ILE G 397 44.62 -11.58 -26.81
C ILE G 397 43.65 -11.10 -25.72
N ALA G 398 43.21 -9.86 -25.89
CA ALA G 398 42.33 -9.11 -25.00
C ALA G 398 41.88 -7.84 -25.74
N PRO G 399 40.67 -7.34 -25.49
CA PRO G 399 40.26 -6.09 -26.14
C PRO G 399 41.04 -4.89 -25.62
N GLY G 400 41.16 -3.88 -26.47
CA GLY G 400 41.86 -2.67 -26.10
C GLY G 400 43.36 -2.76 -26.09
N GLN G 401 43.95 -3.72 -26.81
CA GLN G 401 45.39 -3.88 -26.86
C GLN G 401 45.84 -4.05 -28.31
N THR G 402 47.09 -3.68 -28.55
CA THR G 402 47.67 -3.71 -29.89
C THR G 402 48.30 -5.08 -30.16
N GLY G 403 49.06 -5.17 -31.25
CA GLY G 403 49.72 -6.40 -31.65
C GLY G 403 49.57 -6.65 -33.13
N LYS G 404 50.09 -7.81 -33.56
CA LYS G 404 49.98 -8.24 -34.94
C LYS G 404 48.81 -9.18 -35.17
N ILE G 405 48.70 -10.24 -34.37
CA ILE G 405 47.56 -11.14 -34.47
C ILE G 405 46.30 -10.48 -33.93
N ALA G 406 46.43 -9.58 -32.95
CA ALA G 406 45.26 -8.93 -32.37
C ALA G 406 44.66 -7.90 -33.31
N ASP G 407 45.48 -7.21 -34.10
CA ASP G 407 44.98 -6.14 -34.96
C ASP G 407 44.66 -6.61 -36.37
N TYR G 408 45.18 -7.76 -36.79
CA TYR G 408 45.03 -8.20 -38.18
C TYR G 408 44.49 -9.61 -38.34
N ASN G 409 44.48 -10.44 -37.30
CA ASN G 409 44.01 -11.81 -37.43
C ASN G 409 42.77 -12.11 -36.61
N TYR G 410 42.80 -11.84 -35.30
CA TYR G 410 41.69 -12.20 -34.43
C TYR G 410 41.68 -11.27 -33.22
N LYS G 411 40.52 -10.68 -32.93
CA LYS G 411 40.36 -9.77 -31.81
C LYS G 411 39.08 -10.11 -31.06
N LEU G 412 38.84 -9.38 -29.98
CA LEU G 412 37.69 -9.58 -29.11
C LEU G 412 36.92 -8.28 -28.97
N PRO G 413 35.61 -8.35 -28.77
CA PRO G 413 34.83 -7.12 -28.51
C PRO G 413 35.13 -6.57 -27.12
N ASP G 414 34.67 -5.34 -26.90
CA ASP G 414 34.93 -4.65 -25.64
C ASP G 414 34.18 -5.29 -24.48
N ASP G 415 32.96 -5.77 -24.73
CA ASP G 415 32.17 -6.45 -23.71
C ASP G 415 32.35 -7.97 -23.80
N PHE G 416 33.61 -8.39 -23.67
CA PHE G 416 33.98 -9.80 -23.74
C PHE G 416 34.12 -10.35 -22.32
N THR G 417 33.17 -11.17 -21.90
CA THR G 417 33.20 -11.82 -20.60
C THR G 417 33.64 -13.27 -20.69
N GLY G 418 34.13 -13.71 -21.85
CA GLY G 418 34.57 -15.08 -22.02
C GLY G 418 35.95 -15.32 -21.44
N CYS G 419 36.44 -16.54 -21.63
CA CYS G 419 37.70 -16.97 -21.07
C CYS G 419 38.64 -17.48 -22.15
N VAL G 420 39.94 -17.44 -21.83
CA VAL G 420 41.01 -17.85 -22.73
C VAL G 420 41.82 -18.96 -22.06
N ILE G 421 42.14 -20.00 -22.83
CA ILE G 421 42.85 -21.18 -22.33
C ILE G 421 43.98 -21.49 -23.30
N ALA G 422 45.21 -21.62 -22.79
CA ALA G 422 46.37 -21.92 -23.61
C ALA G 422 47.25 -22.94 -22.90
N TRP G 423 48.01 -23.69 -23.71
CA TRP G 423 48.95 -24.68 -23.19
C TRP G 423 50.03 -24.94 -24.23
N ASN G 424 51.08 -25.62 -23.79
CA ASN G 424 52.26 -25.86 -24.62
C ASN G 424 51.99 -26.92 -25.68
N SER G 425 52.77 -26.86 -26.76
CA SER G 425 52.65 -27.76 -27.90
C SER G 425 54.02 -28.28 -28.32
N ASN G 426 54.78 -28.77 -27.34
CA ASN G 426 56.15 -29.21 -27.63
C ASN G 426 56.19 -30.53 -28.39
N ASN G 427 55.16 -31.36 -28.25
CA ASN G 427 55.20 -32.71 -28.82
C ASN G 427 54.52 -32.79 -30.19
N LEU G 428 53.29 -32.28 -30.29
CA LEU G 428 52.49 -32.51 -31.49
C LEU G 428 52.82 -31.49 -32.58
N ASP G 429 52.78 -30.20 -32.24
CA ASP G 429 52.91 -29.17 -33.26
C ASP G 429 54.34 -29.00 -33.75
N SER G 430 55.34 -29.20 -32.88
CA SER G 430 56.73 -28.98 -33.23
C SER G 430 57.40 -30.31 -33.52
N LYS G 431 58.03 -30.40 -34.69
CA LYS G 431 58.77 -31.59 -35.10
C LYS G 431 60.00 -31.15 -35.87
N VAL G 432 60.72 -32.12 -36.44
CA VAL G 432 61.92 -31.84 -37.22
C VAL G 432 61.53 -31.60 -38.67
N GLY G 433 62.32 -30.76 -39.34
CA GLY G 433 62.09 -30.45 -40.74
C GLY G 433 61.18 -29.28 -41.00
N GLY G 434 60.46 -28.80 -39.99
CA GLY G 434 59.57 -27.67 -40.17
C GLY G 434 58.19 -28.08 -40.61
N ASN G 435 57.21 -27.23 -40.28
CA ASN G 435 55.81 -27.44 -40.66
C ASN G 435 55.30 -26.16 -41.30
N TYR G 436 55.06 -26.20 -42.60
CA TYR G 436 54.63 -25.01 -43.36
C TYR G 436 53.12 -24.93 -43.50
N ASN G 437 52.37 -25.63 -42.65
CA ASN G 437 50.91 -25.54 -42.63
C ASN G 437 50.40 -24.57 -41.58
N TYR G 438 51.28 -23.91 -40.84
CA TYR G 438 50.93 -22.93 -39.83
C TYR G 438 51.41 -21.56 -40.31
N LEU G 439 50.47 -20.67 -40.62
CA LEU G 439 50.80 -19.36 -41.16
C LEU G 439 49.98 -18.28 -40.44
N TYR G 440 50.52 -17.07 -40.45
CA TYR G 440 49.85 -15.93 -39.82
C TYR G 440 49.83 -14.75 -40.78
N ARG G 441 48.74 -13.98 -40.74
CA ARG G 441 48.57 -12.86 -41.65
C ARG G 441 49.46 -11.69 -41.25
N LEU G 442 49.76 -10.84 -42.24
CA LEU G 442 50.54 -9.63 -42.01
C LEU G 442 49.78 -8.39 -42.44
N PHE G 443 49.10 -8.47 -43.57
CA PHE G 443 48.57 -7.30 -44.26
C PHE G 443 47.05 -7.36 -44.37
N ARG G 444 46.39 -6.27 -44.01
CA ARG G 444 45.00 -6.04 -44.37
C ARG G 444 44.76 -4.54 -44.41
N LYS G 445 43.54 -4.15 -44.81
CA LYS G 445 43.30 -2.77 -45.19
C LYS G 445 43.22 -1.82 -43.99
N SER G 446 42.53 -2.22 -42.94
CA SER G 446 42.26 -1.28 -41.86
C SER G 446 42.20 -2.04 -40.54
N ASN G 447 41.65 -1.39 -39.50
CA ASN G 447 41.51 -2.00 -38.19
C ASN G 447 40.47 -3.12 -38.23
N LEU G 448 40.76 -4.19 -37.49
CA LEU G 448 39.89 -5.35 -37.48
C LEU G 448 38.61 -5.09 -36.70
N LYS G 449 37.54 -5.75 -37.13
CA LYS G 449 36.29 -5.87 -36.41
C LYS G 449 36.26 -7.19 -35.64
N PRO G 450 35.52 -7.27 -34.54
CA PRO G 450 35.45 -8.54 -33.80
C PRO G 450 34.69 -9.62 -34.56
N PHE G 451 35.19 -10.85 -34.43
CA PHE G 451 34.50 -12.09 -34.81
C PHE G 451 34.17 -12.16 -36.30
N GLU G 452 35.23 -12.16 -37.12
CA GLU G 452 35.08 -12.52 -38.53
C GLU G 452 36.29 -13.32 -38.98
N ARG G 453 36.08 -14.15 -39.99
CA ARG G 453 37.11 -15.03 -40.53
C ARG G 453 37.40 -14.64 -41.98
N ASP G 454 38.66 -14.40 -42.29
CA ASP G 454 39.08 -13.94 -43.62
C ASP G 454 39.98 -14.98 -44.26
N ILE G 455 39.60 -15.45 -45.44
CA ILE G 455 40.40 -16.38 -46.23
C ILE G 455 40.82 -15.62 -47.49
N SER G 456 40.99 -14.31 -47.34
CA SER G 456 41.38 -13.45 -48.46
C SER G 456 42.85 -13.69 -48.76
N THR G 457 43.12 -14.50 -49.79
CA THR G 457 44.48 -14.78 -50.22
C THR G 457 44.98 -13.79 -51.26
N GLU G 458 44.20 -12.78 -51.59
CA GLU G 458 44.60 -11.79 -52.57
C GLU G 458 45.67 -10.88 -51.99
N ILE G 459 46.69 -10.58 -52.79
CA ILE G 459 47.86 -9.87 -52.29
C ILE G 459 47.54 -8.39 -52.09
N TYR G 460 47.99 -7.85 -50.95
CA TYR G 460 47.57 -6.53 -50.51
C TYR G 460 48.44 -5.44 -51.13
N GLN G 461 47.78 -4.44 -51.71
CA GLN G 461 48.48 -3.35 -52.37
C GLN G 461 49.05 -2.36 -51.37
N ALA G 462 50.22 -1.82 -51.68
CA ALA G 462 50.87 -0.80 -50.85
C ALA G 462 50.97 0.54 -51.57
N GLY G 463 51.50 0.55 -52.79
CA GLY G 463 51.60 1.77 -53.58
C GLY G 463 50.38 1.96 -54.45
N SER G 464 50.49 2.95 -55.34
CA SER G 464 49.40 3.26 -56.27
C SER G 464 49.39 2.36 -57.49
N THR G 465 50.44 1.58 -57.73
CA THR G 465 50.49 0.70 -58.88
C THR G 465 49.58 -0.51 -58.68
N PRO G 466 48.99 -1.03 -59.76
CA PRO G 466 48.24 -2.28 -59.64
C PRO G 466 49.16 -3.47 -59.46
N CYS G 467 48.64 -4.51 -58.81
CA CYS G 467 49.42 -5.70 -58.51
C CYS G 467 49.47 -6.65 -59.70
N ASN G 468 48.30 -7.13 -60.12
CA ASN G 468 48.10 -7.97 -61.32
C ASN G 468 48.88 -9.28 -61.24
N GLY G 469 48.59 -10.08 -60.22
CA GLY G 469 49.09 -11.43 -60.17
C GLY G 469 50.47 -11.58 -59.56
N VAL G 470 51.49 -11.60 -60.42
CA VAL G 470 52.87 -11.79 -60.00
C VAL G 470 53.31 -10.60 -59.14
N GLU G 471 54.14 -10.88 -58.14
CA GLU G 471 54.61 -9.89 -57.16
C GLU G 471 55.33 -8.73 -57.82
N GLY G 472 54.85 -7.52 -57.55
CA GLY G 472 55.43 -6.31 -58.10
C GLY G 472 56.23 -5.53 -57.08
N PHE G 473 56.90 -6.27 -56.18
CA PHE G 473 57.90 -5.80 -55.21
C PHE G 473 57.32 -4.95 -54.08
N ASN G 474 56.01 -4.67 -54.11
CA ASN G 474 55.37 -4.01 -52.98
C ASN G 474 54.08 -4.73 -52.58
N CYS G 475 53.41 -5.34 -53.55
CA CYS G 475 52.14 -6.03 -53.33
C CYS G 475 52.43 -7.43 -52.82
N TYR G 476 52.51 -7.58 -51.50
CA TYR G 476 53.09 -8.77 -50.88
C TYR G 476 52.02 -9.81 -50.57
N PHE G 477 52.47 -11.07 -50.54
CA PHE G 477 51.65 -12.16 -50.03
C PHE G 477 51.57 -12.02 -48.51
N PRO G 478 50.38 -11.87 -47.94
CA PRO G 478 50.28 -11.48 -46.52
C PRO G 478 50.50 -12.60 -45.53
N LEU G 479 50.70 -13.84 -45.97
CA LEU G 479 50.83 -14.98 -45.08
C LEU G 479 52.29 -15.41 -45.00
N GLN G 480 52.80 -15.55 -43.78
CA GLN G 480 54.16 -16.02 -43.53
C GLN G 480 54.09 -17.23 -42.60
N SER G 481 54.90 -18.24 -42.89
CA SER G 481 54.87 -19.50 -42.17
C SER G 481 55.74 -19.43 -40.92
N TYR G 482 55.81 -20.55 -40.19
CA TYR G 482 56.63 -20.69 -39.01
C TYR G 482 57.68 -21.77 -39.21
N GLY G 483 58.87 -21.52 -38.68
CA GLY G 483 59.92 -22.52 -38.71
C GLY G 483 59.94 -23.35 -37.44
N PHE G 484 59.40 -24.55 -37.51
CA PHE G 484 59.24 -25.41 -36.33
C PHE G 484 60.46 -26.31 -36.19
N GLN G 485 61.17 -26.17 -35.08
CA GLN G 485 62.38 -26.92 -34.79
C GLN G 485 62.35 -27.25 -33.30
N PRO G 486 62.76 -28.46 -32.92
CA PRO G 486 62.66 -28.87 -31.50
C PRO G 486 63.57 -28.11 -30.54
N THR G 487 64.53 -27.33 -31.02
CA THR G 487 65.42 -26.57 -30.16
C THR G 487 65.16 -25.06 -30.40
N ASN G 488 63.87 -24.72 -30.45
CA ASN G 488 63.48 -23.32 -30.59
C ASN G 488 63.48 -22.62 -29.24
N GLY G 489 63.25 -21.30 -29.29
CA GLY G 489 63.23 -20.51 -28.08
C GLY G 489 61.93 -20.67 -27.30
N VAL G 490 61.90 -20.04 -26.12
CA VAL G 490 60.70 -20.05 -25.30
C VAL G 490 59.60 -19.21 -25.95
N GLY G 491 59.94 -18.03 -26.45
CA GLY G 491 58.97 -17.21 -27.15
C GLY G 491 58.64 -17.70 -28.55
N TYR G 492 59.48 -18.55 -29.13
CA TYR G 492 59.23 -19.12 -30.44
C TYR G 492 58.64 -20.53 -30.38
N GLN G 493 58.46 -21.07 -29.18
CA GLN G 493 57.80 -22.36 -29.04
C GLN G 493 56.30 -22.20 -29.28
N PRO G 494 55.70 -22.97 -30.18
CA PRO G 494 54.28 -22.79 -30.48
C PRO G 494 53.39 -23.23 -29.32
N TYR G 495 52.29 -22.50 -29.14
CA TYR G 495 51.31 -22.76 -28.10
C TYR G 495 49.94 -23.00 -28.72
N ARG G 496 49.16 -23.86 -28.10
CA ARG G 496 47.80 -24.17 -28.53
C ARG G 496 46.84 -23.34 -27.69
N VAL G 497 46.24 -22.32 -28.31
CA VAL G 497 45.41 -21.34 -27.61
C VAL G 497 43.96 -21.55 -28.04
N VAL G 498 43.08 -21.75 -27.07
CA VAL G 498 41.65 -21.90 -27.32
C VAL G 498 40.91 -20.84 -26.54
N VAL G 499 40.11 -20.04 -27.23
CA VAL G 499 39.30 -19.01 -26.60
C VAL G 499 37.84 -19.46 -26.60
N LEU G 500 37.10 -19.00 -25.59
CA LEU G 500 35.68 -19.32 -25.46
C LEU G 500 34.93 -18.08 -25.04
N SER G 501 33.66 -18.01 -25.44
CA SER G 501 32.81 -16.87 -25.12
C SER G 501 31.43 -17.36 -24.71
N PHE G 502 30.79 -16.60 -23.83
CA PHE G 502 29.44 -16.90 -23.35
C PHE G 502 28.52 -15.73 -23.68
N GLU G 503 27.24 -16.04 -23.91
CA GLU G 503 26.24 -15.03 -24.23
C GLU G 503 24.92 -15.45 -23.61
N LEU G 504 23.93 -14.55 -23.72
CA LEU G 504 22.58 -14.77 -23.18
C LEU G 504 21.58 -14.19 -24.17
N LEU G 505 21.04 -15.05 -25.03
CA LEU G 505 20.05 -14.66 -26.01
C LEU G 505 18.66 -14.97 -25.44
N HIS G 506 17.60 -14.67 -26.18
CA HIS G 506 16.23 -15.00 -25.77
C HIS G 506 15.92 -16.50 -25.86
N ALA G 507 16.82 -17.29 -26.45
CA ALA G 507 16.66 -18.73 -26.47
C ALA G 507 16.81 -19.31 -25.06
N PRO G 508 16.17 -20.44 -24.78
CA PRO G 508 16.32 -21.07 -23.46
C PRO G 508 17.72 -21.61 -23.22
N ALA G 509 18.06 -21.71 -21.94
CA ALA G 509 19.41 -22.06 -21.53
C ALA G 509 19.70 -23.54 -21.78
N THR G 510 20.99 -23.86 -21.85
CA THR G 510 21.46 -25.22 -22.10
C THR G 510 22.30 -25.77 -20.96
N VAL G 511 23.30 -25.03 -20.51
CA VAL G 511 24.24 -25.49 -19.47
C VAL G 511 24.11 -24.55 -18.29
N CYS G 512 23.92 -25.12 -17.08
CA CYS G 512 23.93 -24.32 -15.88
C CYS G 512 25.14 -24.58 -15.00
N GLY G 513 25.29 -25.79 -14.46
CA GLY G 513 26.53 -26.16 -13.82
C GLY G 513 27.25 -27.42 -14.29
N PRO G 514 26.54 -28.56 -14.47
CA PRO G 514 25.19 -29.01 -14.08
C PRO G 514 25.00 -29.23 -12.57
N LYS G 515 25.98 -28.78 -11.76
CA LYS G 515 25.91 -28.53 -10.32
C LYS G 515 25.70 -29.77 -9.43
N LYS G 516 25.59 -30.96 -10.05
CA LYS G 516 25.54 -32.27 -9.38
C LYS G 516 24.40 -32.39 -8.37
N SER G 517 24.57 -33.26 -7.38
CA SER G 517 23.55 -33.51 -6.38
C SER G 517 24.22 -34.08 -5.12
N THR G 518 23.40 -34.56 -4.20
CA THR G 518 23.84 -35.24 -2.98
C THR G 518 23.26 -36.64 -2.96
N ASN G 519 23.45 -37.34 -1.84
CA ASN G 519 22.90 -38.67 -1.65
C ASN G 519 21.41 -38.57 -1.31
N LEU G 520 20.76 -39.73 -1.23
CA LEU G 520 19.33 -39.81 -0.96
C LEU G 520 19.10 -40.19 0.50
N VAL G 521 18.27 -39.42 1.19
CA VAL G 521 17.95 -39.65 2.60
C VAL G 521 16.44 -39.87 2.71
N LYS G 522 16.06 -40.99 3.32
CA LYS G 522 14.66 -41.34 3.50
C LYS G 522 14.30 -41.40 4.98
N ASN G 523 13.00 -41.29 5.24
CA ASN G 523 12.39 -41.42 6.57
C ASN G 523 12.93 -40.39 7.57
N LYS G 524 13.28 -39.20 7.09
CA LYS G 524 13.72 -38.11 7.94
C LYS G 524 13.15 -36.80 7.43
N CYS G 525 12.93 -35.86 8.35
CA CYS G 525 12.43 -34.54 7.98
C CYS G 525 13.56 -33.73 7.36
N VAL G 526 13.48 -33.49 6.05
CA VAL G 526 14.53 -32.85 5.29
C VAL G 526 13.94 -31.74 4.43
N ASN G 527 14.81 -30.87 3.93
CA ASN G 527 14.44 -29.85 2.96
C ASN G 527 14.74 -30.41 1.57
N PHE G 528 13.72 -31.00 0.94
CA PHE G 528 13.91 -31.62 -0.36
C PHE G 528 13.98 -30.56 -1.46
N ASN G 529 14.93 -30.73 -2.37
CA ASN G 529 15.08 -29.86 -3.53
C ASN G 529 15.12 -30.73 -4.78
N PHE G 530 14.58 -30.19 -5.87
CA PHE G 530 14.42 -30.96 -7.10
C PHE G 530 14.56 -29.99 -8.28
N ASN G 531 14.05 -30.41 -9.44
CA ASN G 531 14.21 -29.63 -10.66
C ASN G 531 13.47 -28.29 -10.57
N GLY G 532 12.27 -28.28 -10.02
CA GLY G 532 11.50 -27.05 -9.97
C GLY G 532 10.67 -26.85 -8.71
N LEU G 533 10.96 -27.58 -7.65
CA LEU G 533 10.21 -27.46 -6.42
C LEU G 533 11.15 -27.46 -5.21
N THR G 534 10.81 -26.65 -4.21
CA THR G 534 11.49 -26.63 -2.93
C THR G 534 10.45 -26.76 -1.82
N GLY G 535 10.81 -27.45 -0.76
CA GLY G 535 9.90 -27.63 0.37
C GLY G 535 10.54 -28.47 1.44
N THR G 536 9.84 -28.54 2.58
CA THR G 536 10.28 -29.30 3.74
C THR G 536 9.31 -30.45 3.99
N GLY G 537 9.83 -31.66 4.08
CA GLY G 537 8.98 -32.81 4.28
C GLY G 537 9.82 -34.06 4.46
N VAL G 538 9.12 -35.17 4.72
CA VAL G 538 9.74 -36.47 4.92
C VAL G 538 9.43 -37.35 3.71
N LEU G 539 10.45 -38.06 3.25
CA LEU G 539 10.34 -38.90 2.05
C LEU G 539 10.23 -40.37 2.45
N THR G 540 9.21 -41.04 1.94
CA THR G 540 8.99 -42.45 2.19
C THR G 540 8.79 -43.18 0.87
N GLU G 541 9.06 -44.48 0.88
CA GLU G 541 8.87 -45.29 -0.31
C GLU G 541 7.38 -45.48 -0.59
N SER G 542 6.99 -45.32 -1.85
CA SER G 542 5.60 -45.38 -2.26
C SER G 542 5.39 -46.51 -3.26
N ASN G 543 4.12 -46.81 -3.51
CA ASN G 543 3.71 -47.83 -4.48
C ASN G 543 2.75 -47.23 -5.51
N LYS G 544 3.00 -45.99 -5.89
CA LYS G 544 2.13 -45.29 -6.83
C LYS G 544 2.35 -45.79 -8.25
N LYS G 545 1.45 -45.36 -9.14
CA LYS G 545 1.40 -45.84 -10.52
C LYS G 545 1.64 -44.68 -11.49
N PHE G 546 2.71 -43.92 -11.26
CA PHE G 546 3.04 -42.75 -12.06
C PHE G 546 3.26 -43.12 -13.53
N LEU G 547 2.78 -42.24 -14.41
CA LEU G 547 3.04 -42.38 -15.84
C LEU G 547 4.51 -42.11 -16.12
N PRO G 548 5.07 -42.69 -17.19
CA PRO G 548 6.48 -42.43 -17.53
C PRO G 548 6.81 -40.99 -17.86
N PHE G 549 5.84 -40.19 -18.30
CA PHE G 549 6.06 -38.77 -18.56
C PHE G 549 5.71 -37.89 -17.36
N GLN G 550 5.17 -38.47 -16.29
CA GLN G 550 4.70 -37.70 -15.15
C GLN G 550 5.77 -37.69 -14.06
N GLN G 551 6.03 -36.49 -13.51
CA GLN G 551 6.99 -36.33 -12.44
C GLN G 551 6.40 -35.80 -11.15
N PHE G 552 5.42 -34.91 -11.22
CA PHE G 552 4.83 -34.28 -10.04
C PHE G 552 3.58 -35.04 -9.62
N GLY G 553 3.16 -34.79 -8.38
CA GLY G 553 1.92 -35.37 -7.88
C GLY G 553 1.22 -34.46 -6.89
N ARG G 554 -0.04 -34.16 -7.13
CA ARG G 554 -0.81 -33.22 -6.31
C ARG G 554 -2.14 -33.84 -5.92
N ASP G 555 -2.64 -33.42 -4.76
CA ASP G 555 -3.94 -33.85 -4.27
C ASP G 555 -5.02 -32.89 -4.76
N ILE G 556 -6.20 -32.95 -4.16
CA ILE G 556 -7.31 -32.07 -4.54
C ILE G 556 -6.98 -30.62 -4.16
N ALA G 557 -6.27 -30.42 -3.05
CA ALA G 557 -5.97 -29.10 -2.53
C ALA G 557 -4.70 -28.49 -3.14
N ASP G 558 -4.17 -29.09 -4.23
CA ASP G 558 -3.00 -28.61 -4.97
C ASP G 558 -1.76 -28.51 -4.08
N THR G 559 -1.51 -29.57 -3.33
CA THR G 559 -0.32 -29.70 -2.48
C THR G 559 0.51 -30.86 -3.01
N THR G 560 1.82 -30.66 -3.12
CA THR G 560 2.71 -31.68 -3.66
C THR G 560 2.79 -32.87 -2.72
N ASP G 561 2.44 -34.04 -3.23
CA ASP G 561 2.35 -35.26 -2.44
C ASP G 561 3.38 -36.32 -2.81
N ALA G 562 3.70 -36.45 -4.10
CA ALA G 562 4.70 -37.43 -4.52
C ALA G 562 5.41 -36.90 -5.75
N VAL G 563 6.75 -36.85 -5.69
CA VAL G 563 7.56 -36.44 -6.83
C VAL G 563 8.59 -37.54 -7.08
N ARG G 564 8.93 -37.74 -8.35
CA ARG G 564 9.99 -38.69 -8.70
C ARG G 564 11.36 -38.07 -8.44
N ASP G 565 12.28 -38.89 -7.92
CA ASP G 565 13.68 -38.54 -8.05
C ASP G 565 14.14 -38.70 -9.50
N PRO G 566 14.86 -37.72 -10.04
CA PRO G 566 15.04 -37.65 -11.50
C PRO G 566 16.00 -38.68 -12.08
N GLN G 567 16.88 -39.27 -11.27
CA GLN G 567 17.86 -40.21 -11.81
C GLN G 567 17.30 -41.63 -11.85
N THR G 568 16.88 -42.14 -10.70
CA THR G 568 16.33 -43.47 -10.56
C THR G 568 14.83 -43.44 -10.83
N LEU G 569 14.33 -44.46 -11.53
CA LEU G 569 12.89 -44.62 -11.69
C LEU G 569 12.31 -45.12 -10.37
N GLU G 570 11.98 -44.17 -9.49
CA GLU G 570 11.43 -44.50 -8.18
C GLU G 570 10.41 -43.44 -7.78
N ILE G 571 9.44 -43.84 -6.97
CA ILE G 571 8.37 -42.97 -6.49
C ILE G 571 8.55 -42.74 -4.99
N LEU G 572 8.56 -41.48 -4.58
CA LEU G 572 8.72 -41.11 -3.17
C LEU G 572 7.57 -40.21 -2.75
N ASP G 573 6.86 -40.62 -1.70
CA ASP G 573 5.79 -39.80 -1.15
C ASP G 573 6.35 -38.67 -0.30
N ILE G 574 5.60 -37.58 -0.22
CA ILE G 574 5.93 -36.45 0.63
C ILE G 574 4.74 -36.21 1.55
N THR G 575 4.90 -36.53 2.79
CA THR G 575 4.01 -36.09 3.84
C THR G 575 4.68 -34.98 4.64
N PRO G 576 3.93 -34.01 5.15
CA PRO G 576 4.54 -32.90 5.90
C PRO G 576 5.15 -33.39 7.22
N CYS G 577 6.18 -32.67 7.66
CA CYS G 577 6.82 -32.98 8.93
C CYS G 577 5.85 -32.72 10.07
N SER G 578 5.85 -33.63 11.05
CA SER G 578 4.76 -33.72 12.00
C SER G 578 4.79 -32.55 12.99
N PHE G 579 3.62 -31.96 13.22
CA PHE G 579 3.47 -30.79 14.05
C PHE G 579 2.17 -30.88 14.83
N GLY G 580 2.09 -30.10 15.90
CA GLY G 580 0.88 -30.06 16.70
C GLY G 580 1.08 -29.14 17.88
N GLY G 581 -0.04 -28.82 18.53
CA GLY G 581 0.00 -27.96 19.70
C GLY G 581 0.50 -28.68 20.93
N VAL G 582 0.93 -27.89 21.90
CA VAL G 582 1.41 -28.39 23.19
C VAL G 582 0.39 -28.00 24.24
N SER G 583 -0.17 -29.01 24.92
CA SER G 583 -1.16 -28.80 25.96
C SER G 583 -0.62 -29.31 27.29
N VAL G 584 -0.74 -28.49 28.33
CA VAL G 584 -0.27 -28.83 29.66
C VAL G 584 -1.47 -29.20 30.52
N ILE G 585 -1.46 -30.42 31.04
CA ILE G 585 -2.55 -30.92 31.89
C ILE G 585 -2.06 -30.88 33.33
N THR G 586 -2.74 -30.09 34.15
CA THR G 586 -2.32 -29.88 35.53
C THR G 586 -3.54 -29.81 36.44
N PRO G 587 -3.39 -30.19 37.71
CA PRO G 587 -4.40 -29.84 38.71
C PRO G 587 -4.20 -28.41 39.21
N GLY G 588 -4.94 -28.03 40.25
CA GLY G 588 -4.76 -26.72 40.84
C GLY G 588 -3.41 -26.57 41.51
N THR G 589 -2.88 -25.35 41.49
CA THR G 589 -1.57 -25.07 42.06
C THR G 589 -1.55 -25.19 43.58
N ASN G 590 -2.71 -25.04 44.23
CA ASN G 590 -2.79 -25.30 45.66
C ASN G 590 -2.71 -26.79 45.98
N THR G 591 -3.07 -27.65 45.03
CA THR G 591 -3.00 -29.09 45.27
C THR G 591 -1.59 -29.61 45.02
N SER G 592 -1.09 -29.47 43.79
CA SER G 592 0.25 -29.94 43.45
C SER G 592 0.76 -29.14 42.26
N ASN G 593 2.08 -29.18 42.08
CA ASN G 593 2.75 -28.51 40.98
C ASN G 593 3.13 -29.45 39.85
N GLN G 594 2.77 -30.73 39.93
CA GLN G 594 3.09 -31.68 38.88
C GLN G 594 2.22 -31.44 37.66
N VAL G 595 2.82 -31.60 36.47
CA VAL G 595 2.14 -31.33 35.22
C VAL G 595 2.30 -32.53 34.29
N ALA G 596 1.38 -32.62 33.32
CA ALA G 596 1.44 -33.60 32.26
C ALA G 596 1.35 -32.87 30.93
N VAL G 597 2.26 -33.18 30.02
CA VAL G 597 2.36 -32.48 28.73
C VAL G 597 1.74 -33.38 27.66
N LEU G 598 0.77 -32.85 26.94
CA LEU G 598 0.11 -33.55 25.86
C LEU G 598 0.58 -32.97 24.53
N TYR G 599 1.32 -33.76 23.76
CA TYR G 599 1.80 -33.36 22.44
C TYR G 599 0.76 -33.84 21.42
N GLN G 600 -0.04 -32.90 20.93
CA GLN G 600 -1.21 -33.24 20.12
C GLN G 600 -0.82 -33.62 18.70
N ASP G 601 -1.44 -34.71 18.21
CA ASP G 601 -1.39 -35.15 16.81
C ASP G 601 0.04 -35.44 16.34
N VAL G 602 0.76 -36.23 17.13
CA VAL G 602 2.13 -36.61 16.79
C VAL G 602 2.40 -37.99 17.36
N ASN G 603 3.10 -38.81 16.57
CA ASN G 603 3.72 -40.03 17.08
C ASN G 603 5.03 -39.62 17.74
N CYS G 604 5.05 -39.62 19.08
CA CYS G 604 6.10 -38.98 19.84
C CYS G 604 7.28 -39.89 20.14
N THR G 605 7.53 -40.88 19.27
CA THR G 605 8.83 -41.54 19.25
C THR G 605 9.90 -40.70 18.55
N GLU G 606 9.49 -39.65 17.84
CA GLU G 606 10.41 -38.75 17.18
C GLU G 606 10.90 -37.62 18.08
N VAL G 607 10.10 -37.21 19.06
CA VAL G 607 10.47 -36.12 19.95
C VAL G 607 11.51 -36.60 20.97
N ASN G 628 6.04 -41.21 32.37
CA ASN G 628 5.92 -42.28 31.38
C ASN G 628 5.30 -41.77 30.09
N VAL G 629 5.46 -42.53 29.01
CA VAL G 629 4.94 -42.18 27.70
C VAL G 629 3.80 -43.13 27.37
N PHE G 630 2.62 -42.58 27.17
CA PHE G 630 1.44 -43.35 26.80
C PHE G 630 0.82 -42.72 25.56
N GLN G 631 0.68 -43.52 24.50
CA GLN G 631 0.17 -43.03 23.22
C GLN G 631 -1.35 -43.11 23.20
N THR G 632 -1.98 -41.99 22.84
CA THR G 632 -3.43 -41.89 22.75
C THR G 632 -3.83 -41.59 21.30
N ARG G 633 -5.13 -41.40 21.09
CA ARG G 633 -5.64 -40.97 19.79
C ARG G 633 -5.62 -39.46 19.63
N ALA G 634 -5.38 -38.72 20.70
CA ALA G 634 -5.22 -37.27 20.65
C ALA G 634 -3.76 -36.84 20.69
N GLY G 635 -2.84 -37.79 20.53
CA GLY G 635 -1.43 -37.53 20.69
C GLY G 635 -0.81 -38.50 21.67
N CYS G 636 0.01 -37.99 22.60
CA CYS G 636 0.56 -38.84 23.66
C CYS G 636 0.77 -38.00 24.91
N LEU G 637 0.85 -38.70 26.04
CA LEU G 637 0.99 -38.06 27.34
C LEU G 637 2.39 -38.30 27.90
N ILE G 638 2.99 -37.24 28.42
CA ILE G 638 4.30 -37.30 29.06
C ILE G 638 4.12 -36.98 30.54
N GLY G 639 4.54 -37.89 31.41
CA GLY G 639 4.43 -37.71 32.83
C GLY G 639 3.14 -38.23 33.44
N ALA G 640 2.20 -38.71 32.63
CA ALA G 640 0.94 -39.26 33.11
C ALA G 640 0.92 -40.76 32.80
N GLU G 641 0.70 -41.57 33.83
CA GLU G 641 0.65 -43.02 33.68
C GLU G 641 -0.75 -43.47 33.27
N HIS G 642 -0.83 -44.70 32.78
CA HIS G 642 -2.07 -45.29 32.32
C HIS G 642 -2.51 -46.37 33.30
N VAL G 643 -3.79 -46.34 33.67
CA VAL G 643 -4.36 -47.32 34.60
C VAL G 643 -5.50 -48.05 33.90
N ASN G 644 -5.69 -49.31 34.29
CA ASN G 644 -6.69 -50.15 33.64
C ASN G 644 -8.11 -49.82 34.08
N ASN G 645 -8.29 -49.44 35.34
CA ASN G 645 -9.62 -49.14 35.83
C ASN G 645 -10.10 -47.79 35.32
N SER G 646 -11.42 -47.62 35.28
CA SER G 646 -12.04 -46.44 34.69
C SER G 646 -12.69 -45.60 35.78
N TYR G 647 -12.44 -44.29 35.74
CA TYR G 647 -12.98 -43.33 36.70
C TYR G 647 -13.81 -42.28 35.95
N GLU G 648 -14.41 -41.38 36.73
CA GLU G 648 -15.15 -40.27 36.16
C GLU G 648 -14.20 -39.22 35.59
N CYS G 649 -14.61 -38.60 34.50
CA CYS G 649 -13.77 -37.62 33.82
C CYS G 649 -13.88 -36.26 34.48
N ASP G 650 -12.74 -35.63 34.72
CA ASP G 650 -12.67 -34.26 35.23
C ASP G 650 -11.85 -33.34 34.35
N ILE G 651 -10.74 -33.81 33.80
CA ILE G 651 -9.92 -33.07 32.86
C ILE G 651 -9.99 -33.77 31.51
N PRO G 652 -10.73 -33.24 30.54
CA PRO G 652 -10.84 -33.92 29.23
C PRO G 652 -9.56 -33.81 28.41
N ILE G 653 -9.32 -34.84 27.61
CA ILE G 653 -8.20 -34.85 26.67
C ILE G 653 -8.74 -35.07 25.27
N GLY G 654 -9.48 -36.14 25.08
CA GLY G 654 -10.07 -36.48 23.80
C GLY G 654 -10.09 -37.98 23.61
N ALA G 655 -11.04 -38.43 22.75
CA ALA G 655 -11.23 -39.83 22.38
C ALA G 655 -11.48 -40.74 23.59
N GLY G 656 -12.27 -40.26 24.54
CA GLY G 656 -12.63 -41.05 25.69
C GLY G 656 -11.52 -41.24 26.71
N ILE G 657 -10.52 -40.37 26.71
CA ILE G 657 -9.41 -40.43 27.65
C ILE G 657 -9.44 -39.16 28.49
N CYS G 658 -9.39 -39.32 29.80
CA CYS G 658 -9.38 -38.19 30.72
C CYS G 658 -8.34 -38.39 31.81
N ALA G 659 -7.64 -37.32 32.16
CA ALA G 659 -6.60 -37.35 33.17
C ALA G 659 -7.14 -36.83 34.49
N SER G 660 -6.53 -37.28 35.58
CA SER G 660 -6.94 -36.86 36.92
C SER G 660 -5.73 -36.93 37.84
N TYR G 661 -5.93 -36.50 39.08
CA TYR G 661 -4.88 -36.48 40.11
C TYR G 661 -5.36 -37.36 41.26
N GLN G 662 -5.03 -38.64 41.20
CA GLN G 662 -5.43 -39.60 42.22
C GLN G 662 -4.26 -40.55 42.47
N THR G 663 -4.53 -41.64 43.19
CA THR G 663 -3.50 -42.62 43.50
C THR G 663 -3.74 -43.92 42.73
N SER G 676 3.47 -39.82 46.64
CA SER G 676 2.54 -40.95 46.63
C SER G 676 1.36 -40.67 45.69
N GLN G 677 1.35 -39.49 45.09
CA GLN G 677 0.30 -39.07 44.17
C GLN G 677 0.91 -38.71 42.82
N SER G 678 0.23 -39.10 41.75
CA SER G 678 0.70 -38.82 40.40
C SER G 678 -0.49 -38.72 39.47
N ILE G 679 -0.27 -38.10 38.32
CA ILE G 679 -1.32 -37.92 37.33
C ILE G 679 -1.53 -39.24 36.60
N ILE G 680 -2.78 -39.70 36.57
CA ILE G 680 -3.13 -40.95 35.91
C ILE G 680 -4.01 -40.66 34.71
N ALA G 681 -4.00 -41.60 33.75
CA ALA G 681 -4.82 -41.52 32.56
C ALA G 681 -5.65 -42.78 32.43
N TYR G 682 -6.92 -42.63 32.06
CA TYR G 682 -7.84 -43.74 32.07
C TYR G 682 -8.92 -43.52 30.99
N THR G 683 -9.79 -44.51 30.85
CA THR G 683 -10.95 -44.42 29.98
C THR G 683 -12.13 -43.88 30.78
N MET G 684 -12.98 -43.10 30.12
CA MET G 684 -14.10 -42.45 30.78
C MET G 684 -15.14 -43.45 31.26
N SER G 685 -15.63 -43.23 32.48
CA SER G 685 -16.77 -43.98 33.00
C SER G 685 -18.04 -43.22 32.66
N LEU G 686 -18.90 -43.82 31.84
CA LEU G 686 -20.12 -43.16 31.41
C LEU G 686 -21.19 -43.12 32.48
N GLY G 687 -21.08 -43.96 33.51
CA GLY G 687 -22.02 -43.94 34.60
C GLY G 687 -22.00 -45.26 35.34
N ALA G 688 -22.78 -45.29 36.43
CA ALA G 688 -22.91 -46.50 37.22
C ALA G 688 -23.76 -47.53 36.48
N GLU G 689 -23.31 -48.77 36.48
CA GLU G 689 -24.03 -49.83 35.79
C GLU G 689 -25.25 -50.25 36.61
N ASN G 690 -26.43 -50.16 35.99
CA ASN G 690 -27.69 -50.51 36.64
C ASN G 690 -28.44 -51.50 35.77
N SER G 691 -28.92 -52.58 36.39
CA SER G 691 -29.71 -53.61 35.72
C SER G 691 -31.00 -53.76 36.52
N VAL G 692 -32.01 -52.96 36.17
CA VAL G 692 -33.29 -53.01 36.86
C VAL G 692 -34.03 -54.28 36.45
N ALA G 693 -34.64 -54.96 37.42
CA ALA G 693 -35.30 -56.23 37.19
C ALA G 693 -36.59 -56.01 36.42
N TYR G 694 -36.68 -56.59 35.22
CA TYR G 694 -37.84 -56.44 34.36
C TYR G 694 -38.60 -57.76 34.28
N SER G 695 -39.92 -57.68 34.39
CA SER G 695 -40.78 -58.84 34.26
C SER G 695 -42.12 -58.40 33.70
N ASN G 696 -42.87 -59.37 33.15
CA ASN G 696 -44.16 -59.06 32.54
C ASN G 696 -45.28 -58.88 33.55
N ASN G 697 -45.03 -59.15 34.84
CA ASN G 697 -46.03 -58.97 35.87
C ASN G 697 -45.45 -58.33 37.13
N SER G 698 -44.41 -57.52 36.98
CA SER G 698 -43.75 -56.86 38.10
C SER G 698 -43.73 -55.36 37.86
N ILE G 699 -44.10 -54.59 38.90
CA ILE G 699 -44.11 -53.15 38.83
C ILE G 699 -43.41 -52.60 40.08
N ALA G 700 -42.96 -51.35 39.98
CA ALA G 700 -42.32 -50.65 41.09
C ALA G 700 -43.07 -49.36 41.37
N ILE G 701 -43.47 -49.17 42.62
CA ILE G 701 -44.24 -47.99 43.02
C ILE G 701 -43.55 -47.33 44.21
N PRO G 702 -43.30 -46.03 44.15
CA PRO G 702 -42.66 -45.36 45.30
C PRO G 702 -43.62 -45.21 46.48
N THR G 703 -43.14 -45.57 47.66
CA THR G 703 -43.89 -45.39 48.90
C THR G 703 -43.55 -44.09 49.61
N ASN G 704 -42.62 -43.31 49.07
CA ASN G 704 -42.21 -42.05 49.68
C ASN G 704 -41.75 -41.12 48.55
N PHE G 705 -41.28 -39.95 48.94
CA PHE G 705 -40.84 -38.94 47.97
C PHE G 705 -39.82 -38.03 48.64
N THR G 706 -39.31 -37.08 47.87
CA THR G 706 -38.32 -36.12 48.36
C THR G 706 -38.48 -34.83 47.58
N ILE G 707 -38.73 -33.73 48.30
CA ILE G 707 -38.85 -32.42 47.66
C ILE G 707 -37.45 -31.87 47.41
N SER G 708 -37.12 -31.65 46.14
CA SER G 708 -35.79 -31.21 45.74
C SER G 708 -35.87 -29.83 45.11
N VAL G 709 -34.94 -28.97 45.49
CA VAL G 709 -34.83 -27.62 44.93
C VAL G 709 -33.52 -27.52 44.19
N THR G 710 -33.58 -27.21 42.90
CA THR G 710 -32.41 -27.10 42.04
C THR G 710 -32.24 -25.66 41.58
N THR G 711 -31.00 -25.29 41.29
CA THR G 711 -30.64 -23.92 40.91
C THR G 711 -30.28 -23.90 39.43
N GLU G 712 -30.98 -23.06 38.66
CA GLU G 712 -30.71 -22.86 37.24
C GLU G 712 -30.38 -21.39 37.01
N ILE G 713 -29.26 -21.13 36.36
CA ILE G 713 -28.75 -19.77 36.13
C ILE G 713 -28.73 -19.52 34.62
N LEU G 714 -29.32 -18.41 34.20
CA LEU G 714 -29.37 -18.03 32.79
C LEU G 714 -28.99 -16.57 32.65
N PRO G 715 -28.04 -16.23 31.77
CA PRO G 715 -27.73 -14.82 31.52
C PRO G 715 -28.86 -14.11 30.80
N VAL G 716 -28.93 -12.79 31.00
CA VAL G 716 -30.02 -11.96 30.49
C VAL G 716 -29.50 -10.89 29.53
N SER G 717 -28.56 -10.07 29.99
CA SER G 717 -28.12 -8.92 29.21
C SER G 717 -26.61 -8.77 29.29
N MET G 718 -26.05 -8.12 28.27
CA MET G 718 -24.63 -7.80 28.22
C MET G 718 -24.39 -6.41 28.79
N THR G 719 -23.18 -5.89 28.58
CA THR G 719 -22.81 -4.54 29.00
C THR G 719 -22.92 -3.61 27.79
N LYS G 720 -23.60 -2.49 27.99
CA LYS G 720 -23.79 -1.51 26.92
C LYS G 720 -22.49 -0.74 26.69
N THR G 721 -21.91 -0.91 25.50
CA THR G 721 -20.63 -0.29 25.16
C THR G 721 -20.74 0.37 23.79
N SER G 722 -20.34 1.64 23.71
CA SER G 722 -20.35 2.40 22.47
C SER G 722 -18.94 2.91 22.18
N VAL G 723 -18.49 2.72 20.94
CA VAL G 723 -17.16 3.12 20.50
C VAL G 723 -17.33 4.15 19.38
N ASP G 724 -16.60 5.27 19.49
CA ASP G 724 -16.62 6.32 18.49
C ASP G 724 -15.35 6.28 17.67
N CYS G 725 -15.49 6.31 16.34
CA CYS G 725 -14.34 6.28 15.45
C CYS G 725 -13.56 7.60 15.44
N THR G 726 -14.19 8.70 15.86
CA THR G 726 -13.53 9.99 15.85
C THR G 726 -12.41 10.06 16.88
N MET G 727 -12.60 9.41 18.03
CA MET G 727 -11.60 9.44 19.10
C MET G 727 -10.75 8.20 19.20
N TYR G 728 -11.28 7.03 18.83
CA TYR G 728 -10.50 5.79 18.97
C TYR G 728 -9.39 5.70 17.93
N ILE G 729 -9.71 5.99 16.67
CA ILE G 729 -8.74 5.81 15.60
C ILE G 729 -7.68 6.89 15.65
N CYS G 730 -8.10 8.16 15.79
CA CYS G 730 -7.14 9.26 15.86
C CYS G 730 -7.79 10.43 16.61
N GLY G 731 -7.44 10.58 17.88
CA GLY G 731 -7.92 11.69 18.67
C GLY G 731 -7.00 12.90 18.56
N ASP G 732 -7.62 14.09 18.62
CA ASP G 732 -7.03 15.42 18.69
C ASP G 732 -6.31 15.83 17.39
N SER G 733 -6.27 14.97 16.38
CA SER G 733 -5.58 15.26 15.13
C SER G 733 -6.60 15.65 14.06
N THR G 734 -6.48 16.86 13.54
CA THR G 734 -7.36 17.33 12.48
C THR G 734 -6.89 16.87 11.09
N GLU G 735 -5.65 16.41 10.96
CA GLU G 735 -5.15 15.92 9.68
C GLU G 735 -5.59 14.48 9.39
N CYS G 736 -6.08 13.77 10.41
CA CYS G 736 -6.53 12.40 10.22
C CYS G 736 -8.02 12.30 9.92
N SER G 737 -8.83 13.19 10.52
CA SER G 737 -10.27 13.18 10.29
C SER G 737 -10.62 13.56 8.85
N ASN G 738 -9.76 14.33 8.19
CA ASN G 738 -9.91 14.55 6.75
C ASN G 738 -9.64 13.28 5.96
N LEU G 739 -8.67 12.48 6.42
CA LEU G 739 -8.38 11.22 5.75
C LEU G 739 -9.44 10.17 6.02
N LEU G 740 -10.11 10.25 7.18
CA LEU G 740 -11.15 9.27 7.51
C LEU G 740 -12.42 9.48 6.71
N LEU G 741 -12.63 10.69 6.14
CA LEU G 741 -13.80 10.93 5.32
C LEU G 741 -13.69 10.29 3.95
N GLN G 742 -12.48 9.88 3.53
CA GLN G 742 -12.32 9.25 2.22
C GLN G 742 -12.88 7.83 2.21
N TYR G 743 -12.94 7.17 3.37
CA TYR G 743 -13.48 5.82 3.45
C TYR G 743 -15.00 5.78 3.36
N GLY G 744 -15.67 6.90 3.59
CA GLY G 744 -17.11 6.97 3.44
C GLY G 744 -17.88 6.80 4.72
N SER G 745 -18.77 5.80 4.76
CA SER G 745 -19.63 5.59 5.91
C SER G 745 -19.39 4.23 6.55
N PHE G 746 -18.13 3.87 6.74
CA PHE G 746 -17.80 2.65 7.49
C PHE G 746 -18.22 2.78 8.94
N CYS G 747 -18.00 3.94 9.54
CA CYS G 747 -18.29 4.15 10.96
C CYS G 747 -19.67 4.72 11.21
N THR G 748 -20.43 5.04 10.16
CA THR G 748 -21.85 5.37 10.35
C THR G 748 -22.64 4.13 10.71
N GLN G 749 -22.40 3.03 10.01
CA GLN G 749 -23.05 1.76 10.33
C GLN G 749 -22.37 1.01 11.46
N LEU G 750 -21.14 1.38 11.80
CA LEU G 750 -20.43 0.72 12.90
C LEU G 750 -20.99 1.14 14.25
N ASN G 751 -21.25 2.44 14.43
CA ASN G 751 -21.93 2.90 15.64
C ASN G 751 -23.40 2.56 15.62
N ARG G 752 -23.99 2.37 14.45
CA ARG G 752 -25.37 1.93 14.34
C ARG G 752 -25.53 0.49 14.81
N ALA G 753 -24.53 -0.35 14.54
CA ALA G 753 -24.58 -1.75 14.97
C ALA G 753 -24.42 -1.87 16.48
N LEU G 754 -23.56 -1.04 17.08
CA LEU G 754 -23.39 -1.08 18.53
C LEU G 754 -24.57 -0.45 19.25
N THR G 755 -25.26 0.50 18.60
CA THR G 755 -26.47 1.06 19.19
C THR G 755 -27.61 0.04 19.17
N GLY G 756 -27.68 -0.79 18.13
CA GLY G 756 -28.69 -1.83 18.09
C GLY G 756 -28.44 -2.95 19.08
N ILE G 757 -27.16 -3.17 19.43
CA ILE G 757 -26.85 -4.13 20.48
C ILE G 757 -27.26 -3.57 21.83
N ALA G 758 -26.97 -2.29 22.09
CA ALA G 758 -27.23 -1.70 23.40
C ALA G 758 -28.72 -1.45 23.63
N VAL G 759 -29.49 -1.21 22.56
CA VAL G 759 -30.91 -0.99 22.73
C VAL G 759 -31.66 -2.30 22.95
N GLU G 760 -31.08 -3.44 22.55
CA GLU G 760 -31.70 -4.74 22.80
C GLU G 760 -31.22 -5.38 24.09
N GLN G 761 -30.12 -4.89 24.69
CA GLN G 761 -29.74 -5.34 26.01
C GLN G 761 -30.75 -4.87 27.07
N ASP G 762 -31.23 -3.64 26.94
CA ASP G 762 -32.29 -3.16 27.82
C ASP G 762 -33.63 -3.82 27.48
N LYS G 763 -33.82 -4.20 26.21
CA LYS G 763 -35.04 -4.91 25.82
C LYS G 763 -35.09 -6.31 26.38
N ASN G 764 -33.92 -6.96 26.52
CA ASN G 764 -33.86 -8.33 27.02
C ASN G 764 -34.30 -8.47 28.47
N THR G 765 -34.17 -7.40 29.26
CA THR G 765 -34.67 -7.41 30.64
C THR G 765 -36.19 -7.27 30.67
N GLN G 766 -36.78 -6.63 29.64
CA GLN G 766 -38.19 -6.28 29.66
C GLN G 766 -39.09 -7.51 29.54
N GLU G 767 -38.79 -8.41 28.60
CA GLU G 767 -39.62 -9.60 28.47
C GLU G 767 -39.32 -10.66 29.52
N VAL G 768 -38.24 -10.51 30.28
CA VAL G 768 -37.91 -11.49 31.32
C VAL G 768 -38.47 -11.07 32.67
N PHE G 769 -38.11 -9.87 33.15
CA PHE G 769 -38.44 -9.48 34.52
C PHE G 769 -39.72 -8.68 34.63
N ALA G 770 -40.19 -8.06 33.55
CA ALA G 770 -41.41 -7.25 33.57
C ALA G 770 -42.59 -7.99 32.95
N GLN G 771 -42.71 -9.29 33.22
CA GLN G 771 -43.84 -10.07 32.72
C GLN G 771 -45.15 -9.65 33.37
N VAL G 772 -45.11 -9.21 34.62
CA VAL G 772 -46.30 -8.77 35.34
C VAL G 772 -46.39 -7.25 35.22
N LYS G 773 -47.64 -6.75 35.17
CA LYS G 773 -47.87 -5.32 35.05
C LYS G 773 -48.05 -4.63 36.40
N GLN G 774 -48.54 -5.36 37.40
CA GLN G 774 -48.75 -4.82 38.74
C GLN G 774 -47.66 -5.33 39.67
N ILE G 775 -47.54 -4.67 40.83
CA ILE G 775 -46.58 -5.02 41.85
C ILE G 775 -47.34 -5.58 43.05
N TYR G 776 -47.02 -6.82 43.42
CA TYR G 776 -47.68 -7.50 44.51
C TYR G 776 -46.79 -7.51 45.75
N LYS G 777 -47.41 -7.33 46.91
CA LYS G 777 -46.70 -7.27 48.19
C LYS G 777 -47.08 -8.45 49.06
N THR G 778 -46.08 -9.06 49.69
CA THR G 778 -46.33 -10.13 50.65
C THR G 778 -46.93 -9.52 51.91
N PRO G 779 -47.99 -10.13 52.48
CA PRO G 779 -48.53 -9.62 53.74
C PRO G 779 -47.56 -9.83 54.88
N PRO G 780 -47.60 -8.98 55.92
CA PRO G 780 -46.65 -9.13 57.04
C PRO G 780 -46.89 -10.37 57.89
N ILE G 781 -48.08 -10.94 57.86
CA ILE G 781 -48.36 -12.18 58.61
C ILE G 781 -47.84 -13.33 57.76
N LYS G 782 -46.71 -13.91 58.16
CA LYS G 782 -46.07 -14.99 57.41
C LYS G 782 -46.63 -16.34 57.90
N ASP G 783 -47.89 -16.57 57.58
CA ASP G 783 -48.59 -17.81 57.90
C ASP G 783 -48.89 -18.53 56.59
N PHE G 784 -47.94 -19.34 56.13
CA PHE G 784 -48.05 -20.08 54.88
C PHE G 784 -48.17 -21.58 55.11
N GLY G 785 -48.73 -21.98 56.24
CA GLY G 785 -48.87 -23.38 56.58
C GLY G 785 -47.56 -24.08 56.86
N GLY G 786 -46.63 -23.42 57.54
CA GLY G 786 -45.34 -23.98 57.86
C GLY G 786 -44.27 -23.77 56.81
N PHE G 787 -44.62 -23.21 55.65
CA PHE G 787 -43.64 -22.95 54.61
C PHE G 787 -42.91 -21.65 54.87
N ASN G 788 -41.59 -21.69 54.78
CA ASN G 788 -40.73 -20.56 55.12
C ASN G 788 -40.09 -20.02 53.85
N PHE G 789 -40.27 -18.72 53.59
CA PHE G 789 -39.75 -18.08 52.39
C PHE G 789 -38.79 -16.94 52.74
N SER G 790 -38.17 -16.99 53.91
CA SER G 790 -37.32 -15.90 54.38
C SER G 790 -36.04 -15.75 53.56
N GLN G 791 -35.58 -16.83 52.92
CA GLN G 791 -34.39 -16.73 52.08
C GLN G 791 -34.69 -16.06 50.74
N ILE G 792 -35.92 -16.15 50.25
CA ILE G 792 -36.28 -15.57 48.96
C ILE G 792 -37.08 -14.28 49.08
N LEU G 793 -37.70 -14.01 50.23
CA LEU G 793 -38.36 -12.74 50.42
C LEU G 793 -37.33 -11.64 50.70
N PRO G 794 -37.60 -10.40 50.28
CA PRO G 794 -36.65 -9.32 50.54
C PRO G 794 -36.57 -8.95 52.02
N ASP G 795 -35.40 -8.48 52.42
CA ASP G 795 -35.15 -8.08 53.81
C ASP G 795 -35.27 -6.58 53.92
N PRO G 796 -36.24 -6.04 54.66
CA PRO G 796 -36.39 -4.58 54.77
C PRO G 796 -35.36 -3.91 55.66
N SER G 797 -34.55 -4.67 56.41
CA SER G 797 -33.56 -4.06 57.28
C SER G 797 -32.38 -3.51 56.50
N LYS G 798 -32.02 -4.14 55.39
CA LYS G 798 -30.90 -3.68 54.58
C LYS G 798 -31.31 -2.43 53.79
N PRO G 799 -30.34 -1.55 53.49
CA PRO G 799 -30.66 -0.40 52.60
C PRO G 799 -31.10 -0.81 51.21
N SER G 800 -30.58 -1.92 50.68
CA SER G 800 -31.05 -2.48 49.43
C SER G 800 -32.01 -3.62 49.73
N LYS G 801 -33.26 -3.49 49.31
CA LYS G 801 -34.30 -4.46 49.62
C LYS G 801 -34.11 -5.67 48.71
N ARG G 802 -33.26 -6.59 49.16
CA ARG G 802 -32.97 -7.82 48.41
C ARG G 802 -33.07 -9.01 49.34
N SER G 803 -33.31 -10.18 48.76
CA SER G 803 -33.39 -11.41 49.51
C SER G 803 -31.98 -11.84 49.96
N PRO G 804 -31.89 -12.65 51.03
CA PRO G 804 -30.58 -13.20 51.42
C PRO G 804 -29.92 -14.06 50.35
N ILE G 805 -30.69 -14.74 49.51
CA ILE G 805 -30.10 -15.48 48.40
C ILE G 805 -29.55 -14.51 47.34
N GLU G 806 -30.27 -13.41 47.10
CA GLU G 806 -29.76 -12.37 46.20
C GLU G 806 -28.59 -11.59 46.78
N ASP G 807 -28.37 -11.68 48.09
CA ASP G 807 -27.29 -10.92 48.72
C ASP G 807 -25.91 -11.48 48.35
N LEU G 808 -25.74 -12.80 48.43
CA LEU G 808 -24.45 -13.39 48.09
C LEU G 808 -24.30 -13.64 46.59
N LEU G 809 -25.39 -13.57 45.83
CA LEU G 809 -25.29 -13.68 44.37
C LEU G 809 -24.58 -12.46 43.79
N PHE G 810 -24.87 -11.27 44.31
CA PHE G 810 -24.21 -10.06 43.84
C PHE G 810 -22.79 -9.95 44.38
N ASN G 811 -22.51 -10.56 45.54
CA ASN G 811 -21.19 -10.45 46.14
C ASN G 811 -20.15 -11.30 45.42
N LYS G 812 -20.56 -12.34 44.71
CA LYS G 812 -19.62 -13.22 44.02
C LYS G 812 -19.33 -12.78 42.59
N VAL G 813 -19.97 -11.71 42.11
CA VAL G 813 -19.75 -11.18 40.77
C VAL G 813 -19.18 -9.79 40.90
N THR G 814 -18.03 -9.54 40.27
CA THR G 814 -17.38 -8.25 40.32
C THR G 814 -18.10 -7.24 39.41
N PHE G 842 -9.45 5.54 27.96
CA PHE G 842 -10.76 5.87 27.45
C PHE G 842 -10.67 6.53 26.07
N ASN G 843 -10.15 5.78 25.10
CA ASN G 843 -10.02 6.27 23.73
C ASN G 843 -11.32 6.03 22.97
N GLY G 844 -12.31 6.85 23.28
CA GLY G 844 -13.63 6.72 22.68
C GLY G 844 -14.48 5.63 23.28
N LEU G 845 -14.06 5.03 24.39
CA LEU G 845 -14.80 3.93 25.02
C LEU G 845 -15.68 4.49 26.13
N THR G 846 -16.97 4.18 26.07
CA THR G 846 -17.92 4.57 27.10
C THR G 846 -18.82 3.39 27.44
N VAL G 847 -19.36 3.41 28.65
CA VAL G 847 -20.26 2.37 29.13
C VAL G 847 -21.58 3.04 29.49
N LEU G 848 -22.63 2.70 28.76
CA LEU G 848 -23.95 3.26 29.05
C LEU G 848 -24.59 2.52 30.21
N PRO G 849 -25.24 3.23 31.13
CA PRO G 849 -25.94 2.55 32.21
C PRO G 849 -27.18 1.85 31.70
N PRO G 850 -27.62 0.77 32.35
CA PRO G 850 -28.81 0.07 31.90
C PRO G 850 -30.09 0.86 32.16
N LEU G 851 -31.15 0.45 31.47
CA LEU G 851 -32.44 1.12 31.61
C LEU G 851 -33.04 0.88 32.99
N LEU G 852 -32.90 -0.34 33.51
CA LEU G 852 -33.44 -0.69 34.81
C LEU G 852 -32.29 -0.89 35.80
N THR G 853 -32.42 -0.28 36.97
CA THR G 853 -31.41 -0.43 38.01
C THR G 853 -31.53 -1.80 38.67
N ASP G 854 -30.54 -2.11 39.50
CA ASP G 854 -30.54 -3.39 40.21
C ASP G 854 -31.63 -3.45 41.28
N GLU G 855 -32.05 -2.29 41.80
CA GLU G 855 -33.17 -2.27 42.74
C GLU G 855 -34.50 -2.47 42.02
N MET G 856 -34.60 -2.01 40.77
CA MET G 856 -35.85 -2.17 40.03
C MET G 856 -36.05 -3.61 39.55
N ILE G 857 -34.96 -4.31 39.25
CA ILE G 857 -35.06 -5.73 38.91
C ILE G 857 -35.44 -6.53 40.15
N ALA G 858 -34.91 -6.15 41.32
CA ALA G 858 -35.28 -6.81 42.56
C ALA G 858 -36.73 -6.55 42.96
N GLN G 859 -37.26 -5.36 42.60
CA GLN G 859 -38.67 -5.10 42.84
C GLN G 859 -39.55 -5.85 41.85
N TYR G 860 -39.05 -6.11 40.65
CA TYR G 860 -39.74 -7.01 39.72
C TYR G 860 -39.76 -8.43 40.25
N THR G 861 -38.66 -8.87 40.86
CA THR G 861 -38.57 -10.23 41.40
C THR G 861 -39.49 -10.40 42.62
N SER G 862 -39.58 -9.36 43.46
CA SER G 862 -40.44 -9.44 44.64
C SER G 862 -41.92 -9.40 44.26
N ALA G 863 -42.25 -8.73 43.16
CA ALA G 863 -43.64 -8.73 42.69
C ALA G 863 -44.06 -10.10 42.17
N LEU G 864 -43.16 -10.79 41.46
CA LEU G 864 -43.47 -12.12 40.97
C LEU G 864 -43.40 -13.16 42.07
N LEU G 865 -42.56 -12.94 43.09
CA LEU G 865 -42.50 -13.85 44.23
C LEU G 865 -43.76 -13.76 45.08
N ALA G 866 -44.24 -12.54 45.32
CA ALA G 866 -45.47 -12.37 46.08
C ALA G 866 -46.70 -12.78 45.29
N GLY G 867 -46.63 -12.75 43.96
CA GLY G 867 -47.73 -13.21 43.13
C GLY G 867 -47.79 -14.71 42.95
N THR G 868 -46.77 -15.44 43.39
CA THR G 868 -46.73 -16.89 43.30
C THR G 868 -47.10 -17.56 44.62
N ILE G 869 -46.63 -17.02 45.74
CA ILE G 869 -47.00 -17.56 47.05
C ILE G 869 -48.47 -17.29 47.36
N THR G 870 -48.94 -16.08 47.06
CA THR G 870 -50.30 -15.71 47.40
C THR G 870 -51.30 -16.20 46.35
N SER G 871 -50.99 -15.98 45.07
CA SER G 871 -51.94 -16.27 44.00
C SER G 871 -51.62 -17.53 43.23
N GLY G 872 -50.34 -17.78 42.93
CA GLY G 872 -49.98 -18.95 42.15
C GLY G 872 -49.81 -18.63 40.68
N TRP G 873 -50.57 -19.31 39.81
CA TRP G 873 -50.57 -19.04 38.39
C TRP G 873 -51.74 -18.18 37.95
N THR G 874 -52.58 -17.73 38.89
CA THR G 874 -53.76 -16.95 38.52
C THR G 874 -53.41 -15.52 38.14
N PHE G 875 -52.31 -14.98 38.67
CA PHE G 875 -51.93 -13.61 38.35
C PHE G 875 -51.33 -13.48 36.96
N GLY G 876 -50.86 -14.58 36.37
CA GLY G 876 -50.33 -14.55 35.03
C GLY G 876 -51.32 -14.81 33.92
N ALA G 877 -52.52 -15.30 34.27
CA ALA G 877 -53.58 -15.56 33.30
C ALA G 877 -54.79 -14.67 33.51
N GLY G 878 -54.63 -13.57 34.24
CA GLY G 878 -55.73 -12.68 34.54
C GLY G 878 -55.53 -11.96 35.85
N PRO G 879 -56.64 -11.66 36.54
CA PRO G 879 -56.54 -11.03 37.85
C PRO G 879 -56.00 -12.00 38.90
N ALA G 880 -55.37 -11.44 39.92
CA ALA G 880 -54.77 -12.23 40.98
C ALA G 880 -55.87 -12.73 41.93
N LEU G 881 -55.95 -14.04 42.09
CA LEU G 881 -56.94 -14.68 42.97
C LEU G 881 -56.21 -15.24 44.18
N GLN G 882 -56.64 -14.83 45.37
CA GLN G 882 -55.99 -15.28 46.59
C GLN G 882 -56.33 -16.74 46.87
N ILE G 883 -55.36 -17.44 47.46
CA ILE G 883 -55.46 -18.87 47.79
C ILE G 883 -54.36 -19.17 48.81
N PRO G 884 -54.64 -19.96 49.85
CA PRO G 884 -53.57 -20.33 50.80
C PRO G 884 -52.50 -21.19 50.15
N PHE G 885 -51.27 -21.05 50.67
CA PHE G 885 -50.17 -21.85 50.15
C PHE G 885 -50.31 -23.32 50.52
N PRO G 886 -50.96 -23.61 51.64
CA PRO G 886 -51.24 -24.99 52.02
C PRO G 886 -52.30 -25.64 51.13
N MET G 887 -53.04 -24.85 50.37
CA MET G 887 -54.07 -25.39 49.48
C MET G 887 -53.68 -25.38 48.00
N GLN G 888 -52.97 -24.35 47.53
CA GLN G 888 -52.55 -24.33 46.14
C GLN G 888 -51.41 -25.30 45.85
N MET G 889 -50.70 -25.76 46.88
CA MET G 889 -49.68 -26.78 46.69
C MET G 889 -50.29 -28.13 46.33
N ALA G 890 -51.55 -28.38 46.74
CA ALA G 890 -52.22 -29.61 46.34
C ALA G 890 -52.55 -29.61 44.85
N TYR G 891 -52.83 -28.44 44.28
CA TYR G 891 -53.11 -28.36 42.85
C TYR G 891 -51.84 -28.53 42.03
N ARG G 892 -50.68 -28.19 42.60
CA ARG G 892 -49.42 -28.56 41.96
C ARG G 892 -49.19 -30.07 42.04
N PHE G 893 -49.68 -30.71 43.10
CA PHE G 893 -49.60 -32.16 43.20
C PHE G 893 -50.54 -32.84 42.21
N ASN G 894 -51.70 -32.23 41.92
CA ASN G 894 -52.64 -32.80 40.96
C ASN G 894 -52.13 -32.69 39.53
N GLY G 895 -51.22 -31.76 39.24
CA GLY G 895 -50.68 -31.63 37.91
C GLY G 895 -49.66 -32.69 37.53
N ILE G 896 -49.16 -33.44 38.50
CA ILE G 896 -48.19 -34.51 38.26
C ILE G 896 -48.78 -35.87 38.59
N GLY G 897 -50.08 -35.96 38.82
CA GLY G 897 -50.74 -37.24 39.05
C GLY G 897 -50.83 -37.68 40.49
N VAL G 898 -50.67 -36.78 41.45
CA VAL G 898 -50.73 -37.09 42.87
C VAL G 898 -52.00 -36.47 43.45
N THR G 899 -52.74 -37.25 44.23
CA THR G 899 -54.00 -36.79 44.79
C THR G 899 -53.75 -35.79 45.92
N GLN G 900 -54.83 -35.12 46.34
CA GLN G 900 -54.73 -34.05 47.33
C GLN G 900 -54.43 -34.55 48.74
N ASN G 901 -54.73 -35.82 49.03
CA ASN G 901 -54.58 -36.33 50.39
C ASN G 901 -53.12 -36.53 50.79
N VAL G 902 -52.22 -36.66 49.82
CA VAL G 902 -50.81 -36.88 50.12
C VAL G 902 -50.18 -35.63 50.74
N LEU G 903 -50.58 -34.44 50.26
CA LEU G 903 -50.07 -33.20 50.83
C LEU G 903 -50.59 -32.98 52.23
N TYR G 904 -51.89 -33.19 52.45
CA TYR G 904 -52.49 -32.87 53.75
C TYR G 904 -52.12 -33.88 54.82
N GLU G 905 -51.84 -35.13 54.45
CA GLU G 905 -51.36 -36.11 55.42
C GLU G 905 -49.91 -35.91 55.79
N ASN G 906 -49.13 -35.20 54.96
CA ASN G 906 -47.72 -34.96 55.20
C ASN G 906 -47.39 -33.49 55.04
N GLN G 907 -48.22 -32.61 55.61
CA GLN G 907 -47.99 -31.17 55.48
C GLN G 907 -46.78 -30.71 56.30
N LYS G 908 -46.56 -31.32 57.46
CA LYS G 908 -45.39 -30.98 58.26
C LYS G 908 -44.10 -31.52 57.63
N LEU G 909 -44.17 -32.69 56.99
CA LEU G 909 -42.99 -33.28 56.38
C LEU G 909 -42.59 -32.56 55.11
N ILE G 910 -43.58 -32.13 54.31
CA ILE G 910 -43.29 -31.44 53.05
C ILE G 910 -42.73 -30.04 53.32
N ALA G 911 -43.31 -29.34 54.31
CA ALA G 911 -42.81 -28.02 54.68
C ALA G 911 -41.42 -28.10 55.30
N ASN G 912 -41.12 -29.16 56.05
CA ASN G 912 -39.77 -29.34 56.58
C ASN G 912 -38.79 -29.69 55.47
N GLN G 913 -39.25 -30.46 54.46
CA GLN G 913 -38.39 -30.78 53.33
C GLN G 913 -38.15 -29.57 52.44
N PHE G 914 -39.15 -28.68 52.32
CA PHE G 914 -38.98 -27.49 51.51
C PHE G 914 -38.05 -26.49 52.19
N ASN G 915 -38.15 -26.36 53.52
CA ASN G 915 -37.30 -25.42 54.25
C ASN G 915 -35.85 -25.87 54.28
N SER G 916 -35.61 -27.19 54.36
CA SER G 916 -34.25 -27.70 54.36
C SER G 916 -33.61 -27.59 52.98
N ALA G 917 -34.40 -27.77 51.92
CA ALA G 917 -33.85 -27.70 50.57
C ALA G 917 -33.57 -26.26 50.15
N ILE G 918 -34.35 -25.30 50.65
CA ILE G 918 -34.10 -23.90 50.35
C ILE G 918 -32.82 -23.42 51.03
N GLY G 919 -32.61 -23.81 52.29
CA GLY G 919 -31.41 -23.44 53.01
C GLY G 919 -30.14 -24.09 52.51
N LYS G 920 -30.27 -25.23 51.82
CA LYS G 920 -29.11 -25.87 51.21
C LYS G 920 -28.65 -25.19 49.93
N ILE G 921 -29.52 -24.36 49.32
CA ILE G 921 -29.13 -23.60 48.13
C ILE G 921 -28.10 -22.54 48.49
N GLN G 922 -28.30 -21.86 49.62
CA GLN G 922 -27.37 -20.83 50.06
C GLN G 922 -26.00 -21.40 50.44
N ASP G 923 -25.98 -22.62 50.98
CA ASP G 923 -24.72 -23.27 51.30
C ASP G 923 -24.02 -23.79 50.04
N SER G 924 -24.79 -24.29 49.07
CA SER G 924 -24.20 -24.83 47.86
C SER G 924 -23.70 -23.74 46.92
N LEU G 925 -24.34 -22.55 46.96
CA LEU G 925 -23.88 -21.44 46.13
C LEU G 925 -22.56 -20.88 46.63
N SER G 926 -22.38 -20.84 47.95
CA SER G 926 -21.14 -20.35 48.54
C SER G 926 -20.10 -21.44 48.71
N SER G 927 -20.41 -22.68 48.33
CA SER G 927 -19.45 -23.77 48.47
C SER G 927 -18.33 -23.66 47.44
N THR G 928 -18.68 -23.35 46.19
CA THR G 928 -17.72 -23.21 45.12
C THR G 928 -18.02 -21.96 44.31
N PRO G 929 -17.01 -21.31 43.74
CA PRO G 929 -17.27 -20.19 42.83
C PRO G 929 -17.57 -20.61 41.41
N SER G 930 -17.52 -21.91 41.09
CA SER G 930 -17.79 -22.39 39.75
C SER G 930 -19.27 -22.57 39.46
N ALA G 931 -20.14 -22.38 40.46
CA ALA G 931 -21.58 -22.48 40.23
C ALA G 931 -22.08 -21.28 39.42
N LEU G 932 -21.50 -20.12 39.63
CA LEU G 932 -21.86 -18.89 38.91
C LEU G 932 -21.01 -18.68 37.66
N GLY G 933 -20.47 -19.76 37.08
CA GLY G 933 -19.56 -19.63 35.95
C GLY G 933 -20.22 -19.19 34.66
N LYS G 934 -21.54 -19.36 34.54
CA LYS G 934 -22.24 -18.87 33.36
C LYS G 934 -22.27 -17.35 33.32
N LEU G 935 -22.50 -16.72 34.47
CA LEU G 935 -22.46 -15.26 34.55
C LEU G 935 -21.04 -14.72 34.59
N GLN G 936 -20.06 -15.53 35.00
CA GLN G 936 -18.68 -15.08 35.02
C GLN G 936 -18.10 -15.00 33.62
N ASP G 937 -18.60 -15.81 32.69
CA ASP G 937 -18.06 -15.79 31.33
C ASP G 937 -18.52 -14.57 30.55
N VAL G 938 -19.72 -14.05 30.84
CA VAL G 938 -20.22 -12.89 30.12
C VAL G 938 -19.43 -11.63 30.49
N VAL G 939 -19.09 -11.48 31.77
CA VAL G 939 -18.26 -10.35 32.20
C VAL G 939 -16.84 -10.50 31.70
N ASN G 940 -16.32 -11.73 31.67
CA ASN G 940 -14.93 -11.95 31.29
C ASN G 940 -14.72 -11.79 29.78
N GLN G 941 -15.64 -12.29 28.97
CA GLN G 941 -15.49 -12.18 27.52
C GLN G 941 -15.70 -10.76 27.01
N ASN G 942 -16.53 -9.98 27.69
CA ASN G 942 -16.72 -8.58 27.31
C ASN G 942 -15.55 -7.70 27.74
N ALA G 943 -14.96 -7.96 28.91
CA ALA G 943 -13.85 -7.15 29.38
C ALA G 943 -12.55 -7.48 28.65
N GLN G 944 -12.34 -8.76 28.33
CA GLN G 944 -11.11 -9.15 27.64
C GLN G 944 -11.12 -8.71 26.17
N ALA G 945 -12.30 -8.67 25.55
CA ALA G 945 -12.38 -8.15 24.20
C ALA G 945 -12.21 -6.63 24.17
N LEU G 946 -12.57 -5.95 25.25
CA LEU G 946 -12.35 -4.51 25.32
C LEU G 946 -10.87 -4.19 25.52
N ASN G 947 -10.16 -4.99 26.32
CA ASN G 947 -8.74 -4.77 26.54
C ASN G 947 -7.92 -5.13 25.31
N THR G 948 -8.43 -6.02 24.46
CA THR G 948 -7.78 -6.30 23.19
C THR G 948 -7.86 -5.11 22.25
N LEU G 949 -8.98 -4.39 22.27
CA LEU G 949 -9.16 -3.22 21.42
C LEU G 949 -8.24 -2.07 21.83
N VAL G 950 -7.98 -1.93 23.13
CA VAL G 950 -7.01 -0.95 23.59
C VAL G 950 -5.59 -1.37 23.20
N LYS G 951 -5.32 -2.68 23.23
CA LYS G 951 -4.00 -3.19 22.87
C LYS G 951 -3.70 -3.05 21.38
N GLN G 952 -4.73 -2.90 20.54
CA GLN G 952 -4.52 -2.69 19.12
C GLN G 952 -4.04 -1.27 18.80
N LEU G 953 -4.16 -0.33 19.73
CA LEU G 953 -3.68 1.03 19.52
C LEU G 953 -2.17 1.16 19.66
N SER G 954 -1.50 0.15 20.20
CA SER G 954 -0.05 0.15 20.35
C SER G 954 0.64 -0.64 19.24
N SER G 955 -0.09 -1.04 18.22
CA SER G 955 0.46 -1.81 17.11
C SER G 955 0.94 -0.87 16.01
N ASN G 956 2.07 -1.21 15.40
CA ASN G 956 2.64 -0.36 14.35
C ASN G 956 1.85 -0.46 13.06
N PHE G 957 1.32 -1.66 12.76
CA PHE G 957 0.61 -1.99 11.50
C PHE G 957 1.46 -1.68 10.27
N GLY G 958 2.75 -1.95 10.37
CA GLY G 958 3.68 -1.69 9.28
C GLY G 958 4.19 -0.28 9.18
N ALA G 959 3.74 0.62 10.06
CA ALA G 959 4.20 2.00 10.02
C ALA G 959 5.44 2.17 10.90
N ILE G 960 5.97 3.39 10.94
CA ILE G 960 7.19 3.65 11.71
C ILE G 960 6.88 3.68 13.21
N SER G 961 5.83 4.40 13.61
CA SER G 961 5.49 4.56 15.01
C SER G 961 4.04 4.21 15.23
N SER G 962 3.77 3.50 16.33
CA SER G 962 2.38 3.21 16.71
C SER G 962 1.67 4.46 17.20
N VAL G 963 2.36 5.31 17.94
CA VAL G 963 1.77 6.56 18.40
C VAL G 963 1.66 7.53 17.22
N LEU G 964 0.54 8.27 17.18
CA LEU G 964 0.25 9.12 16.04
C LEU G 964 1.07 10.41 16.05
N ASN G 965 1.35 10.95 17.24
CA ASN G 965 1.96 12.28 17.33
C ASN G 965 3.41 12.28 16.89
N ASP G 966 4.11 11.15 17.03
CA ASP G 966 5.50 11.07 16.59
C ASP G 966 5.62 10.95 15.08
N ILE G 967 4.57 10.53 14.38
CA ILE G 967 4.62 10.43 12.93
C ILE G 967 4.62 11.83 12.31
N LEU G 968 3.78 12.72 12.82
CA LEU G 968 3.72 14.09 12.29
C LEU G 968 4.96 14.88 12.66
N SER G 969 5.48 14.68 13.87
CA SER G 969 6.61 15.46 14.36
C SER G 969 7.94 15.02 13.77
N ARG G 970 7.99 13.88 13.07
CA ARG G 970 9.25 13.39 12.50
C ARG G 970 9.21 13.19 10.99
N LEU G 971 8.04 13.20 10.36
CA LEU G 971 7.92 13.03 8.92
C LEU G 971 7.26 14.26 8.32
N ASP G 972 7.62 14.56 7.07
CA ASP G 972 7.08 15.73 6.40
C ASP G 972 5.63 15.48 5.97
N PRO G 973 4.75 16.47 6.09
CA PRO G 973 3.33 16.31 5.72
C PRO G 973 3.06 15.94 4.26
N PRO G 974 3.85 16.37 3.25
CA PRO G 974 3.59 15.85 1.89
C PRO G 974 3.74 14.35 1.71
N GLU G 975 4.58 13.67 2.49
CA GLU G 975 4.70 12.22 2.39
C GLU G 975 4.28 11.50 3.66
N ALA G 976 3.64 12.19 4.61
CA ALA G 976 3.16 11.54 5.81
C ALA G 976 1.88 10.75 5.58
N GLU G 977 1.17 11.02 4.48
CA GLU G 977 -0.12 10.39 4.23
C GLU G 977 -0.03 8.89 3.98
N VAL G 978 1.12 8.40 3.53
CA VAL G 978 1.32 6.97 3.39
C VAL G 978 1.41 6.31 4.77
N GLN G 979 2.12 6.95 5.70
CA GLN G 979 2.30 6.38 7.03
C GLN G 979 1.03 6.49 7.88
N ILE G 980 0.17 7.46 7.59
CA ILE G 980 -1.10 7.58 8.32
C ILE G 980 -2.03 6.44 7.95
N ASP G 981 -2.15 6.15 6.65
CA ASP G 981 -3.11 5.17 6.15
C ASP G 981 -2.78 3.74 6.55
N ARG G 982 -1.52 3.46 6.91
CA ARG G 982 -1.18 2.16 7.46
C ARG G 982 -1.82 1.95 8.83
N LEU G 983 -1.90 3.02 9.64
CA LEU G 983 -2.53 2.94 10.94
C LEU G 983 -4.05 2.91 10.86
N ILE G 984 -4.63 3.53 9.82
CA ILE G 984 -6.07 3.58 9.69
C ILE G 984 -6.64 2.22 9.34
N THR G 985 -5.99 1.50 8.43
CA THR G 985 -6.46 0.18 8.01
C THR G 985 -6.37 -0.84 9.15
N GLY G 986 -5.28 -0.78 9.92
CA GLY G 986 -5.14 -1.69 11.06
C GLY G 986 -6.12 -1.39 12.17
N ARG G 987 -6.38 -0.12 12.44
CA ARG G 987 -7.30 0.24 13.52
C ARG G 987 -8.76 0.04 13.14
N LEU G 988 -9.10 0.23 11.86
CA LEU G 988 -10.47 -0.04 11.44
C LEU G 988 -10.78 -1.53 11.39
N GLN G 989 -9.78 -2.35 11.09
CA GLN G 989 -9.97 -3.80 11.13
C GLN G 989 -10.13 -4.32 12.55
N SER G 990 -9.55 -3.62 13.53
CA SER G 990 -9.76 -3.98 14.92
C SER G 990 -11.20 -3.68 15.35
N LEU G 991 -11.76 -2.56 14.87
CA LEU G 991 -13.15 -2.24 15.17
C LEU G 991 -14.11 -3.15 14.42
N GLN G 992 -13.76 -3.52 13.18
CA GLN G 992 -14.61 -4.42 12.41
C GLN G 992 -14.60 -5.83 12.98
N THR G 993 -13.50 -6.23 13.61
CA THR G 993 -13.48 -7.51 14.31
C THR G 993 -14.26 -7.43 15.62
N TYR G 994 -14.15 -6.30 16.33
CA TYR G 994 -14.79 -6.17 17.65
C TYR G 994 -16.31 -6.07 17.52
N VAL G 995 -16.79 -5.34 16.52
CA VAL G 995 -18.24 -5.20 16.32
C VAL G 995 -18.85 -6.53 15.88
N THR G 996 -18.15 -7.25 14.99
CA THR G 996 -18.63 -8.56 14.52
C THR G 996 -18.66 -9.58 15.65
N GLN G 997 -17.64 -9.57 16.52
CA GLN G 997 -17.62 -10.46 17.67
C GLN G 997 -18.69 -10.08 18.69
N GLN G 998 -19.01 -8.79 18.80
CA GLN G 998 -20.08 -8.36 19.70
C GLN G 998 -21.46 -8.78 19.17
N LEU G 999 -21.64 -8.77 17.85
CA LEU G 999 -22.92 -9.20 17.28
C LEU G 999 -23.11 -10.70 17.37
N ILE G 1000 -22.02 -11.46 17.39
CA ILE G 1000 -22.12 -12.90 17.62
C ILE G 1000 -22.55 -13.18 19.06
N ARG G 1001 -21.91 -12.51 20.02
CA ARG G 1001 -22.26 -12.71 21.42
C ARG G 1001 -23.60 -12.07 21.79
N ALA G 1002 -24.08 -11.12 20.99
CA ALA G 1002 -25.41 -10.56 21.23
C ALA G 1002 -26.49 -11.60 20.92
N ALA G 1003 -26.28 -12.40 19.87
CA ALA G 1003 -27.25 -13.43 19.52
C ALA G 1003 -27.22 -14.59 20.52
N GLU G 1004 -26.06 -14.86 21.12
CA GLU G 1004 -25.98 -15.90 22.14
C GLU G 1004 -26.69 -15.48 23.42
N ILE G 1005 -26.54 -14.21 23.81
CA ILE G 1005 -27.17 -13.70 25.02
C ILE G 1005 -28.68 -13.59 24.82
N ARG G 1006 -29.11 -13.10 23.65
CA ARG G 1006 -30.54 -12.95 23.36
C ARG G 1006 -31.24 -14.30 23.26
N ALA G 1007 -30.54 -15.34 22.79
CA ALA G 1007 -31.09 -16.68 22.80
C ALA G 1007 -31.31 -17.18 24.22
N SER G 1008 -30.38 -16.87 25.13
CA SER G 1008 -30.58 -17.19 26.54
C SER G 1008 -31.62 -16.27 27.16
N ALA G 1009 -31.71 -15.03 26.69
CA ALA G 1009 -32.72 -14.10 27.21
C ALA G 1009 -34.12 -14.49 26.73
N ASN G 1010 -34.23 -14.99 25.50
CA ASN G 1010 -35.50 -15.54 25.03
C ASN G 1010 -35.85 -16.82 25.75
N LEU G 1011 -34.83 -17.62 26.13
CA LEU G 1011 -35.07 -18.79 26.95
C LEU G 1011 -35.51 -18.41 28.36
N ALA G 1012 -34.87 -17.38 28.94
CA ALA G 1012 -35.20 -16.96 30.30
C ALA G 1012 -36.59 -16.34 30.39
N ALA G 1013 -37.04 -15.68 29.32
CA ALA G 1013 -38.42 -15.21 29.27
C ALA G 1013 -39.40 -16.37 29.15
N THR G 1014 -39.00 -17.43 28.45
CA THR G 1014 -39.82 -18.64 28.36
C THR G 1014 -39.87 -19.40 29.68
N LYS G 1015 -38.74 -19.41 30.42
CA LYS G 1015 -38.70 -20.11 31.71
C LYS G 1015 -39.60 -19.44 32.74
N MET G 1016 -39.58 -18.10 32.82
CA MET G 1016 -40.39 -17.41 33.80
C MET G 1016 -41.87 -17.46 33.44
N SER G 1017 -42.19 -17.55 32.15
CA SER G 1017 -43.59 -17.67 31.74
C SER G 1017 -44.16 -19.06 32.00
N GLU G 1018 -43.31 -20.08 32.05
CA GLU G 1018 -43.78 -21.46 32.16
C GLU G 1018 -43.46 -22.14 33.48
N CYS G 1019 -42.33 -21.80 34.12
CA CYS G 1019 -41.97 -22.42 35.39
C CYS G 1019 -42.42 -21.60 36.59
N VAL G 1020 -42.36 -20.27 36.48
CA VAL G 1020 -42.76 -19.39 37.57
C VAL G 1020 -44.25 -19.07 37.52
N LEU G 1021 -44.75 -18.71 36.34
CA LEU G 1021 -46.13 -18.29 36.16
C LEU G 1021 -47.08 -19.44 35.90
N GLY G 1022 -46.65 -20.68 36.13
CA GLY G 1022 -47.51 -21.83 35.93
C GLY G 1022 -46.76 -23.11 36.20
N GLN G 1023 -47.46 -24.22 36.01
CA GLN G 1023 -46.88 -25.55 36.14
C GLN G 1023 -46.67 -26.13 34.74
N SER G 1024 -45.45 -26.59 34.48
CA SER G 1024 -45.07 -27.06 33.15
C SER G 1024 -45.18 -28.57 33.06
N LYS G 1025 -45.87 -29.04 32.03
CA LYS G 1025 -45.95 -30.48 31.76
C LYS G 1025 -44.68 -31.03 31.12
N ARG G 1026 -43.84 -30.16 30.57
CA ARG G 1026 -42.63 -30.59 29.89
C ARG G 1026 -41.61 -31.14 30.88
N VAL G 1027 -40.93 -32.20 30.49
CA VAL G 1027 -39.96 -32.90 31.33
C VAL G 1027 -38.60 -32.24 31.16
N ASP G 1028 -37.92 -32.00 32.29
CA ASP G 1028 -36.57 -31.42 32.35
C ASP G 1028 -36.51 -30.01 31.74
N PHE G 1029 -37.59 -29.25 31.88
CA PHE G 1029 -37.59 -27.84 31.51
C PHE G 1029 -37.58 -26.94 32.74
N CYS G 1030 -38.09 -27.40 33.87
CA CYS G 1030 -38.07 -26.68 35.13
C CYS G 1030 -37.42 -27.54 36.21
N GLY G 1031 -36.26 -28.09 35.92
CA GLY G 1031 -35.52 -28.91 36.84
C GLY G 1031 -35.70 -30.40 36.59
N LYS G 1032 -34.93 -31.19 37.33
CA LYS G 1032 -34.97 -32.64 37.21
C LYS G 1032 -36.02 -33.19 38.16
N GLY G 1033 -37.01 -33.88 37.62
CA GLY G 1033 -38.11 -34.43 38.39
C GLY G 1033 -39.42 -33.81 37.98
N TYR G 1034 -40.48 -34.19 38.72
CA TYR G 1034 -41.81 -33.65 38.47
C TYR G 1034 -41.88 -32.22 39.01
N HIS G 1035 -42.16 -31.27 38.13
CA HIS G 1035 -42.14 -29.87 38.48
C HIS G 1035 -43.38 -29.48 39.27
N LEU G 1036 -43.18 -28.79 40.39
CA LEU G 1036 -44.27 -28.24 41.18
C LEU G 1036 -44.36 -26.73 41.02
N MET G 1037 -43.29 -26.01 41.35
CA MET G 1037 -43.23 -24.56 41.22
C MET G 1037 -41.77 -24.15 41.15
N SER G 1038 -41.54 -22.87 40.89
CA SER G 1038 -40.20 -22.33 40.86
C SER G 1038 -40.23 -20.86 41.25
N PHE G 1039 -39.10 -20.36 41.72
CA PHE G 1039 -38.98 -19.00 42.22
C PHE G 1039 -37.85 -18.28 41.51
N PRO G 1040 -38.08 -17.06 41.03
CA PRO G 1040 -37.00 -16.30 40.39
C PRO G 1040 -36.11 -15.61 41.43
N GLN G 1041 -34.87 -15.38 41.04
CA GLN G 1041 -33.91 -14.65 41.85
C GLN G 1041 -33.12 -13.72 40.93
N SER G 1042 -33.10 -12.44 41.26
CA SER G 1042 -32.38 -11.47 40.44
C SER G 1042 -30.88 -11.62 40.63
N ALA G 1043 -30.15 -11.53 39.52
CA ALA G 1043 -28.70 -11.68 39.49
C ALA G 1043 -28.10 -10.58 38.64
N PRO G 1044 -26.83 -10.22 38.88
CA PRO G 1044 -26.17 -9.26 37.98
C PRO G 1044 -25.96 -9.81 36.58
N HIS G 1045 -26.65 -9.19 35.61
CA HIS G 1045 -26.67 -9.62 34.20
C HIS G 1045 -27.11 -11.07 34.04
N GLY G 1046 -28.14 -11.46 34.80
CA GLY G 1046 -28.63 -12.83 34.73
C GLY G 1046 -29.82 -13.01 35.63
N VAL G 1047 -30.35 -14.24 35.60
CA VAL G 1047 -31.49 -14.62 36.42
C VAL G 1047 -31.24 -16.02 36.98
N VAL G 1048 -31.61 -16.22 38.24
CA VAL G 1048 -31.42 -17.49 38.93
C VAL G 1048 -32.80 -18.07 39.25
N PHE G 1049 -33.03 -19.31 38.80
CA PHE G 1049 -34.30 -20.01 39.02
C PHE G 1049 -34.10 -21.07 40.09
N LEU G 1050 -35.00 -21.10 41.07
CA LEU G 1050 -35.00 -22.11 42.13
C LEU G 1050 -36.14 -23.08 41.85
N HIS G 1051 -35.84 -24.12 41.08
CA HIS G 1051 -36.85 -25.07 40.62
C HIS G 1051 -37.17 -26.07 41.73
N VAL G 1052 -38.37 -25.98 42.28
CA VAL G 1052 -38.83 -26.96 43.26
C VAL G 1052 -39.43 -28.14 42.52
N THR G 1053 -38.87 -29.33 42.74
CA THR G 1053 -39.25 -30.52 41.99
C THR G 1053 -39.73 -31.62 42.93
N TYR G 1054 -40.46 -32.57 42.36
CA TYR G 1054 -40.97 -33.73 43.07
C TYR G 1054 -40.18 -34.96 42.64
N VAL G 1055 -39.47 -35.58 43.57
CA VAL G 1055 -38.61 -36.72 43.29
C VAL G 1055 -39.05 -37.90 44.16
N PRO G 1056 -39.42 -39.04 43.58
CA PRO G 1056 -39.73 -40.22 44.39
C PRO G 1056 -38.49 -40.77 45.08
N ALA G 1057 -38.70 -41.37 46.26
CA ALA G 1057 -37.59 -41.78 47.11
C ALA G 1057 -37.51 -43.30 47.30
N GLN G 1058 -38.56 -43.94 47.81
CA GLN G 1058 -38.46 -45.32 48.29
C GLN G 1058 -39.51 -46.18 47.61
N GLU G 1059 -39.07 -47.10 46.77
CA GLU G 1059 -39.94 -48.07 46.10
C GLU G 1059 -39.54 -49.48 46.52
N LYS G 1060 -40.43 -50.44 46.26
CA LYS G 1060 -40.17 -51.83 46.63
C LYS G 1060 -40.90 -52.74 45.64
N ASN G 1061 -40.91 -54.04 45.94
CA ASN G 1061 -41.44 -55.04 45.02
C ASN G 1061 -42.95 -55.02 44.97
N PHE G 1062 -43.50 -55.26 43.78
CA PHE G 1062 -44.94 -55.38 43.59
C PHE G 1062 -45.22 -56.31 42.43
N THR G 1063 -46.42 -56.89 42.43
CA THR G 1063 -46.89 -57.75 41.36
C THR G 1063 -48.15 -57.14 40.75
N THR G 1064 -48.14 -56.96 39.43
CA THR G 1064 -49.21 -56.24 38.75
C THR G 1064 -49.88 -57.13 37.70
N ALA G 1065 -51.11 -56.75 37.36
CA ALA G 1065 -51.88 -57.39 36.30
C ALA G 1065 -52.59 -56.28 35.52
N PRO G 1066 -52.74 -56.45 34.20
CA PRO G 1066 -53.42 -55.41 33.40
C PRO G 1066 -54.89 -55.21 33.76
N ALA G 1067 -55.60 -56.27 34.13
CA ALA G 1067 -57.01 -56.18 34.47
C ALA G 1067 -57.37 -57.35 35.38
N ILE G 1068 -58.62 -57.34 35.86
CA ILE G 1068 -59.13 -58.38 36.74
C ILE G 1068 -60.46 -58.88 36.16
N CYS G 1069 -60.54 -60.18 35.91
CA CYS G 1069 -61.75 -60.78 35.39
C CYS G 1069 -62.78 -60.98 36.51
N HIS G 1070 -64.03 -61.15 36.11
CA HIS G 1070 -65.14 -61.25 37.04
C HIS G 1070 -66.19 -62.17 36.39
N ASP G 1071 -67.44 -62.10 36.85
CA ASP G 1071 -68.51 -62.95 36.33
C ASP G 1071 -68.90 -62.47 34.94
N GLY G 1072 -68.10 -62.89 33.94
CA GLY G 1072 -68.32 -62.49 32.57
C GLY G 1072 -67.88 -61.09 32.23
N LYS G 1073 -67.13 -60.43 33.11
CA LYS G 1073 -66.73 -59.04 32.92
C LYS G 1073 -65.24 -58.89 33.20
N ALA G 1074 -64.65 -57.87 32.56
CA ALA G 1074 -63.27 -57.50 32.79
C ALA G 1074 -63.24 -56.09 33.34
N HIS G 1075 -62.48 -55.89 34.42
CA HIS G 1075 -62.45 -54.62 35.14
C HIS G 1075 -61.09 -53.96 34.93
N PHE G 1076 -61.11 -52.72 34.44
CA PHE G 1076 -59.93 -51.89 34.23
C PHE G 1076 -59.96 -50.70 35.18
N PRO G 1077 -58.81 -50.31 35.74
CA PRO G 1077 -58.80 -49.15 36.64
C PRO G 1077 -59.01 -47.85 35.88
N ARG G 1078 -59.61 -46.88 36.57
CA ARG G 1078 -59.87 -45.57 35.96
C ARG G 1078 -58.61 -44.73 35.91
N GLU G 1079 -58.04 -44.41 37.08
CA GLU G 1079 -56.81 -43.63 37.16
C GLU G 1079 -55.77 -44.30 38.05
N GLY G 1080 -55.88 -45.62 38.23
CA GLY G 1080 -54.95 -46.32 39.10
C GLY G 1080 -54.27 -47.51 38.44
N VAL G 1081 -53.63 -48.34 39.24
CA VAL G 1081 -52.93 -49.53 38.77
C VAL G 1081 -53.20 -50.67 39.73
N PHE G 1082 -53.44 -51.86 39.19
CA PHE G 1082 -53.67 -53.04 40.01
C PHE G 1082 -52.34 -53.60 40.49
N VAL G 1083 -52.18 -53.71 41.82
CA VAL G 1083 -50.96 -54.23 42.42
C VAL G 1083 -51.32 -55.30 43.44
N SER G 1084 -50.35 -56.16 43.73
CA SER G 1084 -50.51 -57.23 44.70
C SER G 1084 -49.28 -57.28 45.60
N ASN G 1085 -49.50 -57.53 46.88
CA ASN G 1085 -48.42 -57.67 47.85
C ASN G 1085 -48.11 -59.13 48.16
N GLY G 1086 -48.65 -60.06 47.36
CA GLY G 1086 -48.37 -61.47 47.55
C GLY G 1086 -49.62 -62.31 47.69
N THR G 1087 -50.60 -61.81 48.44
CA THR G 1087 -51.85 -62.53 48.67
C THR G 1087 -53.07 -61.77 48.15
N HIS G 1088 -53.17 -60.48 48.46
CA HIS G 1088 -54.33 -59.69 48.09
C HIS G 1088 -53.99 -58.68 47.01
N TRP G 1089 -54.97 -58.36 46.17
CA TRP G 1089 -54.80 -57.38 45.10
C TRP G 1089 -55.41 -56.05 45.53
N PHE G 1090 -54.76 -54.96 45.12
CA PHE G 1090 -55.18 -53.62 45.49
C PHE G 1090 -54.99 -52.68 44.31
N VAL G 1091 -55.66 -51.53 44.39
CA VAL G 1091 -55.57 -50.48 43.38
C VAL G 1091 -55.02 -49.22 44.04
N THR G 1092 -54.06 -48.57 43.38
CA THR G 1092 -53.44 -47.38 43.91
C THR G 1092 -52.95 -46.51 42.77
N GLN G 1093 -52.62 -45.27 43.08
CA GLN G 1093 -52.05 -44.38 42.09
C GLN G 1093 -50.60 -44.76 41.79
N ARG G 1094 -50.07 -44.22 40.69
CA ARG G 1094 -48.76 -44.62 40.21
C ARG G 1094 -47.62 -43.83 40.85
N ASN G 1095 -47.85 -42.59 41.26
CA ASN G 1095 -46.79 -41.77 41.81
C ASN G 1095 -46.63 -41.91 43.32
N PHE G 1096 -47.54 -42.62 43.99
CA PHE G 1096 -47.47 -42.79 45.43
C PHE G 1096 -48.20 -44.09 45.79
N TYR G 1097 -47.75 -44.73 46.86
CA TYR G 1097 -48.36 -45.97 47.31
C TYR G 1097 -49.49 -45.64 48.29
N GLU G 1098 -50.73 -45.92 47.88
CA GLU G 1098 -51.90 -45.73 48.72
C GLU G 1098 -52.96 -46.72 48.28
N PRO G 1099 -52.89 -47.96 48.78
CA PRO G 1099 -53.80 -49.00 48.27
C PRO G 1099 -55.23 -48.83 48.73
N GLN G 1100 -56.15 -49.28 47.89
CA GLN G 1100 -57.58 -49.23 48.16
C GLN G 1100 -58.22 -50.54 47.74
N ILE G 1101 -59.43 -50.78 48.27
CA ILE G 1101 -60.19 -51.96 47.88
C ILE G 1101 -60.73 -51.76 46.47
N ILE G 1102 -60.53 -52.76 45.61
CA ILE G 1102 -60.98 -52.69 44.22
C ILE G 1102 -62.50 -52.82 44.20
N THR G 1103 -63.18 -51.71 43.94
CA THR G 1103 -64.64 -51.64 43.90
C THR G 1103 -65.09 -51.27 42.49
N THR G 1104 -66.41 -51.11 42.34
CA THR G 1104 -66.98 -50.70 41.07
C THR G 1104 -66.91 -49.19 40.84
N ASP G 1105 -66.60 -48.41 41.88
CA ASP G 1105 -66.52 -46.96 41.72
C ASP G 1105 -65.27 -46.55 40.97
N ASN G 1106 -64.14 -47.19 41.26
CA ASN G 1106 -62.86 -46.84 40.65
C ASN G 1106 -62.47 -47.79 39.52
N THR G 1107 -63.38 -48.64 39.07
CA THR G 1107 -63.15 -49.54 37.95
C THR G 1107 -64.30 -49.44 36.96
N PHE G 1108 -64.01 -49.68 35.69
CA PHE G 1108 -65.02 -49.69 34.64
C PHE G 1108 -64.95 -50.99 33.87
N VAL G 1109 -66.11 -51.46 33.44
CA VAL G 1109 -66.25 -52.77 32.79
C VAL G 1109 -66.16 -52.57 31.28
N SER G 1110 -65.25 -53.33 30.64
CA SER G 1110 -65.10 -53.30 29.19
C SER G 1110 -64.85 -54.72 28.70
N GLY G 1111 -65.93 -55.41 28.31
CA GLY G 1111 -65.82 -56.72 27.73
C GLY G 1111 -65.57 -57.83 28.74
N ASN G 1112 -65.36 -59.03 28.21
CA ASN G 1112 -65.09 -60.22 28.98
C ASN G 1112 -63.58 -60.42 29.15
N CYS G 1113 -63.19 -61.57 29.69
CA CYS G 1113 -61.82 -61.81 30.13
C CYS G 1113 -61.16 -62.97 29.40
N ASP G 1114 -61.34 -63.03 28.08
CA ASP G 1114 -60.63 -64.01 27.25
C ASP G 1114 -59.77 -63.36 26.18
N VAL G 1115 -59.73 -62.04 26.11
CA VAL G 1115 -58.94 -61.32 25.11
C VAL G 1115 -57.70 -60.68 25.74
N VAL G 1116 -57.83 -60.10 26.92
CA VAL G 1116 -56.73 -59.42 27.58
C VAL G 1116 -55.73 -60.45 28.08
N ILE G 1117 -54.47 -60.30 27.67
CA ILE G 1117 -53.43 -61.25 28.04
C ILE G 1117 -52.86 -60.85 29.39
N GLY G 1118 -52.82 -61.81 30.32
CA GLY G 1118 -52.30 -61.56 31.65
C GLY G 1118 -53.33 -61.18 32.68
N ILE G 1119 -54.62 -61.35 32.39
CA ILE G 1119 -55.67 -61.00 33.33
C ILE G 1119 -55.74 -62.05 34.43
N VAL G 1120 -56.00 -61.60 35.66
CA VAL G 1120 -56.05 -62.50 36.81
C VAL G 1120 -57.50 -62.57 37.31
N ASN G 1121 -57.71 -63.45 38.29
CA ASN G 1121 -59.02 -63.69 38.86
C ASN G 1121 -59.08 -63.12 40.27
N ASN G 1122 -59.99 -62.18 40.49
CA ASN G 1122 -60.24 -61.63 41.82
C ASN G 1122 -61.65 -61.08 41.86
N THR G 1123 -62.19 -61.00 43.07
CA THR G 1123 -63.52 -60.43 43.26
C THR G 1123 -63.45 -58.91 43.28
N VAL G 1124 -64.59 -58.29 42.96
CA VAL G 1124 -64.74 -56.84 43.01
C VAL G 1124 -65.86 -56.53 44.00
N TYR G 1125 -65.54 -55.76 45.03
CA TYR G 1125 -66.48 -55.51 46.11
C TYR G 1125 -67.51 -54.48 45.67
N ASP G 1126 -68.78 -54.87 45.67
CA ASP G 1126 -69.86 -53.95 45.36
C ASP G 1126 -70.21 -53.15 46.59
N PRO G 1127 -70.11 -51.82 46.57
CA PRO G 1127 -70.49 -51.01 47.74
C PRO G 1127 -71.98 -50.81 47.91
N LEU G 1128 -72.82 -51.41 47.05
CA LEU G 1128 -74.26 -51.31 47.15
C LEU G 1128 -74.92 -52.64 47.53
N GLN G 1129 -74.22 -53.76 47.37
CA GLN G 1129 -74.78 -55.07 47.73
C GLN G 1129 -75.10 -55.25 49.23
N PRO G 1130 -74.27 -54.84 50.21
CA PRO G 1130 -74.73 -54.97 51.60
C PRO G 1130 -75.92 -54.07 51.96
N GLU G 1131 -76.14 -52.98 51.22
CA GLU G 1131 -77.32 -52.17 51.46
C GLU G 1131 -78.59 -52.84 50.94
N LEU G 1132 -78.47 -53.69 49.93
CA LEU G 1132 -79.63 -54.41 49.42
C LEU G 1132 -80.06 -55.52 50.37
N ASP G 1133 -79.11 -56.16 51.05
CA ASP G 1133 -79.43 -57.27 51.95
C ASP G 1133 -79.95 -56.82 53.30
N SER G 1134 -79.93 -55.53 53.59
CA SER G 1134 -80.43 -55.02 54.86
C SER G 1134 -81.96 -55.01 54.88
N GLU H 1 55.35 12.78 -50.50
CA GLU H 1 54.84 11.41 -50.41
C GLU H 1 54.81 10.95 -48.95
N ILE H 2 55.99 10.74 -48.39
CA ILE H 2 56.15 10.35 -46.99
C ILE H 2 57.12 11.32 -46.34
N VAL H 3 56.71 11.92 -45.22
CA VAL H 3 57.48 12.96 -44.54
C VAL H 3 58.03 12.38 -43.25
N LEU H 4 59.34 12.48 -43.06
CA LEU H 4 60.00 12.10 -41.82
C LEU H 4 60.43 13.37 -41.10
N THR H 5 59.85 13.62 -39.93
CA THR H 5 60.24 14.74 -39.08
C THR H 5 61.11 14.22 -37.95
N GLN H 6 62.32 14.77 -37.84
CA GLN H 6 63.32 14.30 -36.88
C GLN H 6 63.66 15.43 -35.92
N SER H 7 62.86 15.56 -34.85
CA SER H 7 63.03 16.39 -33.66
C SER H 7 62.93 17.89 -33.93
N PRO H 8 62.61 18.71 -32.93
CA PRO H 8 62.72 20.16 -33.08
C PRO H 8 64.10 20.74 -32.86
N ALA H 9 65.14 19.88 -32.84
CA ALA H 9 66.56 20.25 -32.71
C ALA H 9 66.84 21.02 -31.42
N THR H 10 66.11 20.70 -30.35
CA THR H 10 66.34 21.30 -29.04
C THR H 10 66.81 20.27 -28.02
N LEU H 11 67.09 19.04 -28.45
CA LEU H 11 67.53 17.98 -27.55
C LEU H 11 69.04 17.91 -27.43
N SER H 12 69.78 18.82 -28.07
CA SER H 12 71.23 18.84 -27.95
C SER H 12 71.64 19.37 -26.58
N LEU H 13 71.68 18.49 -25.60
CA LEU H 13 71.94 18.88 -24.21
C LEU H 13 72.94 17.89 -23.62
N SER H 14 73.08 17.95 -22.29
CA SER H 14 73.93 17.02 -21.57
C SER H 14 73.40 15.59 -21.69
N PRO H 15 74.29 14.59 -21.76
CA PRO H 15 73.83 13.21 -21.93
C PRO H 15 73.17 12.59 -20.71
N GLY H 16 73.04 13.32 -19.60
CA GLY H 16 72.32 12.81 -18.45
C GLY H 16 70.82 12.77 -18.66
N GLU H 17 70.14 12.14 -17.70
CA GLU H 17 68.69 11.98 -17.59
C GLU H 17 68.08 11.15 -18.72
N ARG H 18 68.91 10.45 -19.50
CA ARG H 18 68.51 9.45 -20.50
C ARG H 18 67.58 10.04 -21.56
N ALA H 19 68.15 10.96 -22.34
CA ALA H 19 67.40 11.64 -23.39
C ALA H 19 67.05 10.67 -24.53
N THR H 20 65.85 10.83 -25.07
CA THR H 20 65.33 9.96 -26.11
C THR H 20 65.30 10.71 -27.45
N LEU H 21 64.78 10.05 -28.48
CA LEU H 21 64.67 10.61 -29.82
C LEU H 21 63.20 10.84 -30.17
N SER H 22 62.88 12.05 -30.59
CA SER H 22 61.51 12.39 -30.98
C SER H 22 61.36 12.38 -32.50
N CYS H 23 61.53 11.19 -33.09
CA CYS H 23 61.22 11.01 -34.50
C CYS H 23 59.71 10.82 -34.66
N ARG H 24 59.07 11.71 -35.41
CA ARG H 24 57.63 11.70 -35.59
C ARG H 24 57.29 11.62 -37.07
N ALA H 25 56.30 10.79 -37.39
CA ALA H 25 55.78 10.69 -38.76
C ALA H 25 54.31 10.27 -38.65
N SER H 26 53.42 11.26 -38.72
CA SER H 26 52.00 11.04 -38.47
C SER H 26 51.28 10.63 -39.76
N GLN H 27 51.54 9.40 -40.18
CA GLN H 27 50.89 8.82 -41.34
C GLN H 27 50.82 7.30 -41.15
N SER H 28 50.42 6.60 -42.20
CA SER H 28 50.20 5.15 -42.12
C SER H 28 51.53 4.39 -42.08
N PHE H 29 51.62 3.41 -41.19
CA PHE H 29 52.79 2.57 -41.09
C PHE H 29 52.37 1.17 -40.66
N HIS H 30 53.25 0.20 -40.90
CA HIS H 30 53.06 -1.18 -40.49
C HIS H 30 54.00 -1.58 -39.35
N ASN H 31 54.51 -0.59 -38.60
CA ASN H 31 55.46 -0.77 -37.50
C ASN H 31 56.72 -1.52 -37.94
N TYR H 32 57.22 -1.17 -39.13
CA TYR H 32 58.43 -1.77 -39.68
C TYR H 32 59.48 -0.65 -39.77
N LEU H 33 60.23 -0.47 -38.69
CA LEU H 33 61.20 0.60 -38.58
C LEU H 33 62.56 0.04 -38.18
N ALA H 34 63.61 0.67 -38.67
CA ALA H 34 64.98 0.33 -38.32
C ALA H 34 65.75 1.61 -38.00
N TRP H 35 66.74 1.49 -37.12
CA TRP H 35 67.51 2.63 -36.66
C TRP H 35 69.00 2.40 -36.87
N TYR H 36 69.72 3.49 -37.11
CA TYR H 36 71.12 3.45 -37.47
C TYR H 36 71.94 4.32 -36.52
N GLN H 37 73.17 3.87 -36.25
CA GLN H 37 74.14 4.60 -35.45
C GLN H 37 75.31 5.01 -36.33
N GLN H 38 75.58 6.31 -36.40
CA GLN H 38 76.71 6.81 -37.19
C GLN H 38 77.62 7.65 -36.31
N LYS H 39 78.91 7.36 -36.37
CA LYS H 39 79.99 8.23 -35.93
C LYS H 39 80.64 8.85 -37.17
N PRO H 40 81.12 10.09 -37.09
CA PRO H 40 81.86 10.67 -38.22
C PRO H 40 83.12 9.86 -38.55
N GLY H 41 83.29 9.61 -39.85
CA GLY H 41 84.36 8.73 -40.31
C GLY H 41 84.06 7.26 -40.22
N ARG H 42 82.83 6.87 -39.87
CA ARG H 42 82.47 5.47 -39.70
C ARG H 42 81.16 5.19 -40.44
N ALA H 43 81.12 4.05 -41.13
CA ALA H 43 79.91 3.63 -41.82
C ALA H 43 78.85 3.17 -40.81
N PRO H 44 77.59 3.57 -40.99
CA PRO H 44 76.56 3.20 -40.03
C PRO H 44 76.11 1.75 -40.16
N ARG H 45 75.52 1.24 -39.07
CA ARG H 45 75.04 -0.13 -39.01
C ARG H 45 73.66 -0.13 -38.37
N LEU H 46 72.99 -1.28 -38.44
CA LEU H 46 71.63 -1.42 -37.94
C LEU H 46 71.61 -1.52 -36.42
N LEU H 47 70.43 -1.24 -35.85
CA LEU H 47 70.18 -1.40 -34.42
C LEU H 47 69.11 -2.42 -34.14
N ILE H 48 67.93 -2.28 -34.75
CA ILE H 48 66.82 -3.18 -34.55
C ILE H 48 66.53 -3.88 -35.87
N PHE H 49 66.01 -5.11 -35.78
CA PHE H 49 65.81 -5.92 -36.98
C PHE H 49 64.37 -6.01 -37.45
N ASP H 50 63.38 -6.03 -36.54
CA ASP H 50 62.00 -5.86 -36.97
C ASP H 50 61.36 -4.60 -36.37
N ALA H 51 61.21 -4.55 -35.04
CA ALA H 51 60.62 -3.42 -34.32
C ALA H 51 60.87 -3.58 -32.84
N SER H 52 61.50 -2.58 -32.20
CA SER H 52 61.73 -2.49 -30.75
C SER H 52 62.49 -3.69 -30.20
N ASN H 53 63.36 -4.29 -31.00
CA ASN H 53 64.01 -5.55 -30.64
C ASN H 53 65.47 -5.58 -31.09
N ARG H 54 66.36 -5.83 -30.15
CA ARG H 54 67.79 -5.76 -30.43
C ARG H 54 68.24 -6.98 -31.23
N ALA H 55 69.05 -6.73 -32.25
CA ALA H 55 69.58 -7.79 -33.09
C ALA H 55 70.83 -8.40 -32.44
N THR H 56 71.45 -9.33 -33.16
CA THR H 56 72.66 -9.98 -32.66
C THR H 56 73.85 -9.03 -32.77
N GLY H 57 74.65 -8.98 -31.71
CA GLY H 57 75.82 -8.12 -31.67
C GLY H 57 75.64 -6.85 -30.88
N ILE H 58 74.45 -6.58 -30.35
CA ILE H 58 74.20 -5.39 -29.54
C ILE H 58 73.51 -5.83 -28.24
N PRO H 59 73.86 -5.23 -27.09
CA PRO H 59 73.13 -5.55 -25.86
C PRO H 59 71.81 -4.81 -25.75
N ALA H 60 71.20 -4.88 -24.57
CA ALA H 60 69.88 -4.30 -24.32
C ALA H 60 69.92 -2.84 -23.92
N ARG H 61 70.97 -2.10 -24.29
CA ARG H 61 71.04 -0.67 -23.99
C ARG H 61 70.02 0.12 -24.79
N PHE H 62 69.62 -0.37 -25.96
CA PHE H 62 68.62 0.27 -26.80
C PHE H 62 67.37 -0.61 -26.84
N SER H 63 66.23 -0.02 -26.53
CA SER H 63 64.95 -0.73 -26.55
C SER H 63 63.89 0.23 -27.07
N GLY H 64 63.36 -0.07 -28.26
CA GLY H 64 62.39 0.81 -28.89
C GLY H 64 61.02 0.73 -28.25
N SER H 65 60.19 1.72 -28.58
CA SER H 65 58.83 1.79 -28.09
C SER H 65 58.01 2.67 -29.03
N GLY H 66 56.80 2.23 -29.34
CA GLY H 66 55.91 3.01 -30.19
C GLY H 66 55.49 2.29 -31.45
N SER H 67 54.34 2.67 -32.01
CA SER H 67 53.82 2.05 -33.21
C SER H 67 52.88 3.02 -33.91
N GLY H 68 52.63 2.75 -35.18
CA GLY H 68 51.65 3.51 -35.94
C GLY H 68 52.16 4.84 -36.46
N THR H 69 52.30 5.81 -35.55
CA THR H 69 52.71 7.16 -35.93
C THR H 69 53.91 7.70 -35.15
N ASP H 70 54.23 7.13 -33.99
CA ASP H 70 55.33 7.63 -33.17
C ASP H 70 56.22 6.47 -32.75
N PHE H 71 57.50 6.77 -32.53
CA PHE H 71 58.46 5.75 -32.13
C PHE H 71 59.59 6.41 -31.36
N THR H 72 60.06 5.77 -30.30
CA THR H 72 61.08 6.33 -29.43
C THR H 72 61.92 5.19 -28.85
N LEU H 73 62.72 5.51 -27.82
CA LEU H 73 63.56 4.51 -27.18
C LEU H 73 63.78 4.91 -25.73
N THR H 74 64.35 3.98 -24.96
CA THR H 74 64.87 4.26 -23.63
C THR H 74 66.30 3.73 -23.56
N ILE H 75 67.26 4.63 -23.41
CA ILE H 75 68.66 4.23 -23.26
C ILE H 75 68.91 3.84 -21.81
N SER H 76 69.75 2.82 -21.61
CA SER H 76 69.95 2.22 -20.30
C SER H 76 71.14 2.80 -19.54
N SER H 77 72.31 2.85 -20.17
CA SER H 77 73.54 3.24 -19.48
C SER H 77 74.31 4.25 -20.30
N LEU H 78 74.98 5.17 -19.61
CA LEU H 78 75.87 6.12 -20.25
C LEU H 78 77.13 5.41 -20.71
N GLU H 79 77.71 5.91 -21.80
CA GLU H 79 78.78 5.21 -22.49
C GLU H 79 79.53 6.23 -23.35
N PRO H 80 80.82 6.01 -23.62
CA PRO H 80 81.51 6.82 -24.64
C PRO H 80 80.91 6.70 -26.04
N GLU H 81 80.25 5.58 -26.35
CA GLU H 81 79.56 5.45 -27.63
C GLU H 81 78.23 6.22 -27.69
N ASP H 82 77.77 6.76 -26.57
CA ASP H 82 76.54 7.56 -26.57
C ASP H 82 76.74 8.92 -27.22
N PHE H 83 77.98 9.40 -27.32
CA PHE H 83 78.27 10.67 -27.97
C PHE H 83 78.42 10.45 -29.47
N ALA H 84 77.29 10.20 -30.13
CA ALA H 84 77.26 9.93 -31.56
C ALA H 84 75.90 10.36 -32.11
N VAL H 85 75.68 10.05 -33.39
CA VAL H 85 74.52 10.52 -34.12
C VAL H 85 73.63 9.33 -34.47
N TYR H 86 72.35 9.42 -34.10
CA TYR H 86 71.35 8.41 -34.40
C TYR H 86 70.55 8.79 -35.64
N TYR H 87 70.12 7.77 -36.39
CA TYR H 87 69.31 7.95 -37.58
C TYR H 87 67.98 7.21 -37.44
N CYS H 88 66.95 7.76 -38.07
CA CYS H 88 65.61 7.17 -38.11
C CYS H 88 65.29 6.77 -39.54
N GLN H 89 64.92 5.50 -39.73
CA GLN H 89 64.73 4.94 -41.05
C GLN H 89 63.45 4.11 -41.09
N GLN H 90 62.75 4.17 -42.23
CA GLN H 90 61.54 3.39 -42.46
C GLN H 90 61.75 2.50 -43.68
N ARG H 91 61.01 1.39 -43.72
CA ARG H 91 61.29 0.32 -44.67
C ARG H 91 60.30 0.23 -45.83
N PHE H 92 59.04 0.60 -45.63
CA PHE H 92 58.06 0.57 -46.71
C PHE H 92 58.16 1.86 -47.52
N ASN H 93 57.18 2.08 -48.41
CA ASN H 93 57.08 3.27 -49.27
C ASN H 93 58.33 3.42 -50.14
N TRP H 94 58.46 2.49 -51.08
CA TRP H 94 59.64 2.15 -51.88
C TRP H 94 60.42 3.28 -52.55
N PRO H 95 59.83 4.46 -52.82
CA PRO H 95 60.69 5.66 -53.01
C PRO H 95 61.70 5.88 -51.89
N LEU H 96 61.34 5.60 -50.63
CA LEU H 96 62.27 5.31 -49.53
C LEU H 96 63.12 6.53 -49.15
N THR H 97 62.46 7.65 -48.87
CA THR H 97 63.15 8.76 -48.24
C THR H 97 63.43 8.44 -46.78
N PHE H 98 64.56 8.91 -46.27
CA PHE H 98 65.04 8.54 -44.95
C PHE H 98 65.07 9.76 -44.04
N GLY H 99 65.57 9.55 -42.83
CA GLY H 99 65.66 10.61 -41.85
C GLY H 99 66.92 11.44 -42.02
N GLY H 100 67.12 12.35 -41.07
CA GLY H 100 68.25 13.25 -41.10
C GLY H 100 69.13 13.19 -39.88
N GLY H 101 68.57 12.75 -38.75
CA GLY H 101 69.32 12.69 -37.50
C GLY H 101 69.38 14.04 -36.80
N THR H 102 70.16 14.06 -35.72
CA THR H 102 70.29 15.26 -34.92
C THR H 102 71.65 15.28 -34.22
N LYS H 103 72.02 16.45 -33.73
CA LYS H 103 73.28 16.67 -33.05
C LYS H 103 73.08 16.65 -31.54
N VAL H 104 74.18 16.38 -30.82
CA VAL H 104 74.20 16.41 -29.36
C VAL H 104 75.30 17.38 -28.95
N GLU H 105 74.94 18.39 -28.16
CA GLU H 105 75.87 19.39 -27.66
C GLU H 105 76.08 19.13 -26.17
N ILE H 106 77.30 18.73 -25.80
CA ILE H 106 77.56 18.26 -24.44
C ILE H 106 77.65 19.45 -23.49
N LYS H 107 76.87 19.41 -22.42
CA LYS H 107 76.98 20.37 -21.33
C LYS H 107 77.18 19.65 -20.00
N GLU I 1 76.22 -13.93 -46.66
CA GLU I 1 77.63 -13.56 -46.63
C GLU I 1 77.91 -12.58 -45.51
N VAL I 2 79.06 -12.76 -44.84
CA VAL I 2 79.43 -11.88 -43.73
C VAL I 2 80.26 -10.69 -44.21
N GLN I 3 80.88 -10.77 -45.39
CA GLN I 3 81.74 -9.72 -45.91
C GLN I 3 81.21 -9.22 -47.24
N LEU I 4 81.84 -8.16 -47.74
CA LEU I 4 81.51 -7.61 -49.05
C LEU I 4 82.76 -6.95 -49.61
N LEU I 5 82.88 -7.01 -50.94
CA LEU I 5 84.04 -6.44 -51.61
C LEU I 5 83.92 -4.92 -51.63
N GLU I 6 85.01 -4.24 -51.26
CA GLU I 6 85.03 -2.79 -51.18
C GLU I 6 85.07 -2.19 -52.58
N SER I 7 84.21 -1.19 -52.81
CA SER I 7 84.12 -0.55 -54.12
C SER I 7 85.25 0.47 -54.30
N GLY I 8 85.16 1.24 -55.38
CA GLY I 8 86.11 2.30 -55.64
C GLY I 8 85.44 3.65 -55.81
N GLY I 9 86.24 4.68 -56.08
CA GLY I 9 85.73 6.02 -56.25
C GLY I 9 86.17 6.63 -57.56
N GLY I 10 85.74 7.87 -57.79
CA GLY I 10 86.10 8.57 -59.00
C GLY I 10 86.14 10.06 -58.77
N LEU I 11 86.90 10.74 -59.63
CA LEU I 11 87.00 12.20 -59.58
C LEU I 11 86.58 12.81 -60.91
N VAL I 12 85.44 12.34 -61.44
CA VAL I 12 84.97 12.76 -62.75
C VAL I 12 84.45 14.19 -62.70
N GLN I 13 84.85 15.00 -63.70
CA GLN I 13 84.36 16.35 -63.85
C GLN I 13 82.85 16.36 -64.15
N PRO I 14 82.16 17.45 -63.82
CA PRO I 14 80.72 17.54 -64.14
C PRO I 14 80.45 17.49 -65.63
N GLY I 15 79.31 16.89 -65.98
CA GLY I 15 78.97 16.63 -67.36
C GLY I 15 79.43 15.28 -67.88
N GLY I 16 80.16 14.51 -67.09
CA GLY I 16 80.67 13.21 -67.48
C GLY I 16 79.82 12.07 -66.93
N SER I 17 80.47 10.92 -66.74
CA SER I 17 79.79 9.73 -66.26
C SER I 17 80.69 9.01 -65.27
N LEU I 18 80.08 8.19 -64.43
CA LEU I 18 80.78 7.39 -63.43
C LEU I 18 80.53 5.91 -63.68
N ARG I 19 81.59 5.10 -63.56
CA ARG I 19 81.53 3.66 -63.80
C ARG I 19 82.37 2.97 -62.72
N LEU I 20 81.72 2.58 -61.64
CA LEU I 20 82.34 1.78 -60.58
C LEU I 20 81.45 0.58 -60.30
N SER I 21 81.92 -0.32 -59.43
CA SER I 21 81.19 -1.54 -59.13
C SER I 21 81.51 -2.01 -57.72
N CYS I 22 80.59 -2.79 -57.16
CA CYS I 22 80.73 -3.38 -55.83
C CYS I 22 80.11 -4.77 -55.89
N VAL I 23 80.92 -5.77 -56.24
CA VAL I 23 80.44 -7.11 -56.56
C VAL I 23 81.13 -8.12 -55.66
N ALA I 24 80.33 -8.94 -54.96
CA ALA I 24 80.81 -10.07 -54.20
C ALA I 24 80.74 -11.34 -55.04
N SER I 25 81.47 -12.36 -54.60
CA SER I 25 81.56 -13.62 -55.32
C SER I 25 81.15 -14.78 -54.41
N GLY I 26 80.53 -15.78 -55.01
CA GLY I 26 80.08 -16.94 -54.26
C GLY I 26 78.90 -16.68 -53.35
N PHE I 27 78.08 -15.68 -53.68
CA PHE I 27 76.97 -15.27 -52.83
C PHE I 27 75.66 -15.37 -53.59
N THR I 28 74.62 -15.85 -52.91
CA THR I 28 73.31 -16.02 -53.53
C THR I 28 72.65 -14.66 -53.73
N PHE I 29 72.39 -14.30 -54.99
CA PHE I 29 71.79 -13.01 -55.30
C PHE I 29 70.29 -12.99 -55.06
N SER I 30 69.64 -14.16 -54.98
CA SER I 30 68.19 -14.20 -54.76
C SER I 30 67.83 -13.73 -53.36
N SER I 31 68.58 -14.17 -52.35
CA SER I 31 68.43 -13.65 -51.01
C SER I 31 69.26 -12.39 -50.84
N TYR I 32 68.88 -11.57 -49.85
CA TYR I 32 69.55 -10.31 -49.48
C TYR I 32 69.59 -9.34 -50.66
N VAL I 33 68.38 -8.87 -51.01
CA VAL I 33 68.18 -7.97 -52.14
C VAL I 33 68.98 -6.68 -51.94
N MET I 34 69.71 -6.28 -52.98
CA MET I 34 70.62 -5.15 -52.92
C MET I 34 69.89 -3.82 -52.78
N SER I 35 70.60 -2.81 -52.29
CA SER I 35 70.09 -1.46 -52.18
C SER I 35 71.26 -0.49 -52.20
N TRP I 36 71.06 0.67 -52.82
CA TRP I 36 72.07 1.72 -52.91
C TRP I 36 71.53 2.99 -52.27
N VAL I 37 72.35 3.63 -51.44
CA VAL I 37 71.96 4.82 -50.69
C VAL I 37 73.12 5.80 -50.71
N ARG I 38 72.80 7.09 -50.67
CA ARG I 38 73.80 8.16 -50.70
C ARG I 38 73.99 8.72 -49.30
N GLN I 39 75.24 8.73 -48.83
CA GLN I 39 75.59 9.35 -47.55
C GLN I 39 75.96 10.80 -47.85
N ALA I 40 74.97 11.68 -47.79
CA ALA I 40 75.21 13.09 -48.08
C ALA I 40 75.80 13.78 -46.85
N PRO I 41 76.92 14.47 -46.99
CA PRO I 41 77.44 15.28 -45.87
C PRO I 41 76.61 16.54 -45.67
N GLY I 42 75.55 16.44 -44.86
CA GLY I 42 74.49 17.42 -44.91
C GLY I 42 73.10 16.85 -44.75
N LYS I 43 72.28 16.92 -45.81
CA LYS I 43 70.83 16.73 -45.71
C LYS I 43 70.45 15.35 -45.22
N GLY I 44 71.12 14.30 -45.71
CA GLY I 44 70.84 12.98 -45.17
C GLY I 44 71.05 11.81 -46.11
N LEU I 45 70.04 10.94 -46.22
CA LEU I 45 70.14 9.70 -46.98
C LEU I 45 68.93 9.57 -47.90
N GLU I 46 69.15 8.96 -49.06
CA GLU I 46 68.06 8.62 -49.96
C GLU I 46 68.44 7.38 -50.77
N TRP I 47 67.47 6.49 -50.94
CA TRP I 47 67.70 5.24 -51.65
C TRP I 47 67.78 5.48 -53.15
N VAL I 48 68.64 4.71 -53.82
CA VAL I 48 68.91 4.88 -55.25
C VAL I 48 68.20 3.81 -56.08
N ALA I 49 68.58 2.54 -55.89
CA ALA I 49 68.12 1.48 -56.78
C ALA I 49 67.95 0.18 -56.02
N ALA I 50 67.05 -0.67 -56.53
CA ALA I 50 66.81 -2.00 -55.99
C ALA I 50 66.25 -2.87 -57.10
N ILE I 51 66.94 -3.96 -57.41
CA ILE I 51 66.53 -4.86 -58.48
C ILE I 51 66.12 -6.20 -57.85
N SER I 52 65.35 -6.98 -58.61
CA SER I 52 64.89 -8.28 -58.14
C SER I 52 66.05 -9.25 -57.98
N GLY I 53 65.94 -10.12 -56.97
CA GLY I 53 67.02 -11.05 -56.67
C GLY I 53 67.14 -12.18 -57.67
N SER I 54 66.05 -12.53 -58.34
CA SER I 54 66.07 -13.55 -59.38
C SER I 54 66.18 -12.96 -60.78
N GLY I 55 66.27 -11.64 -60.89
CA GLY I 55 66.28 -10.99 -62.19
C GLY I 55 64.90 -10.55 -62.60
N GLY I 56 64.65 -9.24 -62.64
CA GLY I 56 63.32 -8.76 -62.92
C GLY I 56 63.12 -7.27 -62.71
N ASN I 57 62.09 -6.94 -61.94
CA ASN I 57 61.66 -5.55 -61.80
C ASN I 57 62.66 -4.72 -60.99
N THR I 58 62.84 -3.48 -61.40
CA THR I 58 63.62 -2.49 -60.66
C THR I 58 62.80 -1.20 -60.57
N TYR I 59 63.13 -0.39 -59.58
CA TYR I 59 62.38 0.82 -59.28
C TYR I 59 63.28 2.04 -59.35
N TYR I 60 62.80 3.11 -59.96
CA TYR I 60 63.49 4.39 -59.99
C TYR I 60 63.07 5.23 -58.79
N ALA I 61 63.95 6.14 -58.40
CA ALA I 61 63.69 6.99 -57.25
C ALA I 61 62.73 8.12 -57.63
N ASP I 62 62.30 8.89 -56.62
CA ASP I 62 61.43 10.03 -56.86
C ASP I 62 62.18 11.16 -57.57
N SER I 63 63.43 11.37 -57.22
CA SER I 63 64.28 12.38 -57.85
C SER I 63 65.04 11.84 -59.05
N VAL I 64 64.87 10.55 -59.38
CA VAL I 64 65.57 9.92 -60.49
C VAL I 64 64.53 9.45 -61.48
N LYS I 65 64.32 10.24 -62.53
CA LYS I 65 63.46 9.85 -63.65
C LYS I 65 64.28 9.23 -64.78
N GLY I 66 65.06 8.21 -64.46
CA GLY I 66 65.96 7.62 -65.43
C GLY I 66 67.28 8.33 -65.62
N ARG I 67 67.58 9.32 -64.78
CA ARG I 67 68.86 10.02 -64.88
C ARG I 67 70.01 9.12 -64.43
N PHE I 68 69.84 8.44 -63.30
CA PHE I 68 70.80 7.42 -62.87
C PHE I 68 70.41 6.14 -63.59
N THR I 69 71.17 5.78 -64.62
CA THR I 69 70.81 4.66 -65.48
C THR I 69 71.04 3.34 -64.77
N ILE I 70 70.04 2.46 -64.82
CA ILE I 70 70.12 1.16 -64.17
C ILE I 70 70.12 0.07 -65.22
N SER I 71 71.31 -0.39 -65.60
CA SER I 71 71.50 -1.46 -66.58
C SER I 71 72.25 -2.59 -65.88
N ARG I 72 71.51 -3.49 -65.25
CA ARG I 72 72.08 -4.55 -64.44
C ARG I 72 71.67 -5.90 -65.02
N ASP I 73 72.57 -6.88 -64.92
CA ASP I 73 72.39 -8.20 -65.50
C ASP I 73 72.42 -9.26 -64.41
N ASN I 74 71.59 -10.29 -64.58
CA ASN I 74 71.44 -11.34 -63.58
C ASN I 74 72.28 -12.58 -63.86
N SER I 75 72.78 -12.76 -65.08
CA SER I 75 73.58 -13.94 -65.40
C SER I 75 74.93 -13.90 -64.67
N LYS I 76 75.57 -12.74 -64.62
CA LYS I 76 76.78 -12.56 -63.83
C LYS I 76 76.50 -11.93 -62.47
N ASN I 77 75.23 -11.62 -62.18
CA ASN I 77 74.79 -10.90 -60.98
C ASN I 77 75.55 -9.57 -60.83
N THR I 78 75.37 -8.73 -61.83
CA THR I 78 76.15 -7.50 -61.93
C THR I 78 75.63 -6.45 -60.95
N LEU I 79 76.55 -5.85 -60.20
CA LEU I 79 76.27 -4.72 -59.32
C LEU I 79 77.12 -3.56 -59.81
N TYR I 80 76.48 -2.56 -60.42
CA TYR I 80 77.23 -1.52 -61.10
C TYR I 80 76.70 -0.13 -60.80
N LEU I 81 77.17 0.86 -61.54
CA LEU I 81 76.76 2.25 -61.36
C LEU I 81 77.07 3.01 -62.65
N GLN I 82 76.06 3.70 -63.19
CA GLN I 82 76.22 4.49 -64.40
C GLN I 82 75.20 5.60 -64.42
N MET I 83 75.63 6.79 -64.84
CA MET I 83 74.76 7.95 -64.89
C MET I 83 75.24 8.87 -66.02
N ASN I 84 74.65 10.06 -66.08
CA ASN I 84 75.00 11.04 -67.11
C ASN I 84 74.71 12.43 -66.58
N SER I 85 75.43 13.42 -67.16
CA SER I 85 75.29 14.85 -66.86
C SER I 85 75.52 15.12 -65.37
N LEU I 86 76.78 14.91 -64.97
CA LEU I 86 77.16 14.96 -63.57
C LEU I 86 77.00 16.37 -63.00
N ARG I 87 76.48 16.43 -61.77
CA ARG I 87 76.06 17.67 -61.14
C ARG I 87 76.73 17.81 -59.79
N ALA I 88 76.55 18.98 -59.16
CA ALA I 88 77.10 19.25 -57.84
C ALA I 88 76.32 18.55 -56.72
N GLU I 89 75.15 17.99 -57.03
CA GLU I 89 74.40 17.22 -56.04
C GLU I 89 75.07 15.89 -55.70
N ASP I 90 75.96 15.40 -56.56
CA ASP I 90 76.62 14.11 -56.39
C ASP I 90 77.79 14.15 -55.41
N THR I 91 77.95 15.22 -54.63
CA THR I 91 79.03 15.30 -53.65
C THR I 91 78.58 14.55 -52.39
N ALA I 92 78.68 13.23 -52.45
CA ALA I 92 78.25 12.37 -51.34
C ALA I 92 79.06 11.08 -51.40
N VAL I 93 78.64 10.09 -50.61
CA VAL I 93 79.33 8.81 -50.50
C VAL I 93 78.39 7.72 -51.00
N TYR I 94 78.89 6.90 -51.92
CA TYR I 94 78.12 5.79 -52.46
C TYR I 94 78.23 4.57 -51.56
N TYR I 95 77.11 3.92 -51.29
CA TYR I 95 77.04 2.76 -50.40
C TYR I 95 76.41 1.60 -51.14
N CYS I 96 77.10 0.46 -51.16
CA CYS I 96 76.52 -0.79 -51.65
C CYS I 96 76.15 -1.64 -50.43
N ALA I 97 74.89 -2.04 -50.36
CA ALA I 97 74.38 -2.76 -49.20
C ALA I 97 73.21 -3.64 -49.63
N LYS I 98 72.68 -4.40 -48.67
CA LYS I 98 71.56 -5.30 -48.94
C LYS I 98 70.76 -5.48 -47.67
N GLU I 99 69.44 -5.63 -47.84
CA GLU I 99 68.52 -5.86 -46.74
C GLU I 99 68.38 -7.36 -46.52
N GLY I 100 67.35 -7.78 -45.78
CA GLY I 100 67.13 -9.18 -45.49
C GLY I 100 66.67 -9.99 -46.70
N THR I 101 66.47 -11.29 -46.47
CA THR I 101 66.16 -12.21 -47.55
C THR I 101 64.75 -12.03 -48.11
N TYR I 102 63.86 -11.38 -47.37
CA TYR I 102 62.55 -11.07 -47.90
C TYR I 102 62.60 -9.78 -48.71
N TYR I 103 61.55 -9.56 -49.50
CA TYR I 103 61.48 -8.35 -50.31
C TYR I 103 61.26 -7.11 -49.45
N TYR I 104 60.42 -7.22 -48.42
CA TYR I 104 60.25 -6.12 -47.49
C TYR I 104 61.45 -6.03 -46.55
N GLY I 105 61.57 -4.89 -45.88
CA GLY I 105 62.74 -4.64 -45.05
C GLY I 105 62.70 -5.43 -43.75
N SER I 106 63.83 -6.06 -43.43
CA SER I 106 63.96 -6.80 -42.18
C SER I 106 65.34 -6.61 -41.56
N GLY I 107 66.07 -5.56 -41.93
CA GLY I 107 67.40 -5.33 -41.41
C GLY I 107 68.45 -5.34 -42.49
N SER I 108 69.19 -4.25 -42.64
CA SER I 108 70.18 -4.09 -43.69
C SER I 108 71.52 -3.75 -43.07
N PHE I 109 72.54 -4.57 -43.36
CA PHE I 109 73.91 -4.27 -42.97
C PHE I 109 74.62 -3.61 -44.14
N TRP I 110 75.38 -2.57 -43.83
CA TRP I 110 75.94 -1.69 -44.85
C TRP I 110 77.46 -1.90 -44.97
N GLY I 111 78.00 -1.41 -46.08
CA GLY I 111 79.43 -1.47 -46.32
C GLY I 111 80.13 -0.15 -46.00
N GLN I 112 81.45 -0.17 -46.16
CA GLN I 112 82.25 1.02 -45.85
C GLN I 112 82.06 2.09 -46.91
N GLY I 113 81.98 1.71 -48.18
CA GLY I 113 81.69 2.64 -49.24
C GLY I 113 82.87 3.53 -49.61
N THR I 114 82.70 4.26 -50.70
CA THR I 114 83.70 5.21 -51.19
C THR I 114 83.02 6.55 -51.48
N LEU I 115 83.72 7.63 -51.18
CA LEU I 115 83.20 8.96 -51.45
C LEU I 115 83.55 9.39 -52.86
N VAL I 116 82.69 10.21 -53.44
CA VAL I 116 82.89 10.78 -54.77
C VAL I 116 82.78 12.30 -54.65
N THR I 117 83.69 13.01 -55.34
CA THR I 117 83.86 14.44 -55.18
C THR I 117 83.57 15.16 -56.49
N VAL I 118 82.76 16.21 -56.42
CA VAL I 118 82.40 17.02 -57.58
C VAL I 118 83.17 18.33 -57.51
N SER I 119 83.89 18.65 -58.59
CA SER I 119 84.64 19.89 -58.68
C SER I 119 84.73 20.33 -60.14
N SER I 120 84.29 21.55 -60.41
CA SER I 120 84.31 22.08 -61.78
C SER I 120 85.44 23.06 -61.96
C1 NAG J . -75.41 -19.05 51.12
C2 NAG J . -76.42 -18.08 51.72
C3 NAG J . -77.67 -18.83 52.17
C4 NAG J . -78.25 -19.66 51.03
C5 NAG J . -77.16 -20.56 50.43
C6 NAG J . -77.63 -21.31 49.19
C7 NAG J . -75.50 -16.05 52.75
C8 NAG J . -74.92 -15.44 53.99
N2 NAG J . -75.84 -17.34 52.83
O3 NAG J . -78.65 -17.89 52.63
O4 NAG J . -79.31 -20.47 51.52
O5 NAG J . -76.02 -19.78 50.04
O6 NAG J . -78.28 -20.44 48.28
O7 NAG J . -75.66 -15.40 51.72
C1 NAG J . -80.59 -20.05 50.97
C2 NAG J . -81.70 -20.77 51.76
C3 NAG J . -83.08 -20.35 51.23
C4 NAG J . -83.21 -18.83 51.25
C5 NAG J . -82.06 -18.19 50.49
C6 NAG J . -82.06 -16.67 50.57
C7 NAG J . -81.52 -23.01 52.75
C8 NAG J . -81.36 -24.48 52.47
N2 NAG J . -81.54 -22.22 51.67
O3 NAG J . -84.09 -20.94 52.04
O4 NAG J . -84.44 -18.44 50.65
O5 NAG J . -80.80 -18.62 51.03
O6 NAG J . -81.99 -16.09 49.28
O7 NAG J . -81.64 -22.57 53.88
C1 NAG K . -70.76 -11.40 32.85
C2 NAG K . -72.16 -11.02 33.34
C3 NAG K . -73.06 -10.67 32.16
C4 NAG K . -72.42 -9.60 31.28
C5 NAG K . -71.03 -10.05 30.85
C6 NAG K . -70.27 -9.01 30.07
C7 NAG K . -72.78 -12.06 35.48
C8 NAG K . -73.43 -13.24 36.13
N2 NAG K . -72.75 -12.09 34.14
O3 NAG K . -74.32 -10.22 32.66
O4 NAG K . -73.22 -9.37 30.13
O5 NAG K . -70.24 -10.35 32.02
O6 NAG K . -68.86 -9.19 30.18
O7 NAG K . -72.32 -11.12 36.12
C1 NAG K . -73.83 -8.06 30.20
C2 NAG K . -74.27 -7.65 28.79
C3 NAG K . -74.96 -6.28 28.83
C4 NAG K . -76.10 -6.28 29.85
C5 NAG K . -75.59 -6.75 31.21
C6 NAG K . -76.68 -6.88 32.25
C7 NAG K . -73.13 -8.31 26.72
C8 NAG K . -71.90 -8.17 25.88
N2 NAG K . -73.15 -7.62 27.87
O3 NAG K . -75.48 -5.97 27.54
O4 NAG K . -76.64 -4.98 29.98
O5 NAG K . -74.96 -8.03 31.10
O6 NAG K . -77.58 -5.78 32.20
O7 NAG K . -74.08 -9.01 26.37
C1 NAG L . -66.25 -31.76 64.78
C2 NAG L . -65.42 -30.95 65.77
C3 NAG L . -64.70 -31.87 66.74
C4 NAG L . -65.67 -32.82 67.42
C5 NAG L . -66.49 -33.58 66.37
C6 NAG L . -67.57 -34.45 66.95
C7 NAG L . -64.58 -28.75 65.05
C8 NAG L . -63.52 -28.03 64.29
N2 NAG L . -64.48 -30.08 65.07
O3 NAG L . -64.00 -31.09 67.71
O4 NAG L . -64.97 -33.76 68.23
O5 NAG L . -67.15 -32.64 65.50
O6 NAG L . -68.83 -34.22 66.33
O7 NAG L . -65.49 -28.16 65.63
C1 NAG L . -65.21 -33.49 69.63
C2 NAG L . -65.13 -34.79 70.42
C3 NAG L . -65.32 -34.52 71.91
C4 NAG L . -64.34 -33.46 72.40
C5 NAG L . -64.45 -32.20 71.54
C6 NAG L . -63.42 -31.16 71.89
C7 NAG L . -65.78 -36.83 69.22
C8 NAG L . -66.92 -37.72 68.82
N2 NAG L . -66.11 -35.75 69.95
O3 NAG L . -65.13 -35.73 72.64
O4 NAG L . -64.62 -33.13 73.76
O5 NAG L . -64.25 -32.54 70.15
O6 NAG L . -62.28 -31.24 71.04
O7 NAG L . -64.62 -37.09 68.92
C1 NAG M . -70.13 -10.60 10.69
C2 NAG M . -71.60 -10.59 10.24
C3 NAG M . -71.79 -9.62 9.07
C4 NAG M . -71.25 -8.23 9.42
C5 NAG M . -69.80 -8.34 9.87
C6 NAG M . -69.22 -7.03 10.36
C7 NAG M . -73.27 -12.38 10.14
C8 NAG M . -73.57 -13.78 9.69
N2 NAG M . -72.05 -11.92 9.89
O3 NAG M . -73.16 -9.55 8.74
O4 NAG M . -71.34 -7.38 8.29
O5 NAG M . -69.71 -9.25 10.98
O6 NAG M . -68.00 -7.23 11.05
O7 NAG M . -74.12 -11.69 10.70
C1 NAG M . -72.34 -6.36 8.51
C2 NAG M . -71.97 -5.10 7.71
C3 NAG M . -73.04 -4.03 7.88
C4 NAG M . -74.42 -4.58 7.53
C5 NAG M . -74.70 -5.85 8.33
C6 NAG M . -76.00 -6.52 7.94
C7 NAG M . -69.54 -4.84 7.43
C8 NAG M . -68.29 -4.23 7.99
N2 NAG M . -70.67 -4.59 8.12
O3 NAG M . -72.74 -2.92 7.05
O4 NAG M . -75.42 -3.60 7.82
O5 NAG M . -73.65 -6.81 8.12
O6 NAG M . -75.87 -7.94 7.93
O7 NAG M . -69.54 -5.52 6.41
C1 NAG N . -77.82 -48.37 16.08
C2 NAG N . -78.60 -49.28 15.12
C3 NAG N . -79.59 -50.14 15.89
C4 NAG N . -78.88 -50.93 16.99
C5 NAG N . -78.07 -49.98 17.87
C6 NAG N . -77.22 -50.71 18.90
C7 NAG N . -78.90 -48.41 12.84
C8 NAG N . -79.72 -47.54 11.94
N2 NAG N . -79.29 -48.47 14.11
O3 NAG N . -80.24 -51.04 14.98
O4 NAG N . -79.85 -51.60 17.78
O5 NAG N . -77.17 -49.20 17.08
O6 NAG N . -76.50 -51.78 18.30
O7 NAG N . -77.92 -49.02 12.42
C1 NAG N . -79.77 -53.04 17.63
C2 NAG N . -81.01 -53.66 18.29
C3 NAG N . -80.98 -55.19 18.12
C4 NAG N . -80.82 -55.56 16.66
C5 NAG N . -79.60 -54.87 16.06
C6 NAG N . -79.45 -55.11 14.58
C7 NAG N . -82.19 -52.77 20.25
C8 NAG N . -82.09 -52.46 21.72
N2 NAG N . -81.09 -53.30 19.69
O3 NAG N . -82.19 -55.74 18.64
O4 NAG N . -80.68 -56.98 16.54
O5 NAG N . -79.70 -53.45 16.24
O6 NAG N . -78.15 -55.60 14.26
O7 NAG N . -83.20 -52.56 19.60
C1 NAG O . -58.21 -51.77 11.84
C2 NAG O . -59.13 -52.95 11.51
C3 NAG O . -58.34 -54.26 11.51
C4 NAG O . -57.13 -54.16 10.57
C5 NAG O . -56.28 -52.94 10.96
C6 NAG O . -55.13 -52.70 10.02
C7 NAG O . -61.48 -52.61 12.17
C8 NAG O . -62.49 -52.77 13.25
N2 NAG O . -60.24 -53.04 12.45
O3 NAG O . -59.19 -55.33 11.10
O4 NAG O . -56.34 -55.34 10.67
O5 NAG O . -57.10 -51.77 10.93
O6 NAG O . -54.73 -51.33 10.03
O7 NAG O . -61.76 -52.12 11.08
C1 NAG O . -56.43 -56.10 9.44
C2 NAG O . -55.25 -57.08 9.37
C3 NAG O . -55.35 -57.93 8.10
C4 NAG O . -56.71 -58.62 8.02
C5 NAG O . -57.83 -57.59 8.14
C6 NAG O . -59.20 -58.21 8.18
C7 NAG O . -53.03 -56.63 10.32
C8 NAG O . -51.78 -55.80 10.22
N2 NAG O . -53.99 -56.36 9.41
O3 NAG O . -54.30 -58.90 8.12
O4 NAG O . -56.82 -59.30 6.78
O5 NAG O . -57.67 -56.84 9.35
O6 NAG O . -59.33 -59.24 7.21
O7 NAG O . -53.17 -57.50 11.18
C1 NAG P . -88.80 -33.01 24.73
C2 NAG P . -89.29 -32.03 23.66
C3 NAG P . -90.03 -30.87 24.30
C4 NAG P . -91.16 -31.37 25.18
C5 NAG P . -90.62 -32.37 26.21
C6 NAG P . -91.69 -33.00 27.05
C7 NAG P . -87.98 -31.89 21.58
C8 NAG P . -86.77 -31.30 20.91
N2 NAG P . -88.16 -31.55 22.86
O3 NAG P . -90.54 -30.02 23.26
O4 NAG P . -91.78 -30.28 25.85
O5 NAG P . -89.93 -33.43 25.54
O6 NAG P . -91.55 -34.41 27.08
O7 NAG P . -88.76 -32.62 20.98
C1 NAG P . -93.11 -30.06 25.33
C2 NAG P . -94.00 -29.48 26.43
C3 NAG P . -95.40 -29.19 25.88
C4 NAG P . -95.32 -28.29 24.65
C5 NAG P . -94.39 -28.91 23.61
C6 NAG P . -94.16 -28.02 22.41
C7 NAG P . -93.46 -30.15 28.73
C8 NAG P . -93.64 -31.20 29.80
N2 NAG P . -94.08 -30.39 27.57
O3 NAG P . -96.17 -28.55 26.90
O4 NAG P . -96.61 -28.13 24.08
O5 NAG P . -93.09 -29.16 24.19
O6 NAG P . -92.97 -27.27 22.55
O7 NAG P . -92.78 -29.15 28.92
C1 NAG Q . -37.58 -59.05 15.48
C2 NAG Q . -37.71 -60.56 15.71
C3 NAG Q . -36.57 -61.31 15.02
C4 NAG Q . -36.48 -60.94 13.54
C5 NAG Q . -36.37 -59.41 13.40
C6 NAG Q . -36.39 -58.94 11.97
C7 NAG Q . -38.51 -61.84 17.64
C8 NAG Q . -38.42 -62.02 19.14
N2 NAG Q . -37.75 -60.87 17.12
O3 NAG Q . -36.76 -62.72 15.16
O4 NAG Q . -35.35 -61.55 12.95
O5 NAG Q . -37.48 -58.79 14.06
O6 NAG Q . -36.61 -57.53 11.89
O7 NAG Q . -39.23 -62.54 16.95
C1 NAG Q . -35.78 -62.57 12.02
C2 NAG Q . -34.72 -62.73 10.91
C3 NAG Q . -35.11 -63.83 9.95
C4 NAG Q . -35.39 -65.13 10.70
C5 NAG Q . -36.42 -64.90 11.80
C6 NAG Q . -36.65 -66.12 12.67
C7 NAG Q . -33.51 -60.63 10.46
C8 NAG Q . -33.46 -59.39 9.63
N2 NAG Q . -34.52 -61.47 10.20
O3 NAG Q . -34.07 -64.04 9.00
O4 NAG Q . -35.88 -66.12 9.80
O5 NAG Q . -35.98 -63.85 12.67
O6 NAG Q . -36.80 -65.76 14.03
O7 NAG Q . -32.68 -60.87 11.33
C1 NAG R . -51.14 -57.83 51.94
C2 NAG R . -50.69 -58.73 53.08
C3 NAG R . -51.89 -59.23 53.88
C4 NAG R . -52.75 -58.06 54.35
C5 NAG R . -53.12 -57.16 53.16
C6 NAG R . -53.85 -55.90 53.57
C7 NAG R . -48.58 -59.95 52.74
C8 NAG R . -47.95 -61.17 52.17
N2 NAG R . -49.91 -59.86 52.59
O3 NAG R . -51.45 -59.99 55.00
O4 NAG R . -53.95 -58.56 54.94
O5 NAG R . -51.93 -56.75 52.46
O6 NAG R . -53.20 -55.26 54.66
O7 NAG R . -47.94 -59.08 53.32
C1 NAG R . -54.00 -58.29 56.36
C2 NAG R . -55.15 -59.10 56.96
C3 NAG R . -55.23 -58.87 58.47
C4 NAG R . -53.88 -59.16 59.13
C5 NAG R . -52.77 -58.36 58.45
C6 NAG R . -51.40 -58.71 58.97
C7 NAG R . -57.25 -59.64 55.82
C8 NAG R . -58.52 -59.10 55.21
N2 NAG R . -56.42 -58.74 56.34
O3 NAG R . -56.24 -59.70 59.03
O4 NAG R . -53.93 -58.84 60.51
O5 NAG R . -52.77 -58.63 57.04
O6 NAG R . -50.69 -57.53 59.37
O7 NAG R . -57.01 -60.85 55.85
C1 NAG S . -40.44 -40.66 54.07
C2 NAG S . -40.66 -41.42 55.39
C3 NAG S . -40.56 -40.47 56.57
C4 NAG S . -39.24 -39.70 56.54
C5 NAG S . -39.09 -38.99 55.18
C6 NAG S . -37.76 -38.29 55.02
C7 NAG S . -42.08 -43.41 55.16
C8 NAG S . -43.48 -43.94 55.20
N2 NAG S . -41.95 -42.10 55.38
O3 NAG S . -40.66 -41.21 57.79
O4 NAG S . -39.21 -38.73 57.58
O5 NAG S . -39.19 -39.94 54.12
O6 NAG S . -37.42 -38.16 53.65
O7 NAG S . -41.11 -44.13 54.93
C1 NAG S . -38.23 -39.11 58.59
C2 NAG S . -37.87 -37.88 59.42
C3 NAG S . -36.88 -38.27 60.52
C4 NAG S . -37.41 -39.42 61.35
C5 NAG S . -37.79 -40.60 60.44
C6 NAG S . -38.43 -41.74 61.19
C7 NAG S . -37.84 -35.58 58.57
C8 NAG S . -37.16 -34.61 57.66
N2 NAG S . -37.33 -36.82 58.59
O3 NAG S . -36.65 -37.14 61.36
O4 NAG S . -36.42 -39.85 62.29
O5 NAG S . -38.72 -40.17 59.45
O6 NAG S . -37.76 -42.03 62.40
O7 NAG S . -38.80 -35.26 59.26
C1 NAG T . -60.84 -67.57 36.36
C2 NAG T . -59.89 -68.55 35.68
C3 NAG T . -60.58 -69.22 34.49
C4 NAG T . -61.89 -69.87 34.92
C5 NAG T . -62.78 -68.84 35.62
C6 NAG T . -64.05 -69.42 36.18
C7 NAG T . -57.48 -68.10 35.81
C8 NAG T . -56.33 -67.31 35.25
N2 NAG T . -58.67 -67.88 35.25
O3 NAG T . -59.70 -70.19 33.93
O4 NAG T . -62.57 -70.39 33.78
O5 NAG T . -62.07 -68.25 36.72
O6 NAG T . -64.24 -69.05 37.54
O7 NAG T . -57.34 -68.89 36.74
C1 NAG T . -62.56 -71.84 33.81
C2 NAG T . -63.81 -72.37 33.12
C3 NAG T . -63.79 -73.89 33.08
C4 NAG T . -62.50 -74.41 32.46
C5 NAG T . -61.29 -73.80 33.18
C6 NAG T . -59.97 -74.17 32.53
C7 NAG T . -65.81 -70.95 33.25
C8 NAG T . -67.01 -70.57 34.07
N2 NAG T . -65.01 -71.88 33.77
O3 NAG T . -64.91 -74.37 32.34
O4 NAG T . -62.44 -75.82 32.56
O5 NAG T . -61.38 -72.37 33.16
O6 NAG T . -59.54 -73.15 31.63
O7 NAG T . -65.58 -70.44 32.16
C1 NAG U . -37.15 -19.14 58.28
C2 NAG U . -37.64 -18.92 59.71
C3 NAG U . -36.69 -17.98 60.46
C4 NAG U . -35.25 -18.47 60.38
C5 NAG U . -34.86 -18.68 58.92
C6 NAG U . -33.48 -19.27 58.75
C7 NAG U . -39.90 -18.76 60.64
C8 NAG U . -41.25 -18.13 60.51
N2 NAG U . -39.00 -18.41 59.72
O3 NAG U . -37.11 -17.87 61.82
O4 NAG U . -34.37 -17.53 60.99
O5 NAG U . -35.77 -19.58 58.29
O6 NAG U . -33.27 -19.75 57.42
O7 NAG U . -39.64 -19.55 61.54
C1 NAG U . -33.83 -18.07 62.22
C2 NAG U . -32.46 -17.46 62.48
C3 NAG U . -31.89 -17.97 63.80
C4 NAG U . -32.87 -17.73 64.93
C5 NAG U . -34.23 -18.35 64.59
C6 NAG U . -35.29 -18.04 65.63
C7 NAG U . -31.27 -16.86 60.41
C8 NAG U . -30.30 -17.32 59.36
N2 NAG U . -31.54 -17.74 61.39
O3 NAG U . -30.66 -17.30 64.07
O4 NAG U . -32.38 -18.33 66.14
O5 NAG U . -34.70 -17.81 63.34
O6 NAG U . -36.54 -17.76 65.01
O7 NAG U . -31.78 -15.75 60.37
C1 NAG V . -24.75 52.51 -20.21
C2 NAG V . -24.79 53.74 -21.11
C3 NAG V . -24.22 53.40 -22.48
C4 NAG V . -22.82 52.81 -22.35
C5 NAG V . -22.84 51.61 -21.40
C6 NAG V . -21.46 51.06 -21.12
C7 NAG V . -26.44 55.56 -21.23
C8 NAG V . -27.88 55.91 -21.37
N2 NAG V . -26.14 54.25 -21.23
O3 NAG V . -24.17 54.58 -23.28
O4 NAG V . -22.35 52.38 -23.63
O5 NAG V . -23.39 52.01 -20.13
O6 NAG V . -20.93 51.58 -19.90
O7 NAG V . -25.57 56.41 -21.14
C1 NAG W . -45.23 21.05 -10.24
C2 NAG W . -45.62 21.23 -8.76
C3 NAG W . -46.33 22.58 -8.57
C4 NAG W . -45.48 23.72 -9.13
C5 NAG W . -45.09 23.44 -10.58
C6 NAG W . -44.16 24.47 -11.16
C7 NAG W . -46.47 19.69 -7.05
C8 NAG W . -47.40 18.55 -6.77
N2 NAG W . -46.46 20.14 -8.31
O3 NAG W . -46.58 22.80 -7.19
O4 NAG W . -46.20 24.95 -9.06
O5 NAG W . -44.42 22.18 -10.68
O6 NAG W . -44.50 24.80 -12.50
O7 NAG W . -45.76 20.19 -6.18
C1 NAG X . -19.75 16.81 39.99
C2 NAG X . -19.70 15.63 40.98
C3 NAG X . -20.20 16.07 42.36
C4 NAG X . -19.43 17.29 42.84
C5 NAG X . -19.49 18.40 41.80
C6 NAG X . -18.63 19.59 42.17
C7 NAG X . -19.96 13.30 40.25
C8 NAG X . -20.92 12.26 39.75
N2 NAG X . -20.48 14.51 40.48
O3 NAG X . -20.06 14.99 43.27
O4 NAG X . -19.99 17.75 44.07
O5 NAG X . -19.00 17.92 40.54
O6 NAG X . -19.39 20.80 42.20
O7 NAG X . -18.78 13.06 40.45
C1 NAG Y . -38.82 17.39 45.44
C2 NAG Y . -38.90 18.91 45.28
C3 NAG Y . -37.72 19.59 45.97
C4 NAG Y . -37.60 19.15 47.42
C5 NAG Y . -37.56 17.62 47.51
C6 NAG Y . -37.58 17.11 48.93
C7 NAG Y . -40.08 19.72 43.29
C8 NAG Y . -39.97 20.06 41.84
N2 NAG Y . -38.96 19.29 43.88
O3 NAG Y . -37.87 21.01 45.90
O4 NAG Y . -36.42 19.68 48.01
O5 NAG Y . -38.71 17.06 46.86
O6 NAG Y . -37.46 15.69 48.98
O7 NAG Y . -41.14 19.84 43.91
C1 NAG Z . -55.60 -19.27 60.46
C2 NAG Z . -55.32 -20.28 61.58
C3 NAG Z . -55.97 -19.83 62.88
C4 NAG Z . -55.53 -18.41 63.24
C5 NAG Z . -55.79 -17.46 62.07
C6 NAG Z . -55.26 -16.07 62.31
C7 NAG Z . -54.99 -22.56 60.73
C8 NAG Z . -55.65 -23.87 60.40
N2 NAG Z . -55.80 -21.61 61.20
O3 NAG Z . -55.62 -20.72 63.93
O4 NAG Z . -56.24 -17.96 64.39
O5 NAG Z . -55.15 -17.95 60.88
O6 NAG Z . -55.16 -15.35 61.09
O7 NAG Z . -53.78 -22.39 60.58
C1 NAG AA . -63.32 -10.87 51.50
C2 NAG AA . -62.00 -10.12 51.75
C3 NAG AA . -61.14 -10.90 52.75
C4 NAG AA . -61.92 -11.19 54.02
C5 NAG AA . -63.23 -11.90 53.69
C6 NAG AA . -64.11 -12.11 54.90
C7 NAG AA . -61.30 -8.73 49.86
C8 NAG AA . -60.50 -8.67 48.59
N2 NAG AA . -61.28 -9.90 50.51
O3 NAG AA . -59.98 -10.12 53.06
O4 NAG AA . -61.14 -12.02 54.89
O5 NAG AA . -63.99 -11.10 52.76
O6 NAG AA . -65.49 -12.13 54.55
O7 NAG AA . -61.94 -7.76 50.27
C1 NAG BA . -12.25 63.19 -2.31
C2 NAG BA . -11.12 63.86 -3.13
C3 NAG BA . -9.79 63.09 -3.03
C4 NAG BA . -9.45 62.78 -1.58
C5 NAG BA . -10.63 62.10 -0.89
C6 NAG BA . -10.37 61.83 0.57
C7 NAG BA . -11.81 63.62 -5.63
C8 NAG BA . -11.93 62.11 -5.61
N2 NAG BA . -11.46 64.29 -4.50
O3 NAG BA . -8.75 63.86 -3.63
O4 NAG BA . -8.30 61.94 -1.51
O5 NAG BA . -11.79 62.93 -0.97
O6 NAG BA . -9.01 61.50 0.81
O7 NAG BA . -12.04 64.25 -6.67
C1 NAG CA . 15.80 24.08 41.30
C2 NAG CA . 15.29 23.87 42.73
C3 NAG CA . 15.22 25.20 43.48
C4 NAG CA . 16.56 25.92 43.42
C5 NAG CA . 17.02 26.06 41.97
C6 NAG CA . 18.41 26.65 41.85
C7 NAG CA . 13.71 22.11 43.41
C8 NAG CA . 12.31 21.60 43.30
N2 NAG CA . 13.97 23.23 42.73
O3 NAG CA . 14.85 24.97 44.83
O4 NAG CA . 16.46 27.21 44.01
O5 NAG CA . 17.07 24.76 41.35
O6 NAG CA . 18.51 27.52 40.73
O7 NAG CA . 14.57 21.54 44.08
C1 NAG DA . 32.23 37.42 34.78
C2 NAG DA . 30.80 37.08 34.36
C3 NAG DA . 29.86 38.28 34.54
C4 NAG DA . 29.97 38.86 35.94
C5 NAG DA . 31.44 39.20 36.25
C6 NAG DA . 31.65 39.70 37.65
C7 NAG DA . 31.04 37.14 31.86
C8 NAG DA . 30.83 36.33 30.61
N2 NAG DA . 30.70 36.53 33.01
O3 NAG DA . 28.51 37.88 34.29
O4 NAG DA . 29.19 40.05 36.05
O5 NAG DA . 32.24 38.01 36.10
O6 NAG DA . 32.16 38.68 38.50
O7 NAG DA . 31.50 38.28 31.81
C1 NAG EA . 17.12 -38.81 -44.48
C2 NAG EA . 18.12 -39.38 -45.49
C3 NAG EA . 19.54 -39.27 -44.94
C4 NAG EA . 19.85 -37.84 -44.54
C5 NAG EA . 18.80 -37.31 -43.57
C6 NAG EA . 18.97 -35.85 -43.24
C7 NAG EA . 17.89 -41.24 -47.07
C8 NAG EA . 17.53 -42.69 -47.23
N2 NAG EA . 17.80 -40.75 -45.83
O3 NAG EA . 20.46 -39.71 -45.93
O4 NAG EA . 21.13 -37.77 -43.92
O5 NAG EA . 17.48 -37.45 -44.16
O6 NAG EA . 18.14 -35.03 -44.04
O7 NAG EA . 18.26 -40.56 -48.01
C1 NAG FA . -4.37 -48.82 -13.72
C2 NAG FA . -5.84 -48.70 -14.16
C3 NAG FA . -6.07 -49.51 -15.43
C4 NAG FA . -5.07 -49.11 -16.52
C5 NAG FA . -3.64 -49.22 -15.99
C6 NAG FA . -2.62 -48.74 -16.99
C7 NAG FA . -7.95 -48.62 -12.91
C8 NAG FA . -8.73 -49.18 -11.76
N2 NAG FA . -6.73 -49.13 -13.10
O3 NAG FA . -7.40 -49.31 -15.90
O4 NAG FA . -5.22 -49.97 -17.65
O5 NAG FA . -3.50 -48.42 -14.81
O6 NAG FA . -1.47 -49.58 -16.99
O7 NAG FA . -8.41 -47.74 -13.65
C1 NAG GA . -41.46 -7.11 -22.41
C2 NAG GA . -42.51 -6.52 -21.46
C3 NAG GA . -43.89 -6.58 -22.11
C4 NAG GA . -43.87 -5.90 -23.48
C5 NAG GA . -42.78 -6.51 -24.36
C6 NAG GA . -42.61 -5.80 -25.68
C7 NAG GA . -42.30 -6.62 -19.02
C8 NAG GA . -42.34 -7.49 -17.81
N2 NAG GA . -42.52 -7.23 -20.20
O3 NAG GA . -44.83 -5.94 -21.28
O4 NAG GA . -45.13 -6.07 -24.13
O5 NAG GA . -41.51 -6.42 -23.68
O6 NAG GA . -42.73 -6.70 -26.77
O7 NAG GA . -42.08 -5.41 -18.94
C1 NAG HA . -53.49 -22.87 -22.09
C2 NAG HA . -53.14 -23.28 -23.53
C3 NAG HA . -53.23 -22.05 -24.45
C4 NAG HA . -54.58 -21.37 -24.32
C5 NAG HA . -54.87 -21.05 -22.86
C6 NAG HA . -56.26 -20.48 -22.64
C7 NAG HA . -51.64 -25.20 -23.79
C8 NAG HA . -50.21 -25.66 -23.84
N2 NAG HA . -51.83 -23.89 -23.60
O3 NAG HA . -53.01 -22.47 -25.80
O4 NAG HA . -54.59 -20.17 -25.08
O5 NAG HA . -54.78 -22.24 -22.05
O6 NAG HA . -56.46 -20.11 -21.29
O7 NAG HA . -52.58 -25.98 -23.91
C1 NAG IA . -79.01 -26.84 12.33
C2 NAG IA . -80.06 -26.02 13.07
C3 NAG IA . -81.44 -26.24 12.43
C4 NAG IA . -81.38 -25.95 10.93
C5 NAG IA . -80.27 -26.75 10.27
C6 NAG IA . -80.08 -26.43 8.81
C7 NAG IA . -79.51 -25.61 15.43
C8 NAG IA . -79.65 -26.11 16.84
N2 NAG IA . -80.10 -26.36 14.48
O3 NAG IA . -82.39 -25.39 13.06
O4 NAG IA . -82.63 -26.27 10.33
O5 NAG IA . -79.02 -26.50 10.93
O6 NAG IA . -78.82 -26.89 8.34
O7 NAG IA . -78.89 -24.59 15.16
C1 NAG JA . -72.43 -38.51 6.77
C2 NAG JA . -72.05 -37.34 5.85
C3 NAG JA . -72.76 -36.05 6.31
C4 NAG JA . -74.25 -36.28 6.43
C5 NAG JA . -74.55 -37.49 7.32
C6 NAG JA . -76.02 -37.84 7.38
C7 NAG JA . -69.84 -37.59 4.81
C8 NAG JA . -68.37 -37.30 4.93
N2 NAG JA . -70.61 -37.15 5.81
O3 NAG JA . -72.49 -35.01 5.38
O4 NAG JA . -74.87 -35.13 6.98
O5 NAG JA . -73.86 -38.64 6.82
O6 NAG JA . -76.21 -39.23 7.61
O7 NAG JA . -70.31 -38.20 3.86
C1 NAG KA . 7.02 -22.89 -59.82
C2 NAG KA . 8.30 -22.24 -60.42
C3 NAG KA . 8.59 -20.85 -59.82
C4 NAG KA . 7.35 -19.98 -59.86
C5 NAG KA . 6.17 -20.70 -59.20
C6 NAG KA . 4.88 -19.92 -59.26
C7 NAG KA . 10.30 -23.72 -59.61
C8 NAG KA . 10.00 -23.56 -58.13
N2 NAG KA . 9.49 -23.10 -60.52
O3 NAG KA . 9.63 -20.23 -60.56
O4 NAG KA . 7.58 -18.76 -59.16
O5 NAG KA . 5.92 -21.95 -59.88
O6 NAG KA . 5.12 -18.52 -59.14
O7 NAG KA . 11.25 -24.39 -59.98
C1 NAG LA . -28.28 24.86 -33.47
C2 NAG LA . -29.80 24.91 -33.50
C3 NAG LA . -30.30 24.89 -34.94
C4 NAG LA . -29.65 25.98 -35.77
C5 NAG LA . -28.13 25.89 -35.67
C6 NAG LA . -27.40 27.01 -36.37
C7 NAG LA . -31.28 24.01 -31.77
C8 NAG LA . -31.77 22.77 -31.09
N2 NAG LA . -30.38 23.82 -32.74
O3 NAG LA . -31.72 25.06 -34.95
O4 NAG LA . -30.03 25.87 -37.13
O5 NAG LA . -27.73 25.93 -34.29
O6 NAG LA . -26.22 26.56 -36.99
O7 NAG LA . -31.66 25.12 -31.43
C1 NAG MA . -14.15 35.45 -46.87
C2 NAG MA . -14.36 34.03 -46.30
C3 NAG MA . -14.70 33.03 -47.41
C4 NAG MA . -15.84 33.52 -48.27
C5 NAG MA . -15.53 34.92 -48.81
C6 NAG MA . -16.66 35.52 -49.60
C7 NAG MA . -11.97 33.38 -45.88
C8 NAG MA . -11.03 32.89 -44.81
N2 NAG MA . -13.24 33.58 -45.48
O3 NAG MA . -15.03 31.77 -46.83
O4 NAG MA . -16.07 32.64 -49.36
O5 NAG MA . -15.28 35.80 -47.71
O6 NAG MA . -17.39 36.46 -48.84
O7 NAG MA . -11.58 33.58 -47.03
C1 NAG NA . 41.24 6.90 45.08
C2 NAG NA . 42.46 7.57 45.73
C3 NAG NA . 42.51 9.05 45.37
C4 NAG NA . 42.47 9.24 43.86
C5 NAG NA . 41.27 8.51 43.26
C6 NAG NA . 41.25 8.54 41.74
C7 NAG NA . 43.53 7.14 47.89
C8 NAG NA . 43.33 6.99 49.37
N2 NAG NA . 42.44 7.40 47.18
O3 NAG NA . 43.69 9.63 45.90
O4 NAG NA . 42.38 10.62 43.53
O5 NAG NA . 41.28 7.13 43.65
O6 NAG NA . 41.79 7.34 41.20
O7 NAG NA . 44.64 7.03 47.38
C1 NAG OA . 3.54 -0.46 50.79
C2 NAG OA . 3.42 -1.99 50.91
C3 NAG OA . 4.37 -2.51 51.99
C4 NAG OA . 5.80 -2.04 51.73
C5 NAG OA . 5.84 -0.51 51.58
C6 NAG OA . 7.20 0.00 51.20
C7 NAG OA . 1.50 -3.52 50.81
C8 NAG OA . 0.06 -3.73 51.20
N2 NAG OA . 2.04 -2.36 51.22
O3 NAG OA . 4.33 -3.93 52.03
O4 NAG OA . 6.65 -2.42 52.80
O5 NAG OA . 4.93 -0.11 50.54
O6 NAG OA . 7.51 1.21 51.90
O7 NAG OA . 2.12 -4.34 50.15
C1 NAG PA . 3.92 -44.81 15.81
C2 NAG PA . 2.75 -45.54 15.16
C3 NAG PA . 2.82 -47.04 15.49
C4 NAG PA . 4.18 -47.61 15.11
C5 NAG PA . 5.30 -46.80 15.77
C6 NAG PA . 6.68 -47.23 15.32
C7 NAG PA . 0.58 -44.49 14.73
C8 NAG PA . -0.68 -43.96 15.34
N2 NAG PA . 1.48 -44.99 15.58
O3 NAG PA . 1.79 -47.73 14.79
O4 NAG PA . 4.28 -48.96 15.53
O5 NAG PA . 5.17 -45.41 15.41
O6 NAG PA . 7.50 -47.58 16.43
O7 NAG PA . 0.78 -44.46 13.52
C1 NAG QA . -3.26 -53.08 32.34
C2 NAG QA . -1.88 -53.20 32.99
C3 NAG QA . -0.88 -53.80 32.01
C4 NAG QA . -1.40 -55.12 31.45
C5 NAG QA . -2.80 -54.94 30.87
C6 NAG QA . -3.43 -56.24 30.42
C7 NAG QA . -1.36 -51.57 34.75
C8 NAG QA . -0.85 -50.20 35.07
N2 NAG QA . -1.41 -51.90 33.47
O3 NAG QA . 0.37 -54.00 32.65
O4 NAG QA . -0.53 -55.60 30.44
O5 NAG QA . -3.67 -54.37 31.85
O6 NAG QA . -4.69 -56.02 29.80
O7 NAG QA . -1.72 -52.35 35.64
C1 NAG RA . -44.90 -63.91 31.85
C2 NAG RA . -45.84 -64.78 31.01
C3 NAG RA . -45.81 -66.23 31.50
C4 NAG RA . -44.37 -66.74 31.51
C5 NAG RA . -43.47 -65.81 32.32
C6 NAG RA . -42.02 -66.21 32.27
C7 NAG RA . -47.74 -63.52 30.09
C8 NAG RA . -49.15 -63.07 30.30
N2 NAG RA . -47.21 -64.26 31.06
O3 NAG RA . -46.61 -67.04 30.65
O4 NAG RA . -44.34 -68.05 32.09
O5 NAG RA . -43.57 -64.47 31.82
O6 NAG RA . -41.18 -65.13 32.69
O7 NAG RA . -47.11 -63.21 29.08
C1 NAG SA . -39.12 -57.79 43.66
C2 NAG SA . -37.96 -57.96 42.67
C3 NAG SA . -38.44 -58.68 41.41
C4 NAG SA . -39.15 -59.98 41.75
C5 NAG SA . -40.26 -59.73 42.78
C6 NAG SA . -40.91 -61.01 43.26
C7 NAG SA . -36.22 -56.26 42.89
C8 NAG SA . -35.74 -54.91 42.44
N2 NAG SA . -37.35 -56.69 42.34
O3 NAG SA . -37.34 -58.94 40.55
O4 NAG SA . -39.71 -60.56 40.58
O5 NAG SA . -39.71 -59.08 43.93
O6 NAG SA . -41.41 -60.87 44.58
O7 NAG SA . -35.60 -56.91 43.73
C1 NAG TA . 53.89 -10.47 33.74
C2 NAG TA . 55.03 -9.61 33.10
C3 NAG TA . 54.80 -9.38 31.60
C4 NAG TA . 54.50 -10.69 30.89
C5 NAG TA . 53.36 -11.42 31.58
C6 NAG TA . 53.04 -12.76 30.96
C7 NAG TA . 54.81 -7.25 34.17
C8 NAG TA . 53.36 -7.02 33.75
N2 NAG TA . 55.44 -8.41 33.84
O3 NAG TA . 55.96 -8.78 31.04
O4 NAG TA . 54.14 -10.44 29.54
O5 NAG TA . 53.69 -11.67 32.95
O6 NAG TA . 53.23 -12.74 29.55
O7 NAG TA . 55.40 -6.38 34.80
C1 NAG UA . 23.82 -41.99 -14.43
C2 NAG UA . 23.27 -43.41 -14.33
C3 NAG UA . 24.40 -44.39 -13.96
C4 NAG UA . 25.57 -44.25 -14.92
C5 NAG UA . 26.02 -42.79 -15.00
C6 NAG UA . 27.11 -42.57 -16.03
C7 NAG UA . 20.99 -44.01 -13.64
C8 NAG UA . 20.01 -44.03 -12.51
N2 NAG UA . 22.19 -43.50 -13.35
O3 NAG UA . 23.91 -45.71 -13.97
O4 NAG UA . 26.65 -45.06 -14.49
O5 NAG UA . 24.92 -41.95 -15.37
O6 NAG UA . 28.06 -41.61 -15.59
O7 NAG UA . 20.72 -44.44 -14.76
C1 NAG VA . 42.95 -35.46 -23.48
C2 NAG VA . 42.13 -35.21 -22.20
C3 NAG VA . 42.88 -35.73 -20.96
C4 NAG VA . 43.31 -37.18 -21.15
C5 NAG VA . 44.13 -37.31 -22.43
C6 NAG VA . 44.53 -38.73 -22.74
C7 NAG VA . 42.55 -32.75 -21.90
C8 NAG VA . 41.85 -31.43 -21.74
N2 NAG VA . 41.74 -33.81 -22.03
O3 NAG VA . 42.03 -35.62 -19.82
O4 NAG VA . 44.09 -37.60 -20.05
O5 NAG VA . 43.35 -36.85 -23.55
O6 NAG VA . 43.68 -39.31 -23.73
O7 NAG VA . 43.78 -32.82 -21.90
#